data_4KI7
#
_entry.id   4KI7
#
_cell.length_a   96.740
_cell.length_b   139.690
_cell.length_c   143.810
_cell.angle_alpha   90.000
_cell.angle_beta   96.430
_cell.angle_gamma   90.000
#
_symmetry.space_group_name_H-M   'P 1 21 1'
#
loop_
_entity.id
_entity.type
_entity.pdbx_description
1 polymer '3-dehydroquinate dehydratase'
2 non-polymer '3-hydroxy-5-(3-nitrophenoxy)benzoic acid'
3 water water
#
_entity_poly.entity_id   1
_entity_poly.type   'polypeptide(L)'
_entity_poly.pdbx_seq_one_letter_code
;LYFQSHMSELIVNVINGPNLGRLGRREPAVYGGTTHDELVALIEREAAELGLKAVVRQSDSEAQLLDWIHQAADAAEPVI
LNAGGLTHTSVALRDACAELSAPLIEVHISNVHAREEFRRHSYLSPIATGVIVGLGIQGYLLALRYLAEHVGT
;
_entity_poly.pdbx_strand_id   A,B,C,D,E,F,G,H,I,J,K,L,M,N,O,P,Q,R,S,T,U,V,W,X
#
loop_
_chem_comp.id
_chem_comp.type
_chem_comp.name
_chem_comp.formula
1R2 non-polymer '3-hydroxy-5-(3-nitrophenoxy)benzoic acid' 'C13 H9 N O6'
#
# COMPACT_ATOMS: atom_id res chain seq x y z
N LEU A 10 -54.78 -53.58 -8.52
CA LEU A 10 -55.40 -52.83 -7.39
C LEU A 10 -55.91 -51.40 -7.76
N ILE A 11 -56.53 -50.72 -6.78
CA ILE A 11 -57.25 -49.46 -7.00
C ILE A 11 -56.34 -48.25 -6.82
N VAL A 12 -56.52 -47.28 -7.71
CA VAL A 12 -55.84 -46.01 -7.61
C VAL A 12 -56.85 -44.86 -7.48
N ASN A 13 -56.75 -44.07 -6.43
CA ASN A 13 -57.64 -42.90 -6.29
C ASN A 13 -57.07 -41.64 -6.94
N VAL A 14 -57.79 -41.16 -7.95
CA VAL A 14 -57.46 -39.90 -8.62
C VAL A 14 -58.39 -38.76 -8.18
N ILE A 15 -57.96 -38.01 -7.16
CA ILE A 15 -58.72 -36.91 -6.60
C ILE A 15 -58.33 -35.52 -7.17
N ASN A 16 -59.30 -34.89 -7.83
CA ASN A 16 -59.11 -33.50 -8.30
C ASN A 16 -59.80 -32.49 -7.40
N GLY A 17 -59.08 -31.44 -7.04
CA GLY A 17 -59.62 -30.37 -6.21
C GLY A 17 -60.42 -29.30 -6.91
N PRO A 18 -60.58 -28.15 -6.26
CA PRO A 18 -61.37 -27.01 -6.74
C PRO A 18 -61.04 -26.50 -8.13
N ASN A 19 -62.06 -26.08 -8.86
CA ASN A 19 -61.95 -25.53 -10.20
C ASN A 19 -61.60 -26.54 -11.28
N LEU A 20 -61.26 -27.77 -10.89
CA LEU A 20 -60.94 -28.81 -11.86
C LEU A 20 -62.11 -29.39 -12.68
N GLY A 21 -63.35 -29.20 -12.20
CA GLY A 21 -64.55 -29.58 -12.95
C GLY A 21 -64.83 -28.61 -14.09
N ARG A 22 -64.11 -27.49 -14.04
CA ARG A 22 -64.19 -26.45 -15.05
C ARG A 22 -63.23 -26.73 -16.23
N LEU A 23 -62.53 -27.86 -16.22
CA LEU A 23 -61.58 -28.21 -17.27
C LEU A 23 -62.25 -28.14 -18.63
N GLY A 24 -61.55 -27.60 -19.63
CA GLY A 24 -62.00 -27.65 -21.03
C GLY A 24 -62.49 -26.34 -21.58
N GLY A 32 -55.47 -27.09 -20.99
CA GLY A 32 -55.78 -28.10 -22.01
C GLY A 32 -56.93 -27.78 -22.96
N GLY A 33 -57.39 -28.82 -23.69
CA GLY A 33 -58.61 -28.77 -24.53
C GLY A 33 -59.66 -29.77 -24.04
N THR A 34 -59.21 -30.80 -23.32
CA THR A 34 -60.06 -31.85 -22.76
C THR A 34 -60.89 -31.36 -21.58
N THR A 35 -62.09 -31.92 -21.48
CA THR A 35 -63.00 -31.65 -20.37
C THR A 35 -62.82 -32.70 -19.28
N HIS A 36 -63.50 -32.50 -18.14
CA HIS A 36 -63.28 -33.39 -17.01
C HIS A 36 -63.80 -34.79 -17.23
N ASP A 37 -65.03 -34.90 -17.76
CA ASP A 37 -65.58 -36.18 -18.22
C ASP A 37 -64.67 -36.91 -19.20
N GLU A 38 -64.07 -36.16 -20.12
CA GLU A 38 -63.12 -36.77 -21.07
C GLU A 38 -61.87 -37.23 -20.36
N LEU A 39 -61.47 -36.48 -19.33
CA LEU A 39 -60.30 -36.85 -18.54
C LEU A 39 -60.56 -38.10 -17.72
N VAL A 40 -61.77 -38.25 -17.20
CA VAL A 40 -62.07 -39.44 -16.40
C VAL A 40 -61.88 -40.65 -17.32
N ALA A 41 -62.37 -40.50 -18.55
CA ALA A 41 -62.32 -41.56 -19.57
C ALA A 41 -60.90 -41.96 -19.97
N LEU A 42 -60.03 -40.99 -20.30
CA LEU A 42 -58.62 -41.34 -20.56
C LEU A 42 -57.84 -41.93 -19.40
N ILE A 43 -58.11 -41.45 -18.18
CA ILE A 43 -57.46 -42.03 -16.99
C ILE A 43 -57.83 -43.50 -16.79
N GLU A 44 -59.12 -43.82 -16.97
CA GLU A 44 -59.60 -45.19 -16.78
C GLU A 44 -59.10 -46.17 -17.83
N ARG A 45 -59.21 -45.76 -19.11
CA ARG A 45 -58.77 -46.55 -20.26
C ARG A 45 -57.32 -46.97 -20.03
N GLU A 46 -56.47 -45.98 -19.73
CA GLU A 46 -55.07 -46.24 -19.39
C GLU A 46 -54.91 -47.16 -18.17
N ALA A 47 -55.37 -46.73 -16.99
CA ALA A 47 -55.32 -47.60 -15.81
C ALA A 47 -55.48 -49.06 -16.21
N ALA A 48 -56.51 -49.36 -17.03
CA ALA A 48 -56.79 -50.72 -17.53
C ALA A 48 -55.75 -51.29 -18.53
N GLU A 49 -55.21 -50.46 -19.42
CA GLU A 49 -54.01 -50.83 -20.17
C GLU A 49 -52.92 -51.32 -19.18
N LEU A 50 -53.18 -51.16 -17.89
CA LEU A 50 -52.36 -51.74 -16.84
C LEU A 50 -53.22 -52.45 -15.79
N GLY A 51 -52.57 -53.15 -14.86
CA GLY A 51 -53.32 -54.03 -13.96
C GLY A 51 -54.09 -53.19 -12.97
N LEU A 52 -54.33 -51.95 -13.35
CA LEU A 52 -54.80 -50.97 -12.42
C LEU A 52 -56.27 -50.64 -12.70
N LYS A 53 -57.01 -50.39 -11.63
CA LYS A 53 -58.32 -49.79 -11.73
C LYS A 53 -58.31 -48.40 -11.13
N ALA A 54 -58.85 -47.45 -11.87
CA ALA A 54 -58.81 -46.07 -11.43
C ALA A 54 -60.17 -45.56 -10.99
N VAL A 55 -60.17 -44.85 -9.88
CA VAL A 55 -61.36 -44.19 -9.40
C VAL A 55 -61.10 -42.67 -9.42
N VAL A 56 -61.72 -41.99 -10.38
CA VAL A 56 -61.54 -40.55 -10.53
C VAL A 56 -62.70 -39.78 -9.90
N ARG A 57 -62.39 -38.97 -8.90
CA ARG A 57 -63.40 -38.15 -8.25
C ARG A 57 -62.94 -36.70 -8.15
N GLN A 58 -63.91 -35.78 -8.09
CA GLN A 58 -63.65 -34.35 -8.24
C GLN A 58 -64.58 -33.62 -7.29
N SER A 59 -64.07 -32.71 -6.49
CA SER A 59 -64.92 -31.84 -5.70
C SER A 59 -64.27 -30.48 -5.39
N ASP A 60 -65.08 -29.46 -5.15
CA ASP A 60 -64.59 -28.11 -4.88
C ASP A 60 -64.56 -27.87 -3.38
N SER A 61 -64.74 -28.92 -2.60
CA SER A 61 -64.87 -28.84 -1.13
C SER A 61 -63.73 -29.56 -0.34
N GLU A 62 -63.08 -28.81 0.53
CA GLU A 62 -61.97 -29.32 1.36
C GLU A 62 -62.42 -30.57 2.18
N ALA A 63 -63.65 -30.51 2.70
CA ALA A 63 -64.19 -31.56 3.58
C ALA A 63 -64.42 -32.83 2.78
N GLN A 64 -64.79 -32.65 1.51
CA GLN A 64 -65.00 -33.79 0.63
C GLN A 64 -63.68 -34.43 0.22
N LEU A 65 -62.64 -33.62 0.00
CA LEU A 65 -61.33 -34.20 -0.33
C LEU A 65 -60.80 -34.91 0.88
N LEU A 66 -60.90 -34.24 2.02
CA LEU A 66 -60.57 -34.86 3.29
C LEU A 66 -61.19 -36.25 3.39
N ASP A 67 -62.48 -36.36 3.11
CA ASP A 67 -63.18 -37.63 3.25
C ASP A 67 -62.55 -38.73 2.38
N TRP A 68 -62.40 -38.43 1.08
CA TRP A 68 -61.83 -39.35 0.11
C TRP A 68 -60.48 -39.78 0.54
N ILE A 69 -59.67 -38.82 1.01
CA ILE A 69 -58.33 -39.12 1.46
C ILE A 69 -58.34 -40.05 2.68
N HIS A 70 -59.19 -39.80 3.67
CA HIS A 70 -59.26 -40.78 4.79
C HIS A 70 -59.61 -42.16 4.26
N GLN A 71 -60.70 -42.25 3.47
CA GLN A 71 -61.11 -43.50 2.86
C GLN A 71 -59.95 -44.22 2.17
N ALA A 72 -58.99 -43.47 1.63
CA ALA A 72 -57.86 -44.11 0.96
C ALA A 72 -56.79 -44.52 1.93
N ALA A 73 -56.78 -43.89 3.10
CA ALA A 73 -55.80 -44.25 4.08
C ALA A 73 -56.19 -45.56 4.78
N ASP A 74 -57.48 -45.69 5.08
CA ASP A 74 -58.01 -46.91 5.64
C ASP A 74 -57.88 -48.05 4.63
N ALA A 75 -58.16 -47.78 3.37
CA ALA A 75 -57.95 -48.80 2.33
C ALA A 75 -56.45 -49.08 2.15
N ALA A 76 -55.61 -48.05 2.35
CA ALA A 76 -54.19 -48.09 2.00
C ALA A 76 -54.10 -48.24 0.50
N GLU A 77 -54.56 -47.22 -0.22
CA GLU A 77 -54.48 -47.18 -1.67
C GLU A 77 -53.69 -45.98 -2.13
N PRO A 78 -52.92 -46.14 -3.23
CA PRO A 78 -52.29 -44.97 -3.81
C PRO A 78 -53.29 -43.85 -4.07
N VAL A 79 -52.79 -42.62 -4.07
CA VAL A 79 -53.61 -41.48 -4.38
C VAL A 79 -52.80 -40.63 -5.31
N ILE A 80 -53.50 -39.97 -6.21
CA ILE A 80 -52.87 -39.11 -7.18
C ILE A 80 -53.05 -37.60 -6.94
N LEU A 81 -54.17 -37.16 -6.40
CA LEU A 81 -54.25 -35.73 -5.94
C LEU A 81 -53.65 -34.57 -6.77
N ASN A 82 -54.53 -33.91 -7.50
CA ASN A 82 -54.30 -32.54 -7.96
C ASN A 82 -55.29 -31.66 -7.19
N ALA A 83 -54.82 -31.03 -6.13
CA ALA A 83 -55.70 -30.33 -5.20
C ALA A 83 -56.11 -28.91 -5.58
N GLY A 84 -55.76 -28.48 -6.78
CA GLY A 84 -56.05 -27.10 -7.19
C GLY A 84 -55.22 -26.13 -6.36
N GLY A 85 -55.82 -25.00 -6.00
CA GLY A 85 -55.17 -24.01 -5.14
C GLY A 85 -55.03 -24.34 -3.64
N LEU A 86 -55.75 -25.35 -3.16
CA LEU A 86 -55.55 -25.78 -1.78
C LEU A 86 -54.14 -26.35 -1.61
N THR A 87 -53.54 -26.81 -2.71
CA THR A 87 -52.15 -27.15 -2.70
C THR A 87 -51.38 -26.08 -1.97
N HIS A 88 -51.77 -24.82 -2.18
CA HIS A 88 -51.07 -23.67 -1.64
C HIS A 88 -51.59 -23.14 -0.32
N THR A 89 -52.75 -23.62 0.15
CA THR A 89 -53.29 -23.02 1.36
C THR A 89 -53.69 -24.02 2.41
N SER A 90 -54.05 -25.23 2.02
CA SER A 90 -54.58 -26.18 2.98
C SER A 90 -53.55 -27.05 3.73
N VAL A 91 -53.53 -26.87 5.05
CA VAL A 91 -52.76 -27.72 5.97
C VAL A 91 -53.61 -28.91 6.37
N ALA A 92 -54.90 -28.64 6.59
CA ALA A 92 -55.86 -29.66 6.87
C ALA A 92 -55.65 -30.77 5.83
N LEU A 93 -55.64 -30.38 4.56
CA LEU A 93 -55.40 -31.33 3.50
C LEU A 93 -54.06 -32.06 3.71
N ARG A 94 -52.98 -31.31 3.98
CA ARG A 94 -51.66 -31.93 4.25
C ARG A 94 -51.72 -32.99 5.37
N ASP A 95 -52.06 -32.57 6.58
CA ASP A 95 -52.13 -33.48 7.71
C ASP A 95 -52.91 -34.78 7.43
N ALA A 96 -54.08 -34.67 6.82
CA ALA A 96 -54.81 -35.87 6.44
C ALA A 96 -54.37 -36.17 5.06
N CYS A 97 -53.22 -36.84 4.92
CA CYS A 97 -52.55 -37.06 3.63
C CYS A 97 -51.20 -37.60 4.02
N ALA A 98 -50.78 -37.25 5.24
CA ALA A 98 -49.57 -37.78 5.81
C ALA A 98 -49.81 -39.23 6.14
N GLU A 99 -50.96 -39.54 6.73
CA GLU A 99 -51.32 -40.90 7.13
C GLU A 99 -51.31 -41.92 5.97
N LEU A 100 -51.52 -41.45 4.74
CA LEU A 100 -51.43 -42.30 3.54
C LEU A 100 -50.18 -43.17 3.50
N SER A 101 -50.34 -44.49 3.56
CA SER A 101 -49.19 -45.39 3.61
C SER A 101 -48.80 -45.85 2.21
N ALA A 102 -49.70 -45.74 1.26
CA ALA A 102 -49.36 -46.02 -0.13
C ALA A 102 -48.79 -44.73 -0.74
N PRO A 103 -48.14 -44.83 -1.91
CA PRO A 103 -47.62 -43.61 -2.53
C PRO A 103 -48.64 -42.49 -2.72
N LEU A 104 -48.15 -41.26 -2.71
CA LEU A 104 -48.94 -40.10 -3.06
C LEU A 104 -48.20 -39.36 -4.18
N ILE A 105 -48.84 -39.12 -5.33
CA ILE A 105 -48.20 -38.34 -6.36
C ILE A 105 -48.99 -37.05 -6.44
N GLU A 106 -48.33 -35.90 -6.40
CA GLU A 106 -49.04 -34.64 -6.57
C GLU A 106 -48.93 -34.21 -8.04
N VAL A 107 -50.07 -33.87 -8.65
CA VAL A 107 -50.10 -33.57 -10.07
C VAL A 107 -50.62 -32.16 -10.32
N HIS A 108 -49.92 -31.38 -11.13
CA HIS A 108 -50.44 -30.09 -11.56
C HIS A 108 -50.35 -30.07 -13.02
N ILE A 109 -51.49 -29.88 -13.68
CA ILE A 109 -51.56 -29.78 -15.12
C ILE A 109 -50.57 -28.75 -15.69
N SER A 110 -50.58 -27.52 -15.17
CA SER A 110 -49.77 -26.42 -15.70
C SER A 110 -48.52 -26.27 -14.88
N ASN A 111 -47.54 -25.56 -15.40
CA ASN A 111 -46.32 -25.33 -14.67
C ASN A 111 -46.55 -24.19 -13.68
N VAL A 112 -46.85 -24.55 -12.43
CA VAL A 112 -46.99 -23.57 -11.34
C VAL A 112 -45.75 -22.71 -10.99
N HIS A 113 -44.58 -23.02 -11.54
CA HIS A 113 -43.40 -22.20 -11.26
C HIS A 113 -43.22 -21.10 -12.25
N ALA A 114 -44.05 -21.11 -13.29
CA ALA A 114 -44.00 -20.14 -14.36
C ALA A 114 -45.14 -19.15 -14.23
N ARG A 115 -45.64 -18.97 -13.01
CA ARG A 115 -46.86 -18.14 -12.77
C ARG A 115 -46.65 -17.19 -11.62
N GLU A 116 -47.69 -16.86 -10.86
CA GLU A 116 -47.51 -15.99 -9.67
C GLU A 116 -46.60 -16.64 -8.65
N GLU A 117 -45.91 -15.83 -7.88
CA GLU A 117 -44.91 -16.37 -6.96
C GLU A 117 -45.50 -17.26 -5.83
N PHE A 118 -46.78 -17.06 -5.51
CA PHE A 118 -47.39 -17.87 -4.47
C PHE A 118 -47.71 -19.28 -4.92
N ARG A 119 -47.71 -19.53 -6.22
CA ARG A 119 -47.96 -20.89 -6.67
C ARG A 119 -46.73 -21.73 -6.50
N ARG A 120 -45.58 -21.10 -6.28
CA ARG A 120 -44.31 -21.81 -6.13
C ARG A 120 -44.09 -22.37 -4.73
N HIS A 121 -45.18 -22.67 -4.03
CA HIS A 121 -45.15 -23.24 -2.70
C HIS A 121 -46.35 -24.08 -2.48
N SER A 122 -46.11 -25.24 -1.89
CA SER A 122 -47.07 -26.31 -1.78
C SER A 122 -46.98 -26.97 -0.40
N TYR A 123 -48.11 -27.10 0.27
CA TYR A 123 -48.13 -27.74 1.56
C TYR A 123 -48.11 -29.23 1.40
N LEU A 124 -48.44 -29.70 0.20
CA LEU A 124 -48.44 -31.14 -0.08
C LEU A 124 -47.09 -31.72 -0.46
N SER A 125 -46.30 -31.01 -1.28
CA SER A 125 -45.03 -31.55 -1.81
C SER A 125 -44.12 -32.24 -0.78
N PRO A 126 -43.93 -31.62 0.39
CA PRO A 126 -43.06 -32.24 1.35
C PRO A 126 -43.46 -33.63 1.74
N ILE A 127 -44.76 -33.95 1.65
CA ILE A 127 -45.22 -35.22 2.17
C ILE A 127 -45.60 -36.17 1.07
N ALA A 128 -45.59 -35.68 -0.16
CA ALA A 128 -45.86 -36.52 -1.32
C ALA A 128 -44.67 -37.47 -1.65
N THR A 129 -44.94 -38.59 -2.30
CA THR A 129 -43.82 -39.40 -2.82
C THR A 129 -43.05 -38.63 -3.87
N GLY A 130 -43.80 -37.91 -4.71
CA GLY A 130 -43.28 -37.23 -5.88
C GLY A 130 -44.35 -36.28 -6.42
N VAL A 131 -43.96 -35.44 -7.37
CA VAL A 131 -44.81 -34.38 -7.90
C VAL A 131 -44.53 -34.25 -9.40
N ILE A 132 -45.59 -34.16 -10.19
CA ILE A 132 -45.49 -33.96 -11.61
C ILE A 132 -46.25 -32.68 -11.92
N VAL A 133 -45.59 -31.82 -12.66
CA VAL A 133 -46.04 -30.47 -12.83
C VAL A 133 -45.78 -30.04 -14.25
N GLY A 134 -46.74 -29.34 -14.84
CA GLY A 134 -46.57 -28.71 -16.13
C GLY A 134 -46.64 -29.58 -17.38
N LEU A 135 -46.94 -30.86 -17.24
CA LEU A 135 -46.94 -31.76 -18.38
C LEU A 135 -48.35 -32.02 -18.89
N GLY A 136 -49.28 -31.15 -18.51
CA GLY A 136 -50.69 -31.31 -18.88
C GLY A 136 -51.40 -32.58 -18.38
N ILE A 137 -52.57 -32.84 -18.94
CA ILE A 137 -53.38 -34.04 -18.68
C ILE A 137 -52.51 -35.29 -18.56
N GLN A 138 -51.47 -35.35 -19.40
CA GLN A 138 -50.58 -36.51 -19.42
C GLN A 138 -49.84 -36.69 -18.09
N GLY A 139 -49.83 -35.64 -17.27
CA GLY A 139 -49.37 -35.73 -15.90
C GLY A 139 -50.07 -36.85 -15.14
N TYR A 140 -51.34 -37.09 -15.46
CA TYR A 140 -52.11 -38.09 -14.74
C TYR A 140 -51.68 -39.48 -15.15
N LEU A 141 -51.58 -39.69 -16.44
CA LEU A 141 -51.20 -40.97 -17.01
C LEU A 141 -49.78 -41.34 -16.61
N LEU A 142 -48.85 -40.42 -16.78
CA LEU A 142 -47.51 -40.66 -16.34
C LEU A 142 -47.47 -41.19 -14.89
N ALA A 143 -48.17 -40.53 -13.97
CA ALA A 143 -48.26 -40.96 -12.56
C ALA A 143 -48.78 -42.38 -12.37
N LEU A 144 -49.81 -42.76 -13.12
CA LEU A 144 -50.32 -44.10 -13.09
C LEU A 144 -49.25 -45.14 -13.36
N ARG A 145 -48.32 -44.87 -14.27
CA ARG A 145 -47.38 -45.92 -14.57
C ARG A 145 -46.08 -45.77 -13.83
N TYR A 146 -46.09 -44.85 -12.87
CA TYR A 146 -45.14 -44.89 -11.78
C TYR A 146 -45.70 -45.88 -10.76
N LEU A 147 -46.99 -45.69 -10.46
CA LEU A 147 -47.71 -46.52 -9.50
C LEU A 147 -47.70 -47.97 -9.91
N ALA A 148 -47.81 -48.25 -11.20
CA ALA A 148 -47.87 -49.63 -11.68
C ALA A 148 -46.62 -50.46 -11.32
N GLU A 149 -45.74 -49.96 -10.46
CA GLU A 149 -44.72 -50.78 -9.75
C GLU A 149 -45.19 -51.28 -8.38
N HIS A 150 -46.37 -50.80 -7.97
CA HIS A 150 -46.81 -50.89 -6.59
C HIS A 150 -45.73 -50.36 -5.70
N LEU B 10 2.17 -14.22 28.69
CA LEU B 10 2.17 -15.62 29.14
C LEU B 10 0.87 -16.02 29.83
N ILE B 11 0.01 -15.04 30.14
CA ILE B 11 -1.26 -15.33 30.80
C ILE B 11 -2.38 -15.30 29.79
N VAL B 12 -3.20 -16.35 29.80
CA VAL B 12 -4.33 -16.53 28.88
C VAL B 12 -5.62 -16.81 29.65
N ASN B 13 -6.68 -16.07 29.34
CA ASN B 13 -8.00 -16.29 29.91
C ASN B 13 -8.93 -17.16 29.09
N VAL B 14 -9.38 -18.24 29.70
CA VAL B 14 -10.32 -19.14 29.09
C VAL B 14 -11.62 -19.02 29.88
N ILE B 15 -12.60 -18.40 29.23
CA ILE B 15 -13.83 -18.03 29.89
C ILE B 15 -14.98 -18.84 29.31
N ASN B 16 -15.72 -19.52 30.17
CA ASN B 16 -16.82 -20.38 29.74
C ASN B 16 -18.14 -19.81 30.24
N GLY B 17 -19.08 -19.66 29.31
CA GLY B 17 -20.40 -19.07 29.57
C GLY B 17 -21.45 -20.01 30.14
N PRO B 18 -22.71 -19.61 30.10
CA PRO B 18 -23.73 -20.37 30.80
C PRO B 18 -23.96 -21.77 30.26
N ASN B 19 -24.19 -22.69 31.19
CA ASN B 19 -24.48 -24.10 30.92
C ASN B 19 -23.25 -24.94 30.76
N LEU B 20 -22.12 -24.30 30.52
CA LEU B 20 -20.91 -25.07 30.27
C LEU B 20 -20.50 -25.88 31.50
N GLY B 21 -20.85 -25.39 32.69
CA GLY B 21 -20.67 -26.11 33.95
C GLY B 21 -21.35 -27.47 33.94
N ARG B 22 -22.31 -27.66 33.06
CA ARG B 22 -23.07 -28.90 33.04
C ARG B 22 -22.49 -29.91 32.07
N LEU B 23 -21.51 -29.46 31.28
CA LEU B 23 -20.68 -30.30 30.43
C LEU B 23 -20.25 -31.54 31.18
N GLY B 24 -20.50 -32.70 30.59
CA GLY B 24 -20.36 -33.94 31.34
C GLY B 24 -21.08 -35.13 30.74
N ARG B 25 -22.25 -35.56 31.27
CA ARG B 25 -23.12 -34.98 32.33
C ARG B 25 -24.51 -34.80 31.74
N ARG B 26 -24.52 -34.52 30.44
CA ARG B 26 -25.72 -34.36 29.60
C ARG B 26 -25.32 -34.51 28.13
N GLU B 27 -26.19 -35.17 27.35
CA GLU B 27 -26.01 -35.38 25.91
C GLU B 27 -24.55 -35.57 25.47
N PRO B 28 -23.97 -36.76 25.78
CA PRO B 28 -22.60 -37.09 25.36
C PRO B 28 -22.35 -37.03 23.83
N ALA B 29 -23.41 -37.12 23.02
CA ALA B 29 -23.27 -37.21 21.56
C ALA B 29 -23.05 -35.87 20.82
N VAL B 30 -23.26 -34.75 21.53
CA VAL B 30 -23.11 -33.39 20.95
C VAL B 30 -21.96 -32.59 21.61
N TYR B 31 -21.92 -32.60 22.95
CA TYR B 31 -20.96 -31.79 23.74
C TYR B 31 -19.72 -32.54 24.27
N GLY B 32 -19.76 -33.87 24.26
CA GLY B 32 -18.60 -34.67 24.66
C GLY B 32 -18.83 -35.44 25.95
N GLY B 33 -17.90 -36.33 26.30
CA GLY B 33 -18.03 -37.12 27.52
C GLY B 33 -17.37 -36.49 28.73
N THR B 34 -16.24 -35.83 28.52
CA THR B 34 -15.39 -35.29 29.58
C THR B 34 -15.97 -34.05 30.28
N THR B 35 -16.00 -34.04 31.62
CA THR B 35 -16.71 -33.01 32.43
C THR B 35 -15.98 -31.67 32.53
N HIS B 36 -16.58 -30.69 33.22
CA HIS B 36 -15.96 -29.35 33.23
C HIS B 36 -14.63 -29.24 33.96
N ASP B 37 -14.55 -29.85 35.15
CA ASP B 37 -13.30 -29.91 35.90
C ASP B 37 -12.19 -30.50 35.07
N GLU B 38 -12.44 -31.63 34.43
CA GLU B 38 -11.38 -32.21 33.61
C GLU B 38 -11.02 -31.36 32.39
N LEU B 39 -11.98 -30.58 31.89
CA LEU B 39 -11.68 -29.62 30.82
C LEU B 39 -10.66 -28.58 31.32
N VAL B 40 -10.91 -28.05 32.52
CA VAL B 40 -9.99 -27.14 33.21
C VAL B 40 -8.60 -27.76 33.28
N ALA B 41 -8.57 -28.97 33.85
CA ALA B 41 -7.34 -29.68 34.10
C ALA B 41 -6.58 -29.95 32.80
N LEU B 42 -7.30 -30.43 31.78
CA LEU B 42 -6.75 -30.63 30.43
C LEU B 42 -6.09 -29.36 29.89
N ILE B 43 -6.87 -28.27 29.94
CA ILE B 43 -6.44 -27.02 29.35
C ILE B 43 -5.18 -26.49 29.99
N GLU B 44 -5.10 -26.59 31.33
CA GLU B 44 -3.97 -26.04 32.09
C GLU B 44 -2.66 -26.81 31.83
N ARG B 45 -2.75 -28.14 31.78
CA ARG B 45 -1.61 -28.93 31.35
C ARG B 45 -1.13 -28.50 29.97
N GLU B 46 -2.05 -28.32 29.03
CA GLU B 46 -1.71 -27.99 27.66
C GLU B 46 -1.15 -26.59 27.48
N ALA B 47 -1.66 -25.62 28.24
CA ALA B 47 -1.16 -24.25 28.16
C ALA B 47 0.26 -24.17 28.71
N ALA B 48 0.52 -24.93 29.78
CA ALA B 48 1.84 -25.09 30.34
C ALA B 48 2.80 -25.65 29.30
N GLU B 49 2.37 -26.64 28.54
CA GLU B 49 3.24 -27.31 27.58
C GLU B 49 3.76 -26.26 26.58
N LEU B 50 2.86 -25.42 26.10
CA LEU B 50 3.24 -24.37 25.17
C LEU B 50 3.89 -23.17 25.84
N GLY B 51 4.20 -23.25 27.13
CA GLY B 51 4.76 -22.10 27.87
C GLY B 51 3.79 -20.95 28.11
N LEU B 52 2.52 -21.30 28.34
CA LEU B 52 1.49 -20.33 28.67
C LEU B 52 0.84 -20.67 30.02
N LYS B 53 0.42 -19.64 30.75
CA LYS B 53 -0.36 -19.85 31.96
C LYS B 53 -1.83 -19.63 31.67
N ALA B 54 -2.61 -20.71 31.77
CA ALA B 54 -4.06 -20.66 31.53
C ALA B 54 -4.90 -20.40 32.76
N VAL B 55 -5.71 -19.34 32.73
CA VAL B 55 -6.73 -19.08 33.77
C VAL B 55 -8.14 -19.41 33.26
N VAL B 56 -8.58 -20.65 33.49
CA VAL B 56 -9.89 -21.13 33.03
C VAL B 56 -10.96 -20.74 34.02
N ARG B 57 -12.13 -20.35 33.56
CA ARG B 57 -13.19 -19.89 34.45
C ARG B 57 -14.54 -20.06 33.79
N GLN B 58 -15.54 -20.52 34.55
CA GLN B 58 -16.91 -20.70 34.06
C GLN B 58 -17.86 -19.95 34.97
N SER B 59 -18.86 -19.28 34.40
CA SER B 59 -19.93 -18.71 35.18
C SER B 59 -21.25 -18.81 34.44
N ASP B 60 -22.35 -18.85 35.18
CA ASP B 60 -23.69 -18.78 34.57
C ASP B 60 -24.20 -17.35 34.52
N SER B 61 -23.40 -16.45 35.13
CA SER B 61 -23.78 -15.06 35.36
C SER B 61 -23.18 -14.13 34.30
N GLU B 62 -24.05 -13.43 33.58
CA GLU B 62 -23.57 -12.51 32.56
C GLU B 62 -22.69 -11.42 33.20
N ALA B 63 -23.13 -10.82 34.29
CA ALA B 63 -22.33 -9.79 34.98
C ALA B 63 -20.93 -10.25 35.39
N GLN B 64 -20.83 -11.50 35.84
CA GLN B 64 -19.54 -12.12 36.16
C GLN B 64 -18.65 -12.19 34.90
N LEU B 65 -19.16 -12.73 33.80
CA LEU B 65 -18.37 -12.78 32.58
C LEU B 65 -17.86 -11.40 32.19
N LEU B 66 -18.73 -10.38 32.17
CA LEU B 66 -18.31 -9.07 31.67
C LEU B 66 -17.11 -8.62 32.47
N ASP B 67 -17.15 -8.88 33.78
CA ASP B 67 -16.09 -8.48 34.70
C ASP B 67 -14.73 -9.09 34.39
N TRP B 68 -14.74 -10.40 34.17
CA TRP B 68 -13.55 -11.11 33.75
C TRP B 68 -12.95 -10.55 32.50
N ILE B 69 -13.81 -10.38 31.49
CA ILE B 69 -13.47 -9.67 30.24
C ILE B 69 -12.84 -8.29 30.50
N HIS B 70 -13.47 -7.45 31.33
CA HIS B 70 -12.90 -6.13 31.63
C HIS B 70 -11.52 -6.27 32.19
N GLN B 71 -11.30 -7.27 33.03
CA GLN B 71 -9.99 -7.44 33.64
C GLN B 71 -8.95 -7.75 32.61
N ALA B 72 -9.39 -8.49 31.60
CA ALA B 72 -8.55 -8.95 30.51
C ALA B 72 -8.20 -7.79 29.59
N ALA B 73 -9.16 -6.90 29.36
CA ALA B 73 -8.91 -5.72 28.55
C ALA B 73 -7.81 -4.91 29.23
N ASP B 74 -8.05 -4.56 30.49
CA ASP B 74 -7.15 -3.76 31.29
C ASP B 74 -5.75 -4.35 31.51
N ALA B 75 -5.63 -5.67 31.53
CA ALA B 75 -4.33 -6.28 31.60
C ALA B 75 -3.75 -6.67 30.22
N ALA B 76 -4.45 -6.28 29.14
CA ALA B 76 -4.14 -6.69 27.76
C ALA B 76 -3.79 -8.19 27.62
N GLU B 77 -4.48 -9.05 28.38
CA GLU B 77 -4.40 -10.51 28.22
C GLU B 77 -5.28 -10.96 27.07
N PRO B 78 -4.82 -11.97 26.29
CA PRO B 78 -5.63 -12.63 25.28
C PRO B 78 -6.76 -13.42 25.92
N VAL B 79 -7.83 -13.68 25.18
CA VAL B 79 -8.99 -14.33 25.77
C VAL B 79 -9.60 -15.33 24.80
N ILE B 80 -9.89 -16.54 25.30
CA ILE B 80 -10.54 -17.61 24.57
C ILE B 80 -11.93 -17.75 25.21
N LEU B 81 -12.94 -17.74 24.37
CA LEU B 81 -14.28 -17.56 24.88
C LEU B 81 -15.28 -18.50 24.29
N ASN B 82 -15.92 -19.28 25.15
CA ASN B 82 -17.14 -19.96 24.76
C ASN B 82 -18.27 -19.38 25.57
N ALA B 83 -19.00 -18.46 24.94
CA ALA B 83 -20.05 -17.72 25.63
C ALA B 83 -21.32 -18.50 25.90
N GLY B 84 -21.47 -19.68 25.30
CA GLY B 84 -22.70 -20.45 25.46
C GLY B 84 -23.90 -19.81 24.77
N GLY B 85 -25.08 -19.89 25.40
CA GLY B 85 -26.33 -19.35 24.81
C GLY B 85 -26.22 -17.85 24.54
N LEU B 86 -25.43 -17.20 25.40
CA LEU B 86 -25.12 -15.78 25.36
C LEU B 86 -24.48 -15.32 24.05
N THR B 87 -23.89 -16.24 23.29
CA THR B 87 -23.29 -15.92 21.98
C THR B 87 -24.29 -15.29 21.00
N HIS B 88 -25.50 -15.84 21.01
CA HIS B 88 -26.53 -15.47 20.06
C HIS B 88 -27.41 -14.35 20.56
N THR B 89 -27.20 -13.92 21.80
CA THR B 89 -28.16 -13.02 22.38
C THR B 89 -27.59 -11.74 22.95
N SER B 90 -26.37 -11.79 23.47
CA SER B 90 -25.86 -10.68 24.33
C SER B 90 -24.94 -9.64 23.65
N VAL B 91 -25.52 -8.46 23.40
CA VAL B 91 -24.83 -7.27 22.90
C VAL B 91 -23.89 -6.69 23.95
N ALA B 92 -24.29 -6.69 25.23
CA ALA B 92 -23.39 -6.26 26.31
C ALA B 92 -22.07 -7.02 26.20
N LEU B 93 -22.15 -8.35 26.21
CA LEU B 93 -20.98 -9.18 26.13
C LEU B 93 -20.12 -8.79 24.95
N ARG B 94 -20.75 -8.58 23.79
CA ARG B 94 -20.02 -8.16 22.60
C ARG B 94 -19.27 -6.83 22.82
N ASP B 95 -19.93 -5.91 23.52
CA ASP B 95 -19.40 -4.62 23.83
C ASP B 95 -18.27 -4.69 24.83
N ALA B 96 -18.36 -5.62 25.80
CA ALA B 96 -17.27 -5.86 26.71
C ALA B 96 -16.11 -6.36 25.90
N CYS B 97 -16.38 -7.32 25.02
CA CYS B 97 -15.34 -7.95 24.23
C CYS B 97 -14.71 -7.02 23.24
N ALA B 98 -15.53 -6.13 22.68
CA ALA B 98 -15.09 -5.21 21.66
C ALA B 98 -13.85 -4.38 22.03
N GLU B 99 -13.47 -4.36 23.30
CA GLU B 99 -12.32 -3.56 23.69
C GLU B 99 -11.03 -4.30 24.08
N LEU B 100 -11.00 -5.63 23.99
CA LEU B 100 -9.76 -6.35 24.19
C LEU B 100 -8.68 -5.85 23.23
N SER B 101 -7.51 -5.47 23.72
CA SER B 101 -6.42 -5.17 22.78
C SER B 101 -5.72 -6.46 22.32
N ALA B 102 -5.70 -7.50 23.17
CA ALA B 102 -5.05 -8.74 22.78
C ALA B 102 -6.06 -9.56 22.01
N PRO B 103 -5.61 -10.63 21.31
CA PRO B 103 -6.52 -11.48 20.53
C PRO B 103 -7.71 -12.07 21.29
N LEU B 104 -8.75 -12.41 20.55
CA LEU B 104 -9.91 -13.04 21.14
C LEU B 104 -10.45 -14.14 20.24
N ILE B 105 -10.50 -15.35 20.78
CA ILE B 105 -10.91 -16.51 20.01
C ILE B 105 -12.19 -17.13 20.52
N GLU B 106 -13.20 -17.16 19.65
CA GLU B 106 -14.52 -17.69 19.98
C GLU B 106 -14.48 -19.18 19.76
N VAL B 107 -14.91 -19.95 20.75
CA VAL B 107 -14.85 -21.39 20.67
C VAL B 107 -16.21 -21.98 20.98
N HIS B 108 -16.58 -23.01 20.22
CA HIS B 108 -17.76 -23.81 20.46
C HIS B 108 -17.38 -25.24 20.19
N ILE B 109 -17.70 -26.12 21.15
CA ILE B 109 -17.46 -27.55 21.07
C ILE B 109 -18.24 -28.20 19.94
N SER B 110 -19.50 -27.79 19.76
CA SER B 110 -20.37 -28.40 18.76
C SER B 110 -20.40 -27.60 17.47
N ASN B 111 -20.77 -28.23 16.38
CA ASN B 111 -20.96 -27.46 15.16
C ASN B 111 -22.28 -26.74 15.28
N VAL B 112 -22.23 -25.42 15.57
CA VAL B 112 -23.47 -24.60 15.65
C VAL B 112 -24.27 -24.58 14.34
N HIS B 113 -23.58 -24.51 13.19
CA HIS B 113 -24.21 -24.53 11.85
C HIS B 113 -24.93 -25.76 11.45
N ALA B 114 -24.82 -26.81 12.24
CA ALA B 114 -25.45 -28.06 11.88
C ALA B 114 -26.61 -28.26 12.82
N ARG B 115 -27.16 -27.16 13.32
CA ARG B 115 -28.21 -27.20 14.37
C ARG B 115 -29.30 -26.16 14.09
N GLU B 116 -30.02 -25.73 15.12
CA GLU B 116 -31.08 -24.75 14.93
C GLU B 116 -30.56 -23.57 14.13
N GLU B 117 -31.44 -23.01 13.31
CA GLU B 117 -31.20 -21.75 12.65
C GLU B 117 -30.51 -20.74 13.58
N PHE B 118 -31.19 -20.37 14.67
CA PHE B 118 -30.69 -19.35 15.61
C PHE B 118 -29.24 -19.50 16.09
N ARG B 119 -28.79 -20.74 16.37
CA ARG B 119 -27.39 -20.95 16.77
C ARG B 119 -26.40 -20.44 15.74
N ARG B 120 -26.84 -20.31 14.49
CA ARG B 120 -26.02 -19.87 13.38
C ARG B 120 -25.75 -18.34 13.29
N HIS B 121 -26.34 -17.53 14.18
CA HIS B 121 -25.96 -16.12 14.28
C HIS B 121 -25.22 -15.90 15.58
N SER B 122 -24.15 -15.10 15.51
CA SER B 122 -23.32 -14.80 16.65
C SER B 122 -22.93 -13.31 16.77
N TYR B 123 -23.19 -12.70 17.94
CA TYR B 123 -22.75 -11.32 18.20
C TYR B 123 -21.23 -11.19 18.33
N LEU B 124 -20.58 -12.28 18.69
CA LEU B 124 -19.17 -12.25 19.00
C LEU B 124 -18.23 -12.35 17.81
N SER B 125 -18.55 -13.21 16.86
CA SER B 125 -17.66 -13.44 15.72
C SER B 125 -17.18 -12.21 14.97
N PRO B 126 -18.05 -11.23 14.73
CA PRO B 126 -17.55 -10.09 14.00
C PRO B 126 -16.39 -9.31 14.65
N ILE B 127 -16.30 -9.31 15.97
CA ILE B 127 -15.24 -8.57 16.65
C ILE B 127 -14.16 -9.49 17.25
N ALA B 128 -14.18 -10.75 16.86
CA ALA B 128 -13.22 -11.73 17.32
C ALA B 128 -12.08 -11.79 16.32
N THR B 129 -10.92 -12.29 16.76
CA THR B 129 -9.80 -12.62 15.86
C THR B 129 -10.25 -13.77 14.97
N GLY B 130 -10.70 -14.86 15.59
CA GLY B 130 -11.03 -16.06 14.85
C GLY B 130 -12.11 -16.84 15.57
N VAL B 131 -12.55 -17.93 14.96
CA VAL B 131 -13.59 -18.73 15.51
C VAL B 131 -13.28 -20.18 15.18
N ILE B 132 -13.41 -21.02 16.21
CA ILE B 132 -13.23 -22.46 16.08
C ILE B 132 -14.53 -23.11 16.54
N VAL B 133 -15.06 -23.99 15.71
CA VAL B 133 -16.39 -24.53 15.93
C VAL B 133 -16.46 -26.02 15.61
N GLY B 134 -17.15 -26.77 16.46
CA GLY B 134 -17.45 -28.15 16.20
C GLY B 134 -16.27 -29.08 16.34
N LEU B 135 -15.13 -28.57 16.78
CA LEU B 135 -13.97 -29.46 16.82
C LEU B 135 -13.85 -30.13 18.16
N GLY B 136 -14.98 -30.20 18.88
CA GLY B 136 -15.04 -30.78 20.21
C GLY B 136 -14.27 -29.93 21.18
N ILE B 137 -13.83 -30.60 22.26
CA ILE B 137 -13.11 -29.97 23.36
C ILE B 137 -11.66 -29.62 22.96
N GLN B 138 -11.19 -30.27 21.93
CA GLN B 138 -9.91 -29.95 21.32
C GLN B 138 -9.79 -28.50 20.76
N GLY B 139 -10.95 -27.86 20.52
CA GLY B 139 -10.99 -26.51 19.99
C GLY B 139 -10.26 -25.57 20.90
N TYR B 140 -10.40 -25.82 22.22
CA TYR B 140 -9.75 -24.97 23.22
C TYR B 140 -8.25 -25.14 23.07
N LEU B 141 -7.81 -26.38 22.86
CA LEU B 141 -6.37 -26.62 22.76
C LEU B 141 -5.83 -25.99 21.49
N LEU B 142 -6.54 -26.10 20.36
CA LEU B 142 -6.07 -25.45 19.14
C LEU B 142 -5.97 -23.92 19.32
N ALA B 143 -6.93 -23.36 20.07
CA ALA B 143 -6.92 -21.93 20.35
C ALA B 143 -5.64 -21.52 21.07
N LEU B 144 -5.22 -22.34 22.03
CA LEU B 144 -3.95 -22.16 22.73
C LEU B 144 -2.73 -22.19 21.78
N ARG B 145 -2.70 -23.15 20.86
CA ARG B 145 -1.69 -23.13 19.82
C ARG B 145 -1.58 -21.80 19.08
N TYR B 146 -2.69 -21.32 18.52
CA TYR B 146 -2.66 -20.06 17.80
C TYR B 146 -1.95 -19.01 18.66
N LEU B 147 -2.39 -18.88 19.92
CA LEU B 147 -1.90 -17.83 20.83
C LEU B 147 -0.41 -17.97 21.15
N ALA B 148 0.03 -19.20 21.38
CA ALA B 148 1.44 -19.53 21.61
C ALA B 148 2.30 -18.97 20.50
N GLU B 149 1.81 -19.03 19.26
CA GLU B 149 2.55 -18.52 18.14
C GLU B 149 2.20 -17.05 17.79
N HIS B 150 1.73 -16.25 18.73
CA HIS B 150 1.34 -14.86 18.37
C HIS B 150 1.71 -13.77 19.35
N LEU C 10 -36.85 15.89 46.45
CA LEU C 10 -37.28 15.40 45.09
C LEU C 10 -36.19 14.62 44.33
N ILE C 11 -36.41 13.31 44.20
CA ILE C 11 -35.35 12.40 43.81
C ILE C 11 -35.45 11.86 42.37
N VAL C 12 -34.39 12.05 41.61
CA VAL C 12 -34.26 11.48 40.27
C VAL C 12 -33.29 10.30 40.33
N ASN C 13 -33.70 9.19 39.73
CA ASN C 13 -32.82 8.03 39.67
C ASN C 13 -32.10 8.04 38.33
N VAL C 14 -30.76 8.00 38.38
CA VAL C 14 -29.98 7.89 37.16
C VAL C 14 -29.30 6.53 37.14
N ILE C 15 -29.56 5.74 36.10
CA ILE C 15 -29.23 4.33 36.10
C ILE C 15 -28.52 3.89 34.85
N ASN C 16 -27.30 3.41 35.03
CA ASN C 16 -26.44 2.96 33.93
C ASN C 16 -26.22 1.44 33.91
N GLY C 17 -26.67 0.79 32.84
CA GLY C 17 -26.46 -0.63 32.62
C GLY C 17 -25.07 -1.03 32.18
N PRO C 18 -24.94 -2.24 31.61
CA PRO C 18 -23.66 -2.91 31.36
C PRO C 18 -22.65 -2.10 30.60
N ASN C 19 -21.42 -2.09 31.11
CA ASN C 19 -20.27 -1.46 30.46
C ASN C 19 -20.08 0.03 30.74
N LEU C 20 -21.05 0.65 31.37
CA LEU C 20 -20.91 2.06 31.66
C LEU C 20 -19.98 2.26 32.85
N GLY C 21 -19.72 1.17 33.59
CA GLY C 21 -18.69 1.18 34.63
C GLY C 21 -17.36 1.59 34.05
N ARG C 22 -17.21 1.38 32.74
CA ARG C 22 -15.94 1.50 32.03
C ARG C 22 -15.76 2.79 31.22
N LEU C 23 -16.76 3.66 31.34
CA LEU C 23 -16.77 4.98 30.71
C LEU C 23 -15.42 5.63 30.94
N GLY C 24 -14.92 6.31 29.92
CA GLY C 24 -13.64 7.00 30.03
C GLY C 24 -12.41 6.11 29.96
N ARG C 25 -12.51 4.87 30.42
CA ARG C 25 -11.36 3.97 30.48
C ARG C 25 -10.82 3.66 29.07
N ARG C 26 -11.69 3.75 28.05
CA ARG C 26 -11.30 3.49 26.64
C ARG C 26 -12.27 4.09 25.58
N GLU C 27 -11.92 3.99 24.29
CA GLU C 27 -12.67 4.56 23.13
C GLU C 27 -12.83 6.10 23.15
N PRO C 28 -11.70 6.85 23.19
CA PRO C 28 -11.78 8.30 23.46
C PRO C 28 -12.79 9.03 22.55
N ALA C 29 -12.76 8.75 21.25
CA ALA C 29 -13.62 9.41 20.26
C ALA C 29 -15.12 9.02 20.37
N VAL C 30 -15.39 7.75 20.72
CA VAL C 30 -16.75 7.15 20.63
C VAL C 30 -17.62 7.43 21.87
N TYR C 31 -16.96 7.67 23.01
CA TYR C 31 -17.63 7.86 24.28
C TYR C 31 -17.15 9.08 25.10
N GLY C 32 -15.87 9.46 24.95
CA GLY C 32 -15.27 10.64 25.66
C GLY C 32 -14.34 10.29 26.83
N GLY C 33 -13.64 11.29 27.36
CA GLY C 33 -12.58 11.03 28.34
C GLY C 33 -12.98 11.20 29.80
N THR C 34 -14.25 11.53 30.02
CA THR C 34 -14.76 11.71 31.38
C THR C 34 -15.14 10.34 31.88
N THR C 35 -14.76 10.02 33.12
CA THR C 35 -14.94 8.66 33.72
C THR C 35 -16.33 8.53 34.32
N HIS C 36 -16.64 7.35 34.89
CA HIS C 36 -17.94 7.18 35.55
C HIS C 36 -18.03 8.00 36.78
N ASP C 37 -16.95 8.04 37.54
CA ASP C 37 -16.90 8.86 38.73
C ASP C 37 -17.12 10.33 38.39
N GLU C 38 -16.37 10.83 37.42
CA GLU C 38 -16.50 12.22 36.97
C GLU C 38 -17.95 12.53 36.59
N LEU C 39 -18.61 11.54 35.98
CA LEU C 39 -19.99 11.64 35.54
C LEU C 39 -20.93 11.80 36.74
N VAL C 40 -20.79 10.88 37.69
CA VAL C 40 -21.56 10.86 38.91
C VAL C 40 -21.54 12.21 39.58
N ALA C 41 -20.34 12.78 39.73
CA ALA C 41 -20.15 14.11 40.31
C ALA C 41 -20.79 15.18 39.45
N LEU C 42 -20.59 15.12 38.14
CA LEU C 42 -21.19 16.12 37.21
C LEU C 42 -22.69 16.22 37.33
N ILE C 43 -23.28 15.03 37.48
CA ILE C 43 -24.68 14.85 37.50
C ILE C 43 -25.26 15.32 38.84
N GLU C 44 -24.51 15.15 39.93
CA GLU C 44 -25.02 15.63 41.22
C GLU C 44 -25.04 17.14 41.37
N ARG C 45 -23.98 17.78 40.85
CA ARG C 45 -23.87 19.24 40.82
C ARG C 45 -25.10 19.80 40.12
N GLU C 46 -25.27 19.41 38.85
CA GLU C 46 -26.37 19.87 38.03
C GLU C 46 -27.73 19.73 38.68
N ALA C 47 -27.96 18.58 39.30
CA ALA C 47 -29.23 18.29 40.01
C ALA C 47 -29.54 19.31 41.09
N ALA C 48 -28.56 19.56 41.94
CA ALA C 48 -28.71 20.54 42.99
C ALA C 48 -28.47 21.99 42.48
N GLU C 49 -28.89 22.28 41.27
CA GLU C 49 -28.90 23.65 40.75
C GLU C 49 -30.20 23.73 40.02
N LEU C 50 -31.01 22.69 40.22
CA LEU C 50 -32.25 22.55 39.49
C LEU C 50 -33.37 22.20 40.44
N GLY C 51 -33.04 22.15 41.73
CA GLY C 51 -34.02 21.82 42.77
C GLY C 51 -34.17 20.33 43.00
N LEU C 52 -33.32 19.53 42.36
CA LEU C 52 -33.44 18.07 42.42
C LEU C 52 -32.35 17.35 43.24
N LYS C 53 -32.61 16.08 43.52
CA LYS C 53 -31.63 15.22 44.18
C LYS C 53 -31.41 14.03 43.28
N ALA C 54 -30.16 13.78 42.92
CA ALA C 54 -29.85 12.77 41.95
C ALA C 54 -29.07 11.61 42.54
N VAL C 55 -29.61 10.40 42.41
CA VAL C 55 -28.93 9.20 42.85
C VAL C 55 -28.50 8.48 41.60
N VAL C 56 -27.20 8.27 41.46
CA VAL C 56 -26.64 7.68 40.27
C VAL C 56 -26.09 6.31 40.57
N ARG C 57 -26.60 5.28 39.94
CA ARG C 57 -26.00 3.96 40.16
C ARG C 57 -25.64 3.27 38.86
N GLN C 58 -24.82 2.22 38.97
CA GLN C 58 -24.32 1.49 37.83
C GLN C 58 -24.23 0.01 38.20
N SER C 59 -24.52 -0.86 37.23
CA SER C 59 -24.48 -2.31 37.41
C SER C 59 -24.34 -3.02 36.05
N ASP C 60 -23.62 -4.13 36.03
CA ASP C 60 -23.51 -4.93 34.82
C ASP C 60 -24.46 -6.10 35.00
N SER C 61 -25.19 -6.08 36.11
CA SER C 61 -26.15 -7.13 36.38
C SER C 61 -27.51 -6.70 36.01
N GLU C 62 -28.14 -7.49 35.15
CA GLU C 62 -29.54 -7.31 34.77
C GLU C 62 -30.45 -7.36 35.99
N ALA C 63 -30.15 -8.25 36.94
CA ALA C 63 -31.00 -8.39 38.16
C ALA C 63 -31.07 -7.12 39.01
N GLN C 64 -29.92 -6.49 39.19
CA GLN C 64 -29.78 -5.25 39.94
C GLN C 64 -30.52 -4.10 39.27
N LEU C 65 -30.21 -3.87 38.00
CA LEU C 65 -30.97 -2.89 37.23
C LEU C 65 -32.52 -3.01 37.47
N LEU C 66 -33.06 -4.22 37.37
CA LEU C 66 -34.48 -4.50 37.63
C LEU C 66 -34.90 -4.11 39.04
N ASP C 67 -34.11 -4.52 40.03
CA ASP C 67 -34.33 -4.20 41.42
C ASP C 67 -34.50 -2.67 41.61
N TRP C 68 -33.49 -1.91 41.21
CA TRP C 68 -33.57 -0.47 41.22
C TRP C 68 -34.78 0.10 40.50
N ILE C 69 -35.14 -0.45 39.35
CA ILE C 69 -36.35 -0.01 38.65
C ILE C 69 -37.55 -0.21 39.56
N HIS C 70 -37.63 -1.36 40.22
CA HIS C 70 -38.77 -1.70 41.10
C HIS C 70 -38.92 -0.74 42.24
N GLN C 71 -37.78 -0.23 42.71
CA GLN C 71 -37.75 0.68 43.82
C GLN C 71 -38.17 2.09 43.43
N ALA C 72 -37.87 2.49 42.19
CA ALA C 72 -38.39 3.77 41.66
C ALA C 72 -39.90 3.68 41.44
N ALA C 73 -40.38 2.51 41.04
CA ALA C 73 -41.76 2.36 40.68
C ALA C 73 -42.57 2.54 41.93
N ASP C 74 -42.09 1.95 43.03
CA ASP C 74 -42.67 2.19 44.35
C ASP C 74 -42.68 3.67 44.76
N ALA C 75 -41.50 4.26 44.85
CA ALA C 75 -41.40 5.62 45.34
C ALA C 75 -41.97 6.70 44.38
N ALA C 76 -42.54 6.26 43.25
CA ALA C 76 -42.96 7.13 42.13
C ALA C 76 -41.92 8.19 41.64
N GLU C 77 -40.68 7.77 41.38
CA GLU C 77 -39.60 8.73 41.02
C GLU C 77 -39.14 8.64 39.55
N PRO C 78 -38.76 9.79 38.94
CA PRO C 78 -38.30 9.72 37.55
C PRO C 78 -37.05 8.89 37.39
N VAL C 79 -36.86 8.30 36.21
CA VAL C 79 -35.62 7.58 35.91
C VAL C 79 -34.99 8.08 34.63
N ILE C 80 -33.69 8.32 34.67
CA ILE C 80 -32.95 8.48 33.47
C ILE C 80 -32.19 7.18 33.41
N LEU C 81 -32.25 6.49 32.27
CA LEU C 81 -31.72 5.15 32.14
C LEU C 81 -30.86 5.04 30.89
N ASN C 82 -29.60 4.68 31.08
CA ASN C 82 -28.82 4.17 29.96
C ASN C 82 -28.57 2.67 30.21
N ALA C 83 -29.25 1.83 29.46
CA ALA C 83 -29.17 0.41 29.71
C ALA C 83 -27.94 -0.19 29.04
N GLY C 84 -27.23 0.61 28.23
CA GLY C 84 -26.19 0.07 27.40
C GLY C 84 -26.74 -1.05 26.52
N GLY C 85 -25.97 -2.16 26.46
CA GLY C 85 -26.34 -3.33 25.68
C GLY C 85 -27.68 -4.03 25.95
N LEU C 86 -28.29 -3.83 27.11
CA LEU C 86 -29.62 -4.42 27.35
C LEU C 86 -30.79 -3.65 26.67
N THR C 87 -30.50 -2.43 26.21
CA THR C 87 -31.44 -1.63 25.43
C THR C 87 -31.98 -2.42 24.26
N HIS C 88 -31.09 -3.14 23.57
CA HIS C 88 -31.44 -3.85 22.34
C HIS C 88 -31.96 -5.24 22.54
N THR C 89 -31.70 -5.82 23.70
CA THR C 89 -31.98 -7.24 23.91
C THR C 89 -32.97 -7.63 25.03
N SER C 90 -33.14 -6.80 26.06
CA SER C 90 -33.85 -7.24 27.27
C SER C 90 -35.33 -6.87 27.38
N VAL C 91 -36.18 -7.87 27.20
CA VAL C 91 -37.59 -7.66 27.39
C VAL C 91 -37.92 -7.52 28.89
N ALA C 92 -37.17 -8.24 29.74
CA ALA C 92 -37.36 -8.14 31.19
C ALA C 92 -37.29 -6.68 31.64
N LEU C 93 -36.27 -5.97 31.15
CA LEU C 93 -36.07 -4.57 31.48
C LEU C 93 -37.25 -3.71 31.08
N ARG C 94 -37.59 -3.75 29.80
CA ARG C 94 -38.74 -3.02 29.28
C ARG C 94 -39.95 -3.15 30.19
N ASP C 95 -40.36 -4.38 30.53
CA ASP C 95 -41.51 -4.63 31.44
C ASP C 95 -41.43 -3.99 32.83
N ALA C 96 -40.28 -4.12 33.47
CA ALA C 96 -40.03 -3.44 34.71
C ALA C 96 -40.25 -1.96 34.50
N CYS C 97 -39.77 -1.46 33.38
CA CYS C 97 -39.87 -0.03 33.13
C CYS C 97 -41.30 0.39 32.80
N ALA C 98 -42.08 -0.53 32.24
CA ALA C 98 -43.47 -0.24 31.87
C ALA C 98 -44.32 0.02 33.09
N GLU C 99 -43.73 -0.07 34.27
CA GLU C 99 -44.51 0.06 35.48
C GLU C 99 -44.34 1.41 36.19
N LEU C 100 -43.32 2.19 35.78
CA LEU C 100 -43.05 3.49 36.39
C LEU C 100 -44.19 4.52 36.16
N SER C 101 -44.63 5.14 37.24
CA SER C 101 -45.69 6.15 37.11
C SER C 101 -45.13 7.50 36.63
N ALA C 102 -43.84 7.74 36.91
CA ALA C 102 -43.18 9.04 36.67
C ALA C 102 -42.40 8.99 35.34
N PRO C 103 -41.93 10.13 34.82
CA PRO C 103 -41.37 10.03 33.46
C PRO C 103 -40.10 9.16 33.38
N LEU C 104 -39.99 8.37 32.31
CA LEU C 104 -38.79 7.61 32.03
C LEU C 104 -38.12 8.20 30.81
N ILE C 105 -36.83 8.51 30.94
CA ILE C 105 -36.08 9.11 29.85
C ILE C 105 -34.87 8.28 29.55
N GLU C 106 -34.83 7.72 28.35
CA GLU C 106 -33.81 6.81 27.87
C GLU C 106 -32.66 7.70 27.40
N VAL C 107 -31.42 7.37 27.75
CA VAL C 107 -30.29 8.21 27.31
C VAL C 107 -29.14 7.38 26.75
N HIS C 108 -28.54 7.85 25.66
CA HIS C 108 -27.39 7.17 25.06
C HIS C 108 -26.34 8.18 24.81
N ILE C 109 -25.11 7.88 25.22
CA ILE C 109 -23.95 8.76 24.96
C ILE C 109 -23.59 8.88 23.48
N SER C 110 -23.45 7.75 22.76
CA SER C 110 -23.11 7.81 21.32
C SER C 110 -24.37 7.87 20.46
N ASN C 111 -24.20 8.19 19.19
CA ASN C 111 -25.29 8.19 18.24
C ASN C 111 -25.51 6.77 17.73
N VAL C 112 -26.42 6.04 18.38
CA VAL C 112 -26.63 4.64 18.06
C VAL C 112 -27.02 4.45 16.60
N HIS C 113 -27.60 5.50 16.00
CA HIS C 113 -28.08 5.41 14.61
C HIS C 113 -27.00 5.41 13.57
N ALA C 114 -25.80 5.82 13.96
CA ALA C 114 -24.67 5.89 13.04
C ALA C 114 -23.76 4.66 13.15
N ARG C 115 -24.24 3.61 13.81
CA ARG C 115 -23.43 2.41 14.02
C ARG C 115 -24.04 1.14 13.44
N GLU C 116 -23.75 -0.02 14.04
CA GLU C 116 -24.28 -1.27 13.51
C GLU C 116 -25.82 -1.21 13.54
N GLU C 117 -26.44 -1.86 12.55
CA GLU C 117 -27.88 -1.94 12.47
C GLU C 117 -28.54 -2.31 13.80
N PHE C 118 -28.08 -3.39 14.43
CA PHE C 118 -28.75 -3.95 15.59
C PHE C 118 -28.90 -2.94 16.74
N ARG C 119 -28.15 -1.83 16.68
CA ARG C 119 -28.18 -0.80 17.72
C ARG C 119 -29.28 0.25 17.50
N ARG C 120 -29.89 0.22 16.33
CA ARG C 120 -30.89 1.21 15.98
C ARG C 120 -32.23 0.84 16.59
N HIS C 121 -32.44 -0.41 16.97
CA HIS C 121 -33.65 -0.78 17.69
C HIS C 121 -33.42 -0.93 19.18
N SER C 122 -34.44 -0.54 19.94
CA SER C 122 -34.44 -0.53 21.37
C SER C 122 -35.85 -0.95 21.91
N TYR C 123 -35.86 -1.71 23.00
CA TYR C 123 -37.12 -2.19 23.58
C TYR C 123 -37.70 -1.17 24.52
N LEU C 124 -36.88 -0.17 24.85
CA LEU C 124 -37.21 0.74 25.93
C LEU C 124 -38.03 1.89 25.44
N SER C 125 -37.61 2.49 24.33
CA SER C 125 -38.21 3.73 23.88
C SER C 125 -39.71 3.70 23.70
N PRO C 126 -40.29 2.57 23.23
CA PRO C 126 -41.75 2.58 23.05
C PRO C 126 -42.47 2.85 24.34
N ILE C 127 -41.85 2.50 25.45
CA ILE C 127 -42.48 2.72 26.75
C ILE C 127 -41.79 3.82 27.55
N ALA C 128 -40.97 4.63 26.88
CA ALA C 128 -40.29 5.74 27.56
C ALA C 128 -41.00 7.05 27.27
N THR C 129 -40.85 8.03 28.14
CA THR C 129 -41.36 9.37 27.88
C THR C 129 -40.63 9.98 26.67
N GLY C 130 -39.31 9.80 26.65
CA GLY C 130 -38.43 10.39 25.67
C GLY C 130 -37.06 9.74 25.63
N VAL C 131 -36.32 10.07 24.58
CA VAL C 131 -35.02 9.45 24.34
C VAL C 131 -34.10 10.54 23.87
N ILE C 132 -32.93 10.60 24.51
CA ILE C 132 -31.88 11.53 24.13
C ILE C 132 -30.72 10.69 23.70
N VAL C 133 -30.25 10.93 22.49
CA VAL C 133 -29.22 10.09 21.91
C VAL C 133 -28.21 10.94 21.19
N GLY C 134 -26.94 10.54 21.25
CA GLY C 134 -25.88 11.17 20.46
C GLY C 134 -25.31 12.43 21.10
N LEU C 135 -25.90 12.89 22.20
CA LEU C 135 -25.49 14.15 22.79
C LEU C 135 -24.31 14.02 23.81
N GLY C 136 -23.70 12.84 23.88
CA GLY C 136 -22.64 12.59 24.81
C GLY C 136 -23.15 12.78 26.22
N ILE C 137 -22.20 13.10 27.12
CA ILE C 137 -22.39 13.14 28.56
C ILE C 137 -23.52 14.11 28.96
N GLN C 138 -23.70 15.16 28.17
CA GLN C 138 -24.75 16.18 28.38
C GLN C 138 -26.18 15.62 28.34
N GLY C 139 -26.35 14.50 27.62
CA GLY C 139 -27.59 13.77 27.62
C GLY C 139 -28.18 13.76 29.01
N TYR C 140 -27.38 13.32 30.00
CA TYR C 140 -27.85 13.21 31.39
C TYR C 140 -28.30 14.56 31.98
N LEU C 141 -27.57 15.61 31.66
CA LEU C 141 -27.84 16.92 32.24
C LEU C 141 -29.05 17.56 31.58
N LEU C 142 -29.26 17.28 30.30
CA LEU C 142 -30.39 17.82 29.59
C LEU C 142 -31.68 17.14 30.05
N ALA C 143 -31.55 15.84 30.33
CA ALA C 143 -32.65 14.99 30.80
C ALA C 143 -33.10 15.45 32.19
N LEU C 144 -32.13 15.97 32.94
CA LEU C 144 -32.36 16.52 34.25
C LEU C 144 -33.15 17.77 34.10
N ARG C 145 -32.70 18.62 33.18
CA ARG C 145 -33.40 19.86 32.93
C ARG C 145 -34.84 19.59 32.53
N TYR C 146 -35.04 18.57 31.70
CA TYR C 146 -36.39 18.27 31.26
C TYR C 146 -37.25 18.02 32.49
N LEU C 147 -36.73 17.25 33.43
CA LEU C 147 -37.53 16.79 34.59
C LEU C 147 -37.84 17.94 35.57
N ALA C 148 -36.93 18.90 35.66
CA ALA C 148 -37.08 20.12 36.45
C ALA C 148 -38.28 20.96 36.00
N GLU C 149 -38.57 20.91 34.70
CA GLU C 149 -39.74 21.52 34.12
C GLU C 149 -41.00 20.71 34.19
N HIS C 150 -40.88 19.39 34.39
CA HIS C 150 -41.97 18.42 34.17
C HIS C 150 -42.60 18.52 32.78
N LEU D 10 -2.53 2.14 -23.77
CA LEU D 10 -2.45 1.06 -24.79
C LEU D 10 -3.62 0.02 -24.65
N ILE D 11 -3.49 -1.05 -23.85
CA ILE D 11 -4.39 -2.21 -23.97
C ILE D 11 -5.62 -2.25 -23.05
N VAL D 12 -6.78 -2.59 -23.62
CA VAL D 12 -7.98 -2.81 -22.80
C VAL D 12 -8.53 -4.25 -22.83
N ASN D 13 -8.64 -4.89 -21.68
CA ASN D 13 -9.25 -6.23 -21.67
C ASN D 13 -10.77 -6.22 -21.70
N VAL D 14 -11.39 -6.69 -22.79
CA VAL D 14 -12.86 -6.80 -22.79
C VAL D 14 -13.34 -8.23 -22.57
N ILE D 15 -14.01 -8.49 -21.44
CA ILE D 15 -14.32 -9.86 -21.06
C ILE D 15 -15.81 -10.14 -20.94
N ASN D 16 -16.27 -11.12 -21.68
CA ASN D 16 -17.67 -11.59 -21.59
C ASN D 16 -17.89 -12.98 -20.95
N GLY D 17 -18.87 -13.08 -20.06
CA GLY D 17 -19.15 -14.30 -19.28
C GLY D 17 -20.13 -15.24 -19.96
N PRO D 18 -20.65 -16.24 -19.21
CA PRO D 18 -21.64 -17.20 -19.68
C PRO D 18 -22.69 -16.61 -20.55
N ASN D 19 -22.79 -17.18 -21.75
CA ASN D 19 -23.94 -17.06 -22.63
C ASN D 19 -23.82 -15.98 -23.66
N LEU D 20 -22.82 -15.10 -23.49
CA LEU D 20 -22.62 -13.99 -24.41
C LEU D 20 -22.16 -14.45 -25.80
N GLY D 21 -21.66 -15.69 -25.88
CA GLY D 21 -21.34 -16.35 -27.16
C GLY D 21 -22.53 -16.46 -28.09
N ARG D 22 -23.74 -16.34 -27.53
CA ARG D 22 -25.02 -16.44 -28.26
C ARG D 22 -25.75 -15.12 -28.47
N LEU D 23 -25.00 -14.03 -28.36
CA LEU D 23 -25.56 -12.74 -28.56
C LEU D 23 -26.23 -12.70 -29.91
N GLY D 24 -27.47 -12.17 -29.92
CA GLY D 24 -28.17 -11.86 -31.15
C GLY D 24 -28.41 -13.10 -31.98
N ARG D 25 -27.74 -14.19 -31.62
CA ARG D 25 -28.02 -15.45 -32.28
C ARG D 25 -29.15 -16.16 -31.55
N ARG D 26 -29.97 -15.39 -30.83
CA ARG D 26 -31.16 -15.91 -30.13
C ARG D 26 -31.20 -15.56 -28.62
N GLU D 27 -32.31 -14.95 -28.23
CA GLU D 27 -33.32 -14.55 -29.20
C GLU D 27 -33.13 -13.05 -29.32
N PRO D 28 -34.14 -12.27 -28.88
CA PRO D 28 -34.28 -10.84 -28.97
C PRO D 28 -33.77 -10.07 -30.21
N ALA D 29 -33.85 -8.74 -30.24
CA ALA D 29 -34.80 -7.87 -29.48
C ALA D 29 -34.34 -7.29 -28.15
N VAL D 30 -34.57 -8.03 -27.06
CA VAL D 30 -34.06 -7.80 -25.70
C VAL D 30 -32.53 -7.55 -25.64
N TYR D 31 -31.74 -8.18 -26.51
CA TYR D 31 -30.28 -8.02 -26.55
C TYR D 31 -29.72 -7.57 -27.91
N GLY D 32 -30.56 -6.97 -28.77
CA GLY D 32 -30.17 -6.71 -30.18
C GLY D 32 -30.00 -7.93 -31.08
N GLY D 33 -29.65 -7.68 -32.34
CA GLY D 33 -29.49 -8.76 -33.32
C GLY D 33 -28.08 -8.85 -33.90
N THR D 34 -27.09 -8.56 -33.05
CA THR D 34 -25.69 -8.59 -33.42
C THR D 34 -24.96 -9.82 -32.83
N THR D 35 -24.17 -10.50 -33.64
CA THR D 35 -23.49 -11.68 -33.14
C THR D 35 -22.28 -11.28 -32.32
N HIS D 36 -21.89 -12.18 -31.42
CA HIS D 36 -20.71 -11.93 -30.63
C HIS D 36 -19.49 -11.64 -31.44
N ASP D 37 -19.25 -12.43 -32.50
CA ASP D 37 -18.18 -12.12 -33.47
C ASP D 37 -18.26 -10.71 -34.00
N GLU D 38 -19.43 -10.27 -34.43
CA GLU D 38 -19.57 -8.92 -34.95
C GLU D 38 -19.23 -7.92 -33.83
N LEU D 39 -19.72 -8.16 -32.60
CA LEU D 39 -19.36 -7.33 -31.43
C LEU D 39 -17.83 -7.18 -31.19
N VAL D 40 -17.13 -8.32 -31.24
CA VAL D 40 -15.66 -8.35 -31.19
C VAL D 40 -15.06 -7.35 -32.19
N ALA D 41 -15.57 -7.35 -33.42
CA ALA D 41 -15.15 -6.39 -34.43
C ALA D 41 -15.54 -4.95 -34.12
N LEU D 42 -16.81 -4.69 -33.79
CA LEU D 42 -17.21 -3.35 -33.36
C LEU D 42 -16.29 -2.75 -32.32
N ILE D 43 -15.99 -3.51 -31.26
CA ILE D 43 -15.23 -3.02 -30.13
C ILE D 43 -13.77 -2.74 -30.52
N GLU D 44 -13.23 -3.56 -31.42
CA GLU D 44 -11.83 -3.47 -31.83
C GLU D 44 -11.58 -2.28 -32.76
N ARG D 45 -12.51 -2.01 -33.65
CA ARG D 45 -12.34 -0.86 -34.54
C ARG D 45 -12.60 0.44 -33.76
N GLU D 46 -13.69 0.45 -32.99
CA GLU D 46 -13.90 1.52 -32.07
C GLU D 46 -12.68 1.79 -31.15
N ALA D 47 -12.01 0.74 -30.67
CA ALA D 47 -10.84 0.94 -29.81
C ALA D 47 -9.61 1.51 -30.55
N ALA D 48 -9.46 1.14 -31.83
CA ALA D 48 -8.40 1.65 -32.71
C ALA D 48 -8.60 3.12 -33.03
N GLU D 49 -9.81 3.53 -33.44
CA GLU D 49 -10.17 4.95 -33.66
C GLU D 49 -9.72 5.83 -32.50
N LEU D 50 -9.71 5.29 -31.28
CA LEU D 50 -9.37 6.05 -30.08
C LEU D 50 -7.89 5.90 -29.73
N GLY D 51 -7.17 5.12 -30.53
CA GLY D 51 -5.77 4.85 -30.25
C GLY D 51 -5.61 3.88 -29.09
N LEU D 52 -6.45 2.83 -29.04
CA LEU D 52 -6.31 1.78 -28.04
C LEU D 52 -6.38 0.41 -28.70
N LYS D 53 -5.92 -0.61 -28.00
CA LYS D 53 -5.92 -1.99 -28.48
C LYS D 53 -6.80 -2.81 -27.55
N ALA D 54 -7.86 -3.41 -28.06
CA ALA D 54 -8.75 -4.18 -27.20
C ALA D 54 -8.54 -5.66 -27.40
N VAL D 55 -8.52 -6.41 -26.30
CA VAL D 55 -8.51 -7.86 -26.34
C VAL D 55 -9.90 -8.34 -25.87
N VAL D 56 -10.63 -9.00 -26.77
CA VAL D 56 -12.02 -9.38 -26.53
C VAL D 56 -12.16 -10.91 -26.41
N ARG D 57 -12.59 -11.38 -25.25
CA ARG D 57 -12.68 -12.79 -24.97
C ARG D 57 -14.04 -13.10 -24.37
N GLN D 58 -14.60 -14.25 -24.75
CA GLN D 58 -15.85 -14.79 -24.20
C GLN D 58 -15.58 -16.18 -23.60
N SER D 59 -16.23 -16.52 -22.50
CA SER D 59 -16.15 -17.86 -21.98
C SER D 59 -17.32 -18.23 -21.09
N ASP D 60 -17.76 -19.49 -21.20
CA ASP D 60 -18.85 -19.94 -20.38
C ASP D 60 -18.27 -20.48 -19.09
N SER D 61 -16.93 -20.59 -19.05
CA SER D 61 -16.20 -21.17 -17.91
C SER D 61 -15.77 -20.15 -16.88
N GLU D 62 -16.28 -20.30 -15.67
CA GLU D 62 -15.85 -19.43 -14.60
C GLU D 62 -14.34 -19.50 -14.32
N ALA D 63 -13.72 -20.66 -14.50
CA ALA D 63 -12.28 -20.73 -14.26
C ALA D 63 -11.52 -19.87 -15.28
N GLN D 64 -11.91 -19.99 -16.55
CA GLN D 64 -11.41 -19.13 -17.60
C GLN D 64 -11.66 -17.61 -17.36
N LEU D 65 -12.84 -17.23 -16.90
CA LEU D 65 -13.02 -15.81 -16.61
C LEU D 65 -12.02 -15.41 -15.54
N LEU D 66 -12.01 -16.11 -14.40
CA LEU D 66 -11.07 -15.83 -13.31
C LEU D 66 -9.63 -15.71 -13.78
N ASP D 67 -9.24 -16.60 -14.67
CA ASP D 67 -7.92 -16.63 -15.25
C ASP D 67 -7.59 -15.34 -16.02
N TRP D 68 -8.45 -14.93 -16.93
CA TRP D 68 -8.23 -13.68 -17.64
C TRP D 68 -8.10 -12.48 -16.71
N ILE D 69 -9.02 -12.38 -15.75
CA ILE D 69 -8.96 -11.39 -14.65
C ILE D 69 -7.62 -11.35 -13.90
N HIS D 70 -7.11 -12.48 -13.38
CA HIS D 70 -5.79 -12.46 -12.71
C HIS D 70 -4.76 -11.79 -13.61
N GLN D 71 -4.72 -12.26 -14.86
CA GLN D 71 -3.86 -11.68 -15.84
C GLN D 71 -4.04 -10.17 -15.97
N ALA D 72 -5.30 -9.71 -16.05
CA ALA D 72 -5.51 -8.26 -16.17
C ALA D 72 -5.03 -7.59 -14.91
N ALA D 73 -5.14 -8.30 -13.79
CA ALA D 73 -4.71 -7.75 -12.52
C ALA D 73 -3.21 -7.60 -12.54
N ASP D 74 -2.54 -8.66 -12.98
CA ASP D 74 -1.06 -8.73 -12.99
C ASP D 74 -0.44 -7.77 -13.99
N ALA D 75 -1.10 -7.57 -15.11
CA ALA D 75 -0.63 -6.63 -16.11
C ALA D 75 -1.04 -5.18 -15.81
N ALA D 76 -1.88 -4.99 -14.80
CA ALA D 76 -2.47 -3.67 -14.49
C ALA D 76 -3.26 -3.05 -15.66
N GLU D 77 -3.92 -3.90 -16.43
CA GLU D 77 -4.68 -3.43 -17.56
C GLU D 77 -6.13 -3.24 -17.12
N PRO D 78 -6.86 -2.29 -17.73
CA PRO D 78 -8.32 -2.15 -17.50
C PRO D 78 -9.13 -3.35 -17.98
N VAL D 79 -10.18 -3.66 -17.25
CA VAL D 79 -11.15 -4.63 -17.71
C VAL D 79 -12.47 -3.91 -17.93
N ILE D 80 -13.08 -4.14 -19.08
CA ILE D 80 -14.48 -3.87 -19.27
C ILE D 80 -15.21 -5.21 -19.27
N LEU D 81 -16.07 -5.43 -18.27
CA LEU D 81 -16.59 -6.78 -17.98
C LEU D 81 -18.11 -6.95 -18.07
N ASN D 82 -18.53 -7.92 -18.85
CA ASN D 82 -19.91 -8.32 -18.77
C ASN D 82 -20.04 -9.79 -18.40
N ALA D 83 -20.38 -10.05 -17.14
CA ALA D 83 -20.22 -11.38 -16.64
C ALA D 83 -21.47 -12.21 -16.86
N GLY D 84 -22.50 -11.63 -17.45
CA GLY D 84 -23.71 -12.40 -17.79
C GLY D 84 -24.31 -13.10 -16.57
N GLY D 85 -24.64 -14.39 -16.70
CA GLY D 85 -25.23 -15.11 -15.57
C GLY D 85 -24.55 -14.91 -14.20
N LEU D 86 -23.21 -15.00 -14.21
CA LEU D 86 -22.35 -14.88 -13.03
C LEU D 86 -22.46 -13.57 -12.24
N THR D 87 -22.77 -12.48 -12.92
CA THR D 87 -22.98 -11.22 -12.23
C THR D 87 -23.84 -11.36 -11.00
N HIS D 88 -24.91 -12.15 -11.12
CA HIS D 88 -25.89 -12.27 -10.06
C HIS D 88 -25.58 -13.31 -9.01
N THR D 89 -24.54 -14.11 -9.25
CA THR D 89 -24.32 -15.26 -8.42
C THR D 89 -22.87 -15.47 -7.99
N SER D 90 -21.89 -14.93 -8.71
CA SER D 90 -20.50 -15.30 -8.39
C SER D 90 -19.74 -14.45 -7.36
N VAL D 91 -19.44 -15.04 -6.21
CA VAL D 91 -18.54 -14.41 -5.23
C VAL D 91 -17.06 -14.60 -5.61
N ALA D 92 -16.75 -15.78 -6.13
CA ALA D 92 -15.47 -16.08 -6.78
C ALA D 92 -15.05 -14.96 -7.75
N LEU D 93 -15.98 -14.55 -8.62
CA LEU D 93 -15.69 -13.52 -9.60
C LEU D 93 -15.46 -12.16 -8.97
N ARG D 94 -16.31 -11.80 -7.99
CA ARG D 94 -16.15 -10.55 -7.28
C ARG D 94 -14.81 -10.47 -6.59
N ASP D 95 -14.34 -11.58 -6.04
CA ASP D 95 -13.08 -11.52 -5.30
C ASP D 95 -11.89 -11.36 -6.25
N ALA D 96 -11.89 -12.10 -7.34
CA ALA D 96 -10.89 -11.88 -8.35
C ALA D 96 -10.96 -10.44 -8.81
N CYS D 97 -12.12 -9.93 -9.16
CA CYS D 97 -12.18 -8.55 -9.67
C CYS D 97 -11.71 -7.47 -8.71
N ALA D 98 -11.78 -7.72 -7.40
CA ALA D 98 -11.43 -6.73 -6.39
C ALA D 98 -9.95 -6.36 -6.40
N GLU D 99 -9.13 -7.25 -6.95
CA GLU D 99 -7.70 -7.06 -7.13
C GLU D 99 -7.36 -6.07 -8.20
N LEU D 100 -8.25 -5.87 -9.16
CA LEU D 100 -7.94 -4.91 -10.22
C LEU D 100 -7.74 -3.56 -9.60
N SER D 101 -6.56 -2.99 -9.79
CA SER D 101 -6.31 -1.62 -9.40
C SER D 101 -6.50 -0.63 -10.53
N ALA D 102 -6.27 -1.04 -11.77
CA ALA D 102 -6.72 -0.29 -12.92
C ALA D 102 -8.26 -0.22 -12.99
N PRO D 103 -8.86 0.69 -13.83
CA PRO D 103 -10.34 0.84 -13.83
C PRO D 103 -11.05 -0.41 -14.27
N LEU D 104 -12.14 -0.74 -13.58
CA LEU D 104 -13.02 -1.84 -13.94
C LEU D 104 -14.40 -1.25 -14.23
N ILE D 105 -14.89 -1.41 -15.46
CA ILE D 105 -16.26 -0.94 -15.77
C ILE D 105 -17.16 -2.09 -16.18
N GLU D 106 -18.26 -2.25 -15.48
CA GLU D 106 -19.15 -3.38 -15.69
C GLU D 106 -20.25 -3.00 -16.68
N VAL D 107 -20.50 -3.86 -17.67
CA VAL D 107 -21.45 -3.57 -18.77
C VAL D 107 -22.61 -4.60 -18.86
N HIS D 108 -23.81 -4.11 -19.20
CA HIS D 108 -24.94 -4.98 -19.54
C HIS D 108 -25.63 -4.49 -20.76
N ILE D 109 -25.95 -5.40 -21.65
CA ILE D 109 -26.59 -5.00 -22.86
C ILE D 109 -28.07 -4.62 -22.60
N SER D 110 -28.79 -5.45 -21.81
CA SER D 110 -30.22 -5.22 -21.49
C SER D 110 -30.40 -4.36 -20.24
N ASN D 111 -31.61 -3.89 -20.02
CA ASN D 111 -31.85 -3.14 -18.80
C ASN D 111 -32.24 -4.06 -17.69
N VAL D 112 -31.30 -4.38 -16.81
CA VAL D 112 -31.56 -5.42 -15.84
C VAL D 112 -32.70 -5.05 -14.93
N HIS D 113 -32.90 -3.75 -14.74
CA HIS D 113 -33.95 -3.29 -13.84
C HIS D 113 -35.32 -3.34 -14.44
N ALA D 114 -35.40 -3.74 -15.71
CA ALA D 114 -36.67 -3.91 -16.37
C ALA D 114 -37.07 -5.39 -16.39
N ARG D 115 -36.41 -6.21 -15.57
CA ARG D 115 -36.58 -7.65 -15.67
C ARG D 115 -36.77 -8.31 -14.30
N GLU D 116 -36.67 -9.64 -14.29
CA GLU D 116 -36.85 -10.41 -13.05
C GLU D 116 -35.98 -9.85 -11.91
N GLU D 117 -36.56 -9.82 -10.71
CA GLU D 117 -35.92 -9.21 -9.56
C GLU D 117 -34.47 -9.65 -9.31
N PHE D 118 -34.21 -10.96 -9.39
CA PHE D 118 -32.86 -11.49 -9.08
C PHE D 118 -31.76 -10.89 -9.96
N ARG D 119 -32.16 -10.25 -11.07
CA ARG D 119 -31.22 -9.66 -12.01
C ARG D 119 -30.83 -8.26 -11.61
N ARG D 120 -31.50 -7.74 -10.58
CA ARG D 120 -31.31 -6.37 -10.21
C ARG D 120 -30.26 -6.22 -9.16
N HIS D 121 -29.71 -7.32 -8.68
CA HIS D 121 -28.56 -7.26 -7.79
C HIS D 121 -27.36 -7.86 -8.47
N SER D 122 -26.19 -7.33 -8.14
CA SER D 122 -24.95 -7.85 -8.67
C SER D 122 -23.87 -7.79 -7.63
N TYR D 123 -23.08 -8.85 -7.54
CA TYR D 123 -21.96 -8.87 -6.62
C TYR D 123 -20.83 -7.98 -7.15
N LEU D 124 -20.84 -7.68 -8.45
CA LEU D 124 -19.77 -6.91 -9.10
C LEU D 124 -19.87 -5.40 -9.01
N SER D 125 -21.03 -4.82 -9.24
CA SER D 125 -21.21 -3.35 -9.13
C SER D 125 -20.45 -2.68 -7.97
N PRO D 126 -20.63 -3.17 -6.73
CA PRO D 126 -19.97 -2.49 -5.59
C PRO D 126 -18.45 -2.35 -5.64
N ILE D 127 -17.76 -3.05 -6.52
CA ILE D 127 -16.29 -2.90 -6.53
C ILE D 127 -15.83 -2.41 -7.91
N ALA D 128 -16.82 -2.19 -8.77
CA ALA D 128 -16.61 -1.65 -10.09
C ALA D 128 -16.41 -0.15 -9.98
N THR D 129 -15.70 0.44 -10.95
CA THR D 129 -15.59 1.90 -11.04
C THR D 129 -16.99 2.49 -11.30
N GLY D 130 -17.64 1.97 -12.33
CA GLY D 130 -18.98 2.37 -12.67
C GLY D 130 -19.65 1.26 -13.44
N VAL D 131 -20.93 1.45 -13.74
CA VAL D 131 -21.72 0.45 -14.43
C VAL D 131 -22.50 1.13 -15.56
N ILE D 132 -22.58 0.45 -16.70
CA ILE D 132 -23.50 0.84 -17.77
C ILE D 132 -24.47 -0.31 -18.03
N VAL D 133 -25.74 0.06 -18.06
CA VAL D 133 -26.85 -0.89 -18.18
C VAL D 133 -27.87 -0.42 -19.22
N GLY D 134 -28.19 -1.30 -20.16
CA GLY D 134 -29.32 -1.05 -21.05
C GLY D 134 -29.02 -0.24 -22.28
N LEU D 135 -27.78 0.15 -22.46
CA LEU D 135 -27.45 0.94 -23.61
C LEU D 135 -27.05 0.07 -24.82
N GLY D 136 -27.43 -1.20 -24.73
CA GLY D 136 -27.13 -2.22 -25.75
C GLY D 136 -25.65 -2.46 -25.95
N ILE D 137 -25.32 -2.92 -27.16
CA ILE D 137 -23.93 -3.10 -27.66
C ILE D 137 -23.05 -1.87 -27.45
N GLN D 138 -23.66 -0.69 -27.50
CA GLN D 138 -22.91 0.55 -27.35
C GLN D 138 -22.45 0.76 -25.89
N GLY D 139 -23.01 -0.01 -24.96
CA GLY D 139 -22.52 -0.01 -23.60
C GLY D 139 -21.02 -0.14 -23.65
N TYR D 140 -20.55 -1.17 -24.34
CA TYR D 140 -19.12 -1.46 -24.46
C TYR D 140 -18.23 -0.31 -25.00
N LEU D 141 -18.74 0.44 -25.99
CA LEU D 141 -18.02 1.54 -26.68
C LEU D 141 -17.86 2.77 -25.83
N LEU D 142 -18.91 3.08 -25.10
CA LEU D 142 -18.91 4.19 -24.16
C LEU D 142 -17.92 3.93 -23.01
N ALA D 143 -17.74 2.67 -22.61
CA ALA D 143 -16.76 2.35 -21.57
C ALA D 143 -15.33 2.55 -22.12
N LEU D 144 -15.16 2.22 -23.41
CA LEU D 144 -13.90 2.44 -24.10
C LEU D 144 -13.63 3.93 -24.21
N ARG D 145 -14.63 4.69 -24.60
CA ARG D 145 -14.46 6.12 -24.59
C ARG D 145 -14.09 6.66 -23.19
N TYR D 146 -14.83 6.24 -22.15
CA TYR D 146 -14.45 6.60 -20.76
C TYR D 146 -12.95 6.34 -20.51
N LEU D 147 -12.50 5.10 -20.71
CA LEU D 147 -11.09 4.82 -20.54
C LEU D 147 -10.21 5.80 -21.32
N ALA D 148 -10.60 6.19 -22.53
CA ALA D 148 -9.74 7.04 -23.36
C ALA D 148 -9.84 8.56 -23.12
N GLU D 149 -10.89 9.03 -22.48
CA GLU D 149 -10.91 10.45 -22.10
C GLU D 149 -10.09 10.68 -20.83
N HIS D 150 -9.92 9.64 -20.02
CA HIS D 150 -8.90 9.65 -18.96
C HIS D 150 -7.74 8.93 -19.59
N VAL D 151 -6.53 8.97 -19.02
CA VAL D 151 -5.28 8.63 -19.76
C VAL D 151 -4.37 9.83 -19.60
N GLY D 152 -3.13 9.63 -19.13
CA GLY D 152 -2.30 10.77 -18.69
C GLY D 152 -1.00 10.97 -19.44
N LEU E 10 -43.99 -37.16 44.06
CA LEU E 10 -43.10 -36.38 44.97
C LEU E 10 -42.97 -34.90 44.49
N ILE E 11 -41.76 -34.35 44.49
CA ILE E 11 -41.46 -32.90 44.32
C ILE E 11 -41.68 -32.32 42.91
N VAL E 12 -42.38 -31.20 42.86
CA VAL E 12 -42.57 -30.44 41.64
C VAL E 12 -42.07 -29.01 41.84
N ASN E 13 -41.15 -28.59 40.99
CA ASN E 13 -40.57 -27.25 41.04
C ASN E 13 -41.26 -26.15 40.25
N VAL E 14 -41.92 -25.23 40.93
CA VAL E 14 -42.59 -24.11 40.25
C VAL E 14 -41.61 -22.94 40.25
N ILE E 15 -41.27 -22.40 39.08
CA ILE E 15 -40.28 -21.29 39.03
C ILE E 15 -40.72 -20.06 38.22
N ASN E 16 -40.66 -18.88 38.83
CA ASN E 16 -41.01 -17.65 38.15
C ASN E 16 -39.83 -16.71 37.91
N GLY E 17 -39.84 -16.05 36.75
CA GLY E 17 -38.77 -15.16 36.36
C GLY E 17 -39.00 -13.70 36.64
N PRO E 18 -38.23 -12.83 35.99
CA PRO E 18 -38.26 -11.38 36.07
C PRO E 18 -39.65 -10.72 36.17
N ASN E 19 -39.74 -9.83 37.17
CA ASN E 19 -40.91 -8.98 37.47
C ASN E 19 -42.13 -9.70 38.10
N LEU E 20 -42.03 -11.00 38.31
CA LEU E 20 -43.13 -11.74 38.90
C LEU E 20 -43.23 -11.55 40.43
N GLY E 21 -42.17 -11.07 41.06
CA GLY E 21 -42.25 -10.67 42.44
C GLY E 21 -43.29 -9.58 42.57
N ARG E 22 -43.39 -8.74 41.52
CA ARG E 22 -44.28 -7.58 41.49
C ARG E 22 -45.78 -7.87 41.24
N LEU E 23 -46.14 -9.15 41.12
CA LEU E 23 -47.52 -9.58 40.95
C LEU E 23 -48.50 -8.94 41.95
N GLY E 24 -49.80 -9.06 41.69
CA GLY E 24 -50.84 -8.44 42.51
C GLY E 24 -50.68 -6.94 42.61
N ARG E 25 -49.64 -6.53 43.32
CA ARG E 25 -49.28 -5.13 43.56
C ARG E 25 -49.30 -4.30 42.28
N ARG E 26 -50.49 -3.80 41.94
CA ARG E 26 -50.78 -3.06 40.69
C ARG E 26 -50.00 -3.42 39.40
N GLU E 27 -50.75 -3.43 38.29
CA GLU E 27 -50.41 -3.99 36.98
C GLU E 27 -51.51 -5.03 36.63
N PRO E 28 -52.68 -4.96 37.32
CA PRO E 28 -53.64 -6.07 37.42
C PRO E 28 -54.75 -6.05 36.38
N ALA E 29 -54.69 -5.15 35.42
CA ALA E 29 -55.60 -5.15 34.28
C ALA E 29 -55.34 -6.38 33.40
N VAL E 30 -54.14 -6.93 33.53
CA VAL E 30 -53.66 -7.99 32.65
C VAL E 30 -52.99 -9.15 33.43
N TYR E 31 -52.62 -8.92 34.69
CA TYR E 31 -51.99 -9.97 35.52
C TYR E 31 -52.75 -10.36 36.81
N GLY E 32 -53.84 -9.66 37.15
CA GLY E 32 -54.67 -9.98 38.35
C GLY E 32 -54.27 -9.34 39.66
N GLY E 33 -55.12 -9.44 40.68
CA GLY E 33 -54.89 -8.79 41.98
C GLY E 33 -54.16 -9.63 43.03
N THR E 34 -53.66 -10.78 42.62
CA THR E 34 -53.04 -11.73 43.54
C THR E 34 -51.53 -11.51 43.74
N THR E 35 -51.11 -11.33 45.00
CA THR E 35 -49.69 -11.13 45.32
C THR E 35 -48.90 -12.44 45.17
N HIS E 36 -47.57 -12.35 45.16
CA HIS E 36 -46.76 -13.54 44.89
C HIS E 36 -46.76 -14.53 46.02
N ASP E 37 -46.77 -14.03 47.26
CA ASP E 37 -46.90 -14.93 48.40
C ASP E 37 -48.27 -15.63 48.48
N GLU E 38 -49.34 -14.99 48.03
CA GLU E 38 -50.64 -15.66 47.95
C GLU E 38 -50.58 -16.83 46.96
N LEU E 39 -49.95 -16.59 45.81
CA LEU E 39 -49.72 -17.59 44.75
C LEU E 39 -48.89 -18.75 45.28
N VAL E 40 -47.90 -18.45 46.11
CA VAL E 40 -47.08 -19.51 46.73
C VAL E 40 -47.97 -20.37 47.61
N ALA E 41 -48.61 -19.75 48.61
CA ALA E 41 -49.64 -20.42 49.42
C ALA E 41 -50.58 -21.30 48.59
N LEU E 42 -51.15 -20.71 47.56
CA LEU E 42 -52.16 -21.36 46.71
C LEU E 42 -51.68 -22.55 45.84
N ILE E 43 -50.44 -22.46 45.36
CA ILE E 43 -49.86 -23.57 44.60
C ILE E 43 -49.57 -24.73 45.56
N GLU E 44 -49.15 -24.40 46.79
CA GLU E 44 -48.87 -25.40 47.82
C GLU E 44 -50.15 -26.01 48.39
N ARG E 45 -51.14 -25.16 48.62
CA ARG E 45 -52.49 -25.61 49.00
C ARG E 45 -52.96 -26.69 48.04
N GLU E 46 -53.00 -26.38 46.75
CA GLU E 46 -53.47 -27.33 45.72
C GLU E 46 -52.53 -28.50 45.46
N ALA E 47 -51.24 -28.23 45.53
CA ALA E 47 -50.23 -29.27 45.33
C ALA E 47 -50.38 -30.39 46.34
N ALA E 48 -50.52 -30.00 47.61
CA ALA E 48 -50.78 -30.93 48.70
C ALA E 48 -52.05 -31.71 48.41
N GLU E 49 -53.13 -30.97 48.11
CA GLU E 49 -54.42 -31.60 47.86
C GLU E 49 -54.38 -32.55 46.65
N LEU E 50 -53.23 -32.64 45.99
CA LEU E 50 -53.01 -33.58 44.88
C LEU E 50 -52.00 -34.68 45.18
N GLY E 51 -51.39 -34.65 46.37
CA GLY E 51 -50.36 -35.61 46.76
C GLY E 51 -48.93 -35.12 46.54
N LEU E 52 -48.77 -34.09 45.71
CA LEU E 52 -47.46 -33.58 45.36
C LEU E 52 -46.94 -32.57 46.38
N LYS E 53 -45.64 -32.31 46.38
CA LYS E 53 -45.06 -31.23 47.19
C LYS E 53 -44.44 -30.12 46.34
N ALA E 54 -45.05 -28.95 46.34
CA ALA E 54 -44.55 -27.86 45.49
C ALA E 54 -43.34 -27.14 46.12
N VAL E 55 -42.39 -26.73 45.30
CA VAL E 55 -41.39 -25.80 45.75
C VAL E 55 -41.49 -24.62 44.79
N VAL E 56 -42.10 -23.54 45.26
CA VAL E 56 -42.26 -22.32 44.48
C VAL E 56 -41.17 -21.29 44.77
N ARG E 57 -40.46 -20.86 43.72
CA ARG E 57 -39.38 -19.88 43.84
C ARG E 57 -39.42 -18.83 42.76
N GLN E 58 -38.94 -17.63 43.09
CA GLN E 58 -38.95 -16.47 42.18
C GLN E 58 -37.58 -15.82 42.17
N SER E 59 -37.10 -15.43 40.99
CA SER E 59 -35.90 -14.58 40.89
C SER E 59 -35.90 -13.67 39.67
N ASP E 60 -35.25 -12.53 39.79
CA ASP E 60 -35.04 -11.62 38.66
C ASP E 60 -33.73 -11.97 37.94
N SER E 61 -33.01 -12.92 38.51
CA SER E 61 -31.68 -13.28 38.04
C SER E 61 -31.72 -14.50 37.12
N GLU E 62 -31.10 -14.37 35.96
CA GLU E 62 -31.00 -15.45 34.98
C GLU E 62 -30.20 -16.59 35.58
N ALA E 63 -29.09 -16.23 36.24
CA ALA E 63 -28.12 -17.21 36.74
C ALA E 63 -28.68 -18.04 37.89
N GLN E 64 -29.47 -17.39 38.73
CA GLN E 64 -30.25 -18.10 39.75
C GLN E 64 -31.28 -19.05 39.13
N LEU E 65 -32.05 -18.57 38.15
CA LEU E 65 -33.03 -19.43 37.44
C LEU E 65 -32.34 -20.65 36.86
N LEU E 66 -31.20 -20.45 36.20
CA LEU E 66 -30.46 -21.57 35.60
C LEU E 66 -30.06 -22.52 36.67
N ASP E 67 -29.60 -21.96 37.79
CA ASP E 67 -29.10 -22.77 38.88
C ASP E 67 -30.17 -23.66 39.45
N TRP E 68 -31.37 -23.12 39.58
CA TRP E 68 -32.52 -23.91 40.01
C TRP E 68 -32.88 -24.99 39.03
N ILE E 69 -32.81 -24.69 37.74
CA ILE E 69 -33.15 -25.63 36.66
C ILE E 69 -32.16 -26.79 36.65
N HIS E 70 -30.86 -26.48 36.80
CA HIS E 70 -29.84 -27.52 36.81
C HIS E 70 -30.08 -28.51 37.90
N GLN E 71 -30.47 -28.03 39.08
CA GLN E 71 -30.77 -28.87 40.27
C GLN E 71 -31.98 -29.80 40.11
N ALA E 72 -33.03 -29.30 39.46
CA ALA E 72 -34.13 -30.14 39.01
C ALA E 72 -33.64 -31.23 38.04
N ALA E 73 -32.66 -30.91 37.22
CA ALA E 73 -32.24 -31.84 36.20
C ALA E 73 -31.40 -32.97 36.84
N ASP E 74 -30.95 -32.75 38.07
CA ASP E 74 -30.18 -33.74 38.81
C ASP E 74 -31.14 -34.57 39.64
N ALA E 75 -32.04 -33.87 40.33
CA ALA E 75 -33.09 -34.48 41.11
C ALA E 75 -34.07 -35.24 40.23
N ALA E 76 -33.91 -35.10 38.90
CA ALA E 76 -34.90 -35.54 37.92
C ALA E 76 -36.32 -35.14 38.33
N GLU E 77 -36.50 -33.92 38.83
CA GLU E 77 -37.84 -33.38 39.17
C GLU E 77 -38.48 -32.58 37.99
N PRO E 78 -39.82 -32.50 37.99
CA PRO E 78 -40.52 -31.68 36.98
C PRO E 78 -40.41 -30.18 37.25
N VAL E 79 -40.55 -29.36 36.20
CA VAL E 79 -40.46 -27.93 36.34
C VAL E 79 -41.66 -27.28 35.67
N ILE E 80 -42.37 -26.47 36.45
CA ILE E 80 -43.34 -25.56 35.91
C ILE E 80 -42.65 -24.20 35.93
N LEU E 81 -42.55 -23.57 34.77
CA LEU E 81 -41.69 -22.41 34.57
C LEU E 81 -42.42 -21.26 33.92
N ASN E 82 -42.49 -20.15 34.62
CA ASN E 82 -42.94 -18.90 34.02
C ASN E 82 -41.80 -17.90 33.96
N ALA E 83 -41.10 -17.87 32.84
CA ALA E 83 -39.81 -17.22 32.82
C ALA E 83 -39.95 -15.74 32.55
N GLY E 84 -41.19 -15.25 32.59
CA GLY E 84 -41.48 -13.85 32.29
C GLY E 84 -40.86 -13.39 30.98
N GLY E 85 -40.10 -12.30 31.02
CA GLY E 85 -39.49 -11.75 29.82
C GLY E 85 -38.38 -12.59 29.17
N LEU E 86 -37.70 -13.43 29.95
CA LEU E 86 -36.55 -14.17 29.45
C LEU E 86 -36.99 -15.24 28.47
N THR E 87 -38.28 -15.54 28.50
CA THR E 87 -38.89 -16.53 27.59
C THR E 87 -38.51 -16.14 26.17
N HIS E 88 -38.44 -14.84 25.94
CA HIS E 88 -38.48 -14.31 24.61
C HIS E 88 -37.11 -14.11 24.08
N THR E 89 -36.09 -14.31 24.92
CA THR E 89 -34.73 -13.90 24.57
C THR E 89 -33.62 -14.88 24.98
N SER E 90 -33.80 -15.58 26.10
CA SER E 90 -32.80 -16.53 26.62
C SER E 90 -32.63 -17.90 25.91
N VAL E 91 -31.46 -18.14 25.31
CA VAL E 91 -31.09 -19.46 24.81
C VAL E 91 -30.41 -20.23 25.97
N ALA E 92 -29.74 -19.46 26.81
CA ALA E 92 -29.18 -20.01 28.02
C ALA E 92 -30.29 -20.71 28.80
N LEU E 93 -31.46 -20.08 28.92
CA LEU E 93 -32.57 -20.64 29.71
C LEU E 93 -33.16 -21.81 29.00
N ARG E 94 -33.33 -21.66 27.69
CA ARG E 94 -33.74 -22.75 26.82
C ARG E 94 -32.88 -24.01 26.98
N ASP E 95 -31.55 -23.86 26.91
CA ASP E 95 -30.60 -24.97 27.00
C ASP E 95 -30.60 -25.70 28.32
N ALA E 96 -30.70 -24.94 29.41
CA ALA E 96 -30.74 -25.49 30.74
C ALA E 96 -31.94 -26.38 30.90
N CYS E 97 -33.07 -25.99 30.29
CA CYS E 97 -34.31 -26.74 30.32
C CYS E 97 -34.28 -27.99 29.45
N ALA E 98 -33.48 -27.95 28.38
CA ALA E 98 -33.35 -29.08 27.47
C ALA E 98 -32.93 -30.38 28.13
N GLU E 99 -32.12 -30.30 29.19
CA GLU E 99 -31.66 -31.52 29.88
C GLU E 99 -32.70 -32.12 30.85
N LEU E 100 -33.68 -31.34 31.28
CA LEU E 100 -34.78 -31.87 32.08
C LEU E 100 -35.37 -33.18 31.50
N SER E 101 -35.39 -34.22 32.32
CA SER E 101 -35.94 -35.52 31.94
C SER E 101 -37.39 -35.74 32.38
N ALA E 102 -37.82 -35.05 33.42
CA ALA E 102 -39.22 -35.06 33.79
C ALA E 102 -39.94 -33.96 32.97
N PRO E 103 -41.28 -33.94 32.98
CA PRO E 103 -41.94 -32.93 32.14
C PRO E 103 -41.50 -31.52 32.45
N LEU E 104 -41.48 -30.65 31.45
CA LEU E 104 -41.37 -29.20 31.66
C LEU E 104 -42.64 -28.60 31.11
N ILE E 105 -43.28 -27.72 31.88
CA ILE E 105 -44.48 -27.05 31.41
C ILE E 105 -44.29 -25.55 31.39
N GLU E 106 -44.35 -24.98 30.19
CA GLU E 106 -44.30 -23.53 30.04
C GLU E 106 -45.65 -22.91 30.39
N VAL E 107 -45.66 -21.87 31.21
CA VAL E 107 -46.90 -21.25 31.70
C VAL E 107 -46.82 -19.74 31.72
N HIS E 108 -47.77 -19.04 31.08
CA HIS E 108 -47.90 -17.55 31.23
C HIS E 108 -49.23 -17.10 31.75
N ILE E 109 -49.23 -16.07 32.58
CA ILE E 109 -50.46 -15.60 33.19
C ILE E 109 -51.34 -14.81 32.20
N SER E 110 -50.72 -13.92 31.42
CA SER E 110 -51.40 -13.18 30.35
C SER E 110 -51.43 -14.03 29.10
N ASN E 111 -52.27 -13.63 28.14
CA ASN E 111 -52.30 -14.26 26.81
C ASN E 111 -51.29 -13.56 25.93
N VAL E 112 -50.10 -14.16 25.83
CA VAL E 112 -48.97 -13.57 25.10
C VAL E 112 -49.33 -13.29 23.64
N HIS E 113 -50.31 -14.01 23.12
CA HIS E 113 -50.67 -13.81 21.72
C HIS E 113 -51.51 -12.61 21.43
N ALA E 114 -51.97 -11.97 22.49
CA ALA E 114 -52.87 -10.82 22.42
C ALA E 114 -52.14 -9.49 22.66
N ARG E 115 -50.82 -9.48 22.54
CA ARG E 115 -50.06 -8.27 22.86
C ARG E 115 -49.01 -7.99 21.78
N GLU E 116 -47.92 -7.32 22.15
CA GLU E 116 -46.86 -7.00 21.20
C GLU E 116 -46.42 -8.26 20.44
N GLU E 117 -46.25 -8.08 19.14
CA GLU E 117 -45.70 -9.07 18.24
C GLU E 117 -44.51 -9.83 18.79
N PHE E 118 -43.56 -9.15 19.43
CA PHE E 118 -42.34 -9.84 19.90
C PHE E 118 -42.63 -10.94 20.94
N ARG E 119 -43.72 -10.75 21.71
CA ARG E 119 -44.12 -11.65 22.77
C ARG E 119 -44.67 -12.94 22.24
N ARG E 120 -44.96 -12.96 20.95
CA ARG E 120 -45.52 -14.15 20.30
C ARG E 120 -44.46 -15.22 19.98
N HIS E 121 -43.16 -14.88 20.07
CA HIS E 121 -42.11 -15.91 19.98
C HIS E 121 -41.54 -16.32 21.33
N SER E 122 -41.04 -17.55 21.42
CA SER E 122 -40.61 -18.15 22.66
C SER E 122 -39.57 -19.22 22.40
N TYR E 123 -38.42 -19.10 23.07
CA TYR E 123 -37.33 -20.02 22.86
C TYR E 123 -37.57 -21.27 23.64
N LEU E 124 -38.48 -21.21 24.60
CA LEU E 124 -38.75 -22.33 25.50
C LEU E 124 -39.74 -23.38 24.96
N SER E 125 -40.85 -22.90 24.41
CA SER E 125 -41.91 -23.78 23.92
C SER E 125 -41.35 -24.99 23.20
N PRO E 126 -40.45 -24.80 22.23
CA PRO E 126 -40.13 -25.97 21.41
C PRO E 126 -39.57 -27.15 22.19
N ILE E 127 -38.96 -26.89 23.34
CA ILE E 127 -38.30 -27.96 24.03
C ILE E 127 -39.01 -28.28 25.32
N ALA E 128 -40.25 -27.83 25.44
CA ALA E 128 -41.09 -28.13 26.61
C ALA E 128 -42.08 -29.21 26.25
N THR E 129 -42.87 -29.66 27.23
CA THR E 129 -43.90 -30.65 26.93
C THR E 129 -45.18 -29.97 26.43
N GLY E 130 -45.56 -28.88 27.09
CA GLY E 130 -46.72 -28.12 26.69
C GLY E 130 -46.66 -26.75 27.31
N VAL E 131 -47.62 -25.90 26.95
CA VAL E 131 -47.66 -24.51 27.39
C VAL E 131 -49.09 -24.12 27.78
N ILE E 132 -49.21 -23.27 28.80
CA ILE E 132 -50.49 -22.77 29.25
C ILE E 132 -50.40 -21.26 29.30
N VAL E 133 -51.30 -20.62 28.57
CA VAL E 133 -51.18 -19.22 28.30
C VAL E 133 -52.55 -18.55 28.46
N GLY E 134 -52.58 -17.44 29.17
CA GLY E 134 -53.81 -16.67 29.35
C GLY E 134 -54.90 -17.24 30.23
N LEU E 135 -54.59 -18.21 31.07
CA LEU E 135 -55.61 -18.74 31.97
C LEU E 135 -55.57 -18.05 33.34
N GLY E 136 -54.63 -17.14 33.49
CA GLY E 136 -54.34 -16.46 34.75
C GLY E 136 -53.45 -17.36 35.58
N ILE E 137 -53.33 -17.01 36.85
CA ILE E 137 -53.01 -17.96 37.93
C ILE E 137 -54.05 -19.07 37.77
N GLN E 138 -53.77 -20.27 38.23
CA GLN E 138 -54.63 -21.42 37.81
C GLN E 138 -53.99 -22.06 36.61
N GLY E 139 -53.44 -21.20 35.73
CA GLY E 139 -52.46 -21.62 34.76
C GLY E 139 -51.55 -22.59 35.48
N TYR E 140 -51.09 -22.18 36.66
CA TYR E 140 -50.24 -23.03 37.51
C TYR E 140 -50.94 -24.27 38.01
N LEU E 141 -52.17 -24.11 38.50
CA LEU E 141 -52.88 -25.21 39.14
C LEU E 141 -53.21 -26.30 38.15
N LEU E 142 -53.53 -25.89 36.93
CA LEU E 142 -53.78 -26.83 35.84
C LEU E 142 -52.53 -27.59 35.44
N ALA E 143 -51.36 -26.95 35.48
CA ALA E 143 -50.13 -27.66 35.15
C ALA E 143 -49.88 -28.69 36.22
N LEU E 144 -50.19 -28.34 37.47
CA LEU E 144 -50.07 -29.31 38.55
C LEU E 144 -51.01 -30.48 38.30
N ARG E 145 -52.23 -30.18 37.86
CA ARG E 145 -53.16 -31.26 37.60
C ARG E 145 -52.63 -32.21 36.54
N TYR E 146 -52.01 -31.66 35.49
CA TYR E 146 -51.40 -32.46 34.41
C TYR E 146 -50.40 -33.48 34.97
N LEU E 147 -49.45 -32.94 35.76
CA LEU E 147 -48.38 -33.70 36.40
C LEU E 147 -48.93 -34.83 37.26
N ALA E 148 -49.86 -34.53 38.16
CA ALA E 148 -50.48 -35.55 39.03
C ALA E 148 -51.02 -36.76 38.23
N GLU E 149 -51.69 -36.52 37.10
CA GLU E 149 -52.17 -37.61 36.26
C GLU E 149 -51.08 -38.32 35.43
N HIS E 150 -49.90 -37.69 35.32
CA HIS E 150 -48.88 -37.95 34.25
C HIS E 150 -49.45 -37.82 32.84
N LEU F 10 -0.63 -42.32 6.85
CA LEU F 10 -2.06 -42.01 6.54
C LEU F 10 -2.26 -40.58 5.99
N ILE F 11 -3.17 -40.48 5.00
CA ILE F 11 -3.20 -39.37 4.04
C ILE F 11 -4.30 -38.36 4.37
N VAL F 12 -3.97 -37.07 4.24
CA VAL F 12 -4.93 -35.96 4.42
C VAL F 12 -5.04 -35.12 3.15
N ASN F 13 -6.26 -34.77 2.76
CA ASN F 13 -6.44 -33.93 1.58
C ASN F 13 -6.67 -32.46 1.95
N VAL F 14 -5.76 -31.59 1.51
CA VAL F 14 -5.96 -30.16 1.66
C VAL F 14 -6.37 -29.58 0.31
N ILE F 15 -7.58 -29.06 0.25
CA ILE F 15 -8.14 -28.55 -1.01
C ILE F 15 -8.49 -27.07 -0.91
N ASN F 16 -7.78 -26.27 -1.70
CA ASN F 16 -8.04 -24.84 -1.80
C ASN F 16 -8.80 -24.49 -3.07
N GLY F 17 -9.82 -23.64 -2.95
CA GLY F 17 -10.59 -23.23 -4.13
C GLY F 17 -10.25 -21.87 -4.69
N PRO F 18 -11.12 -21.32 -5.55
CA PRO F 18 -10.80 -20.14 -6.38
C PRO F 18 -10.15 -18.99 -5.62
N ASN F 19 -9.22 -18.33 -6.31
CA ASN F 19 -8.43 -17.20 -5.78
C ASN F 19 -7.26 -17.52 -4.85
N LEU F 20 -7.32 -18.70 -4.25
CA LEU F 20 -6.36 -19.06 -3.23
C LEU F 20 -4.97 -19.33 -3.82
N GLY F 21 -4.91 -19.58 -5.14
CA GLY F 21 -3.65 -19.76 -5.89
C GLY F 21 -2.78 -18.51 -5.91
N ARG F 22 -3.38 -17.38 -5.65
CA ARG F 22 -2.65 -16.16 -5.45
C ARG F 22 -2.80 -15.62 -4.02
N LEU F 23 -2.42 -16.43 -3.05
CA LEU F 23 -2.09 -15.93 -1.73
C LEU F 23 -0.82 -15.12 -1.86
N GLY F 24 -0.66 -14.16 -0.94
CA GLY F 24 0.60 -13.42 -0.79
C GLY F 24 0.89 -12.47 -1.95
N ARG F 25 0.48 -12.85 -3.16
CA ARG F 25 0.56 -11.97 -4.33
C ARG F 25 -0.41 -10.79 -4.16
N ARG F 26 -1.16 -10.80 -3.06
CA ARG F 26 -2.08 -9.71 -2.75
C ARG F 26 -2.30 -9.51 -1.25
N GLU F 27 -2.68 -8.28 -0.90
CA GLU F 27 -3.31 -7.94 0.38
C GLU F 27 -2.63 -8.54 1.61
N PRO F 28 -1.37 -8.12 1.94
CA PRO F 28 -0.81 -8.65 3.18
C PRO F 28 -1.73 -8.45 4.40
N ALA F 29 -2.70 -7.55 4.27
CA ALA F 29 -3.59 -7.12 5.37
C ALA F 29 -4.68 -8.13 5.75
N VAL F 30 -5.40 -8.65 4.74
CA VAL F 30 -6.56 -9.57 4.95
C VAL F 30 -6.15 -11.05 5.06
N TYR F 31 -5.18 -11.47 4.23
CA TYR F 31 -4.54 -12.78 4.33
C TYR F 31 -3.05 -12.57 4.60
N GLY F 32 -2.28 -13.65 4.78
CA GLY F 32 -0.87 -13.51 5.13
C GLY F 32 -0.01 -12.92 4.03
N GLY F 33 1.29 -12.78 4.32
CA GLY F 33 2.28 -12.54 3.27
C GLY F 33 2.84 -13.85 2.74
N THR F 34 2.03 -14.90 2.75
CA THR F 34 2.50 -16.25 2.43
C THR F 34 1.97 -16.70 1.07
N THR F 35 2.85 -17.21 0.20
CA THR F 35 2.44 -17.64 -1.15
C THR F 35 1.84 -19.03 -1.10
N HIS F 36 1.32 -19.52 -2.22
CA HIS F 36 0.73 -20.85 -2.20
C HIS F 36 1.76 -21.93 -2.02
N ASP F 37 2.87 -21.86 -2.75
CA ASP F 37 3.95 -22.84 -2.63
C ASP F 37 4.62 -22.80 -1.27
N GLU F 38 4.80 -21.61 -0.73
CA GLU F 38 5.30 -21.47 0.63
C GLU F 38 4.39 -22.19 1.60
N LEU F 39 3.07 -22.10 1.37
CA LEU F 39 2.05 -22.74 2.21
C LEU F 39 2.00 -24.25 2.04
N VAL F 40 2.33 -24.70 0.84
CA VAL F 40 2.28 -26.11 0.50
C VAL F 40 3.43 -26.77 1.22
N ALA F 41 4.58 -26.10 1.15
CA ALA F 41 5.80 -26.54 1.82
C ALA F 41 5.54 -26.58 3.33
N LEU F 42 5.04 -25.47 3.84
CA LEU F 42 4.57 -25.32 5.21
C LEU F 42 3.59 -26.42 5.68
N ILE F 43 2.60 -26.76 4.84
CA ILE F 43 1.64 -27.80 5.19
C ILE F 43 2.26 -29.21 5.15
N GLU F 44 2.96 -29.54 4.07
CA GLU F 44 3.58 -30.83 3.94
C GLU F 44 4.48 -31.14 5.12
N ARG F 45 5.22 -30.12 5.57
CA ARG F 45 6.25 -30.29 6.61
C ARG F 45 5.65 -30.63 7.96
N GLU F 46 4.85 -29.70 8.48
CA GLU F 46 4.08 -29.92 9.70
C GLU F 46 3.24 -31.23 9.64
N ALA F 47 2.73 -31.58 8.46
CA ALA F 47 2.04 -32.83 8.31
C ALA F 47 2.97 -33.97 8.68
N ALA F 48 4.20 -33.96 8.16
CA ALA F 48 5.14 -35.06 8.42
C ALA F 48 5.45 -35.15 9.91
N GLU F 49 5.70 -34.01 10.53
CA GLU F 49 5.92 -33.91 11.97
C GLU F 49 4.83 -34.69 12.77
N LEU F 50 3.58 -34.57 12.38
CA LEU F 50 2.53 -35.25 13.09
C LEU F 50 2.29 -36.66 12.63
N GLY F 51 3.10 -37.15 11.69
CA GLY F 51 2.88 -38.45 11.07
C GLY F 51 1.68 -38.58 10.11
N LEU F 52 1.51 -37.62 9.21
CA LEU F 52 0.46 -37.71 8.20
C LEU F 52 1.05 -37.47 6.81
N LYS F 53 0.22 -37.62 5.78
CA LYS F 53 0.64 -37.27 4.44
C LYS F 53 -0.31 -36.22 3.83
N ALA F 54 0.15 -34.98 3.82
CA ALA F 54 -0.62 -33.91 3.23
C ALA F 54 -0.53 -33.95 1.70
N VAL F 55 -1.67 -33.74 1.05
CA VAL F 55 -1.70 -33.53 -0.36
C VAL F 55 -2.48 -32.24 -0.61
N VAL F 56 -1.75 -31.14 -0.72
CA VAL F 56 -2.33 -29.82 -0.90
C VAL F 56 -2.53 -29.52 -2.38
N ARG F 57 -3.72 -29.06 -2.75
CA ARG F 57 -4.08 -28.91 -4.15
C ARG F 57 -5.04 -27.73 -4.32
N GLN F 58 -4.76 -26.87 -5.30
CA GLN F 58 -5.52 -25.64 -5.54
C GLN F 58 -6.12 -25.57 -6.94
N SER F 59 -7.36 -25.11 -7.03
CA SER F 59 -8.01 -24.95 -8.32
C SER F 59 -9.04 -23.87 -8.29
N ASP F 60 -9.18 -23.19 -9.42
CA ASP F 60 -10.15 -22.13 -9.58
C ASP F 60 -11.41 -22.72 -10.18
N SER F 61 -11.45 -24.04 -10.31
CA SER F 61 -12.50 -24.72 -11.06
C SER F 61 -13.41 -25.58 -10.19
N GLU F 62 -14.69 -25.25 -10.11
CA GLU F 62 -15.63 -26.07 -9.37
C GLU F 62 -15.59 -27.56 -9.78
N ALA F 63 -15.46 -27.84 -11.08
CA ALA F 63 -15.53 -29.21 -11.61
C ALA F 63 -14.36 -30.01 -11.10
N GLN F 64 -13.23 -29.34 -10.98
CA GLN F 64 -11.98 -29.93 -10.55
C GLN F 64 -11.99 -30.13 -9.03
N LEU F 65 -12.43 -29.11 -8.30
CA LEU F 65 -12.71 -29.27 -6.89
C LEU F 65 -13.62 -30.45 -6.64
N LEU F 66 -14.65 -30.61 -7.47
CA LEU F 66 -15.63 -31.65 -7.25
C LEU F 66 -14.98 -33.00 -7.36
N ASP F 67 -14.16 -33.17 -8.38
CA ASP F 67 -13.51 -34.45 -8.57
C ASP F 67 -12.43 -34.82 -7.50
N TRP F 68 -11.65 -33.86 -7.03
CA TRP F 68 -10.83 -34.12 -5.83
C TRP F 68 -11.63 -34.60 -4.62
N ILE F 69 -12.77 -33.97 -4.36
CA ILE F 69 -13.67 -34.46 -3.31
C ILE F 69 -14.16 -35.89 -3.60
N HIS F 70 -14.52 -36.20 -4.85
CA HIS F 70 -14.93 -37.56 -5.19
C HIS F 70 -13.85 -38.54 -4.83
N GLN F 71 -12.63 -38.31 -5.33
CA GLN F 71 -11.54 -39.22 -5.04
C GLN F 71 -11.35 -39.49 -3.54
N ALA F 72 -11.39 -38.43 -2.75
CA ALA F 72 -11.27 -38.52 -1.29
C ALA F 72 -12.42 -39.25 -0.62
N ALA F 73 -13.57 -39.33 -1.26
CA ALA F 73 -14.69 -39.97 -0.64
C ALA F 73 -14.49 -41.46 -0.80
N ASP F 74 -14.03 -41.84 -1.97
CA ASP F 74 -13.73 -43.24 -2.28
C ASP F 74 -12.56 -43.76 -1.44
N ALA F 75 -11.44 -43.04 -1.48
CA ALA F 75 -10.27 -43.37 -0.70
C ALA F 75 -10.54 -43.32 0.81
N ALA F 76 -11.74 -42.90 1.20
CA ALA F 76 -12.14 -42.69 2.62
C ALA F 76 -11.18 -41.86 3.46
N GLU F 77 -10.46 -40.95 2.81
CA GLU F 77 -9.56 -39.98 3.46
C GLU F 77 -10.22 -38.74 4.08
N PRO F 78 -9.51 -38.05 4.99
CA PRO F 78 -9.97 -36.72 5.45
C PRO F 78 -9.72 -35.59 4.45
N VAL F 79 -10.30 -34.43 4.74
CA VAL F 79 -10.28 -33.27 3.85
C VAL F 79 -10.33 -31.96 4.66
N ILE F 80 -9.35 -31.10 4.39
CA ILE F 80 -9.34 -29.74 4.92
C ILE F 80 -9.68 -28.93 3.70
N LEU F 81 -10.81 -28.24 3.77
CA LEU F 81 -11.35 -27.55 2.62
C LEU F 81 -11.45 -26.06 2.90
N ASN F 82 -10.75 -25.27 2.07
CA ASN F 82 -11.03 -23.85 1.91
C ASN F 82 -11.60 -23.58 0.49
N ALA F 83 -12.92 -23.52 0.37
CA ALA F 83 -13.59 -23.41 -0.92
C ALA F 83 -13.53 -22.02 -1.59
N GLY F 84 -13.10 -21.00 -0.86
CA GLY F 84 -13.13 -19.64 -1.42
C GLY F 84 -14.56 -19.16 -1.44
N GLY F 85 -14.91 -18.38 -2.47
CA GLY F 85 -16.24 -17.77 -2.58
C GLY F 85 -17.33 -18.80 -2.77
N LEU F 86 -16.95 -19.99 -3.27
CA LEU F 86 -17.89 -21.07 -3.50
C LEU F 86 -18.51 -21.51 -2.18
N THR F 87 -17.78 -21.29 -1.10
CA THR F 87 -18.30 -21.50 0.24
C THR F 87 -19.69 -20.92 0.42
N HIS F 88 -19.91 -19.77 -0.18
CA HIS F 88 -21.16 -19.01 -0.01
C HIS F 88 -22.13 -19.22 -1.14
N THR F 89 -21.71 -19.91 -2.20
CA THR F 89 -22.56 -19.98 -3.37
C THR F 89 -22.92 -21.40 -3.80
N SER F 90 -22.07 -22.39 -3.51
CA SER F 90 -22.12 -23.68 -4.23
C SER F 90 -22.78 -24.89 -3.53
N VAL F 91 -24.05 -25.15 -3.87
CA VAL F 91 -24.79 -26.31 -3.38
C VAL F 91 -24.15 -27.60 -3.88
N ALA F 92 -23.65 -27.58 -5.13
CA ALA F 92 -22.89 -28.70 -5.71
C ALA F 92 -21.68 -29.08 -4.87
N LEU F 93 -20.87 -28.10 -4.51
CA LEU F 93 -19.79 -28.33 -3.58
C LEU F 93 -20.28 -28.97 -2.24
N ARG F 94 -21.27 -28.34 -1.61
CA ARG F 94 -21.92 -28.92 -0.44
C ARG F 94 -22.32 -30.39 -0.64
N ASP F 95 -22.94 -30.69 -1.77
CA ASP F 95 -23.41 -32.05 -1.99
C ASP F 95 -22.34 -33.13 -2.18
N ALA F 96 -21.22 -32.75 -2.82
CA ALA F 96 -20.06 -33.65 -2.97
C ALA F 96 -19.41 -33.95 -1.62
N CYS F 97 -19.33 -32.92 -0.78
CA CYS F 97 -18.78 -33.08 0.55
C CYS F 97 -19.64 -33.93 1.47
N ALA F 98 -20.96 -33.88 1.30
CA ALA F 98 -21.92 -34.60 2.16
C ALA F 98 -21.63 -36.09 2.23
N GLU F 99 -20.92 -36.57 1.22
CA GLU F 99 -20.68 -37.99 1.02
C GLU F 99 -19.38 -38.45 1.71
N LEU F 100 -18.50 -37.53 2.07
CA LEU F 100 -17.22 -37.90 2.69
C LEU F 100 -17.45 -38.61 3.98
N SER F 101 -16.74 -39.71 4.15
CA SER F 101 -16.84 -40.53 5.37
C SER F 101 -15.84 -40.08 6.44
N ALA F 102 -14.65 -39.64 6.02
CA ALA F 102 -13.71 -39.09 6.99
C ALA F 102 -14.17 -37.69 7.42
N PRO F 103 -13.54 -37.12 8.48
CA PRO F 103 -13.97 -35.76 8.82
C PRO F 103 -13.74 -34.78 7.68
N LEU F 104 -14.61 -33.78 7.62
CA LEU F 104 -14.48 -32.61 6.76
C LEU F 104 -14.36 -31.39 7.67
N ILE F 105 -13.38 -30.55 7.37
CA ILE F 105 -13.03 -29.36 8.15
C ILE F 105 -12.84 -28.16 7.23
N GLU F 106 -13.59 -27.10 7.49
CA GLU F 106 -13.67 -25.94 6.61
C GLU F 106 -12.71 -24.97 7.21
N VAL F 107 -11.88 -24.36 6.38
CA VAL F 107 -10.88 -23.43 6.87
C VAL F 107 -10.95 -22.09 6.14
N HIS F 108 -10.83 -21.02 6.91
CA HIS F 108 -10.81 -19.70 6.32
C HIS F 108 -9.75 -18.84 6.87
N ILE F 109 -8.85 -18.44 6.01
CA ILE F 109 -7.80 -17.56 6.42
C ILE F 109 -8.35 -16.30 7.14
N SER F 110 -9.25 -15.55 6.52
CA SER F 110 -9.80 -14.36 7.16
C SER F 110 -10.97 -14.65 8.13
N ASN F 111 -11.34 -13.69 8.98
CA ASN F 111 -12.56 -13.86 9.79
C ASN F 111 -13.71 -13.33 8.98
N VAL F 112 -14.33 -14.22 8.22
CA VAL F 112 -15.41 -13.85 7.30
C VAL F 112 -16.51 -13.05 8.00
N HIS F 113 -16.68 -13.34 9.29
CA HIS F 113 -17.73 -12.72 10.06
C HIS F 113 -17.50 -11.29 10.31
N ALA F 114 -16.34 -10.80 9.94
CA ALA F 114 -16.05 -9.38 10.07
C ALA F 114 -16.12 -8.65 8.73
N ARG F 115 -16.85 -9.19 7.76
CA ARG F 115 -16.88 -8.55 6.44
C ARG F 115 -18.31 -8.30 5.94
N GLU F 116 -18.54 -8.47 4.65
CA GLU F 116 -19.86 -8.31 4.07
C GLU F 116 -20.83 -9.40 4.57
N GLU F 117 -22.05 -9.03 4.96
CA GLU F 117 -23.02 -10.02 5.47
C GLU F 117 -23.16 -11.26 4.58
N PHE F 118 -22.99 -11.10 3.26
CA PHE F 118 -22.99 -12.24 2.34
C PHE F 118 -21.87 -13.26 2.57
N ARG F 119 -20.80 -12.86 3.26
CA ARG F 119 -19.68 -13.78 3.53
C ARG F 119 -19.93 -14.60 4.78
N ARG F 120 -21.04 -14.31 5.46
CA ARG F 120 -21.37 -14.86 6.78
C ARG F 120 -22.29 -16.07 6.71
N HIS F 121 -22.56 -16.52 5.49
CA HIS F 121 -23.30 -17.77 5.25
C HIS F 121 -22.52 -18.73 4.35
N SER F 122 -22.48 -19.98 4.76
CA SER F 122 -21.87 -21.03 3.96
C SER F 122 -22.78 -22.26 3.84
N TYR F 123 -22.72 -22.88 2.67
CA TYR F 123 -23.46 -24.08 2.43
C TYR F 123 -22.67 -25.26 2.96
N LEU F 124 -21.40 -25.03 3.23
CA LEU F 124 -20.51 -26.12 3.59
C LEU F 124 -20.64 -26.52 5.04
N SER F 125 -20.76 -25.51 5.89
CA SER F 125 -20.58 -25.69 7.31
C SER F 125 -21.51 -26.71 7.92
N PRO F 126 -22.81 -26.64 7.60
CA PRO F 126 -23.69 -27.57 8.29
C PRO F 126 -23.35 -29.04 8.11
N ILE F 127 -22.62 -29.40 7.08
CA ILE F 127 -22.23 -30.79 6.91
C ILE F 127 -20.76 -31.06 7.30
N ALA F 128 -20.06 -30.10 7.89
CA ALA F 128 -18.65 -30.31 8.21
C ALA F 128 -18.45 -30.82 9.66
N THR F 129 -17.36 -31.54 9.92
CA THR F 129 -17.04 -31.90 11.30
C THR F 129 -16.93 -30.61 12.11
N GLY F 130 -16.25 -29.61 11.56
CA GLY F 130 -16.13 -28.33 12.24
C GLY F 130 -15.63 -27.23 11.33
N VAL F 131 -15.42 -26.05 11.86
CA VAL F 131 -14.99 -24.93 11.03
C VAL F 131 -13.93 -24.16 11.80
N ILE F 132 -12.88 -23.73 11.08
CA ILE F 132 -11.87 -22.84 11.65
C ILE F 132 -11.83 -21.57 10.80
N VAL F 133 -11.99 -20.44 11.46
CA VAL F 133 -12.09 -19.19 10.74
C VAL F 133 -11.16 -18.15 11.32
N GLY F 134 -10.56 -17.34 10.44
CA GLY F 134 -9.91 -16.12 10.87
C GLY F 134 -8.62 -16.31 11.62
N LEU F 135 -8.04 -17.49 11.51
CA LEU F 135 -6.76 -17.71 12.15
C LEU F 135 -5.61 -17.82 11.13
N GLY F 136 -5.72 -17.11 10.01
CA GLY F 136 -4.61 -17.03 9.07
C GLY F 136 -4.20 -18.38 8.50
N ILE F 137 -2.96 -18.46 8.02
CA ILE F 137 -2.42 -19.65 7.43
C ILE F 137 -2.44 -20.79 8.43
N GLN F 138 -2.34 -20.46 9.72
CA GLN F 138 -2.19 -21.45 10.78
C GLN F 138 -3.42 -22.33 10.99
N GLY F 139 -4.58 -21.78 10.65
CA GLY F 139 -5.83 -22.55 10.62
C GLY F 139 -5.75 -23.91 9.93
N TYR F 140 -4.90 -24.05 8.92
CA TYR F 140 -4.69 -25.36 8.28
C TYR F 140 -3.84 -26.27 9.18
N LEU F 141 -2.77 -25.72 9.76
CA LEU F 141 -1.93 -26.50 10.69
C LEU F 141 -2.72 -26.96 11.92
N LEU F 142 -3.58 -26.11 12.49
CA LEU F 142 -4.49 -26.57 13.56
C LEU F 142 -5.50 -27.65 13.09
N ALA F 143 -6.02 -27.49 11.88
CA ALA F 143 -6.83 -28.55 11.26
C ALA F 143 -6.07 -29.88 11.21
N LEU F 144 -4.79 -29.85 10.84
CA LEU F 144 -4.01 -31.08 10.81
C LEU F 144 -3.93 -31.71 12.18
N ARG F 145 -3.74 -30.86 13.21
CA ARG F 145 -3.67 -31.37 14.56
C ARG F 145 -4.94 -32.06 14.98
N TYR F 146 -6.10 -31.53 14.58
CA TYR F 146 -7.36 -32.17 14.97
C TYR F 146 -7.44 -33.58 14.40
N LEU F 147 -7.00 -33.73 13.15
CA LEU F 147 -7.07 -35.00 12.47
C LEU F 147 -6.05 -35.97 13.02
N ALA F 148 -4.82 -35.51 13.23
CA ALA F 148 -3.81 -36.37 13.87
C ALA F 148 -4.44 -37.00 15.10
N GLU F 149 -5.34 -36.27 15.74
CA GLU F 149 -6.00 -36.71 16.97
C GLU F 149 -7.33 -37.47 16.78
N HIS F 150 -8.13 -37.04 15.81
CA HIS F 150 -9.50 -37.57 15.53
C HIS F 150 -10.58 -37.06 16.49
N LEU G 10 -36.51 -38.59 -34.01
CA LEU G 10 -36.22 -37.50 -33.06
C LEU G 10 -35.18 -37.91 -31.99
N ILE G 11 -34.14 -37.10 -31.92
CA ILE G 11 -33.16 -37.18 -30.87
C ILE G 11 -33.74 -36.53 -29.63
N VAL G 12 -33.32 -37.01 -28.47
CA VAL G 12 -33.63 -36.36 -27.20
C VAL G 12 -32.33 -36.20 -26.41
N ASN G 13 -32.10 -35.03 -25.85
CA ASN G 13 -30.94 -34.88 -25.00
C ASN G 13 -31.29 -35.07 -23.55
N VAL G 14 -30.63 -36.02 -22.90
CA VAL G 14 -30.71 -36.13 -21.46
C VAL G 14 -29.38 -35.60 -20.97
N ILE G 15 -29.43 -34.58 -20.13
CA ILE G 15 -28.24 -34.00 -19.54
C ILE G 15 -28.26 -34.06 -18.00
N ASN G 16 -27.15 -34.55 -17.46
CA ASN G 16 -26.98 -34.71 -16.04
C ASN G 16 -25.82 -33.88 -15.50
N GLY G 17 -26.12 -33.04 -14.52
CA GLY G 17 -25.13 -32.14 -13.93
C GLY G 17 -24.33 -32.71 -12.77
N PRO G 18 -23.68 -31.82 -12.00
CA PRO G 18 -22.70 -32.13 -10.97
C PRO G 18 -23.20 -33.14 -9.96
N ASN G 19 -22.34 -34.12 -9.67
CA ASN G 19 -22.62 -35.20 -8.71
C ASN G 19 -23.46 -36.34 -9.23
N LEU G 20 -23.87 -36.29 -10.49
CA LEU G 20 -24.67 -37.38 -10.97
C LEU G 20 -23.81 -38.51 -11.47
N GLY G 21 -22.50 -38.25 -11.61
CA GLY G 21 -21.55 -39.30 -12.02
C GLY G 21 -21.45 -40.36 -10.93
N ARG G 22 -21.30 -39.88 -9.70
CA ARG G 22 -21.54 -40.63 -8.46
C ARG G 22 -22.98 -41.07 -8.58
N LEU G 23 -23.48 -42.00 -7.79
CA LEU G 23 -24.81 -42.54 -8.13
C LEU G 23 -24.64 -43.81 -8.92
N GLY G 24 -25.31 -44.88 -8.47
CA GLY G 24 -25.79 -44.97 -7.10
C GLY G 24 -24.67 -45.58 -6.29
N ARG G 25 -23.54 -44.89 -6.24
CA ARG G 25 -22.45 -45.23 -5.38
C ARG G 25 -22.66 -44.65 -4.00
N ARG G 26 -23.48 -43.62 -3.87
CA ARG G 26 -23.77 -43.11 -2.54
C ARG G 26 -25.21 -42.67 -2.27
N GLU G 27 -25.61 -42.83 -1.02
CA GLU G 27 -26.86 -42.32 -0.50
C GLU G 27 -28.04 -43.00 -1.17
N PRO G 28 -27.95 -44.34 -1.37
CA PRO G 28 -29.05 -45.21 -1.85
C PRO G 28 -30.42 -44.85 -1.33
N ALA G 29 -30.48 -44.47 -0.04
CA ALA G 29 -31.74 -44.12 0.61
C ALA G 29 -32.42 -42.96 -0.11
N VAL G 30 -31.61 -41.98 -0.49
CA VAL G 30 -32.12 -40.80 -1.14
C VAL G 30 -32.12 -40.99 -2.66
N TYR G 31 -30.96 -41.29 -3.21
CA TYR G 31 -30.77 -41.13 -4.64
C TYR G 31 -30.98 -42.42 -5.42
N GLY G 32 -31.29 -43.51 -4.73
CA GLY G 32 -31.49 -44.78 -5.42
C GLY G 32 -30.51 -45.94 -5.20
N GLY G 33 -29.57 -46.13 -6.12
CA GLY G 33 -28.68 -47.31 -6.10
C GLY G 33 -28.33 -47.85 -7.49
N THR G 34 -29.00 -47.35 -8.52
CA THR G 34 -28.66 -47.65 -9.89
C THR G 34 -27.51 -46.77 -10.33
N THR G 35 -26.57 -47.38 -11.04
CA THR G 35 -25.36 -46.69 -11.51
C THR G 35 -25.75 -45.67 -12.59
N HIS G 36 -24.86 -44.72 -12.87
CA HIS G 36 -25.08 -43.76 -13.97
C HIS G 36 -25.08 -44.45 -15.32
N ASP G 37 -24.11 -45.35 -15.51
CA ASP G 37 -24.09 -46.31 -16.63
C ASP G 37 -25.40 -47.09 -16.77
N GLU G 38 -25.82 -47.80 -15.73
CA GLU G 38 -27.10 -48.48 -15.76
C GLU G 38 -28.15 -47.51 -16.25
N LEU G 39 -28.09 -46.27 -15.76
CA LEU G 39 -29.10 -45.27 -16.14
C LEU G 39 -29.08 -44.89 -17.62
N VAL G 40 -27.89 -44.64 -18.18
CA VAL G 40 -27.73 -44.44 -19.64
C VAL G 40 -28.42 -45.56 -20.41
N ALA G 41 -28.15 -46.79 -19.96
CA ALA G 41 -28.71 -47.99 -20.55
C ALA G 41 -30.25 -48.11 -20.43
N LEU G 42 -30.81 -47.73 -19.28
CA LEU G 42 -32.25 -47.75 -19.13
C LEU G 42 -32.97 -46.70 -19.97
N ILE G 43 -32.35 -45.53 -20.07
CA ILE G 43 -32.93 -44.42 -20.79
C ILE G 43 -32.93 -44.77 -22.25
N GLU G 44 -31.78 -45.28 -22.72
CA GLU G 44 -31.58 -45.53 -24.15
C GLU G 44 -32.45 -46.62 -24.69
N ARG G 45 -32.40 -47.78 -24.05
CA ARG G 45 -33.22 -48.89 -24.44
C ARG G 45 -34.70 -48.47 -24.40
N GLU G 46 -35.11 -47.83 -23.31
CA GLU G 46 -36.50 -47.42 -23.13
C GLU G 46 -36.97 -46.36 -24.14
N ALA G 47 -36.06 -45.50 -24.58
CA ALA G 47 -36.38 -44.55 -25.62
C ALA G 47 -36.48 -45.23 -26.98
N ALA G 48 -35.64 -46.22 -27.23
CA ALA G 48 -35.68 -46.89 -28.53
C ALA G 48 -37.09 -47.45 -28.66
N GLU G 49 -37.54 -48.04 -27.55
CA GLU G 49 -38.83 -48.65 -27.46
C GLU G 49 -39.99 -47.64 -27.65
N LEU G 50 -39.68 -46.35 -27.73
CA LEU G 50 -40.72 -45.34 -27.99
C LEU G 50 -40.55 -44.71 -29.35
N GLY G 51 -39.43 -45.04 -29.99
CA GLY G 51 -39.09 -44.55 -31.32
C GLY G 51 -38.35 -43.24 -31.27
N LEU G 52 -37.57 -43.02 -30.21
CA LEU G 52 -36.73 -41.84 -30.10
C LEU G 52 -35.32 -42.32 -29.97
N LYS G 53 -34.37 -41.45 -30.30
CA LYS G 53 -32.94 -41.72 -30.02
C LYS G 53 -32.51 -40.83 -28.87
N ALA G 54 -31.87 -41.39 -27.87
CA ALA G 54 -31.54 -40.61 -26.68
C ALA G 54 -30.03 -40.53 -26.47
N VAL G 55 -29.53 -39.31 -26.43
CA VAL G 55 -28.13 -39.03 -26.11
C VAL G 55 -28.06 -38.64 -24.63
N VAL G 56 -27.36 -39.42 -23.81
CA VAL G 56 -27.26 -39.02 -22.40
C VAL G 56 -25.83 -38.73 -21.99
N ARG G 57 -25.65 -37.62 -21.27
CA ARG G 57 -24.35 -37.26 -20.75
C ARG G 57 -24.45 -36.64 -19.35
N GLN G 58 -23.39 -36.83 -18.57
CA GLN G 58 -23.25 -36.21 -17.29
C GLN G 58 -22.03 -35.33 -17.44
N SER G 59 -21.89 -34.34 -16.55
CA SER G 59 -20.67 -33.59 -16.39
C SER G 59 -20.79 -32.82 -15.12
N ASP G 60 -19.69 -32.76 -14.38
CA ASP G 60 -19.65 -31.93 -13.19
C ASP G 60 -19.40 -30.46 -13.57
N SER G 61 -19.07 -30.20 -14.83
CA SER G 61 -18.67 -28.85 -15.26
C SER G 61 -19.81 -27.95 -15.76
N GLU G 62 -20.10 -26.87 -15.05
CA GLU G 62 -21.12 -25.93 -15.52
C GLU G 62 -20.92 -25.52 -17.00
N ALA G 63 -19.71 -25.11 -17.38
CA ALA G 63 -19.40 -24.72 -18.75
C ALA G 63 -19.83 -25.77 -19.80
N GLN G 64 -19.56 -27.03 -19.54
CA GLN G 64 -19.86 -28.10 -20.48
C GLN G 64 -21.37 -28.27 -20.64
N LEU G 65 -22.12 -28.22 -19.54
CA LEU G 65 -23.58 -28.31 -19.62
C LEU G 65 -24.17 -27.17 -20.46
N LEU G 66 -23.62 -25.96 -20.32
CA LEU G 66 -24.07 -24.87 -21.16
C LEU G 66 -23.81 -25.17 -22.64
N ASP G 67 -22.65 -25.73 -22.93
CA ASP G 67 -22.29 -26.10 -24.28
C ASP G 67 -23.33 -27.05 -24.87
N TRP G 68 -23.58 -28.16 -24.20
CA TRP G 68 -24.59 -29.06 -24.66
C TRP G 68 -25.95 -28.39 -24.77
N ILE G 69 -26.28 -27.50 -23.85
CA ILE G 69 -27.60 -26.89 -23.92
C ILE G 69 -27.68 -25.97 -25.13
N HIS G 70 -26.57 -25.33 -25.48
CA HIS G 70 -26.55 -24.53 -26.68
C HIS G 70 -26.74 -25.35 -27.90
N GLN G 71 -25.97 -26.43 -27.98
CA GLN G 71 -26.14 -27.41 -29.02
C GLN G 71 -27.56 -27.88 -29.24
N ALA G 72 -28.31 -28.04 -28.17
CA ALA G 72 -29.70 -28.48 -28.24
C ALA G 72 -30.53 -27.41 -28.88
N ALA G 73 -30.23 -26.18 -28.47
CA ALA G 73 -30.89 -25.02 -29.00
C ALA G 73 -30.68 -24.93 -30.50
N ASP G 74 -29.43 -24.98 -30.96
CA ASP G 74 -29.13 -24.93 -32.40
C ASP G 74 -29.82 -26.05 -33.19
N ALA G 75 -29.82 -27.26 -32.64
CA ALA G 75 -30.39 -28.43 -33.30
C ALA G 75 -31.88 -28.53 -33.07
N ALA G 76 -32.43 -27.63 -32.25
CA ALA G 76 -33.85 -27.62 -31.89
C ALA G 76 -34.40 -28.99 -31.41
N GLU G 77 -33.69 -29.63 -30.49
CA GLU G 77 -34.06 -30.91 -29.93
C GLU G 77 -34.60 -30.70 -28.53
N PRO G 78 -35.48 -31.60 -28.04
CA PRO G 78 -35.93 -31.52 -26.64
C PRO G 78 -34.83 -31.83 -25.62
N VAL G 79 -35.05 -31.40 -24.37
CA VAL G 79 -34.06 -31.61 -23.29
C VAL G 79 -34.70 -32.17 -22.05
N ILE G 80 -34.06 -33.20 -21.51
CA ILE G 80 -34.36 -33.69 -20.16
C ILE G 80 -33.17 -33.36 -19.26
N LEU G 81 -33.42 -32.50 -18.30
CA LEU G 81 -32.33 -31.94 -17.54
C LEU G 81 -32.50 -32.08 -16.03
N ASN G 82 -31.51 -32.75 -15.43
CA ASN G 82 -31.28 -32.79 -14.02
C ASN G 82 -29.95 -32.08 -13.76
N ALA G 83 -30.03 -30.80 -13.39
CA ALA G 83 -28.88 -29.94 -13.18
C ALA G 83 -28.27 -30.17 -11.81
N GLY G 84 -28.90 -31.04 -11.03
CA GLY G 84 -28.41 -31.33 -9.69
C GLY G 84 -28.31 -30.05 -8.90
N GLY G 85 -27.10 -29.76 -8.44
CA GLY G 85 -26.84 -28.67 -7.49
C GLY G 85 -27.01 -27.32 -8.13
N LEU G 86 -26.64 -27.23 -9.40
CA LEU G 86 -26.83 -26.00 -10.15
C LEU G 86 -28.31 -25.64 -10.30
N THR G 87 -29.19 -26.59 -10.08
CA THR G 87 -30.62 -26.31 -10.12
C THR G 87 -30.96 -25.11 -9.25
N HIS G 88 -30.28 -25.00 -8.11
CA HIS G 88 -30.62 -23.97 -7.11
C HIS G 88 -29.70 -22.79 -7.10
N THR G 89 -28.78 -22.69 -8.06
CA THR G 89 -27.76 -21.65 -8.00
C THR G 89 -27.44 -20.95 -9.32
N SER G 90 -27.68 -21.60 -10.45
CA SER G 90 -27.20 -21.09 -11.72
C SER G 90 -28.20 -20.26 -12.52
N VAL G 91 -27.92 -18.95 -12.63
CA VAL G 91 -28.66 -18.07 -13.51
C VAL G 91 -28.16 -18.27 -14.93
N ALA G 92 -26.86 -18.52 -15.05
CA ALA G 92 -26.22 -18.78 -16.34
C ALA G 92 -26.91 -19.93 -17.06
N LEU G 93 -27.08 -21.03 -16.33
CA LEU G 93 -27.80 -22.22 -16.83
C LEU G 93 -29.28 -22.00 -17.18
N ARG G 94 -30.02 -21.26 -16.36
CA ARG G 94 -31.39 -20.84 -16.68
C ARG G 94 -31.43 -20.14 -18.04
N ASP G 95 -30.49 -19.22 -18.24
CA ASP G 95 -30.46 -18.42 -19.46
C ASP G 95 -30.25 -19.20 -20.75
N ALA G 96 -29.28 -20.10 -20.76
CA ALA G 96 -29.05 -20.99 -21.90
C ALA G 96 -30.27 -21.82 -22.25
N CYS G 97 -30.96 -22.33 -21.22
CA CYS G 97 -32.20 -23.13 -21.36
C CYS G 97 -33.39 -22.32 -21.83
N ALA G 98 -33.45 -21.04 -21.46
CA ALA G 98 -34.52 -20.17 -21.92
C ALA G 98 -34.54 -20.08 -23.46
N GLU G 99 -33.38 -20.22 -24.08
CA GLU G 99 -33.29 -20.19 -25.53
C GLU G 99 -33.99 -21.38 -26.25
N LEU G 100 -33.98 -22.58 -25.63
CA LEU G 100 -34.60 -23.78 -26.18
C LEU G 100 -36.04 -23.56 -26.63
N SER G 101 -36.36 -23.97 -27.86
CA SER G 101 -37.73 -23.91 -28.41
C SER G 101 -38.46 -25.26 -28.32
N ALA G 102 -37.73 -26.36 -28.35
CA ALA G 102 -38.33 -27.65 -28.02
C ALA G 102 -38.58 -27.80 -26.50
N PRO G 103 -39.39 -28.78 -26.11
CA PRO G 103 -39.60 -28.91 -24.65
C PRO G 103 -38.33 -29.16 -23.79
N LEU G 104 -38.28 -28.48 -22.64
CA LEU G 104 -37.33 -28.81 -21.59
C LEU G 104 -38.07 -29.29 -20.38
N ILE G 105 -37.78 -30.53 -19.95
CA ILE G 105 -38.24 -31.06 -18.66
C ILE G 105 -37.10 -31.12 -17.65
N GLU G 106 -37.35 -30.55 -16.48
CA GLU G 106 -36.45 -30.62 -15.35
C GLU G 106 -36.76 -31.90 -14.57
N VAL G 107 -35.72 -32.67 -14.23
CA VAL G 107 -35.86 -33.89 -13.44
C VAL G 107 -35.16 -33.88 -12.11
N HIS G 108 -35.85 -34.30 -11.06
CA HIS G 108 -35.18 -34.66 -9.85
C HIS G 108 -35.48 -36.06 -9.45
N ILE G 109 -34.43 -36.87 -9.37
CA ILE G 109 -34.49 -38.22 -8.79
C ILE G 109 -35.18 -38.22 -7.42
N SER G 110 -34.72 -37.35 -6.52
CA SER G 110 -35.26 -37.28 -5.16
C SER G 110 -36.34 -36.21 -5.01
N ASN G 111 -37.06 -36.25 -3.89
CA ASN G 111 -38.11 -35.27 -3.58
C ASN G 111 -37.57 -34.06 -2.82
N VAL G 112 -37.08 -33.07 -3.56
CA VAL G 112 -36.53 -31.83 -3.01
C VAL G 112 -37.38 -31.11 -1.94
N HIS G 113 -38.69 -31.32 -1.95
CA HIS G 113 -39.53 -30.52 -1.07
C HIS G 113 -39.59 -31.11 0.28
N ALA G 114 -38.91 -32.24 0.43
CA ALA G 114 -38.90 -33.00 1.65
C ALA G 114 -37.55 -32.95 2.29
N ARG G 115 -36.70 -32.05 1.80
CA ARG G 115 -35.35 -31.91 2.34
C ARG G 115 -35.11 -30.50 2.85
N GLU G 116 -33.87 -30.03 2.76
CA GLU G 116 -33.51 -28.67 3.13
C GLU G 116 -34.32 -27.66 2.32
N GLU G 117 -34.68 -26.55 2.94
CA GLU G 117 -35.51 -25.57 2.26
C GLU G 117 -34.85 -24.91 1.05
N PHE G 118 -33.54 -24.87 1.00
CA PHE G 118 -32.94 -24.23 -0.15
C PHE G 118 -33.16 -25.06 -1.41
N ARG G 119 -33.55 -26.32 -1.25
CA ARG G 119 -33.73 -27.18 -2.41
C ARG G 119 -35.12 -26.98 -2.98
N ARG G 120 -35.98 -26.28 -2.26
CA ARG G 120 -37.34 -26.08 -2.73
C ARG G 120 -37.37 -24.92 -3.68
N HIS G 121 -36.19 -24.39 -3.98
CA HIS G 121 -36.09 -23.34 -4.97
C HIS G 121 -35.23 -23.66 -6.17
N SER G 122 -35.78 -23.38 -7.33
CA SER G 122 -35.17 -23.68 -8.60
C SER G 122 -35.18 -22.47 -9.54
N TYR G 123 -34.04 -22.13 -10.11
CA TYR G 123 -33.99 -21.10 -11.12
C TYR G 123 -34.55 -21.59 -12.46
N LEU G 124 -34.60 -22.91 -12.67
CA LEU G 124 -34.99 -23.48 -13.98
C LEU G 124 -36.46 -23.73 -14.15
N SER G 125 -37.12 -24.08 -13.07
CA SER G 125 -38.53 -24.48 -13.13
C SER G 125 -39.41 -23.44 -13.84
N PRO G 126 -39.29 -22.16 -13.45
CA PRO G 126 -40.08 -21.12 -14.11
C PRO G 126 -39.93 -21.14 -15.62
N ILE G 127 -38.87 -21.72 -16.15
CA ILE G 127 -38.65 -21.70 -17.61
C ILE G 127 -38.75 -23.06 -18.28
N ALA G 128 -39.03 -24.12 -17.54
CA ALA G 128 -39.17 -25.43 -18.17
C ALA G 128 -40.57 -25.57 -18.74
N THR G 129 -40.77 -26.66 -19.46
CA THR G 129 -42.10 -27.04 -19.87
C THR G 129 -42.77 -27.65 -18.65
N GLY G 130 -42.01 -28.46 -17.91
CA GLY G 130 -42.42 -28.88 -16.59
C GLY G 130 -41.34 -29.63 -15.80
N VAL G 131 -41.74 -30.22 -14.68
CA VAL G 131 -40.80 -30.74 -13.71
C VAL G 131 -41.33 -32.10 -13.20
N ILE G 132 -40.41 -33.06 -13.05
CA ILE G 132 -40.68 -34.30 -12.30
C ILE G 132 -39.73 -34.33 -11.11
N VAL G 133 -40.26 -34.55 -9.92
CA VAL G 133 -39.39 -34.69 -8.74
C VAL G 133 -39.94 -35.82 -7.89
N GLY G 134 -39.05 -36.53 -7.21
CA GLY G 134 -39.46 -37.57 -6.29
C GLY G 134 -39.61 -38.96 -6.86
N LEU G 135 -39.62 -39.11 -8.19
CA LEU G 135 -40.00 -40.40 -8.73
C LEU G 135 -38.86 -41.39 -8.98
N GLY G 136 -37.69 -41.10 -8.42
CA GLY G 136 -36.49 -41.89 -8.71
C GLY G 136 -36.13 -41.91 -10.19
N ILE G 137 -35.28 -42.86 -10.56
CA ILE G 137 -34.81 -43.10 -11.94
C ILE G 137 -35.95 -43.14 -12.96
N GLN G 138 -37.11 -43.60 -12.50
CA GLN G 138 -38.30 -43.79 -13.31
C GLN G 138 -38.75 -42.45 -13.84
N GLY G 139 -38.16 -41.40 -13.28
CA GLY G 139 -38.48 -40.03 -13.58
C GLY G 139 -38.06 -39.64 -14.97
N TYR G 140 -36.78 -39.87 -15.35
CA TYR G 140 -36.44 -39.97 -16.78
C TYR G 140 -37.38 -41.07 -17.22
N LEU G 141 -37.42 -41.43 -18.49
CA LEU G 141 -38.35 -42.51 -18.90
C LEU G 141 -39.77 -41.94 -18.97
N LEU G 142 -40.30 -41.47 -17.86
CA LEU G 142 -41.60 -40.82 -17.90
C LEU G 142 -41.50 -39.53 -18.70
N ALA G 143 -40.39 -38.83 -18.54
CA ALA G 143 -40.12 -37.67 -19.36
C ALA G 143 -40.01 -38.06 -20.82
N LEU G 144 -39.37 -39.21 -21.09
CA LEU G 144 -39.38 -39.82 -22.42
C LEU G 144 -40.82 -39.96 -22.95
N ARG G 145 -41.63 -40.77 -22.27
CA ARG G 145 -43.03 -40.94 -22.65
C ARG G 145 -43.68 -39.59 -22.99
N TYR G 146 -43.56 -38.63 -22.09
CA TYR G 146 -44.16 -37.32 -22.40
C TYR G 146 -43.71 -36.86 -23.77
N LEU G 147 -42.39 -36.75 -23.95
CA LEU G 147 -41.83 -36.25 -25.21
C LEU G 147 -42.32 -37.07 -26.41
N ALA G 148 -42.34 -38.40 -26.25
CA ALA G 148 -42.83 -39.32 -27.27
C ALA G 148 -44.12 -38.86 -27.99
N GLU G 149 -44.95 -38.06 -27.34
CA GLU G 149 -45.98 -37.35 -28.10
C GLU G 149 -46.17 -35.96 -27.58
N HIS G 150 -45.32 -35.06 -28.06
CA HIS G 150 -45.09 -33.73 -27.52
C HIS G 150 -46.27 -33.11 -26.75
N LEU H 10 -22.73 33.84 17.15
CA LEU H 10 -23.23 32.43 17.04
C LEU H 10 -24.73 32.30 16.74
N ILE H 11 -25.02 32.00 15.46
CA ILE H 11 -26.37 31.85 14.98
C ILE H 11 -26.73 30.36 14.85
N VAL H 12 -27.81 29.98 15.52
CA VAL H 12 -28.38 28.65 15.35
C VAL H 12 -29.56 28.75 14.39
N ASN H 13 -29.73 27.73 13.55
CA ASN H 13 -30.91 27.64 12.69
C ASN H 13 -31.93 26.56 13.13
N VAL H 14 -33.11 27.00 13.54
CA VAL H 14 -34.16 26.06 13.87
C VAL H 14 -35.09 25.87 12.66
N ILE H 15 -35.07 24.68 12.10
CA ILE H 15 -35.86 24.41 10.92
C ILE H 15 -36.98 23.38 11.20
N ASN H 16 -38.22 23.76 10.89
CA ASN H 16 -39.38 22.89 11.03
C ASN H 16 -40.03 22.54 9.69
N GLY H 17 -40.18 21.23 9.48
CA GLY H 17 -40.72 20.70 8.24
C GLY H 17 -42.25 20.63 8.16
N PRO H 18 -42.74 19.80 7.23
CA PRO H 18 -44.17 19.80 6.95
C PRO H 18 -45.05 19.42 8.13
N ASN H 19 -46.17 20.13 8.22
CA ASN H 19 -47.22 19.97 9.23
C ASN H 19 -46.96 20.74 10.54
N LEU H 20 -45.69 21.12 10.76
CA LEU H 20 -45.32 21.75 12.00
C LEU H 20 -45.90 23.14 12.24
N GLY H 21 -46.37 23.79 11.17
CA GLY H 21 -47.00 25.09 11.30
C GLY H 21 -48.38 25.02 11.96
N ARG H 22 -48.89 23.80 12.12
CA ARG H 22 -50.21 23.60 12.66
C ARG H 22 -50.21 23.22 14.14
N LEU H 23 -49.06 23.25 14.77
CA LEU H 23 -48.96 22.86 16.17
C LEU H 23 -50.00 23.60 16.96
N GLY H 24 -50.42 23.00 18.06
CA GLY H 24 -51.35 23.66 18.97
C GLY H 24 -52.76 23.65 18.41
N ARG H 25 -52.89 23.74 17.09
CA ARG H 25 -54.18 23.91 16.43
C ARG H 25 -54.95 22.60 16.20
N ARG H 26 -54.24 21.50 16.43
CA ARG H 26 -54.73 20.13 16.29
C ARG H 26 -54.03 19.34 17.41
N GLU H 27 -54.47 18.12 17.66
CA GLU H 27 -54.01 17.29 18.81
C GLU H 27 -54.24 17.96 20.20
N PRO H 28 -53.56 17.51 21.27
CA PRO H 28 -52.56 16.49 21.49
C PRO H 28 -53.15 15.41 22.41
N ALA H 29 -52.38 14.91 23.38
CA ALA H 29 -50.93 15.06 23.44
C ALA H 29 -50.50 13.62 23.48
N VAL H 30 -49.67 13.12 22.55
CA VAL H 30 -49.25 13.69 21.23
C VAL H 30 -48.33 14.94 21.14
N TYR H 31 -48.80 16.04 20.55
CA TYR H 31 -47.91 17.18 20.20
C TYR H 31 -47.87 18.43 21.14
N GLY H 32 -48.55 18.36 22.30
CA GLY H 32 -48.66 19.49 23.25
C GLY H 32 -49.71 20.55 22.87
N GLY H 33 -49.98 21.50 23.77
CA GLY H 33 -50.94 22.56 23.49
C GLY H 33 -50.33 23.80 22.83
N THR H 34 -49.01 23.92 22.92
CA THR H 34 -48.28 25.09 22.45
C THR H 34 -48.32 25.27 20.93
N THR H 35 -48.57 26.50 20.51
CA THR H 35 -48.64 26.81 19.09
C THR H 35 -47.27 27.14 18.51
N HIS H 36 -47.13 27.05 17.19
CA HIS H 36 -45.88 27.41 16.55
C HIS H 36 -45.46 28.82 16.84
N ASP H 37 -46.41 29.74 16.97
CA ASP H 37 -46.06 31.11 17.30
C ASP H 37 -45.56 31.13 18.73
N GLU H 38 -46.21 30.38 19.61
CA GLU H 38 -45.77 30.34 20.99
C GLU H 38 -44.39 29.69 21.11
N LEU H 39 -44.10 28.71 20.26
CA LEU H 39 -42.77 28.12 20.24
C LEU H 39 -41.71 29.14 19.78
N VAL H 40 -42.10 30.00 18.85
CA VAL H 40 -41.16 30.99 18.35
C VAL H 40 -40.69 31.93 19.45
N ALA H 41 -41.62 32.46 20.24
CA ALA H 41 -41.29 33.28 21.43
C ALA H 41 -40.39 32.57 22.44
N LEU H 42 -40.69 31.30 22.72
CA LEU H 42 -39.97 30.47 23.69
C LEU H 42 -38.52 30.22 23.29
N ILE H 43 -38.29 29.98 22.00
CA ILE H 43 -36.93 29.81 21.48
C ILE H 43 -36.20 31.14 21.45
N GLU H 44 -36.95 32.25 21.40
CA GLU H 44 -36.32 33.55 21.43
C GLU H 44 -35.85 33.90 22.84
N ARG H 45 -36.67 33.58 23.84
CA ARG H 45 -36.26 33.73 25.24
C ARG H 45 -35.13 32.75 25.70
N GLU H 46 -35.17 31.49 25.29
CA GLU H 46 -34.05 30.61 25.58
C GLU H 46 -32.76 31.13 24.91
N ALA H 47 -32.85 31.56 23.66
CA ALA H 47 -31.69 32.06 22.94
C ALA H 47 -30.99 33.23 23.66
N ALA H 48 -31.78 34.06 24.31
CA ALA H 48 -31.28 35.23 25.01
C ALA H 48 -30.55 34.80 26.28
N GLU H 49 -31.25 34.02 27.12
CA GLU H 49 -30.68 33.38 28.29
C GLU H 49 -29.33 32.70 28.01
N LEU H 50 -29.21 32.04 26.86
CA LEU H 50 -28.00 31.26 26.50
C LEU H 50 -26.91 32.10 25.84
N GLY H 51 -27.25 33.34 25.51
CA GLY H 51 -26.32 34.30 24.93
C GLY H 51 -25.95 33.93 23.51
N LEU H 52 -26.95 33.73 22.65
CA LEU H 52 -26.70 33.46 21.24
C LEU H 52 -27.90 33.82 20.39
N LYS H 53 -27.88 33.36 19.16
CA LYS H 53 -28.98 33.66 18.25
C LYS H 53 -29.60 32.40 17.65
N ALA H 54 -30.91 32.47 17.41
CA ALA H 54 -31.66 31.39 16.82
C ALA H 54 -32.63 31.96 15.81
N VAL H 55 -32.59 31.46 14.60
CA VAL H 55 -33.48 31.90 13.55
C VAL H 55 -34.45 30.76 13.21
N VAL H 56 -35.72 30.87 13.64
CA VAL H 56 -36.73 29.80 13.38
C VAL H 56 -37.53 30.05 12.11
N ARG H 57 -37.64 28.99 11.32
CA ARG H 57 -38.35 28.98 10.03
C ARG H 57 -39.00 27.62 9.84
N GLN H 58 -40.15 27.64 9.18
CA GLN H 58 -41.01 26.49 9.03
C GLN H 58 -41.48 26.47 7.59
N SER H 59 -41.53 25.30 6.97
CA SER H 59 -42.06 25.24 5.63
C SER H 59 -42.57 23.85 5.36
N ASP H 60 -43.64 23.75 4.57
CA ASP H 60 -44.17 22.46 4.16
C ASP H 60 -43.40 21.97 2.93
N SER H 61 -42.50 22.80 2.41
CA SER H 61 -41.83 22.46 1.17
C SER H 61 -40.44 21.87 1.35
N GLU H 62 -40.16 20.79 0.63
CA GLU H 62 -38.92 20.05 0.73
C GLU H 62 -37.76 20.91 0.22
N ALA H 63 -37.97 21.56 -0.93
CA ALA H 63 -36.99 22.43 -1.60
C ALA H 63 -36.72 23.70 -0.81
N GLN H 64 -37.73 24.19 -0.10
CA GLN H 64 -37.47 25.31 0.82
C GLN H 64 -36.45 24.88 1.91
N LEU H 65 -36.72 23.74 2.53
CA LEU H 65 -35.86 23.15 3.52
C LEU H 65 -34.44 22.92 3.03
N LEU H 66 -34.26 22.51 1.79
CA LEU H 66 -32.93 22.23 1.31
C LEU H 66 -32.10 23.53 1.18
N ASP H 67 -32.74 24.53 0.60
CA ASP H 67 -32.20 25.86 0.44
C ASP H 67 -31.73 26.38 1.78
N TRP H 68 -32.57 26.29 2.81
CA TRP H 68 -32.17 26.78 4.13
C TRP H 68 -30.99 26.04 4.64
N ILE H 69 -31.02 24.71 4.52
CA ILE H 69 -29.91 23.82 4.90
C ILE H 69 -28.60 24.18 4.15
N HIS H 70 -28.65 24.31 2.82
CA HIS H 70 -27.52 24.85 2.05
C HIS H 70 -26.92 26.11 2.66
N GLN H 71 -27.75 27.12 2.93
CA GLN H 71 -27.26 28.39 3.45
C GLN H 71 -26.51 28.19 4.76
N ALA H 72 -26.95 27.20 5.52
CA ALA H 72 -26.34 26.90 6.82
C ALA H 72 -25.01 26.17 6.63
N ALA H 73 -24.94 25.30 5.61
CA ALA H 73 -23.70 24.65 5.28
C ALA H 73 -22.67 25.66 4.77
N ASP H 74 -23.15 26.71 4.13
CA ASP H 74 -22.25 27.72 3.61
C ASP H 74 -21.84 28.70 4.67
N ALA H 75 -22.74 28.96 5.60
CA ALA H 75 -22.44 29.90 6.69
C ALA H 75 -21.87 29.19 7.93
N ALA H 76 -21.51 27.92 7.78
CA ALA H 76 -21.06 27.08 8.92
C ALA H 76 -21.89 27.25 10.21
N GLU H 77 -23.20 27.07 10.12
CA GLU H 77 -24.07 27.28 11.26
C GLU H 77 -24.66 25.97 11.76
N PRO H 78 -24.74 25.78 13.08
CA PRO H 78 -25.43 24.60 13.50
C PRO H 78 -26.92 24.64 13.09
N VAL H 79 -27.52 23.46 12.92
CA VAL H 79 -28.95 23.31 12.61
C VAL H 79 -29.66 22.45 13.64
N ILE H 80 -30.85 22.88 14.03
CA ILE H 80 -31.76 21.99 14.75
C ILE H 80 -32.93 21.73 13.82
N LEU H 81 -33.22 20.47 13.53
CA LEU H 81 -34.21 20.17 12.49
C LEU H 81 -35.29 19.20 12.95
N ASN H 82 -36.54 19.65 12.99
CA ASN H 82 -37.67 18.73 13.01
C ASN H 82 -38.30 18.66 11.62
N ALA H 83 -38.01 17.60 10.87
CA ALA H 83 -38.39 17.53 9.46
C ALA H 83 -39.72 16.85 9.19
N GLY H 84 -40.50 16.66 10.25
CA GLY H 84 -41.86 16.16 10.16
C GLY H 84 -41.92 14.84 9.45
N GLY H 85 -42.88 14.69 8.55
CA GLY H 85 -43.00 13.46 7.76
C GLY H 85 -41.78 13.07 6.93
N LEU H 86 -40.92 14.05 6.61
CA LEU H 86 -39.81 13.90 5.67
C LEU H 86 -38.63 13.15 6.26
N THR H 87 -38.64 13.10 7.59
CA THR H 87 -37.70 12.33 8.38
C THR H 87 -37.68 10.88 7.95
N HIS H 88 -38.79 10.39 7.46
CA HIS H 88 -38.90 8.96 7.34
C HIS H 88 -38.71 8.56 5.94
N THR H 89 -38.73 9.53 5.03
CA THR H 89 -38.89 9.21 3.63
C THR H 89 -37.86 9.89 2.76
N SER H 90 -37.41 11.07 3.16
CA SER H 90 -36.60 11.92 2.28
C SER H 90 -35.08 11.74 2.37
N VAL H 91 -34.53 11.13 1.32
CA VAL H 91 -33.10 11.03 1.10
C VAL H 91 -32.53 12.38 0.63
N ALA H 92 -33.38 13.19 0.01
CA ALA H 92 -32.90 14.48 -0.48
C ALA H 92 -32.39 15.31 0.69
N LEU H 93 -33.28 15.54 1.66
CA LEU H 93 -32.96 16.24 2.89
C LEU H 93 -31.72 15.63 3.58
N ARG H 94 -31.62 14.30 3.60
CA ARG H 94 -30.46 13.65 4.23
C ARG H 94 -29.15 14.04 3.55
N ASP H 95 -29.09 13.93 2.23
CA ASP H 95 -27.89 14.30 1.51
C ASP H 95 -27.63 15.75 1.79
N ALA H 96 -28.65 16.57 1.74
CA ALA H 96 -28.44 17.97 2.02
C ALA H 96 -27.78 18.15 3.40
N CYS H 97 -28.33 17.46 4.40
CA CYS H 97 -27.80 17.56 5.77
C CYS H 97 -26.37 17.07 5.97
N ALA H 98 -25.99 15.99 5.29
CA ALA H 98 -24.64 15.40 5.40
C ALA H 98 -23.49 16.39 5.22
N GLU H 99 -23.78 17.44 4.45
CA GLU H 99 -22.84 18.48 4.10
C GLU H 99 -22.48 19.40 5.28
N LEU H 100 -23.41 19.65 6.19
CA LEU H 100 -23.17 20.49 7.37
C LEU H 100 -21.89 20.17 8.12
N SER H 101 -21.02 21.16 8.33
CA SER H 101 -19.82 20.88 9.15
C SER H 101 -20.10 21.09 10.64
N ALA H 102 -20.86 22.13 10.97
CA ALA H 102 -21.42 22.35 12.30
C ALA H 102 -22.42 21.26 12.74
N PRO H 103 -22.60 21.05 14.06
CA PRO H 103 -23.48 19.99 14.55
C PRO H 103 -24.94 20.12 14.08
N LEU H 104 -25.59 18.97 13.95
CA LEU H 104 -26.99 18.88 13.56
C LEU H 104 -27.78 18.07 14.61
N ILE H 105 -28.73 18.70 15.29
CA ILE H 105 -29.56 17.94 16.21
C ILE H 105 -30.94 17.75 15.62
N GLU H 106 -31.33 16.49 15.51
CA GLU H 106 -32.66 16.09 15.07
C GLU H 106 -33.60 16.04 16.27
N VAL H 107 -34.73 16.73 16.15
CA VAL H 107 -35.70 16.83 17.24
C VAL H 107 -37.07 16.33 16.81
N HIS H 108 -37.68 15.45 17.61
CA HIS H 108 -39.12 15.09 17.45
C HIS H 108 -39.92 15.38 18.66
N ILE H 109 -41.02 16.08 18.49
CA ILE H 109 -41.85 16.48 19.62
C ILE H 109 -42.44 15.26 20.36
N SER H 110 -43.09 14.36 19.64
CA SER H 110 -43.74 13.18 20.23
C SER H 110 -42.74 12.04 20.29
N ASN H 111 -43.07 10.97 21.01
CA ASN H 111 -42.19 9.81 21.04
C ASN H 111 -42.45 8.89 19.86
N VAL H 112 -41.70 9.05 18.78
CA VAL H 112 -41.90 8.28 17.54
C VAL H 112 -41.85 6.75 17.69
N HIS H 113 -41.25 6.31 18.80
CA HIS H 113 -41.15 4.89 19.13
C HIS H 113 -42.37 4.28 19.80
N ALA H 114 -43.33 5.13 20.15
CA ALA H 114 -44.57 4.68 20.78
C ALA H 114 -45.75 4.76 19.81
N ARG H 115 -45.44 4.71 18.51
CA ARG H 115 -46.46 4.86 17.46
C ARG H 115 -46.31 3.79 16.40
N GLU H 116 -46.63 4.10 15.15
CA GLU H 116 -46.58 3.12 14.05
C GLU H 116 -45.12 2.71 13.73
N GLU H 117 -44.89 1.42 13.46
CA GLU H 117 -43.52 1.00 13.22
C GLU H 117 -42.72 1.83 12.20
N PHE H 118 -43.39 2.44 11.21
CA PHE H 118 -42.68 3.24 10.18
C PHE H 118 -42.08 4.53 10.70
N ARG H 119 -42.52 4.94 11.89
CA ARG H 119 -41.99 6.16 12.49
C ARG H 119 -40.65 5.89 13.15
N ARG H 120 -40.37 4.63 13.37
CA ARG H 120 -39.19 4.20 14.12
C ARG H 120 -37.97 4.11 13.26
N HIS H 121 -38.07 4.51 11.99
CA HIS H 121 -36.90 4.67 11.11
C HIS H 121 -36.75 6.04 10.55
N SER H 122 -35.54 6.59 10.70
CA SER H 122 -35.22 7.91 10.19
C SER H 122 -34.12 7.88 9.15
N TYR H 123 -34.15 8.81 8.19
CA TYR H 123 -33.03 8.93 7.25
C TYR H 123 -32.01 9.98 7.69
N LEU H 124 -32.33 10.65 8.79
CA LEU H 124 -31.55 11.75 9.29
C LEU H 124 -30.64 11.39 10.46
N SER H 125 -31.15 10.62 11.40
CA SER H 125 -30.40 10.27 12.58
C SER H 125 -28.99 9.80 12.25
N PRO H 126 -28.82 8.99 11.20
CA PRO H 126 -27.48 8.47 10.97
C PRO H 126 -26.40 9.52 10.70
N ILE H 127 -26.76 10.67 10.15
CA ILE H 127 -25.75 11.70 9.82
C ILE H 127 -25.93 12.91 10.70
N ALA H 128 -26.70 12.75 11.79
CA ALA H 128 -26.93 13.81 12.78
C ALA H 128 -25.92 13.74 13.93
N THR H 129 -25.74 14.84 14.62
CA THR H 129 -24.88 14.80 15.78
C THR H 129 -25.58 13.98 16.88
N GLY H 130 -26.83 14.33 17.14
CA GLY H 130 -27.66 13.55 18.04
C GLY H 130 -29.13 13.80 17.77
N VAL H 131 -29.95 13.07 18.52
CA VAL H 131 -31.39 13.12 18.38
C VAL H 131 -32.06 13.28 19.74
N ILE H 132 -32.95 14.27 19.87
CA ILE H 132 -33.88 14.35 21.02
C ILE H 132 -35.28 14.04 20.53
N VAL H 133 -35.98 13.18 21.27
CA VAL H 133 -37.28 12.63 20.86
C VAL H 133 -38.18 12.51 22.07
N GLY H 134 -39.41 12.97 21.92
CA GLY H 134 -40.45 12.75 22.91
C GLY H 134 -40.38 13.60 24.16
N LEU H 135 -39.63 14.68 24.17
CA LEU H 135 -39.64 15.58 25.32
C LEU H 135 -40.59 16.76 25.10
N GLY H 136 -41.43 16.63 24.07
CA GLY H 136 -42.30 17.68 23.60
C GLY H 136 -41.49 18.87 23.16
N ILE H 137 -42.08 20.04 23.28
CA ILE H 137 -41.55 21.29 22.78
C ILE H 137 -40.19 21.62 23.40
N GLN H 138 -39.95 21.17 24.62
CA GLN H 138 -38.68 21.45 25.31
C GLN H 138 -37.50 20.82 24.59
N GLY H 139 -37.81 19.89 23.69
CA GLY H 139 -36.80 19.28 22.82
C GLY H 139 -35.96 20.33 22.14
N TYR H 140 -36.63 21.30 21.52
CA TYR H 140 -35.99 22.47 20.90
C TYR H 140 -35.11 23.25 21.88
N LEU H 141 -35.57 23.38 23.13
CA LEU H 141 -34.84 24.14 24.15
C LEU H 141 -33.57 23.43 24.58
N LEU H 142 -33.67 22.11 24.78
CA LEU H 142 -32.55 21.31 25.25
C LEU H 142 -31.45 21.26 24.21
N ALA H 143 -31.84 21.25 22.94
CA ALA H 143 -30.86 21.19 21.88
C ALA H 143 -30.11 22.53 21.71
N LEU H 144 -30.80 23.64 21.97
CA LEU H 144 -30.16 24.94 21.98
C LEU H 144 -29.13 25.05 23.08
N ARG H 145 -29.45 24.47 24.23
CA ARG H 145 -28.51 24.42 25.35
C ARG H 145 -27.28 23.59 24.99
N TYR H 146 -27.47 22.48 24.26
CA TYR H 146 -26.35 21.62 23.89
C TYR H 146 -25.39 22.38 22.99
N LEU H 147 -25.96 23.15 22.05
CA LEU H 147 -25.20 23.98 21.15
C LEU H 147 -24.45 25.10 21.87
N ALA H 148 -25.01 25.60 22.98
CA ALA H 148 -24.23 26.48 23.87
C ALA H 148 -23.01 25.80 24.53
N GLU H 149 -22.54 24.68 23.96
CA GLU H 149 -21.18 24.09 24.18
C GLU H 149 -20.46 23.72 22.88
N HIS H 150 -21.15 23.02 21.98
CA HIS H 150 -20.59 22.62 20.69
C HIS H 150 -19.71 21.41 20.83
N LEU I 10 -31.76 17.79 -33.37
CA LEU I 10 -32.32 17.20 -32.12
C LEU I 10 -31.93 17.96 -30.84
N ILE I 11 -32.90 18.13 -29.94
CA ILE I 11 -32.70 18.79 -28.63
C ILE I 11 -32.71 17.78 -27.47
N VAL I 12 -31.64 17.75 -26.68
CA VAL I 12 -31.57 16.82 -25.55
C VAL I 12 -31.77 17.54 -24.21
N ASN I 13 -32.72 17.07 -23.40
CA ASN I 13 -32.98 17.70 -22.09
C ASN I 13 -32.18 17.07 -20.95
N VAL I 14 -31.29 17.86 -20.34
CA VAL I 14 -30.48 17.40 -19.20
C VAL I 14 -31.02 17.92 -17.85
N ILE I 15 -31.65 17.01 -17.12
CA ILE I 15 -32.36 17.35 -15.89
C ILE I 15 -31.61 16.84 -14.64
N ASN I 16 -31.20 17.79 -13.78
CA ASN I 16 -30.55 17.48 -12.51
C ASN I 16 -31.42 17.78 -11.25
N GLY I 17 -31.57 16.80 -10.37
CA GLY I 17 -32.42 16.96 -9.20
C GLY I 17 -31.78 17.63 -8.00
N PRO I 18 -32.43 17.50 -6.81
CA PRO I 18 -32.00 18.02 -5.53
C PRO I 18 -30.53 17.84 -5.22
N ASN I 19 -29.94 18.89 -4.66
CA ASN I 19 -28.57 18.89 -4.15
C ASN I 19 -27.52 18.92 -5.22
N LEU I 20 -27.92 18.83 -6.47
CA LEU I 20 -26.94 18.87 -7.56
C LEU I 20 -26.53 20.32 -7.95
N GLY I 21 -27.05 21.31 -7.25
CA GLY I 21 -26.56 22.67 -7.51
C GLY I 21 -25.31 22.89 -6.66
N ARG I 22 -25.18 22.06 -5.64
CA ARG I 22 -24.06 22.13 -4.71
C ARG I 22 -22.89 21.28 -5.21
N LEU I 23 -23.11 20.60 -6.31
CA LEU I 23 -22.10 19.88 -7.03
C LEU I 23 -20.78 20.66 -7.02
N GLY I 24 -19.69 19.96 -6.73
CA GLY I 24 -18.36 20.53 -6.84
C GLY I 24 -17.84 21.28 -5.65
N ARG I 25 -18.69 21.52 -4.65
CA ARG I 25 -18.27 22.26 -3.48
C ARG I 25 -18.55 21.43 -2.24
N ARG I 26 -18.40 20.12 -2.44
CA ARG I 26 -18.90 19.12 -1.51
C ARG I 26 -18.24 17.80 -1.83
N GLU I 27 -17.70 17.14 -0.79
CA GLU I 27 -17.06 15.84 -0.89
C GLU I 27 -16.74 15.41 -2.31
N PRO I 28 -15.59 15.88 -2.83
CA PRO I 28 -15.11 15.60 -4.20
C PRO I 28 -14.54 14.20 -4.28
N ALA I 29 -14.12 13.70 -3.11
CA ALA I 29 -14.01 12.28 -2.85
C ALA I 29 -15.09 11.48 -3.63
N VAL I 30 -16.35 11.91 -3.58
CA VAL I 30 -17.49 11.17 -4.17
C VAL I 30 -18.10 11.80 -5.44
N TYR I 31 -18.28 13.11 -5.45
CA TYR I 31 -18.92 13.75 -6.55
C TYR I 31 -17.93 14.46 -7.46
N GLY I 32 -16.64 14.44 -7.11
CA GLY I 32 -15.66 15.10 -7.94
C GLY I 32 -15.79 16.60 -7.86
N GLY I 33 -14.88 17.31 -8.51
CA GLY I 33 -14.59 18.70 -8.16
C GLY I 33 -15.05 19.74 -9.13
N THR I 34 -15.77 19.33 -10.17
CA THR I 34 -16.35 20.26 -11.11
C THR I 34 -17.66 20.84 -10.58
N THR I 35 -17.77 22.16 -10.61
CA THR I 35 -19.00 22.85 -10.20
C THR I 35 -20.14 22.58 -11.17
N HIS I 36 -21.31 23.12 -10.90
CA HIS I 36 -22.48 22.87 -11.75
C HIS I 36 -22.56 23.73 -12.97
N ASP I 37 -21.98 24.93 -12.90
CA ASP I 37 -21.93 25.84 -14.06
C ASP I 37 -20.94 25.31 -15.09
N GLU I 38 -19.75 24.95 -14.62
CA GLU I 38 -18.76 24.33 -15.50
C GLU I 38 -19.40 23.14 -16.23
N LEU I 39 -20.04 22.28 -15.44
CA LEU I 39 -20.78 21.15 -15.97
C LEU I 39 -21.74 21.56 -17.10
N VAL I 40 -22.52 22.63 -16.90
CA VAL I 40 -23.41 23.15 -17.95
C VAL I 40 -22.64 23.34 -19.27
N ALA I 41 -21.49 24.00 -19.18
CA ALA I 41 -20.62 24.28 -20.31
C ALA I 41 -20.06 22.99 -20.94
N LEU I 42 -19.44 22.14 -20.13
CA LEU I 42 -18.86 20.93 -20.68
C LEU I 42 -19.85 20.16 -21.53
N ILE I 43 -21.12 20.21 -21.13
CA ILE I 43 -22.21 19.46 -21.76
C ILE I 43 -22.68 20.16 -23.03
N GLU I 44 -23.01 21.44 -22.90
CA GLU I 44 -23.27 22.32 -24.05
C GLU I 44 -22.21 22.16 -25.15
N ARG I 45 -20.93 22.30 -24.78
CA ARG I 45 -19.84 22.15 -25.74
C ARG I 45 -19.86 20.78 -26.42
N GLU I 46 -19.64 19.73 -25.63
CA GLU I 46 -19.66 18.34 -26.12
C GLU I 46 -20.90 18.06 -26.99
N ALA I 47 -22.06 18.58 -26.61
CA ALA I 47 -23.27 18.40 -27.44
C ALA I 47 -23.17 19.04 -28.83
N ALA I 48 -22.48 20.18 -28.92
CA ALA I 48 -22.30 20.88 -30.18
C ALA I 48 -21.43 20.10 -31.18
N GLU I 49 -20.31 19.56 -30.71
CA GLU I 49 -19.44 18.75 -31.57
C GLU I 49 -20.11 17.46 -32.02
N LEU I 50 -21.08 16.99 -31.24
CA LEU I 50 -21.90 15.83 -31.62
C LEU I 50 -23.06 16.26 -32.52
N GLY I 51 -23.30 17.58 -32.58
CA GLY I 51 -24.39 18.13 -33.36
C GLY I 51 -25.76 18.00 -32.73
N LEU I 52 -25.89 18.41 -31.46
CA LEU I 52 -27.16 18.41 -30.73
C LEU I 52 -27.29 19.74 -29.97
N LYS I 53 -28.51 20.17 -29.68
CA LYS I 53 -28.73 21.31 -28.78
C LYS I 53 -29.09 20.75 -27.42
N ALA I 54 -28.34 21.08 -26.39
CA ALA I 54 -28.62 20.50 -25.09
C ALA I 54 -28.94 21.59 -24.09
N VAL I 55 -30.19 21.64 -23.64
CA VAL I 55 -30.62 22.47 -22.49
C VAL I 55 -30.39 21.75 -21.14
N VAL I 56 -29.68 22.38 -20.22
CA VAL I 56 -29.39 21.80 -18.90
C VAL I 56 -30.12 22.54 -17.77
N ARG I 57 -30.87 21.83 -16.95
CA ARG I 57 -31.63 22.50 -15.86
C ARG I 57 -31.45 21.86 -14.49
N GLN I 58 -31.49 22.68 -13.44
CA GLN I 58 -31.40 22.15 -12.07
C GLN I 58 -32.38 22.75 -11.10
N SER I 59 -33.09 21.88 -10.40
CA SER I 59 -33.98 22.28 -9.33
C SER I 59 -33.98 21.31 -8.15
N ASP I 60 -34.15 21.86 -6.94
CA ASP I 60 -34.39 21.04 -5.75
C ASP I 60 -35.87 20.69 -5.58
N SER I 61 -36.71 21.10 -6.51
CA SER I 61 -38.16 20.98 -6.34
C SER I 61 -38.71 19.85 -7.20
N GLU I 62 -39.35 18.88 -6.57
CA GLU I 62 -39.92 17.76 -7.31
C GLU I 62 -40.97 18.22 -8.38
N ALA I 63 -41.77 19.22 -8.03
CA ALA I 63 -42.82 19.71 -8.93
C ALA I 63 -42.14 20.26 -10.18
N GLN I 64 -41.13 21.09 -9.97
CA GLN I 64 -40.34 21.67 -11.05
C GLN I 64 -39.71 20.58 -11.97
N LEU I 65 -39.19 19.52 -11.38
CA LEU I 65 -38.77 18.39 -12.18
C LEU I 65 -39.93 17.70 -12.92
N LEU I 66 -41.09 17.56 -12.29
CA LEU I 66 -42.22 16.92 -12.97
C LEU I 66 -42.57 17.77 -14.16
N ASP I 67 -42.54 19.07 -13.98
CA ASP I 67 -42.97 19.94 -15.03
C ASP I 67 -42.02 19.81 -16.22
N TRP I 68 -40.71 19.97 -16.00
CA TRP I 68 -39.73 19.80 -17.10
C TRP I 68 -39.89 18.52 -17.89
N ILE I 69 -40.16 17.42 -17.19
CA ILE I 69 -40.44 16.14 -17.82
C ILE I 69 -41.72 16.14 -18.67
N HIS I 70 -42.77 16.80 -18.20
CA HIS I 70 -44.01 16.84 -19.00
C HIS I 70 -43.71 17.50 -20.31
N GLN I 71 -42.93 18.58 -20.25
CA GLN I 71 -42.58 19.36 -21.43
C GLN I 71 -41.78 18.53 -22.43
N ALA I 72 -40.70 17.91 -21.96
CA ALA I 72 -40.01 16.91 -22.75
C ALA I 72 -40.95 15.85 -23.36
N ALA I 73 -41.96 15.43 -22.60
CA ALA I 73 -42.90 14.42 -23.09
C ALA I 73 -43.85 14.92 -24.20
N ASP I 74 -44.32 16.17 -24.09
CA ASP I 74 -45.12 16.83 -25.13
C ASP I 74 -44.26 17.22 -26.32
N ALA I 75 -42.98 17.43 -26.08
CA ALA I 75 -42.04 17.74 -27.13
C ALA I 75 -41.59 16.47 -27.88
N ALA I 76 -41.63 15.32 -27.19
CA ALA I 76 -40.96 14.10 -27.67
C ALA I 76 -39.45 14.26 -27.74
N GLU I 77 -38.84 14.71 -26.63
CA GLU I 77 -37.38 14.90 -26.59
C GLU I 77 -36.65 14.01 -25.59
N PRO I 78 -35.45 13.54 -25.95
CA PRO I 78 -34.70 12.68 -25.01
C PRO I 78 -34.37 13.40 -23.72
N VAL I 79 -34.39 12.67 -22.60
CA VAL I 79 -34.02 13.22 -21.28
C VAL I 79 -32.80 12.48 -20.76
N ILE I 80 -31.79 13.23 -20.35
CA ILE I 80 -30.70 12.75 -19.51
C ILE I 80 -30.98 13.21 -18.06
N LEU I 81 -31.30 12.24 -17.20
CA LEU I 81 -31.83 12.52 -15.86
C LEU I 81 -30.93 12.01 -14.72
N ASN I 82 -30.67 12.89 -13.77
CA ASN I 82 -30.04 12.54 -12.51
C ASN I 82 -30.94 13.06 -11.41
N ALA I 83 -31.73 12.21 -10.78
CA ALA I 83 -32.70 12.77 -9.84
C ALA I 83 -32.10 12.93 -8.46
N GLY I 84 -30.82 12.61 -8.32
CA GLY I 84 -30.19 12.56 -7.02
C GLY I 84 -30.99 11.70 -6.08
N GLY I 85 -31.33 12.27 -4.93
CA GLY I 85 -31.99 11.51 -3.87
C GLY I 85 -33.39 11.02 -4.21
N LEU I 86 -34.03 11.72 -5.15
CA LEU I 86 -35.39 11.40 -5.57
C LEU I 86 -35.50 10.01 -6.17
N THR I 87 -34.38 9.54 -6.73
CA THR I 87 -34.30 8.29 -7.48
C THR I 87 -34.78 7.11 -6.62
N HIS I 88 -34.42 7.12 -5.34
CA HIS I 88 -34.71 6.00 -4.43
C HIS I 88 -36.03 6.17 -3.69
N THR I 89 -36.74 7.26 -3.94
CA THR I 89 -37.87 7.60 -3.10
C THR I 89 -39.12 7.93 -3.90
N SER I 90 -38.91 8.52 -5.07
CA SER I 90 -39.99 9.20 -5.76
C SER I 90 -40.66 8.34 -6.80
N VAL I 91 -41.90 7.98 -6.50
CA VAL I 91 -42.75 7.32 -7.48
C VAL I 91 -43.36 8.34 -8.44
N ALA I 92 -43.72 9.52 -7.93
CA ALA I 92 -44.23 10.60 -8.78
C ALA I 92 -43.33 10.83 -9.98
N LEU I 93 -42.02 10.92 -9.70
CA LEU I 93 -41.01 11.10 -10.74
C LEU I 93 -40.96 9.94 -11.74
N ARG I 94 -40.85 8.71 -11.23
CA ARG I 94 -41.00 7.52 -12.08
C ARG I 94 -42.16 7.66 -13.07
N ASP I 95 -43.38 7.86 -12.58
CA ASP I 95 -44.56 7.96 -13.44
C ASP I 95 -44.50 9.06 -14.49
N ALA I 96 -43.75 10.13 -14.24
CA ALA I 96 -43.69 11.22 -15.19
C ALA I 96 -42.77 10.81 -16.31
N CYS I 97 -41.80 9.97 -15.96
CA CYS I 97 -40.85 9.49 -16.93
C CYS I 97 -41.42 8.36 -17.78
N ALA I 98 -42.24 7.52 -17.19
CA ALA I 98 -42.86 6.43 -17.93
C ALA I 98 -43.56 6.92 -19.20
N GLU I 99 -43.96 8.19 -19.18
CA GLU I 99 -44.73 8.77 -20.24
C GLU I 99 -43.89 9.19 -21.46
N LEU I 100 -42.55 9.23 -21.32
CA LEU I 100 -41.65 9.75 -22.38
C LEU I 100 -41.52 8.76 -23.53
N SER I 101 -41.71 9.23 -24.76
CA SER I 101 -41.52 8.37 -25.94
C SER I 101 -40.08 8.33 -26.45
N ALA I 102 -39.32 9.41 -26.27
CA ALA I 102 -37.89 9.39 -26.58
C ALA I 102 -37.11 8.64 -25.47
N PRO I 103 -35.89 8.15 -25.81
CA PRO I 103 -35.08 7.42 -24.82
C PRO I 103 -34.86 8.26 -23.59
N LEU I 104 -34.74 7.57 -22.46
CA LEU I 104 -34.43 8.22 -21.17
C LEU I 104 -33.18 7.58 -20.57
N ILE I 105 -32.20 8.38 -20.20
CA ILE I 105 -30.97 7.88 -19.59
C ILE I 105 -30.81 8.37 -18.15
N GLU I 106 -30.87 7.42 -17.22
CA GLU I 106 -30.60 7.66 -15.79
C GLU I 106 -29.10 7.84 -15.69
N VAL I 107 -28.65 8.89 -15.02
CA VAL I 107 -27.21 9.14 -14.81
C VAL I 107 -26.88 9.39 -13.34
N HIS I 108 -25.89 8.69 -12.80
CA HIS I 108 -25.37 8.99 -11.46
C HIS I 108 -23.90 9.17 -11.42
N ILE I 109 -23.45 10.35 -11.04
CA ILE I 109 -22.03 10.67 -10.93
C ILE I 109 -21.25 9.67 -10.08
N SER I 110 -21.82 9.32 -8.93
CA SER I 110 -21.17 8.40 -7.99
C SER I 110 -21.64 7.00 -8.26
N ASN I 111 -20.89 6.03 -7.74
CA ASN I 111 -21.24 4.62 -7.84
C ASN I 111 -22.14 4.27 -6.67
N VAL I 112 -23.45 4.26 -6.91
CA VAL I 112 -24.45 4.01 -5.87
C VAL I 112 -24.32 2.64 -5.21
N HIS I 113 -23.73 1.70 -5.92
CA HIS I 113 -23.60 0.32 -5.44
C HIS I 113 -22.50 0.11 -4.45
N ALA I 114 -21.76 1.18 -4.16
CA ALA I 114 -20.67 1.12 -3.18
C ALA I 114 -20.92 2.03 -1.97
N ARG I 115 -22.06 2.70 -1.94
CA ARG I 115 -22.42 3.49 -0.79
C ARG I 115 -23.41 2.71 0.08
N GLU I 116 -24.37 3.41 0.65
CA GLU I 116 -25.34 2.78 1.53
C GLU I 116 -26.29 1.88 0.74
N GLU I 117 -26.76 0.82 1.37
CA GLU I 117 -27.59 -0.19 0.72
C GLU I 117 -28.85 0.39 0.05
N PHE I 118 -29.46 1.41 0.67
CA PHE I 118 -30.73 1.95 0.17
C PHE I 118 -30.52 2.77 -1.09
N ARG I 119 -29.28 3.10 -1.38
CA ARG I 119 -29.01 3.76 -2.65
C ARG I 119 -28.95 2.75 -3.78
N ARG I 120 -28.85 1.46 -3.45
CA ARG I 120 -28.74 0.40 -4.44
C ARG I 120 -30.06 0.07 -5.13
N HIS I 121 -31.14 0.78 -4.78
CA HIS I 121 -32.43 0.64 -5.48
C HIS I 121 -32.91 1.94 -6.10
N SER I 122 -33.58 1.83 -7.24
CA SER I 122 -34.10 2.99 -7.94
C SER I 122 -35.47 2.75 -8.61
N TYR I 123 -36.43 3.62 -8.31
CA TYR I 123 -37.74 3.62 -8.96
C TYR I 123 -37.67 3.96 -10.44
N LEU I 124 -36.54 4.48 -10.88
CA LEU I 124 -36.38 4.98 -12.25
C LEU I 124 -35.76 3.99 -13.23
N SER I 125 -34.77 3.21 -12.81
CA SER I 125 -34.09 2.29 -13.70
C SER I 125 -35.01 1.32 -14.47
N PRO I 126 -36.06 0.77 -13.81
CA PRO I 126 -36.93 -0.14 -14.57
C PRO I 126 -37.55 0.49 -15.79
N ILE I 127 -37.78 1.81 -15.79
CA ILE I 127 -38.55 2.46 -16.87
C ILE I 127 -37.72 3.33 -17.80
N ALA I 128 -36.42 3.37 -17.53
CA ALA I 128 -35.44 4.12 -18.29
C ALA I 128 -34.87 3.25 -19.38
N THR I 129 -34.47 3.88 -20.49
CA THR I 129 -33.77 3.14 -21.54
C THR I 129 -32.56 2.49 -20.92
N GLY I 130 -31.77 3.28 -20.18
CA GLY I 130 -30.55 2.78 -19.56
C GLY I 130 -30.02 3.62 -18.42
N VAL I 131 -29.06 3.05 -17.70
CA VAL I 131 -28.45 3.75 -16.60
C VAL I 131 -26.95 3.77 -16.80
N ILE I 132 -26.37 4.91 -16.47
CA ILE I 132 -24.92 5.06 -16.37
C ILE I 132 -24.63 5.46 -14.93
N VAL I 133 -23.73 4.73 -14.27
CA VAL I 133 -23.48 4.92 -12.84
C VAL I 133 -21.98 5.00 -12.55
N GLY I 134 -21.59 6.03 -11.80
CA GLY I 134 -20.28 6.08 -11.19
C GLY I 134 -19.06 6.36 -12.05
N LEU I 135 -19.28 6.69 -13.32
CA LEU I 135 -18.18 7.03 -14.20
C LEU I 135 -17.95 8.52 -14.08
N GLY I 136 -18.43 9.09 -12.97
CA GLY I 136 -18.28 10.49 -12.72
C GLY I 136 -19.08 11.33 -13.67
N ILE I 137 -18.57 12.52 -13.94
CA ILE I 137 -19.23 13.52 -14.78
C ILE I 137 -19.21 13.12 -16.23
N GLN I 138 -18.25 12.28 -16.60
CA GLN I 138 -18.08 11.78 -17.96
C GLN I 138 -19.31 10.95 -18.35
N GLY I 139 -20.05 10.50 -17.36
CA GLY I 139 -21.32 9.83 -17.61
C GLY I 139 -22.32 10.62 -18.43
N TYR I 140 -22.46 11.94 -18.17
CA TYR I 140 -23.48 12.74 -18.84
C TYR I 140 -23.09 12.87 -20.29
N LEU I 141 -21.79 13.01 -20.54
CA LEU I 141 -21.28 13.08 -21.92
C LEU I 141 -21.53 11.78 -22.69
N LEU I 142 -21.23 10.66 -22.05
CA LEU I 142 -21.49 9.35 -22.67
C LEU I 142 -23.00 9.16 -22.94
N ALA I 143 -23.85 9.67 -22.07
CA ALA I 143 -25.27 9.70 -22.38
C ALA I 143 -25.56 10.55 -23.64
N LEU I 144 -24.77 11.61 -23.89
CA LEU I 144 -25.01 12.39 -25.12
C LEU I 144 -24.55 11.62 -26.36
N ARG I 145 -23.32 11.13 -26.27
CA ARG I 145 -22.76 10.28 -27.28
C ARG I 145 -23.71 9.15 -27.72
N TYR I 146 -24.41 8.54 -26.77
CA TYR I 146 -25.35 7.45 -27.08
C TYR I 146 -26.61 7.93 -27.81
N LEU I 147 -27.10 9.12 -27.40
CA LEU I 147 -28.28 9.74 -27.98
C LEU I 147 -28.08 10.21 -29.42
N ALA I 148 -26.88 10.71 -29.73
CA ALA I 148 -26.50 11.10 -31.11
C ALA I 148 -26.59 9.92 -32.07
N GLU I 149 -26.10 8.75 -31.64
CA GLU I 149 -26.33 7.46 -32.32
C GLU I 149 -27.80 7.04 -32.49
N HIS I 150 -28.72 7.70 -31.77
CA HIS I 150 -30.19 7.42 -31.70
C HIS I 150 -30.61 6.26 -30.82
N LEU J 10 -72.57 23.56 0.71
CA LEU J 10 -71.89 22.35 1.28
C LEU J 10 -70.72 21.84 0.43
N ILE J 11 -69.54 22.43 0.63
CA ILE J 11 -68.38 22.24 -0.22
C ILE J 11 -67.73 20.86 -0.04
N VAL J 12 -67.35 20.24 -1.14
CA VAL J 12 -66.49 19.08 -1.06
C VAL J 12 -65.23 19.34 -1.85
N ASN J 13 -64.09 18.98 -1.29
CA ASN J 13 -62.83 19.20 -1.94
C ASN J 13 -62.31 17.97 -2.64
N VAL J 14 -62.10 18.07 -3.94
CA VAL J 14 -61.47 17.03 -4.71
C VAL J 14 -60.04 17.47 -5.00
N ILE J 15 -59.11 16.66 -4.54
CA ILE J 15 -57.69 17.00 -4.66
C ILE J 15 -56.91 15.94 -5.46
N ASN J 16 -56.27 16.40 -6.51
CA ASN J 16 -55.48 15.53 -7.39
C ASN J 16 -54.01 15.88 -7.30
N GLY J 17 -53.20 14.83 -7.14
CA GLY J 17 -51.74 14.99 -7.02
C GLY J 17 -50.94 14.81 -8.30
N PRO J 18 -49.62 14.63 -8.17
CA PRO J 18 -48.67 14.55 -9.28
C PRO J 18 -49.13 13.77 -10.52
N ASN J 19 -48.91 14.34 -11.71
CA ASN J 19 -49.20 13.71 -13.00
C ASN J 19 -50.68 13.63 -13.45
N LEU J 20 -51.61 13.98 -12.55
CA LEU J 20 -53.03 13.94 -12.89
C LEU J 20 -53.47 15.10 -13.80
N GLY J 21 -52.71 16.21 -13.80
CA GLY J 21 -52.79 17.21 -14.87
C GLY J 21 -52.52 16.68 -16.29
N ARG J 22 -52.07 15.44 -16.43
CA ARG J 22 -51.70 14.83 -17.72
C ARG J 22 -52.71 13.78 -18.12
N LEU J 23 -53.80 13.68 -17.36
CA LEU J 23 -54.89 12.74 -17.65
C LEU J 23 -55.35 12.85 -19.11
N GLY J 24 -55.46 11.71 -19.77
CA GLY J 24 -55.90 11.63 -21.17
C GLY J 24 -54.94 12.17 -22.22
N ARG J 25 -53.78 12.65 -21.79
CA ARG J 25 -52.76 13.05 -22.74
C ARG J 25 -51.85 11.86 -22.99
N ARG J 26 -52.37 10.67 -22.66
CA ARG J 26 -51.72 9.36 -22.84
C ARG J 26 -51.14 8.91 -21.50
N GLU J 27 -51.23 7.62 -21.14
CA GLU J 27 -51.56 6.48 -22.03
C GLU J 27 -53.02 5.98 -22.02
N PRO J 28 -53.53 5.56 -23.19
CA PRO J 28 -54.89 5.11 -23.49
C PRO J 28 -55.80 4.73 -22.30
N ALA J 29 -55.75 3.55 -21.64
CA ALA J 29 -54.86 2.37 -21.72
C ALA J 29 -54.95 1.84 -20.29
N VAL J 30 -54.57 2.72 -19.35
CA VAL J 30 -54.57 2.48 -17.90
C VAL J 30 -55.43 3.55 -17.20
N TYR J 31 -55.61 4.72 -17.83
CA TYR J 31 -56.25 5.87 -17.18
C TYR J 31 -57.49 6.44 -17.91
N GLY J 32 -57.63 6.14 -19.19
CA GLY J 32 -58.83 6.56 -19.92
C GLY J 32 -58.61 7.74 -20.85
N GLY J 33 -59.58 8.00 -21.72
CA GLY J 33 -59.49 9.09 -22.69
C GLY J 33 -59.82 10.52 -22.23
N THR J 34 -60.58 10.71 -21.14
CA THR J 34 -60.99 12.08 -20.76
C THR J 34 -59.82 12.78 -20.08
N THR J 35 -59.63 14.06 -20.36
CA THR J 35 -58.51 14.79 -19.83
C THR J 35 -58.88 15.41 -18.51
N HIS J 36 -57.88 15.88 -17.75
CA HIS J 36 -58.13 16.58 -16.48
C HIS J 36 -59.08 17.76 -16.57
N ASP J 37 -59.01 18.58 -17.62
CA ASP J 37 -59.99 19.67 -17.71
C ASP J 37 -61.43 19.17 -17.83
N GLU J 38 -61.64 18.10 -18.62
CA GLU J 38 -62.98 17.57 -18.81
C GLU J 38 -63.52 16.94 -17.54
N LEU J 39 -62.64 16.43 -16.68
CA LEU J 39 -63.05 15.76 -15.45
C LEU J 39 -63.47 16.78 -14.41
N VAL J 40 -62.69 17.84 -14.31
CA VAL J 40 -62.98 18.91 -13.42
C VAL J 40 -64.44 19.29 -13.61
N ALA J 41 -64.85 19.48 -14.87
CA ALA J 41 -66.23 19.89 -15.19
C ALA J 41 -67.29 18.79 -14.98
N LEU J 42 -66.99 17.57 -15.43
CA LEU J 42 -67.75 16.35 -15.13
C LEU J 42 -68.14 16.25 -13.64
N ILE J 43 -67.13 16.38 -12.78
CA ILE J 43 -67.31 16.37 -11.32
C ILE J 43 -68.16 17.52 -10.82
N GLU J 44 -67.90 18.74 -11.30
CA GLU J 44 -68.68 19.91 -10.83
C GLU J 44 -70.13 19.76 -11.24
N ARG J 45 -70.37 19.38 -12.48
CA ARG J 45 -71.74 19.13 -12.89
C ARG J 45 -72.36 18.08 -11.97
N GLU J 46 -71.64 16.98 -11.76
CA GLU J 46 -72.14 15.89 -10.94
C GLU J 46 -72.35 16.26 -9.48
N ALA J 47 -71.48 17.06 -8.88
CA ALA J 47 -71.76 17.47 -7.49
C ALA J 47 -73.03 18.34 -7.39
N ALA J 48 -73.29 19.17 -8.40
CA ALA J 48 -74.42 20.07 -8.39
C ALA J 48 -75.75 19.31 -8.45
N GLU J 49 -75.78 18.21 -9.21
CA GLU J 49 -76.98 17.36 -9.29
C GLU J 49 -77.22 16.63 -7.97
N LEU J 50 -76.27 16.75 -7.05
CA LEU J 50 -76.41 16.12 -5.75
C LEU J 50 -76.60 17.17 -4.64
N GLY J 51 -76.53 18.44 -5.02
CA GLY J 51 -76.56 19.51 -4.05
C GLY J 51 -75.22 19.81 -3.40
N LEU J 52 -74.16 19.16 -3.84
CA LEU J 52 -72.87 19.54 -3.31
C LEU J 52 -72.29 20.64 -4.19
N LYS J 53 -71.27 21.32 -3.67
CA LYS J 53 -70.49 22.32 -4.41
C LYS J 53 -69.05 21.80 -4.38
N ALA J 54 -68.50 21.43 -5.53
CA ALA J 54 -67.21 20.78 -5.52
C ALA J 54 -66.10 21.73 -5.92
N VAL J 55 -64.99 21.66 -5.20
CA VAL J 55 -63.80 22.36 -5.64
C VAL J 55 -62.70 21.35 -6.03
N VAL J 56 -62.40 21.28 -7.32
CA VAL J 56 -61.40 20.39 -7.87
C VAL J 56 -60.11 21.16 -8.07
N ARG J 57 -59.01 20.64 -7.55
CA ARG J 57 -57.75 21.31 -7.76
C ARG J 57 -56.74 20.22 -7.98
N GLN J 58 -55.74 20.50 -8.80
CA GLN J 58 -54.68 19.54 -9.00
C GLN J 58 -53.41 20.31 -8.85
N SER J 59 -52.37 19.59 -8.46
CA SER J 59 -51.02 20.14 -8.38
C SER J 59 -50.01 19.02 -8.20
N ASP J 60 -48.81 19.29 -8.71
CA ASP J 60 -47.68 18.36 -8.67
C ASP J 60 -46.74 18.72 -7.49
N SER J 61 -47.24 19.55 -6.60
CA SER J 61 -46.46 20.05 -5.51
C SER J 61 -47.04 19.62 -4.18
N GLU J 62 -46.25 18.88 -3.44
CA GLU J 62 -46.69 18.32 -2.19
C GLU J 62 -47.10 19.41 -1.20
N ALA J 63 -46.37 20.52 -1.22
CA ALA J 63 -46.66 21.59 -0.27
C ALA J 63 -48.10 22.09 -0.49
N GLN J 64 -48.38 22.39 -1.75
CA GLN J 64 -49.69 22.77 -2.23
C GLN J 64 -50.79 21.85 -1.76
N LEU J 65 -50.63 20.56 -2.03
CA LEU J 65 -51.57 19.57 -1.53
C LEU J 65 -51.78 19.73 -0.03
N LEU J 66 -50.70 19.89 0.72
CA LEU J 66 -50.77 19.91 2.18
C LEU J 66 -51.47 21.17 2.67
N ASP J 67 -51.22 22.24 1.95
CA ASP J 67 -51.84 23.51 2.20
C ASP J 67 -53.32 23.35 1.96
N TRP J 68 -53.67 22.52 0.98
CA TRP J 68 -55.07 22.31 0.62
C TRP J 68 -55.78 21.49 1.66
N ILE J 69 -55.16 20.39 2.08
CA ILE J 69 -55.70 19.54 3.13
C ILE J 69 -55.88 20.31 4.44
N HIS J 70 -55.01 21.27 4.68
CA HIS J 70 -55.15 22.09 5.86
C HIS J 70 -56.42 22.92 5.83
N GLN J 71 -56.79 23.46 4.67
CA GLN J 71 -57.96 24.32 4.63
C GLN J 71 -59.24 23.54 4.86
N ALA J 72 -59.19 22.27 4.49
CA ALA J 72 -60.34 21.39 4.66
C ALA J 72 -60.45 20.99 6.10
N ALA J 73 -59.28 20.86 6.73
CA ALA J 73 -59.21 20.56 8.15
C ALA J 73 -59.75 21.77 8.92
N ASP J 74 -59.46 22.98 8.45
CA ASP J 74 -59.96 24.15 9.17
C ASP J 74 -61.46 24.32 8.97
N ALA J 75 -61.98 23.88 7.82
CA ALA J 75 -63.34 24.16 7.42
C ALA J 75 -64.29 23.02 7.74
N ALA J 76 -63.77 21.97 8.39
CA ALA J 76 -64.45 20.65 8.56
C ALA J 76 -65.11 20.15 7.27
N GLU J 77 -64.37 20.18 6.15
CA GLU J 77 -64.90 19.78 4.85
C GLU J 77 -64.41 18.42 4.36
N PRO J 78 -65.28 17.66 3.68
CA PRO J 78 -64.85 16.37 3.14
C PRO J 78 -63.88 16.52 1.98
N VAL J 79 -63.19 15.43 1.70
CA VAL J 79 -62.09 15.45 0.74
C VAL J 79 -62.06 14.11 0.00
N ILE J 80 -62.03 14.20 -1.32
CA ILE J 80 -61.79 13.08 -2.22
C ILE J 80 -60.34 13.29 -2.70
N LEU J 81 -59.46 12.39 -2.30
CA LEU J 81 -58.06 12.60 -2.59
C LEU J 81 -57.57 11.53 -3.53
N ASN J 82 -57.01 11.98 -4.64
CA ASN J 82 -56.19 11.13 -5.48
C ASN J 82 -54.77 11.65 -5.45
N ALA J 83 -53.99 11.10 -4.57
CA ALA J 83 -52.65 11.58 -4.35
C ALA J 83 -51.69 11.23 -5.48
N GLY J 84 -52.14 10.44 -6.45
CA GLY J 84 -51.23 9.83 -7.42
C GLY J 84 -50.05 9.14 -6.73
N GLY J 85 -48.85 9.43 -7.23
CA GLY J 85 -47.62 8.77 -6.80
C GLY J 85 -47.31 8.89 -5.32
N LEU J 86 -47.65 10.04 -4.77
CA LEU J 86 -47.42 10.36 -3.34
C LEU J 86 -48.04 9.34 -2.39
N THR J 87 -49.13 8.72 -2.79
CA THR J 87 -49.80 7.69 -2.00
C THR J 87 -48.86 6.63 -1.42
N HIS J 88 -47.86 6.25 -2.19
CA HIS J 88 -47.00 5.17 -1.76
C HIS J 88 -45.80 5.67 -0.99
N THR J 89 -45.66 7.00 -0.86
CA THR J 89 -44.38 7.54 -0.40
C THR J 89 -44.42 8.61 0.70
N SER J 90 -45.50 9.36 0.82
CA SER J 90 -45.43 10.60 1.61
C SER J 90 -46.11 10.61 2.97
N VAL J 91 -45.35 10.29 4.01
CA VAL J 91 -45.83 10.37 5.39
C VAL J 91 -46.36 11.76 5.76
N ALA J 92 -45.94 12.77 5.01
CA ALA J 92 -46.36 14.15 5.23
C ALA J 92 -47.82 14.32 4.84
N LEU J 93 -48.19 13.79 3.68
CA LEU J 93 -49.57 13.83 3.27
C LEU J 93 -50.45 13.13 4.33
N ARG J 94 -49.96 11.98 4.80
CA ARG J 94 -50.68 11.12 5.74
C ARG J 94 -51.04 11.91 6.99
N ASP J 95 -50.07 12.55 7.61
CA ASP J 95 -50.33 13.31 8.82
C ASP J 95 -51.26 14.50 8.60
N ALA J 96 -51.10 15.16 7.46
CA ALA J 96 -52.00 16.21 7.02
C ALA J 96 -53.39 15.70 7.15
N CYS J 97 -53.63 14.56 6.49
CA CYS J 97 -54.95 14.02 6.30
C CYS J 97 -55.48 13.45 7.58
N ALA J 98 -54.59 12.94 8.42
CA ALA J 98 -54.98 12.32 9.68
C ALA J 98 -55.63 13.31 10.65
N GLU J 99 -56.05 14.48 10.15
CA GLU J 99 -56.50 15.59 10.98
C GLU J 99 -57.84 16.11 10.44
N LEU J 100 -58.20 15.64 9.25
CA LEU J 100 -59.51 15.87 8.71
C LEU J 100 -60.57 15.22 9.59
N SER J 101 -61.55 16.00 10.01
CA SER J 101 -62.60 15.47 10.84
C SER J 101 -63.77 14.98 9.98
N ALA J 102 -63.90 15.55 8.79
CA ALA J 102 -64.90 15.07 7.83
C ALA J 102 -64.34 13.87 7.03
N PRO J 103 -65.21 13.13 6.31
CA PRO J 103 -64.76 11.93 5.60
C PRO J 103 -63.62 12.16 4.61
N LEU J 104 -62.68 11.20 4.57
CA LEU J 104 -61.63 11.20 3.56
C LEU J 104 -61.79 10.02 2.64
N ILE J 105 -61.92 10.29 1.34
CA ILE J 105 -62.02 9.19 0.36
C ILE J 105 -60.80 9.20 -0.57
N GLU J 106 -59.98 8.16 -0.47
CA GLU J 106 -58.88 8.00 -1.36
C GLU J 106 -59.34 7.28 -2.63
N VAL J 107 -59.05 7.87 -3.77
CA VAL J 107 -59.51 7.34 -5.04
C VAL J 107 -58.32 7.14 -5.96
N HIS J 108 -58.34 6.04 -6.71
CA HIS J 108 -57.35 5.77 -7.76
C HIS J 108 -58.09 5.33 -8.98
N ILE J 109 -57.76 5.91 -10.13
CA ILE J 109 -58.43 5.59 -11.36
C ILE J 109 -58.22 4.15 -11.79
N SER J 110 -56.97 3.70 -11.78
CA SER J 110 -56.65 2.34 -12.20
C SER J 110 -56.55 1.37 -11.01
N ASN J 111 -56.46 0.09 -11.31
CA ASN J 111 -56.46 -0.91 -10.25
C ASN J 111 -55.05 -1.17 -9.82
N VAL J 112 -54.64 -0.45 -8.78
CA VAL J 112 -53.25 -0.53 -8.32
C VAL J 112 -52.83 -1.98 -7.95
N HIS J 113 -53.79 -2.85 -7.63
CA HIS J 113 -53.39 -4.19 -7.21
C HIS J 113 -53.05 -5.05 -8.37
N ALA J 114 -53.32 -4.58 -9.59
CA ALA J 114 -52.96 -5.34 -10.77
C ALA J 114 -51.74 -4.78 -11.52
N ARG J 115 -50.90 -4.01 -10.83
CA ARG J 115 -49.70 -3.39 -11.39
C ARG J 115 -48.58 -3.81 -10.49
N GLU J 116 -47.51 -3.00 -10.37
CA GLU J 116 -46.30 -3.37 -9.57
C GLU J 116 -46.55 -3.48 -8.07
N GLU J 117 -45.97 -4.46 -7.41
CA GLU J 117 -46.25 -4.64 -5.96
C GLU J 117 -46.07 -3.38 -5.10
N PHE J 118 -45.13 -2.50 -5.44
CA PHE J 118 -44.96 -1.32 -4.59
C PHE J 118 -46.23 -0.43 -4.64
N ARG J 119 -47.02 -0.54 -5.70
CA ARG J 119 -48.25 0.23 -5.83
C ARG J 119 -49.42 -0.31 -5.01
N ARG J 120 -49.25 -1.50 -4.44
CA ARG J 120 -50.30 -2.07 -3.60
C ARG J 120 -50.29 -1.52 -2.16
N HIS J 121 -49.28 -0.71 -1.81
CA HIS J 121 -49.25 -0.12 -0.46
C HIS J 121 -49.43 1.37 -0.42
N SER J 122 -50.24 1.80 0.54
CA SER J 122 -50.58 3.17 0.70
C SER J 122 -50.37 3.58 2.17
N TYR J 123 -49.84 4.77 2.35
CA TYR J 123 -49.73 5.32 3.66
C TYR J 123 -51.02 6.04 3.97
N LEU J 124 -51.81 6.31 2.93
CA LEU J 124 -53.05 7.06 3.10
C LEU J 124 -54.16 6.21 3.61
N SER J 125 -54.27 5.00 3.09
CA SER J 125 -55.43 4.16 3.30
C SER J 125 -55.81 3.95 4.76
N PRO J 126 -54.81 3.78 5.65
CA PRO J 126 -55.24 3.53 7.03
C PRO J 126 -55.91 4.74 7.64
N ILE J 127 -55.74 5.90 7.05
CA ILE J 127 -56.29 7.10 7.68
C ILE J 127 -57.45 7.68 6.87
N ALA J 128 -57.65 7.19 5.66
CA ALA J 128 -58.87 7.56 4.96
C ALA J 128 -60.10 6.92 5.66
N THR J 129 -61.29 7.36 5.30
CA THR J 129 -62.51 6.71 5.71
C THR J 129 -62.75 5.51 4.82
N GLY J 130 -62.34 5.61 3.55
CA GLY J 130 -62.52 4.54 2.55
C GLY J 130 -61.68 4.79 1.30
N VAL J 131 -61.71 3.83 0.39
CA VAL J 131 -60.81 3.83 -0.76
C VAL J 131 -61.58 3.26 -1.95
N ILE J 132 -61.56 3.97 -3.07
CA ILE J 132 -62.10 3.40 -4.30
C ILE J 132 -60.98 3.21 -5.36
N VAL J 133 -60.84 1.97 -5.85
CA VAL J 133 -59.73 1.65 -6.74
C VAL J 133 -60.25 0.92 -7.94
N GLY J 134 -59.79 1.30 -9.12
CA GLY J 134 -59.97 0.51 -10.31
C GLY J 134 -61.23 0.75 -11.14
N LEU J 135 -62.13 1.56 -10.60
CA LEU J 135 -63.29 2.04 -11.35
C LEU J 135 -62.68 3.34 -11.70
N GLY J 136 -62.74 3.71 -12.97
CA GLY J 136 -61.78 4.65 -13.52
C GLY J 136 -62.18 6.04 -13.11
N ILE J 137 -62.45 6.90 -14.09
CA ILE J 137 -62.93 8.24 -13.77
C ILE J 137 -64.17 8.25 -12.89
N GLN J 138 -65.04 7.27 -13.03
CA GLN J 138 -66.25 7.23 -12.24
C GLN J 138 -66.00 7.09 -10.71
N GLY J 139 -64.78 6.68 -10.35
CA GLY J 139 -64.36 6.63 -8.96
C GLY J 139 -64.83 7.90 -8.27
N TYR J 140 -64.35 9.05 -8.74
CA TYR J 140 -64.69 10.34 -8.15
C TYR J 140 -66.19 10.53 -8.04
N LEU J 141 -66.89 10.17 -9.10
CA LEU J 141 -68.33 10.39 -9.16
C LEU J 141 -69.05 9.65 -8.04
N LEU J 142 -68.58 8.44 -7.68
CA LEU J 142 -69.23 7.63 -6.66
C LEU J 142 -68.83 8.11 -5.27
N ALA J 143 -67.63 8.67 -5.14
CA ALA J 143 -67.21 9.19 -3.86
C ALA J 143 -68.11 10.37 -3.53
N LEU J 144 -68.48 11.18 -4.52
CA LEU J 144 -69.43 12.25 -4.26
C LEU J 144 -70.70 11.62 -3.74
N ARG J 145 -71.14 10.56 -4.41
CA ARG J 145 -72.39 9.95 -4.02
C ARG J 145 -72.34 9.44 -2.59
N TYR J 146 -71.21 8.88 -2.16
CA TYR J 146 -71.10 8.43 -0.77
C TYR J 146 -71.22 9.64 0.12
N LEU J 147 -70.63 10.76 -0.32
CA LEU J 147 -70.58 11.96 0.49
C LEU J 147 -71.93 12.64 0.63
N ALA J 148 -72.80 12.53 -0.38
CA ALA J 148 -74.17 13.03 -0.24
C ALA J 148 -75.00 12.26 0.79
N GLU J 149 -74.34 11.56 1.71
CA GLU J 149 -75.00 10.90 2.87
C GLU J 149 -74.27 11.06 4.21
N HIS J 150 -73.44 10.05 4.46
CA HIS J 150 -72.97 9.62 5.78
C HIS J 150 -71.93 8.57 5.47
N LEU K 10 -72.83 -25.60 33.13
CA LEU K 10 -73.89 -24.66 32.65
C LEU K 10 -74.23 -25.12 31.25
N ILE K 11 -73.22 -25.10 30.35
CA ILE K 11 -73.22 -25.67 28.99
C ILE K 11 -71.94 -25.19 28.32
N VAL K 12 -71.21 -26.12 27.69
CA VAL K 12 -69.93 -25.78 27.07
C VAL K 12 -69.77 -26.52 25.75
N ASN K 13 -69.40 -25.80 24.69
CA ASN K 13 -69.28 -26.42 23.37
C ASN K 13 -67.86 -26.71 23.02
N VAL K 14 -67.52 -27.99 22.95
CA VAL K 14 -66.19 -28.43 22.62
C VAL K 14 -66.13 -28.74 21.13
N ILE K 15 -65.48 -27.85 20.38
CA ILE K 15 -65.43 -28.01 18.92
C ILE K 15 -64.07 -28.51 18.41
N ASN K 16 -64.11 -29.60 17.63
CA ASN K 16 -62.93 -30.20 16.99
C ASN K 16 -63.01 -30.15 15.49
N GLY K 17 -61.93 -29.65 14.89
CA GLY K 17 -61.88 -29.40 13.45
C GLY K 17 -61.32 -30.56 12.66
N PRO K 18 -60.90 -30.31 11.42
CA PRO K 18 -60.49 -31.34 10.48
C PRO K 18 -59.38 -32.27 10.94
N ASN K 19 -59.53 -33.56 10.60
CA ASN K 19 -58.58 -34.65 10.91
C ASN K 19 -58.69 -35.13 12.31
N LEU K 20 -59.27 -34.32 13.19
CA LEU K 20 -59.78 -34.85 14.44
C LEU K 20 -60.86 -35.81 13.97
N GLY K 21 -61.67 -36.35 14.85
CA GLY K 21 -62.31 -37.59 14.44
C GLY K 21 -60.98 -38.29 14.28
N ARG K 22 -60.86 -39.23 13.36
CA ARG K 22 -59.56 -39.87 13.02
C ARG K 22 -58.41 -40.03 14.05
N LEU K 23 -58.56 -39.40 15.22
CA LEU K 23 -57.71 -39.54 16.39
C LEU K 23 -57.59 -41.00 16.76
N GLY K 24 -56.51 -41.37 17.44
CA GLY K 24 -56.23 -42.77 17.79
C GLY K 24 -56.03 -43.75 16.63
N ARG K 25 -56.19 -43.29 15.39
CA ARG K 25 -56.00 -44.16 14.22
C ARG K 25 -54.75 -43.77 13.43
N ARG K 26 -53.91 -42.94 14.05
CA ARG K 26 -52.75 -42.29 13.43
C ARG K 26 -51.59 -42.26 14.43
N GLU K 27 -50.47 -41.67 14.01
CA GLU K 27 -49.23 -41.61 14.81
C GLU K 27 -49.53 -41.46 16.29
N PRO K 28 -49.38 -42.57 17.05
CA PRO K 28 -49.63 -42.57 18.48
C PRO K 28 -48.56 -41.77 19.22
N ALA K 29 -47.40 -41.62 18.56
CA ALA K 29 -46.26 -40.82 19.03
C ALA K 29 -46.59 -39.33 19.13
N VAL K 30 -47.50 -38.84 18.29
CA VAL K 30 -47.93 -37.45 18.28
C VAL K 30 -49.25 -37.24 19.04
N TYR K 31 -50.32 -37.98 18.67
CA TYR K 31 -51.70 -37.73 19.13
C TYR K 31 -52.30 -38.72 20.18
N GLY K 32 -51.46 -39.62 20.70
CA GLY K 32 -51.93 -40.61 21.67
C GLY K 32 -52.61 -41.73 20.92
N GLY K 33 -53.27 -42.64 21.64
CA GLY K 33 -53.94 -43.77 21.00
C GLY K 33 -55.43 -43.87 21.27
N THR K 34 -56.03 -42.83 21.84
CA THR K 34 -57.45 -42.88 22.16
C THR K 34 -58.34 -42.34 21.01
N THR K 35 -59.52 -42.93 20.87
CA THR K 35 -60.42 -42.62 19.79
C THR K 35 -61.07 -41.27 20.00
N HIS K 36 -61.75 -40.81 18.96
CA HIS K 36 -62.58 -39.66 19.11
C HIS K 36 -63.79 -40.01 19.91
N ASP K 37 -64.31 -41.23 19.81
CA ASP K 37 -65.46 -41.65 20.63
C ASP K 37 -65.08 -41.83 22.10
N GLU K 38 -63.84 -42.24 22.34
CA GLU K 38 -63.37 -42.38 23.70
C GLU K 38 -63.23 -40.99 24.28
N LEU K 39 -62.71 -40.06 23.48
CA LEU K 39 -62.60 -38.66 23.91
C LEU K 39 -63.91 -37.97 23.62
N VAL K 40 -64.67 -37.65 24.65
CA VAL K 40 -66.08 -37.26 24.54
C VAL K 40 -66.69 -37.92 25.73
N ALA K 41 -66.62 -39.26 25.76
CA ALA K 41 -66.85 -40.01 26.98
C ALA K 41 -66.02 -39.32 28.08
N LEU K 42 -64.69 -39.35 27.93
CA LEU K 42 -63.77 -38.58 28.80
C LEU K 42 -64.24 -37.15 29.05
N ILE K 43 -64.49 -36.40 27.99
CA ILE K 43 -64.91 -35.01 28.15
C ILE K 43 -66.23 -34.87 28.92
N GLU K 44 -67.26 -35.61 28.53
CA GLU K 44 -68.55 -35.39 29.16
C GLU K 44 -68.78 -36.06 30.49
N ARG K 45 -68.03 -37.12 30.79
CA ARG K 45 -67.96 -37.59 32.19
C ARG K 45 -67.33 -36.49 33.06
N GLU K 46 -66.16 -36.00 32.64
CA GLU K 46 -65.42 -34.99 33.39
C GLU K 46 -66.27 -33.72 33.64
N ALA K 47 -67.03 -33.30 32.63
CA ALA K 47 -67.89 -32.12 32.73
C ALA K 47 -68.96 -32.22 33.83
N ALA K 48 -69.45 -33.44 34.08
CA ALA K 48 -70.42 -33.71 35.15
C ALA K 48 -69.76 -33.62 36.51
N GLU K 49 -68.64 -34.31 36.65
CA GLU K 49 -67.82 -34.16 37.85
C GLU K 49 -67.78 -32.71 38.30
N LEU K 50 -67.98 -31.78 37.36
CA LEU K 50 -67.77 -30.37 37.61
C LEU K 50 -69.07 -29.56 37.53
N GLY K 51 -70.20 -30.22 37.35
CA GLY K 51 -71.48 -29.50 37.24
C GLY K 51 -71.66 -28.65 36.00
N LEU K 52 -71.17 -29.17 34.85
CA LEU K 52 -71.41 -28.59 33.54
C LEU K 52 -71.84 -29.65 32.55
N LYS K 53 -72.34 -29.21 31.41
CA LYS K 53 -72.83 -30.11 30.39
C LYS K 53 -72.01 -29.81 29.13
N ALA K 54 -71.05 -30.68 28.81
CA ALA K 54 -70.26 -30.51 27.60
C ALA K 54 -71.07 -30.97 26.43
N VAL K 55 -70.97 -30.25 25.32
CA VAL K 55 -71.52 -30.69 24.04
C VAL K 55 -70.27 -30.81 23.12
N VAL K 56 -69.95 -32.03 22.69
CA VAL K 56 -68.70 -32.26 21.90
C VAL K 56 -68.96 -32.64 20.46
N ARG K 57 -68.40 -31.88 19.51
CA ARG K 57 -68.58 -32.21 18.06
C ARG K 57 -67.32 -32.12 17.20
N GLN K 58 -67.36 -32.80 16.05
CA GLN K 58 -66.23 -32.83 15.17
C GLN K 58 -66.71 -32.70 13.75
N SER K 59 -66.11 -31.77 13.01
CA SER K 59 -66.37 -31.68 11.60
C SER K 59 -65.10 -31.37 10.83
N ASP K 60 -65.04 -31.79 9.57
CA ASP K 60 -63.92 -31.46 8.71
C ASP K 60 -64.29 -30.24 7.85
N SER K 61 -65.46 -29.69 8.13
CA SER K 61 -66.00 -28.59 7.35
C SER K 61 -65.91 -27.24 8.10
N GLU K 62 -65.11 -26.35 7.56
CA GLU K 62 -65.03 -25.00 8.07
C GLU K 62 -66.45 -24.43 8.21
N ALA K 63 -67.22 -24.50 7.14
CA ALA K 63 -68.59 -23.99 7.11
C ALA K 63 -69.36 -24.49 8.33
N GLN K 64 -69.14 -25.76 8.66
CA GLN K 64 -69.83 -26.40 9.74
C GLN K 64 -69.34 -25.81 11.06
N LEU K 65 -68.02 -25.83 11.27
CA LEU K 65 -67.42 -25.27 12.48
C LEU K 65 -67.90 -23.86 12.76
N LEU K 66 -68.04 -23.05 11.71
CA LEU K 66 -68.50 -21.67 11.83
C LEU K 66 -69.93 -21.56 12.35
N ASP K 67 -70.80 -22.45 11.82
CA ASP K 67 -72.19 -22.54 12.22
C ASP K 67 -72.22 -22.75 13.71
N TRP K 68 -71.39 -23.67 14.19
CA TRP K 68 -71.38 -23.97 15.61
C TRP K 68 -70.95 -22.79 16.42
N ILE K 69 -69.87 -22.13 16.00
CA ILE K 69 -69.39 -20.90 16.66
C ILE K 69 -70.52 -19.86 16.74
N HIS K 70 -71.17 -19.60 15.61
CA HIS K 70 -72.28 -18.66 15.58
C HIS K 70 -73.32 -18.97 16.63
N GLN K 71 -73.58 -20.27 16.82
CA GLN K 71 -74.59 -20.71 17.75
C GLN K 71 -74.15 -20.45 19.16
N ALA K 72 -72.89 -20.71 19.46
CA ALA K 72 -72.38 -20.47 20.80
C ALA K 72 -72.29 -18.98 21.10
N ALA K 73 -72.19 -18.16 20.05
CA ALA K 73 -72.15 -16.72 20.21
C ALA K 73 -73.51 -16.22 20.64
N ASP K 74 -74.55 -16.68 19.95
CA ASP K 74 -75.92 -16.23 20.23
C ASP K 74 -76.52 -16.69 21.57
N ALA K 75 -75.98 -17.77 22.12
CA ALA K 75 -76.47 -18.35 23.37
C ALA K 75 -75.49 -17.97 24.47
N ALA K 76 -74.52 -17.12 24.09
CA ALA K 76 -73.36 -16.78 24.91
C ALA K 76 -72.83 -17.94 25.75
N GLU K 77 -72.53 -19.06 25.09
CA GLU K 77 -71.83 -20.17 25.75
C GLU K 77 -70.29 -20.20 25.48
N PRO K 78 -69.51 -20.57 26.52
CA PRO K 78 -68.09 -20.85 26.40
C PRO K 78 -67.82 -21.89 25.33
N VAL K 79 -66.70 -21.71 24.64
CA VAL K 79 -66.20 -22.64 23.63
C VAL K 79 -64.76 -23.06 23.96
N ILE K 80 -64.52 -24.37 23.87
CA ILE K 80 -63.20 -24.95 23.84
C ILE K 80 -63.00 -25.44 22.42
N LEU K 81 -62.01 -24.88 21.74
CA LEU K 81 -61.84 -25.19 20.33
C LEU K 81 -60.48 -25.72 19.96
N ASN K 82 -60.45 -26.89 19.33
CA ASN K 82 -59.22 -27.36 18.69
C ASN K 82 -59.45 -27.38 17.20
N ALA K 83 -58.98 -26.35 16.51
CA ALA K 83 -59.37 -26.18 15.12
C ALA K 83 -58.53 -26.97 14.13
N GLY K 84 -57.57 -27.74 14.63
CA GLY K 84 -56.72 -28.56 13.80
C GLY K 84 -55.98 -27.71 12.78
N GLY K 85 -55.93 -28.20 11.53
CA GLY K 85 -55.27 -27.48 10.44
C GLY K 85 -55.75 -26.04 10.30
N LEU K 86 -57.06 -25.84 10.35
CA LEU K 86 -57.64 -24.51 10.16
C LEU K 86 -56.98 -23.41 10.99
N THR K 87 -56.61 -23.74 12.22
CA THR K 87 -55.88 -22.82 13.09
C THR K 87 -54.78 -21.95 12.43
N HIS K 88 -54.10 -22.47 11.42
CA HIS K 88 -52.93 -21.79 10.91
C HIS K 88 -53.29 -21.09 9.69
N THR K 89 -54.58 -21.15 9.32
CA THR K 89 -55.03 -20.62 8.02
C THR K 89 -56.38 -19.86 7.95
N SER K 90 -57.35 -20.18 8.79
CA SER K 90 -58.67 -19.56 8.64
C SER K 90 -58.86 -18.28 9.43
N VAL K 91 -58.77 -17.18 8.69
CA VAL K 91 -59.10 -15.86 9.15
C VAL K 91 -60.61 -15.85 9.41
N ALA K 92 -61.34 -16.59 8.57
CA ALA K 92 -62.78 -16.80 8.74
C ALA K 92 -63.10 -17.32 10.11
N LEU K 93 -62.43 -18.42 10.46
CA LEU K 93 -62.67 -19.10 11.73
C LEU K 93 -62.40 -18.16 12.87
N ARG K 94 -61.31 -17.42 12.75
CA ARG K 94 -60.95 -16.37 13.69
C ARG K 94 -62.00 -15.26 13.79
N ASP K 95 -62.43 -14.77 12.63
CA ASP K 95 -63.52 -13.82 12.61
C ASP K 95 -64.80 -14.31 13.28
N ALA K 96 -65.02 -15.61 13.34
CA ALA K 96 -66.23 -16.08 13.98
C ALA K 96 -66.09 -16.03 15.49
N CYS K 97 -64.96 -16.54 15.99
CA CYS K 97 -64.63 -16.57 17.41
C CYS K 97 -64.44 -15.20 18.06
N ALA K 98 -64.14 -14.19 17.26
CA ALA K 98 -63.92 -12.86 17.80
C ALA K 98 -65.23 -12.34 18.38
N GLU K 99 -66.35 -12.91 17.94
CA GLU K 99 -67.66 -12.44 18.34
C GLU K 99 -68.10 -13.03 19.69
N LEU K 100 -67.42 -14.12 20.09
CA LEU K 100 -67.72 -14.80 21.34
C LEU K 100 -67.65 -13.89 22.56
N SER K 101 -68.69 -13.99 23.37
CA SER K 101 -68.88 -13.12 24.48
C SER K 101 -68.50 -13.81 25.81
N ALA K 102 -68.41 -15.14 25.80
CA ALA K 102 -67.95 -15.94 26.94
C ALA K 102 -66.58 -16.54 26.56
N PRO K 103 -65.85 -17.09 27.55
CA PRO K 103 -64.45 -17.42 27.22
C PRO K 103 -64.25 -18.39 26.04
N LEU K 104 -63.13 -18.22 25.33
CA LEU K 104 -62.70 -19.18 24.30
C LEU K 104 -61.29 -19.76 24.57
N ILE K 105 -61.19 -21.07 24.61
CA ILE K 105 -59.94 -21.74 24.96
C ILE K 105 -59.56 -22.59 23.78
N GLU K 106 -58.42 -22.26 23.20
CA GLU K 106 -57.90 -23.00 22.07
C GLU K 106 -57.08 -24.11 22.70
N VAL K 107 -57.25 -25.33 22.19
CA VAL K 107 -56.54 -26.45 22.75
C VAL K 107 -55.87 -27.21 21.62
N HIS K 108 -54.56 -27.46 21.72
CA HIS K 108 -53.85 -28.41 20.84
C HIS K 108 -53.32 -29.56 21.62
N ILE K 109 -53.46 -30.75 21.03
CA ILE K 109 -53.08 -32.01 21.61
C ILE K 109 -51.57 -32.10 21.58
N SER K 110 -51.02 -31.98 20.38
CA SER K 110 -49.58 -32.07 20.17
C SER K 110 -48.95 -30.75 20.56
N ASN K 111 -47.63 -30.71 20.74
CA ASN K 111 -47.00 -29.43 20.96
C ASN K 111 -46.59 -28.74 19.66
N VAL K 112 -47.44 -27.85 19.16
CA VAL K 112 -47.27 -27.27 17.82
C VAL K 112 -45.96 -26.49 17.69
N HIS K 113 -45.38 -26.08 18.82
CA HIS K 113 -44.12 -25.37 18.80
C HIS K 113 -42.93 -26.23 18.58
N ALA K 114 -43.12 -27.54 18.47
CA ALA K 114 -42.01 -28.48 18.28
C ALA K 114 -42.11 -29.23 16.94
N ARG K 115 -42.72 -28.58 15.96
CA ARG K 115 -42.97 -29.22 14.66
C ARG K 115 -42.55 -28.30 13.53
N GLU K 116 -43.19 -28.43 12.38
CA GLU K 116 -42.86 -27.58 11.24
C GLU K 116 -43.04 -26.12 11.65
N GLU K 117 -42.21 -25.24 11.14
CA GLU K 117 -42.25 -23.87 11.61
C GLU K 117 -43.66 -23.26 11.43
N PHE K 118 -44.43 -23.75 10.47
CA PHE K 118 -45.67 -23.06 10.10
C PHE K 118 -46.80 -23.33 11.06
N ARG K 119 -46.63 -24.33 11.90
CA ARG K 119 -47.63 -24.68 12.88
C ARG K 119 -47.47 -23.78 14.11
N ARG K 120 -46.56 -22.83 14.01
CA ARG K 120 -46.21 -22.02 15.16
C ARG K 120 -46.97 -20.71 15.23
N HIS K 121 -47.65 -20.38 14.13
CA HIS K 121 -48.48 -19.21 14.10
C HIS K 121 -49.88 -19.70 14.08
N SER K 122 -50.74 -19.04 14.85
CA SER K 122 -52.15 -19.34 14.91
C SER K 122 -52.97 -18.05 14.83
N TYR K 123 -53.88 -18.02 13.86
CA TYR K 123 -54.83 -16.93 13.73
C TYR K 123 -55.81 -16.77 14.90
N LEU K 124 -56.07 -17.85 15.64
CA LEU K 124 -57.05 -17.83 16.75
C LEU K 124 -56.57 -17.33 18.12
N SER K 125 -55.32 -17.59 18.48
CA SER K 125 -54.77 -17.22 19.78
C SER K 125 -54.92 -15.73 20.18
N PRO K 126 -54.56 -14.81 19.25
CA PRO K 126 -54.74 -13.39 19.54
C PRO K 126 -56.12 -13.05 20.09
N ILE K 127 -57.16 -13.81 19.75
CA ILE K 127 -58.52 -13.44 20.16
C ILE K 127 -59.18 -14.45 21.12
N ALA K 128 -58.42 -15.45 21.56
CA ALA K 128 -58.88 -16.43 22.56
C ALA K 128 -58.66 -15.90 23.99
N THR K 129 -59.36 -16.45 24.99
CA THR K 129 -59.05 -16.09 26.37
C THR K 129 -57.67 -16.67 26.73
N GLY K 130 -57.39 -17.89 26.25
CA GLY K 130 -56.17 -18.58 26.58
C GLY K 130 -55.98 -19.75 25.63
N VAL K 131 -54.92 -20.52 25.83
CA VAL K 131 -54.47 -21.59 24.92
C VAL K 131 -53.75 -22.70 25.70
N ILE K 132 -54.01 -23.97 25.35
CA ILE K 132 -53.27 -25.07 25.95
C ILE K 132 -52.69 -25.95 24.87
N VAL K 133 -51.37 -26.11 24.88
CA VAL K 133 -50.68 -26.85 23.83
C VAL K 133 -49.87 -28.01 24.40
N GLY K 134 -49.72 -29.09 23.67
CA GLY K 134 -48.86 -30.19 24.06
C GLY K 134 -49.19 -30.95 25.34
N LEU K 135 -50.32 -30.66 25.98
CA LEU K 135 -50.67 -31.48 27.15
C LEU K 135 -51.43 -32.77 26.85
N GLY K 136 -51.40 -33.20 25.58
CA GLY K 136 -52.23 -34.26 25.07
C GLY K 136 -53.70 -33.98 25.30
N ILE K 137 -54.49 -35.02 25.09
CA ILE K 137 -55.93 -35.15 25.37
C ILE K 137 -56.35 -34.52 26.72
N GLN K 138 -55.49 -34.63 27.71
CA GLN K 138 -55.73 -33.95 28.96
C GLN K 138 -56.12 -32.48 28.76
N GLY K 139 -55.35 -31.76 27.94
CA GLY K 139 -55.64 -30.35 27.60
C GLY K 139 -57.10 -29.90 27.55
N TYR K 140 -57.96 -30.77 27.04
CA TYR K 140 -59.40 -30.54 26.97
C TYR K 140 -60.04 -30.48 28.36
N LEU K 141 -59.54 -31.33 29.26
CA LEU K 141 -60.11 -31.46 30.59
C LEU K 141 -59.56 -30.40 31.51
N LEU K 142 -58.33 -29.97 31.24
CA LEU K 142 -57.85 -28.82 31.99
C LEU K 142 -58.59 -27.58 31.51
N ALA K 143 -58.97 -27.56 30.24
CA ALA K 143 -59.73 -26.42 29.70
C ALA K 143 -61.10 -26.29 30.41
N LEU K 144 -61.75 -27.43 30.62
CA LEU K 144 -63.02 -27.54 31.30
C LEU K 144 -63.04 -26.86 32.67
N ARG K 145 -61.85 -26.62 33.21
CA ARG K 145 -61.67 -26.32 34.60
C ARG K 145 -60.29 -25.70 34.77
N TYR K 146 -60.06 -24.38 34.78
CA TYR K 146 -60.81 -23.26 34.20
C TYR K 146 -62.28 -23.48 34.08
N LEU K 147 -62.92 -22.58 33.34
CA LEU K 147 -64.36 -22.64 32.98
C LEU K 147 -65.28 -22.81 34.19
N ALA K 148 -65.49 -24.06 34.59
CA ALA K 148 -66.00 -24.38 35.92
C ALA K 148 -65.79 -23.26 36.98
N GLU K 149 -64.58 -22.70 37.05
CA GLU K 149 -64.33 -21.58 37.95
C GLU K 149 -64.99 -20.29 37.44
N HIS K 150 -64.52 -19.83 36.28
CA HIS K 150 -65.04 -18.64 35.62
C HIS K 150 -66.30 -18.93 34.85
N LEU L 10 -79.91 -6.16 -17.50
CA LEU L 10 -78.86 -7.07 -16.96
C LEU L 10 -79.10 -7.53 -15.52
N ILE L 11 -78.42 -8.61 -15.19
CA ILE L 11 -78.50 -9.29 -13.92
C ILE L 11 -77.17 -9.19 -13.20
N VAL L 12 -77.15 -8.70 -11.98
CA VAL L 12 -75.94 -8.66 -11.17
C VAL L 12 -75.92 -9.60 -9.99
N ASN L 13 -74.84 -10.37 -9.83
CA ASN L 13 -74.73 -11.28 -8.72
C ASN L 13 -73.99 -10.65 -7.57
N VAL L 14 -74.60 -10.63 -6.38
CA VAL L 14 -73.96 -10.08 -5.18
C VAL L 14 -73.71 -11.25 -4.23
N ILE L 15 -72.45 -11.55 -3.94
CA ILE L 15 -72.10 -12.83 -3.33
C ILE L 15 -71.62 -12.96 -1.87
N ASN L 16 -70.99 -11.99 -1.23
CA ASN L 16 -70.88 -12.13 0.26
C ASN L 16 -70.53 -13.54 0.83
N GLY L 17 -69.31 -13.68 1.36
CA GLY L 17 -68.89 -14.95 1.93
C GLY L 17 -68.99 -15.03 3.45
N PRO L 18 -68.11 -15.82 4.07
CA PRO L 18 -68.20 -16.15 5.48
C PRO L 18 -68.36 -14.96 6.42
N ASN L 19 -69.22 -15.16 7.42
CA ASN L 19 -69.53 -14.22 8.51
C ASN L 19 -70.39 -13.03 8.14
N LEU L 20 -70.67 -12.86 6.86
CA LEU L 20 -71.44 -11.70 6.43
C LEU L 20 -72.93 -11.78 6.79
N GLY L 21 -73.39 -13.00 7.12
CA GLY L 21 -74.71 -13.20 7.68
C GLY L 21 -74.86 -12.67 9.09
N ARG L 22 -73.80 -12.13 9.64
CA ARG L 22 -73.89 -11.65 11.00
C ARG L 22 -73.67 -10.17 11.15
N LEU L 23 -74.14 -9.42 10.13
CA LEU L 23 -74.07 -7.96 10.14
C LEU L 23 -74.81 -7.24 11.29
N GLY L 24 -74.39 -7.58 12.50
CA GLY L 24 -74.49 -6.68 13.62
C GLY L 24 -75.88 -6.60 14.17
N ARG L 25 -76.22 -7.44 15.14
CA ARG L 25 -75.41 -8.57 15.67
C ARG L 25 -74.07 -8.20 16.33
N ARG L 26 -73.00 -8.02 15.57
CA ARG L 26 -71.68 -7.75 16.18
C ARG L 26 -71.09 -6.38 15.84
N GLU L 27 -70.07 -6.01 16.61
CA GLU L 27 -69.17 -4.87 16.36
C GLU L 27 -69.76 -3.73 15.54
N PRO L 28 -70.71 -2.98 16.13
CA PRO L 28 -71.42 -1.90 15.43
C PRO L 28 -70.48 -0.88 14.79
N ALA L 29 -69.43 -0.49 15.52
CA ALA L 29 -68.50 0.56 15.07
C ALA L 29 -67.44 0.09 14.04
N VAL L 30 -67.33 -1.21 13.79
CA VAL L 30 -66.48 -1.68 12.69
C VAL L 30 -67.26 -2.00 11.40
N TYR L 31 -68.42 -2.67 11.51
CA TYR L 31 -69.22 -3.06 10.33
C TYR L 31 -70.56 -2.35 10.09
N GLY L 32 -71.01 -1.55 11.06
CA GLY L 32 -72.31 -0.84 10.93
C GLY L 32 -73.52 -1.51 11.60
N GLY L 33 -74.62 -0.77 11.63
CA GLY L 33 -75.86 -1.24 12.29
C GLY L 33 -76.89 -1.98 11.45
N THR L 34 -76.63 -2.07 10.14
CA THR L 34 -77.49 -2.66 9.11
C THR L 34 -77.30 -4.16 9.14
N THR L 35 -78.37 -4.96 9.10
CA THR L 35 -78.23 -6.42 9.04
C THR L 35 -78.17 -6.93 7.60
N HIS L 36 -77.88 -8.21 7.39
CA HIS L 36 -77.84 -8.70 6.03
C HIS L 36 -79.17 -8.57 5.32
N ASP L 37 -80.26 -8.84 6.01
CA ASP L 37 -81.61 -8.76 5.42
C ASP L 37 -81.96 -7.36 4.91
N GLU L 38 -81.60 -6.34 5.70
CA GLU L 38 -81.71 -4.92 5.29
C GLU L 38 -80.87 -4.65 4.04
N LEU L 39 -79.62 -5.07 4.06
CA LEU L 39 -78.70 -4.92 2.91
C LEU L 39 -79.35 -5.43 1.62
N VAL L 40 -79.89 -6.64 1.64
CA VAL L 40 -80.62 -7.20 0.49
C VAL L 40 -81.71 -6.25 -0.05
N ALA L 41 -82.59 -5.80 0.84
CA ALA L 41 -83.68 -4.91 0.45
C ALA L 41 -83.11 -3.64 -0.17
N LEU L 42 -82.06 -3.10 0.46
CA LEU L 42 -81.40 -1.89 0.00
C LEU L 42 -80.77 -2.06 -1.37
N ILE L 43 -80.01 -3.14 -1.53
CA ILE L 43 -79.45 -3.49 -2.80
C ILE L 43 -80.54 -3.60 -3.88
N GLU L 44 -81.71 -4.12 -3.52
CA GLU L 44 -82.79 -4.31 -4.50
C GLU L 44 -83.53 -3.06 -4.93
N ARG L 45 -83.78 -2.13 -4.02
CA ARG L 45 -84.26 -0.78 -4.39
C ARG L 45 -83.35 -0.16 -5.46
N GLU L 46 -82.05 -0.13 -5.17
CA GLU L 46 -81.08 0.46 -6.07
C GLU L 46 -81.06 -0.27 -7.41
N ALA L 47 -80.93 -1.58 -7.38
CA ALA L 47 -81.05 -2.38 -8.59
C ALA L 47 -82.25 -1.92 -9.41
N ALA L 48 -83.44 -2.10 -8.86
CA ALA L 48 -84.65 -1.64 -9.52
C ALA L 48 -84.55 -0.19 -9.96
N GLU L 49 -84.10 0.71 -9.09
CA GLU L 49 -83.94 2.14 -9.47
C GLU L 49 -82.95 2.40 -10.62
N LEU L 50 -82.28 1.36 -11.12
CA LEU L 50 -81.38 1.52 -12.26
C LEU L 50 -81.74 0.59 -13.43
N GLY L 51 -82.85 -0.12 -13.34
CA GLY L 51 -83.15 -1.19 -14.26
C GLY L 51 -82.07 -2.29 -14.30
N LEU L 52 -81.78 -2.92 -13.17
CA LEU L 52 -81.04 -4.19 -13.17
C LEU L 52 -81.74 -5.19 -12.28
N LYS L 53 -81.34 -6.45 -12.42
CA LYS L 53 -81.77 -7.44 -11.46
C LYS L 53 -80.60 -7.77 -10.55
N ALA L 54 -80.87 -7.69 -9.24
CA ALA L 54 -79.87 -8.02 -8.26
C ALA L 54 -80.14 -9.41 -7.67
N VAL L 55 -79.24 -10.36 -7.89
CA VAL L 55 -79.33 -11.58 -7.13
C VAL L 55 -78.34 -11.54 -5.98
N VAL L 56 -78.84 -11.46 -4.76
CA VAL L 56 -77.98 -11.45 -3.58
C VAL L 56 -78.00 -12.81 -2.92
N ARG L 57 -76.82 -13.40 -2.66
CA ARG L 57 -76.78 -14.64 -1.91
C ARG L 57 -75.55 -14.76 -1.02
N GLN L 58 -75.67 -15.46 0.10
CA GLN L 58 -74.63 -15.50 1.13
C GLN L 58 -74.39 -16.93 1.57
N SER L 59 -73.12 -17.22 1.87
CA SER L 59 -72.72 -18.53 2.37
C SER L 59 -71.44 -18.49 3.17
N ASP L 60 -71.32 -19.37 4.14
CA ASP L 60 -70.08 -19.59 4.89
C ASP L 60 -69.25 -20.73 4.26
N SER L 61 -69.51 -21.07 3.00
CA SER L 61 -68.85 -22.20 2.39
C SER L 61 -68.03 -21.82 1.17
N GLU L 62 -66.73 -22.11 1.18
CA GLU L 62 -65.86 -21.86 0.01
C GLU L 62 -66.37 -22.56 -1.27
N ALA L 63 -66.82 -23.80 -1.14
CA ALA L 63 -67.36 -24.59 -2.26
C ALA L 63 -68.60 -23.98 -2.87
N GLN L 64 -69.47 -23.44 -2.01
CA GLN L 64 -70.66 -22.74 -2.46
C GLN L 64 -70.32 -21.49 -3.26
N LEU L 65 -69.41 -20.68 -2.72
CA LEU L 65 -69.11 -19.42 -3.35
C LEU L 65 -68.51 -19.75 -4.70
N LEU L 66 -67.64 -20.76 -4.73
CA LEU L 66 -67.02 -21.19 -5.97
C LEU L 66 -68.10 -21.48 -7.00
N ASP L 67 -69.09 -22.25 -6.57
CA ASP L 67 -70.14 -22.74 -7.43
C ASP L 67 -71.03 -21.62 -7.98
N TRP L 68 -71.25 -20.56 -7.18
CA TRP L 68 -72.01 -19.40 -7.64
C TRP L 68 -71.21 -18.63 -8.62
N ILE L 69 -69.90 -18.51 -8.36
CA ILE L 69 -68.94 -17.91 -9.28
C ILE L 69 -68.95 -18.63 -10.66
N HIS L 70 -68.91 -19.95 -10.65
CA HIS L 70 -68.94 -20.66 -11.89
C HIS L 70 -70.16 -20.39 -12.69
N GLN L 71 -71.31 -20.22 -12.04
CA GLN L 71 -72.48 -20.05 -12.86
C GLN L 71 -72.68 -18.61 -13.29
N ALA L 72 -72.02 -17.67 -12.61
CA ALA L 72 -71.87 -16.32 -13.14
C ALA L 72 -70.92 -16.28 -14.34
N ALA L 73 -69.93 -17.17 -14.35
CA ALA L 73 -68.94 -17.20 -15.42
C ALA L 73 -69.62 -17.75 -16.63
N ASP L 74 -70.42 -18.79 -16.42
CA ASP L 74 -71.20 -19.43 -17.49
C ASP L 74 -72.24 -18.49 -18.05
N ALA L 75 -72.96 -17.81 -17.17
CA ALA L 75 -73.98 -16.87 -17.59
C ALA L 75 -73.38 -15.55 -18.12
N ALA L 76 -72.06 -15.40 -18.07
CA ALA L 76 -71.39 -14.13 -18.36
C ALA L 76 -71.95 -12.96 -17.55
N GLU L 77 -72.40 -13.22 -16.32
CA GLU L 77 -72.94 -12.12 -15.52
C GLU L 77 -71.89 -11.48 -14.65
N PRO L 78 -72.03 -10.17 -14.40
CA PRO L 78 -71.07 -9.50 -13.52
C PRO L 78 -71.29 -9.94 -12.09
N VAL L 79 -70.28 -9.75 -11.24
CA VAL L 79 -70.28 -10.16 -9.83
C VAL L 79 -69.75 -9.05 -8.99
N ILE L 80 -70.50 -8.69 -7.97
CA ILE L 80 -70.05 -7.80 -6.94
C ILE L 80 -69.81 -8.76 -5.80
N LEU L 81 -68.53 -8.95 -5.42
CA LEU L 81 -68.12 -9.95 -4.44
C LEU L 81 -67.57 -9.37 -3.17
N ASN L 82 -67.98 -9.94 -2.05
CA ASN L 82 -67.28 -9.73 -0.80
C ASN L 82 -66.99 -11.04 -0.11
N ALA L 83 -65.76 -11.52 -0.17
CA ALA L 83 -65.46 -12.86 0.33
C ALA L 83 -65.21 -12.89 1.83
N GLY L 84 -65.13 -11.71 2.43
CA GLY L 84 -65.09 -11.54 3.85
C GLY L 84 -64.13 -12.41 4.64
N GLY L 85 -62.89 -12.57 4.18
CA GLY L 85 -61.98 -13.36 4.98
C GLY L 85 -61.35 -14.42 4.14
N LEU L 86 -62.17 -15.09 3.34
CA LEU L 86 -61.62 -15.91 2.27
C LEU L 86 -60.81 -15.02 1.37
N THR L 87 -60.99 -13.72 1.49
CA THR L 87 -60.36 -12.76 0.61
C THR L 87 -58.86 -12.82 0.82
N HIS L 88 -58.50 -13.04 2.08
CA HIS L 88 -57.09 -13.03 2.48
C HIS L 88 -56.44 -14.38 2.33
N THR L 89 -57.23 -15.43 2.17
CA THR L 89 -56.68 -16.77 2.25
C THR L 89 -56.89 -17.64 1.02
N SER L 90 -57.89 -17.36 0.20
CA SER L 90 -58.30 -18.32 -0.83
C SER L 90 -57.77 -18.04 -2.22
N VAL L 91 -56.95 -18.95 -2.74
CA VAL L 91 -56.46 -18.81 -4.11
C VAL L 91 -57.37 -19.57 -5.07
N ALA L 92 -58.06 -20.56 -4.54
CA ALA L 92 -59.10 -21.30 -5.24
C ALA L 92 -60.17 -20.32 -5.67
N LEU L 93 -60.70 -19.60 -4.69
CA LEU L 93 -61.70 -18.58 -4.93
C LEU L 93 -61.25 -17.66 -6.04
N ARG L 94 -59.96 -17.33 -6.03
CA ARG L 94 -59.33 -16.46 -7.01
C ARG L 94 -59.31 -17.11 -8.38
N ASP L 95 -59.03 -18.41 -8.41
CA ASP L 95 -59.01 -19.09 -9.67
C ASP L 95 -60.38 -19.08 -10.35
N ALA L 96 -61.42 -19.21 -9.54
CA ALA L 96 -62.77 -19.17 -10.07
C ALA L 96 -63.12 -17.82 -10.69
N CYS L 97 -62.83 -16.73 -9.99
CA CYS L 97 -63.11 -15.38 -10.51
C CYS L 97 -62.28 -15.06 -11.75
N ALA L 98 -61.15 -15.74 -11.89
CA ALA L 98 -60.29 -15.51 -13.03
C ALA L 98 -61.08 -15.71 -14.32
N GLU L 99 -61.88 -16.77 -14.39
CA GLU L 99 -62.72 -17.01 -15.59
C GLU L 99 -63.88 -16.05 -15.82
N LEU L 100 -64.21 -15.17 -14.86
CA LEU L 100 -65.26 -14.20 -15.12
C LEU L 100 -64.92 -13.29 -16.30
N SER L 101 -65.69 -13.39 -17.38
CA SER L 101 -65.54 -12.47 -18.50
C SER L 101 -66.18 -11.08 -18.24
N ALA L 102 -67.36 -11.06 -17.63
CA ALA L 102 -67.95 -9.83 -17.07
C ALA L 102 -67.09 -9.19 -15.92
N PRO L 103 -67.31 -7.88 -15.64
CA PRO L 103 -66.54 -7.27 -14.57
C PRO L 103 -66.84 -7.79 -13.13
N LEU L 104 -65.83 -7.67 -12.26
CA LEU L 104 -65.87 -8.17 -10.90
C LEU L 104 -65.49 -7.04 -10.01
N ILE L 105 -66.33 -6.73 -9.02
CA ILE L 105 -66.04 -5.64 -8.06
C ILE L 105 -65.83 -6.24 -6.70
N GLU L 106 -64.70 -5.96 -6.08
CA GLU L 106 -64.45 -6.50 -4.76
C GLU L 106 -64.90 -5.43 -3.79
N VAL L 107 -65.74 -5.79 -2.84
CA VAL L 107 -66.33 -4.83 -1.88
C VAL L 107 -65.99 -5.18 -0.38
N HIS L 108 -65.47 -4.22 0.40
CA HIS L 108 -65.37 -4.43 1.84
C HIS L 108 -66.11 -3.34 2.54
N ILE L 109 -66.90 -3.77 3.54
CA ILE L 109 -67.65 -2.85 4.40
C ILE L 109 -66.71 -2.03 5.27
N SER L 110 -65.72 -2.64 5.90
CA SER L 110 -64.81 -1.88 6.75
C SER L 110 -63.57 -1.52 5.96
N ASN L 111 -62.84 -0.54 6.45
CA ASN L 111 -61.59 -0.18 5.84
C ASN L 111 -60.48 -1.11 6.37
N VAL L 112 -60.17 -2.15 5.59
CA VAL L 112 -59.21 -3.19 5.99
C VAL L 112 -57.78 -2.65 6.23
N HIS L 113 -57.50 -1.45 5.72
CA HIS L 113 -56.17 -0.87 5.88
C HIS L 113 -55.99 -0.29 7.25
N ALA L 114 -57.07 -0.18 8.00
CA ALA L 114 -56.99 0.39 9.36
C ALA L 114 -56.92 -0.69 10.41
N ARG L 115 -56.80 -1.94 9.97
CA ARG L 115 -57.04 -3.09 10.83
C ARG L 115 -55.71 -3.83 10.96
N GLU L 116 -55.71 -5.10 11.38
CA GLU L 116 -54.47 -5.86 11.44
C GLU L 116 -53.83 -5.93 10.04
N GLU L 117 -52.50 -6.04 9.98
CA GLU L 117 -51.79 -6.06 8.69
C GLU L 117 -52.23 -7.20 7.81
N PHE L 118 -52.69 -8.28 8.42
CA PHE L 118 -53.05 -9.45 7.61
C PHE L 118 -54.28 -9.20 6.73
N ARG L 119 -55.08 -8.20 7.07
CA ARG L 119 -56.25 -7.80 6.27
C ARG L 119 -55.87 -6.98 5.06
N ARG L 120 -54.61 -6.59 4.99
CA ARG L 120 -54.18 -5.69 3.95
C ARG L 120 -53.75 -6.38 2.68
N HIS L 121 -53.59 -7.71 2.68
CA HIS L 121 -53.37 -8.40 1.40
C HIS L 121 -54.64 -9.08 0.91
N SER L 122 -54.87 -9.06 -0.40
CA SER L 122 -56.03 -9.69 -1.00
C SER L 122 -55.60 -10.51 -2.20
N TYR L 123 -55.99 -11.79 -2.22
CA TYR L 123 -55.73 -12.62 -3.38
C TYR L 123 -56.65 -12.28 -4.54
N LEU L 124 -57.71 -11.51 -4.27
CA LEU L 124 -58.74 -11.22 -5.28
C LEU L 124 -58.50 -9.90 -6.01
N SER L 125 -58.18 -8.85 -5.26
CA SER L 125 -57.94 -7.55 -5.85
C SER L 125 -57.17 -7.60 -7.17
N PRO L 126 -56.09 -8.42 -7.28
CA PRO L 126 -55.31 -8.39 -8.52
C PRO L 126 -56.14 -8.67 -9.77
N ILE L 127 -57.12 -9.55 -9.66
CA ILE L 127 -57.92 -9.89 -10.83
C ILE L 127 -59.29 -9.19 -10.86
N ALA L 128 -59.68 -8.54 -9.77
CA ALA L 128 -60.86 -7.67 -9.78
C ALA L 128 -60.80 -6.50 -10.80
N THR L 129 -61.94 -6.08 -11.36
CA THR L 129 -61.99 -4.82 -12.13
C THR L 129 -61.61 -3.67 -11.22
N GLY L 130 -62.29 -3.61 -10.07
CA GLY L 130 -62.14 -2.52 -9.09
C GLY L 130 -62.42 -2.99 -7.67
N VAL L 131 -62.12 -2.13 -6.69
CA VAL L 131 -62.32 -2.47 -5.31
C VAL L 131 -62.86 -1.23 -4.59
N ILE L 132 -63.86 -1.47 -3.73
CA ILE L 132 -64.41 -0.44 -2.88
C ILE L 132 -64.32 -0.96 -1.46
N VAL L 133 -63.83 -0.10 -0.58
CA VAL L 133 -63.44 -0.53 0.75
C VAL L 133 -63.82 0.55 1.77
N GLY L 134 -64.34 0.15 2.92
CA GLY L 134 -64.60 1.08 4.02
C GLY L 134 -65.64 2.16 3.86
N LEU L 135 -66.51 2.06 2.85
CA LEU L 135 -67.71 2.93 2.77
C LEU L 135 -68.97 2.24 3.32
N GLY L 136 -68.80 1.23 4.16
CA GLY L 136 -69.93 0.53 4.75
C GLY L 136 -70.88 -0.06 3.73
N ILE L 137 -72.07 -0.38 4.20
CA ILE L 137 -73.09 -0.95 3.33
C ILE L 137 -73.18 -0.23 1.95
N GLN L 138 -72.87 1.05 1.91
CA GLN L 138 -73.07 1.81 0.68
C GLN L 138 -72.09 1.39 -0.46
N GLY L 139 -71.03 0.67 -0.08
CA GLY L 139 -70.07 0.13 -1.05
C GLY L 139 -70.71 -0.67 -2.16
N TYR L 140 -71.68 -1.52 -1.79
CA TYR L 140 -72.44 -2.38 -2.73
C TYR L 140 -73.25 -1.57 -3.73
N LEU L 141 -73.95 -0.55 -3.22
CA LEU L 141 -74.75 0.40 -3.99
C LEU L 141 -73.90 1.15 -4.98
N LEU L 142 -72.73 1.60 -4.54
CA LEU L 142 -71.86 2.29 -5.47
C LEU L 142 -71.32 1.34 -6.52
N ALA L 143 -71.18 0.07 -6.15
CA ALA L 143 -70.71 -0.91 -7.10
C ALA L 143 -71.78 -1.29 -8.15
N LEU L 144 -73.07 -1.17 -7.80
CA LEU L 144 -74.11 -1.44 -8.81
C LEU L 144 -74.07 -0.27 -9.73
N ARG L 145 -73.98 0.92 -9.15
CA ARG L 145 -74.02 2.13 -9.94
C ARG L 145 -72.94 2.16 -11.05
N TYR L 146 -71.79 1.58 -10.76
CA TYR L 146 -70.74 1.43 -11.76
C TYR L 146 -71.18 0.45 -12.84
N LEU L 147 -71.69 -0.72 -12.43
CA LEU L 147 -72.10 -1.76 -13.38
C LEU L 147 -73.17 -1.25 -14.31
N ALA L 148 -74.01 -0.36 -13.80
CA ALA L 148 -75.00 0.33 -14.60
C ALA L 148 -74.33 1.12 -15.73
N GLU L 149 -73.22 1.81 -15.44
CA GLU L 149 -72.60 2.70 -16.41
C GLU L 149 -71.53 2.02 -17.29
N HIS L 150 -71.04 0.85 -16.85
CA HIS L 150 -69.86 0.14 -17.43
C HIS L 150 -68.61 0.97 -17.58
N LEU M 10 17.98 -33.55 -11.09
CA LEU M 10 18.98 -32.46 -11.33
C LEU M 10 18.32 -31.07 -11.20
N ILE M 11 18.25 -30.58 -9.96
CA ILE M 11 17.41 -29.45 -9.56
C ILE M 11 18.15 -28.10 -9.50
N VAL M 12 17.53 -27.08 -10.10
CA VAL M 12 18.13 -25.76 -10.36
C VAL M 12 17.21 -24.65 -9.85
N ASN M 13 17.71 -23.84 -8.93
CA ASN M 13 16.93 -22.76 -8.33
C ASN M 13 17.01 -21.39 -9.04
N VAL M 14 16.08 -21.12 -9.95
CA VAL M 14 15.96 -19.77 -10.52
C VAL M 14 15.28 -18.85 -9.50
N ILE M 15 15.97 -17.77 -9.10
CA ILE M 15 15.44 -16.90 -8.04
C ILE M 15 15.37 -15.42 -8.46
N ASN M 16 14.17 -14.83 -8.40
CA ASN M 16 13.96 -13.40 -8.73
C ASN M 16 13.72 -12.49 -7.53
N GLY M 17 14.41 -11.34 -7.51
CA GLY M 17 14.33 -10.37 -6.42
C GLY M 17 13.39 -9.23 -6.76
N PRO M 18 13.37 -8.19 -5.92
CA PRO M 18 12.36 -7.11 -5.94
C PRO M 18 11.97 -6.47 -7.30
N ASN M 19 10.65 -6.42 -7.56
CA ASN M 19 10.00 -5.83 -8.75
C ASN M 19 10.00 -6.69 -9.98
N LEU M 20 10.82 -7.73 -9.98
CA LEU M 20 10.77 -8.62 -11.12
C LEU M 20 9.47 -9.43 -11.24
N GLY M 21 8.68 -9.44 -10.16
CA GLY M 21 7.38 -10.08 -10.13
C GLY M 21 6.40 -9.36 -11.01
N ARG M 22 6.82 -8.21 -11.53
CA ARG M 22 6.00 -7.36 -12.40
C ARG M 22 6.61 -7.23 -13.80
N LEU M 23 7.39 -8.24 -14.18
CA LEU M 23 8.02 -8.30 -15.47
C LEU M 23 7.04 -7.92 -16.57
N GLY M 24 7.36 -6.85 -17.28
CA GLY M 24 6.50 -6.18 -18.27
C GLY M 24 5.53 -6.91 -19.20
N ARG M 25 4.27 -6.47 -19.26
CA ARG M 25 3.69 -5.40 -18.42
C ARG M 25 4.49 -4.07 -18.28
N ARG M 26 4.84 -3.70 -17.05
CA ARG M 26 5.40 -2.37 -16.73
C ARG M 26 6.89 -2.16 -17.06
N GLU M 27 7.46 -3.09 -17.83
CA GLU M 27 8.89 -3.05 -18.18
C GLU M 27 9.14 -3.50 -19.63
N GLY M 32 9.82 -4.54 -24.39
CA GLY M 32 9.03 -5.54 -23.67
C GLY M 32 9.71 -6.89 -23.43
N GLY M 33 8.93 -7.97 -23.31
CA GLY M 33 7.46 -7.93 -23.37
C GLY M 33 6.69 -9.13 -22.84
N THR M 34 7.39 -10.17 -22.37
CA THR M 34 6.75 -11.33 -21.74
C THR M 34 6.39 -11.06 -20.26
N THR M 35 5.55 -11.89 -19.68
CA THR M 35 5.12 -11.69 -18.30
C THR M 35 5.91 -12.58 -17.36
N HIS M 36 5.73 -12.42 -16.05
CA HIS M 36 6.37 -13.33 -15.09
C HIS M 36 5.88 -14.73 -15.21
N ASP M 37 4.56 -14.95 -15.19
CA ASP M 37 4.01 -16.30 -15.39
C ASP M 37 4.51 -17.02 -16.66
N GLU M 38 4.71 -16.27 -17.74
CA GLU M 38 5.38 -16.80 -18.96
C GLU M 38 6.81 -17.24 -18.71
N LEU M 39 7.52 -16.49 -17.88
CA LEU M 39 8.89 -16.80 -17.59
C LEU M 39 9.01 -18.10 -16.77
N VAL M 40 8.12 -18.31 -15.81
CA VAL M 40 8.07 -19.57 -15.09
C VAL M 40 7.95 -20.75 -16.06
N ALA M 41 6.95 -20.67 -16.92
CA ALA M 41 6.65 -21.73 -17.87
C ALA M 41 7.81 -21.99 -18.82
N LEU M 42 8.23 -20.92 -19.51
CA LEU M 42 9.33 -20.93 -20.46
C LEU M 42 10.58 -21.56 -19.87
N ILE M 43 10.93 -21.12 -18.66
CA ILE M 43 12.11 -21.62 -18.00
C ILE M 43 11.98 -23.11 -17.79
N GLU M 44 10.79 -23.52 -17.36
CA GLU M 44 10.52 -24.91 -17.07
C GLU M 44 10.49 -25.82 -18.28
N ARG M 45 9.87 -25.38 -19.38
CA ARG M 45 9.94 -26.14 -20.62
C ARG M 45 11.41 -26.36 -20.98
N GLU M 46 12.13 -25.26 -21.14
CA GLU M 46 13.54 -25.34 -21.43
C GLU M 46 14.27 -26.30 -20.48
N ALA M 47 14.14 -26.11 -19.16
CA ALA M 47 14.80 -26.97 -18.16
C ALA M 47 14.67 -28.47 -18.46
N ALA M 48 13.42 -28.91 -18.56
CA ALA M 48 13.01 -30.24 -18.94
C ALA M 48 13.77 -30.81 -20.15
N GLU M 49 13.82 -30.04 -21.23
CA GLU M 49 14.51 -30.50 -22.45
C GLU M 49 15.99 -30.85 -22.20
N LEU M 50 16.53 -30.32 -21.12
CA LEU M 50 17.93 -30.54 -20.78
C LEU M 50 18.08 -31.52 -19.63
N GLY M 51 16.98 -32.18 -19.25
CA GLY M 51 16.99 -33.09 -18.11
C GLY M 51 17.20 -32.36 -16.79
N LEU M 52 16.70 -31.13 -16.71
CA LEU M 52 16.68 -30.43 -15.46
C LEU M 52 15.25 -30.20 -15.07
N LYS M 53 15.05 -30.10 -13.76
CA LYS M 53 13.82 -29.66 -13.14
C LYS M 53 14.13 -28.29 -12.55
N ALA M 54 13.60 -27.22 -13.17
CA ALA M 54 13.73 -25.86 -12.63
C ALA M 54 12.83 -25.60 -11.40
N VAL M 55 13.24 -24.72 -10.49
CA VAL M 55 12.30 -24.23 -9.48
C VAL M 55 12.39 -22.72 -9.38
N VAL M 56 11.38 -22.03 -9.93
CA VAL M 56 11.40 -20.59 -10.13
C VAL M 56 10.59 -19.80 -9.10
N ARG M 57 11.27 -19.03 -8.24
CA ARG M 57 10.63 -18.22 -7.21
C ARG M 57 10.94 -16.72 -7.32
N GLN M 58 9.96 -15.90 -6.95
CA GLN M 58 10.09 -14.42 -6.87
C GLN M 58 9.63 -13.84 -5.51
N SER M 59 10.29 -12.77 -5.06
CA SER M 59 9.89 -12.09 -3.85
C SER M 59 10.45 -10.68 -3.88
N ASP M 60 9.71 -9.75 -3.28
CA ASP M 60 10.19 -8.40 -3.02
C ASP M 60 10.88 -8.39 -1.66
N SER M 61 10.60 -9.42 -0.86
CA SER M 61 11.25 -9.59 0.43
C SER M 61 12.68 -10.12 0.31
N GLU M 62 13.59 -9.51 1.04
CA GLU M 62 14.97 -9.99 1.03
C GLU M 62 15.17 -11.14 2.06
N ALA M 63 14.67 -10.99 3.27
CA ALA M 63 14.65 -12.11 4.20
C ALA M 63 14.28 -13.42 3.49
N GLN M 64 13.27 -13.34 2.62
CA GLN M 64 12.83 -14.50 1.85
C GLN M 64 13.90 -15.03 0.90
N LEU M 65 14.47 -14.14 0.08
CA LEU M 65 15.55 -14.50 -0.83
C LEU M 65 16.67 -15.14 -0.07
N LEU M 66 17.04 -14.57 1.07
CA LEU M 66 18.07 -15.17 1.91
C LEU M 66 17.70 -16.60 2.27
N ASP M 67 16.45 -16.83 2.67
CA ASP M 67 16.04 -18.18 3.07
C ASP M 67 16.07 -19.18 1.93
N TRP M 68 15.64 -18.76 0.74
CA TRP M 68 15.73 -19.57 -0.45
C TRP M 68 17.14 -19.91 -0.77
N ILE M 69 18.03 -18.91 -0.72
CA ILE M 69 19.46 -19.13 -0.96
C ILE M 69 20.08 -20.12 0.02
N HIS M 70 19.71 -20.06 1.31
CA HIS M 70 20.27 -21.01 2.26
C HIS M 70 19.92 -22.42 1.91
N GLN M 71 18.64 -22.65 1.67
CA GLN M 71 18.13 -23.97 1.41
C GLN M 71 18.79 -24.54 0.18
N ALA M 72 19.12 -23.66 -0.77
CA ALA M 72 19.79 -24.06 -1.98
C ALA M 72 21.25 -24.45 -1.72
N ALA M 73 21.88 -23.80 -0.74
CA ALA M 73 23.24 -24.13 -0.31
C ALA M 73 23.26 -25.52 0.31
N ASP M 74 22.34 -25.77 1.24
CA ASP M 74 22.18 -27.09 1.91
C ASP M 74 21.97 -28.24 0.95
N ALA M 75 21.17 -27.98 -0.08
CA ALA M 75 20.84 -28.96 -1.09
C ALA M 75 21.93 -29.16 -2.14
N ALA M 76 23.05 -28.43 -2.01
CA ALA M 76 24.13 -28.38 -3.02
C ALA M 76 23.65 -28.14 -4.46
N GLU M 77 22.53 -27.43 -4.60
CA GLU M 77 21.90 -27.15 -5.89
C GLU M 77 22.35 -25.79 -6.46
N PRO M 78 22.63 -25.72 -7.78
CA PRO M 78 22.87 -24.46 -8.53
C PRO M 78 21.77 -23.39 -8.38
N VAL M 79 22.15 -22.12 -8.52
CA VAL M 79 21.23 -20.97 -8.45
C VAL M 79 21.49 -20.04 -9.60
N ILE M 80 20.41 -19.70 -10.30
CA ILE M 80 20.39 -18.59 -11.24
C ILE M 80 19.74 -17.44 -10.50
N LEU M 81 20.31 -16.24 -10.61
CA LEU M 81 19.87 -15.10 -9.81
C LEU M 81 19.74 -13.74 -10.54
N ASN M 82 18.64 -13.06 -10.27
CA ASN M 82 18.42 -11.71 -10.76
C ASN M 82 17.86 -10.95 -9.59
N ALA M 83 18.71 -10.24 -8.85
CA ALA M 83 18.26 -9.67 -7.59
C ALA M 83 17.64 -8.28 -7.78
N GLY M 84 18.03 -7.64 -8.87
CA GLY M 84 17.33 -6.48 -9.45
C GLY M 84 17.28 -5.19 -8.66
N GLY M 85 18.43 -4.69 -8.22
CA GLY M 85 18.44 -3.49 -7.37
C GLY M 85 19.13 -3.86 -6.07
N LEU M 86 18.71 -4.98 -5.49
CA LEU M 86 19.43 -5.60 -4.40
C LEU M 86 20.86 -5.90 -4.81
N THR M 87 21.08 -6.11 -6.12
CA THR M 87 22.36 -6.45 -6.70
C THR M 87 23.44 -5.43 -6.37
N HIS M 88 23.02 -4.17 -6.26
CA HIS M 88 23.93 -3.04 -6.08
C HIS M 88 24.07 -2.65 -4.64
N THR M 89 23.32 -3.32 -3.76
CA THR M 89 23.19 -2.86 -2.38
C THR M 89 23.43 -3.89 -1.27
N SER M 90 23.16 -5.17 -1.50
CA SER M 90 23.00 -6.07 -0.37
C SER M 90 24.18 -6.96 -0.03
N VAL M 91 24.84 -6.66 1.07
CA VAL M 91 26.00 -7.43 1.44
C VAL M 91 25.51 -8.76 1.98
N ALA M 92 24.31 -8.73 2.54
CA ALA M 92 23.64 -9.93 3.08
C ALA M 92 23.40 -10.94 1.99
N LEU M 93 22.91 -10.47 0.86
CA LEU M 93 22.66 -11.38 -0.22
C LEU M 93 23.98 -11.96 -0.69
N ARG M 94 25.02 -11.12 -0.68
CA ARG M 94 26.34 -11.58 -1.11
C ARG M 94 26.95 -12.66 -0.18
N ASP M 95 26.94 -12.39 1.13
CA ASP M 95 27.33 -13.37 2.12
C ASP M 95 26.57 -14.67 1.86
N ALA M 96 25.25 -14.58 1.77
CA ALA M 96 24.43 -15.76 1.64
C ALA M 96 24.86 -16.58 0.43
N CYS M 97 25.11 -15.89 -0.68
CA CYS M 97 25.49 -16.55 -1.93
C CYS M 97 26.87 -17.17 -1.84
N ALA M 98 27.72 -16.57 -1.01
CA ALA M 98 29.05 -17.07 -0.75
C ALA M 98 29.00 -18.53 -0.29
N GLU M 99 27.97 -18.86 0.51
CA GLU M 99 27.70 -20.23 1.01
C GLU M 99 27.59 -21.32 -0.07
N LEU M 100 27.36 -20.92 -1.32
CA LEU M 100 27.10 -21.90 -2.36
C LEU M 100 28.38 -22.62 -2.73
N SER M 101 28.21 -23.91 -3.05
CA SER M 101 29.28 -24.79 -3.56
C SER M 101 28.94 -25.28 -4.95
N ALA M 102 27.73 -24.94 -5.37
CA ALA M 102 27.27 -25.19 -6.71
C ALA M 102 27.40 -23.87 -7.48
N PRO M 103 27.52 -23.93 -8.81
CA PRO M 103 27.55 -22.74 -9.65
C PRO M 103 26.46 -21.74 -9.31
N LEU M 104 26.79 -20.45 -9.41
CA LEU M 104 25.84 -19.37 -9.22
C LEU M 104 25.96 -18.45 -10.41
N ILE M 105 24.87 -18.27 -11.15
CA ILE M 105 24.89 -17.38 -12.31
C ILE M 105 24.11 -16.12 -11.96
N GLU M 106 24.68 -14.96 -12.30
CA GLU M 106 23.99 -13.69 -12.09
C GLU M 106 23.40 -13.27 -13.41
N VAL M 107 22.10 -12.95 -13.40
CA VAL M 107 21.41 -12.65 -14.64
C VAL M 107 20.68 -11.32 -14.55
N HIS M 108 21.01 -10.38 -15.43
CA HIS M 108 20.20 -9.17 -15.61
C HIS M 108 19.58 -9.14 -16.97
N ILE M 109 18.26 -8.95 -16.99
CA ILE M 109 17.51 -8.86 -18.22
C ILE M 109 18.05 -7.69 -19.04
N SER M 110 17.99 -6.47 -18.50
CA SER M 110 18.45 -5.27 -19.21
C SER M 110 19.96 -5.24 -19.23
N ASN M 111 20.54 -4.28 -19.98
CA ASN M 111 21.99 -4.03 -19.97
C ASN M 111 22.40 -2.98 -18.93
N VAL M 112 22.71 -3.44 -17.73
CA VAL M 112 23.08 -2.52 -16.65
C VAL M 112 24.24 -1.56 -16.95
N HIS M 113 25.09 -1.86 -17.93
CA HIS M 113 26.22 -0.94 -18.18
C HIS M 113 25.89 0.20 -19.07
N ALA M 114 24.66 0.25 -19.54
CA ALA M 114 24.23 1.34 -20.39
C ALA M 114 23.16 2.18 -19.69
N ARG M 115 23.24 2.26 -18.36
CA ARG M 115 22.24 2.98 -17.60
C ARG M 115 22.92 3.92 -16.60
N GLU M 116 22.27 4.12 -15.44
CA GLU M 116 22.82 4.94 -14.37
C GLU M 116 24.10 4.32 -13.82
N GLU M 117 25.14 5.13 -13.72
CA GLU M 117 26.48 4.64 -13.41
C GLU M 117 26.60 3.78 -12.13
N PHE M 118 25.75 4.04 -11.14
CA PHE M 118 25.67 3.19 -9.93
C PHE M 118 25.24 1.73 -10.23
N ARG M 119 24.69 1.50 -11.42
CA ARG M 119 24.35 0.13 -11.82
C ARG M 119 25.53 -0.70 -12.31
N ARG M 120 26.71 -0.10 -12.43
CA ARG M 120 27.87 -0.75 -12.98
C ARG M 120 28.70 -1.42 -11.89
N HIS M 121 28.17 -1.46 -10.69
CA HIS M 121 28.81 -2.21 -9.62
C HIS M 121 27.81 -3.15 -9.03
N SER M 122 28.14 -4.44 -9.08
CA SER M 122 27.35 -5.50 -8.44
C SER M 122 28.06 -6.10 -7.21
N TYR M 123 27.34 -6.24 -6.11
CA TYR M 123 27.91 -6.91 -4.94
C TYR M 123 28.02 -8.40 -5.19
N LEU M 124 27.28 -8.90 -6.18
CA LEU M 124 27.28 -10.33 -6.53
C LEU M 124 28.30 -10.77 -7.57
N SER M 125 28.60 -9.95 -8.54
CA SER M 125 29.45 -10.40 -9.62
C SER M 125 30.76 -11.08 -9.18
N PRO M 126 31.43 -10.53 -8.16
CA PRO M 126 32.71 -11.18 -7.87
C PRO M 126 32.63 -12.55 -7.18
N ILE M 127 31.45 -12.99 -6.78
CA ILE M 127 31.33 -14.32 -6.16
C ILE M 127 30.35 -15.24 -6.89
N ALA M 128 29.93 -14.82 -8.08
CA ALA M 128 29.19 -15.65 -9.01
C ALA M 128 30.21 -16.36 -9.90
N THR M 129 29.80 -17.46 -10.53
CA THR M 129 30.67 -18.15 -11.48
C THR M 129 30.85 -17.24 -12.69
N GLY M 130 29.72 -16.65 -13.08
CA GLY M 130 29.66 -15.68 -14.18
C GLY M 130 28.38 -14.85 -14.19
N VAL M 131 28.23 -14.05 -15.23
CA VAL M 131 27.18 -13.06 -15.27
C VAL M 131 26.67 -12.86 -16.67
N ILE M 132 25.35 -12.95 -16.84
CA ILE M 132 24.75 -12.61 -18.13
C ILE M 132 23.91 -11.37 -17.99
N VAL M 133 24.23 -10.39 -18.82
CA VAL M 133 23.60 -9.10 -18.75
C VAL M 133 23.10 -8.68 -20.13
N GLY M 134 21.85 -8.24 -20.20
CA GLY M 134 21.36 -7.59 -21.40
C GLY M 134 20.76 -8.46 -22.49
N LEU M 135 20.60 -9.75 -22.24
CA LEU M 135 20.08 -10.60 -23.29
C LEU M 135 18.62 -10.94 -23.10
N GLY M 136 17.94 -10.20 -22.21
CA GLY M 136 16.49 -10.29 -22.06
C GLY M 136 16.10 -11.59 -21.37
N ILE M 137 14.86 -12.01 -21.56
CA ILE M 137 14.35 -13.27 -21.00
C ILE M 137 15.33 -14.41 -21.28
N GLN M 138 15.90 -14.38 -22.48
CA GLN M 138 16.79 -15.44 -22.95
C GLN M 138 18.05 -15.65 -22.07
N GLY M 139 18.44 -14.61 -21.34
CA GLY M 139 19.47 -14.73 -20.32
C GLY M 139 19.27 -15.91 -19.40
N TYR M 140 18.04 -16.20 -19.01
CA TYR M 140 17.81 -17.36 -18.14
C TYR M 140 18.03 -18.68 -18.85
N LEU M 141 17.76 -18.69 -20.14
CA LEU M 141 17.75 -19.94 -20.86
C LEU M 141 19.19 -20.43 -21.03
N LEU M 142 20.04 -19.51 -21.49
CA LEU M 142 21.47 -19.73 -21.59
C LEU M 142 22.10 -20.18 -20.28
N ALA M 143 21.65 -19.62 -19.15
CA ALA M 143 22.17 -20.03 -17.85
C ALA M 143 21.87 -21.48 -17.55
N LEU M 144 20.67 -21.92 -17.90
CA LEU M 144 20.31 -23.33 -17.77
C LEU M 144 21.22 -24.11 -18.68
N ARG M 145 21.23 -23.69 -19.95
CA ARG M 145 22.07 -24.31 -20.95
C ARG M 145 23.47 -24.53 -20.38
N TYR M 146 23.94 -23.55 -19.59
CA TYR M 146 25.29 -23.61 -19.02
C TYR M 146 25.41 -24.66 -17.92
N LEU M 147 24.45 -24.63 -16.99
CA LEU M 147 24.34 -25.56 -15.86
C LEU M 147 24.09 -27.01 -16.31
N ALA M 148 23.33 -27.17 -17.39
CA ALA M 148 23.17 -28.46 -18.06
C ALA M 148 24.53 -29.13 -18.26
N GLU M 149 25.47 -28.39 -18.86
CA GLU M 149 26.81 -28.88 -19.14
C GLU M 149 27.80 -28.78 -17.97
N HIS M 150 27.68 -27.74 -17.15
CA HIS M 150 28.64 -27.39 -16.07
C HIS M 150 29.72 -26.44 -16.51
N LEU N 10 85.68 6.88 -2.86
CA LEU N 10 85.46 8.11 -2.05
C LEU N 10 84.00 8.16 -1.47
N ILE N 11 83.66 7.14 -0.66
CA ILE N 11 82.54 7.16 0.34
C ILE N 11 81.07 7.13 -0.13
N VAL N 12 80.31 6.19 0.47
CA VAL N 12 78.92 5.88 0.09
C VAL N 12 78.11 5.44 1.30
N ASN N 13 76.98 6.10 1.52
CA ASN N 13 76.14 5.78 2.70
C ASN N 13 74.98 4.86 2.40
N VAL N 14 75.03 3.66 2.96
CA VAL N 14 73.94 2.74 2.82
C VAL N 14 73.17 2.77 4.13
N ILE N 15 72.02 3.43 4.09
CA ILE N 15 71.21 3.68 5.29
C ILE N 15 69.92 2.86 5.25
N ASN N 16 69.68 2.09 6.31
CA ASN N 16 68.52 1.20 6.36
C ASN N 16 67.44 1.56 7.41
N GLY N 17 66.20 1.60 6.94
CA GLY N 17 65.08 2.10 7.73
C GLY N 17 64.57 1.07 8.72
N PRO N 18 63.54 1.43 9.52
CA PRO N 18 63.01 0.58 10.58
C PRO N 18 62.60 -0.82 10.13
N ASN N 19 62.77 -1.78 11.03
CA ASN N 19 62.51 -3.21 10.78
C ASN N 19 63.57 -3.97 9.98
N LEU N 20 64.41 -3.25 9.23
CA LEU N 20 65.46 -3.89 8.43
C LEU N 20 66.53 -4.62 9.24
N GLY N 21 66.54 -4.38 10.56
CA GLY N 21 67.45 -5.09 11.45
C GLY N 21 67.03 -6.53 11.63
N ARG N 22 65.89 -6.87 11.05
CA ARG N 22 65.38 -8.23 11.03
C ARG N 22 65.42 -8.70 9.57
N LEU N 23 66.18 -9.74 9.28
CA LEU N 23 66.40 -10.17 7.90
C LEU N 23 66.65 -11.68 7.73
N GLY N 24 66.74 -12.38 8.85
CA GLY N 24 66.86 -13.83 8.86
C GLY N 24 65.55 -14.46 8.45
N ARG N 25 64.49 -14.35 9.25
CA ARG N 25 64.48 -14.02 10.69
C ARG N 25 63.02 -13.74 10.90
N ARG N 26 62.28 -13.97 9.80
CA ARG N 26 60.83 -13.95 9.66
C ARG N 26 60.47 -12.99 8.53
N GLU N 27 60.93 -13.38 7.35
CA GLU N 27 60.63 -12.71 6.10
C GLU N 27 59.44 -13.44 5.49
N PRO N 28 59.65 -14.71 5.06
CA PRO N 28 60.92 -15.39 4.78
C PRO N 28 61.20 -15.46 3.27
N ALA N 29 60.13 -15.64 2.49
CA ALA N 29 60.18 -15.68 1.03
C ALA N 29 60.13 -14.28 0.43
N VAL N 30 59.52 -13.35 1.15
CA VAL N 30 59.27 -11.99 0.66
C VAL N 30 60.55 -11.13 0.62
N TYR N 31 61.61 -11.57 1.30
CA TYR N 31 62.85 -10.78 1.36
C TYR N 31 64.10 -11.57 0.98
N GLY N 32 64.89 -11.96 1.97
CA GLY N 32 66.08 -12.77 1.73
C GLY N 32 66.33 -13.71 2.89
N GLY N 33 67.11 -14.76 2.66
CA GLY N 33 67.55 -15.67 3.72
C GLY N 33 68.74 -15.08 4.45
N THR N 34 69.46 -14.22 3.72
CA THR N 34 70.61 -13.46 4.23
C THR N 34 70.20 -12.47 5.32
N THR N 35 70.97 -12.46 6.40
CA THR N 35 70.68 -11.62 7.55
C THR N 35 71.30 -10.23 7.37
N HIS N 36 71.09 -9.33 8.34
CA HIS N 36 71.56 -7.97 8.16
C HIS N 36 73.06 -7.86 8.20
N ASP N 37 73.70 -8.62 9.10
CA ASP N 37 75.17 -8.73 9.18
C ASP N 37 75.79 -9.13 7.85
N GLU N 38 75.31 -10.22 7.29
CA GLU N 38 75.83 -10.70 6.00
C GLU N 38 75.59 -9.66 4.88
N LEU N 39 74.43 -9.01 4.93
CA LEU N 39 74.13 -7.94 3.99
C LEU N 39 75.19 -6.86 4.05
N VAL N 40 75.51 -6.43 5.27
CA VAL N 40 76.59 -5.47 5.52
C VAL N 40 77.89 -5.92 4.84
N ALA N 41 78.34 -7.11 5.22
CA ALA N 41 79.60 -7.65 4.74
C ALA N 41 79.63 -7.77 3.21
N LEU N 42 78.51 -8.18 2.61
CA LEU N 42 78.37 -8.26 1.16
C LEU N 42 78.52 -6.88 0.53
N ILE N 43 77.95 -5.87 1.19
CA ILE N 43 77.98 -4.53 0.66
C ILE N 43 79.42 -4.05 0.77
N GLU N 44 80.02 -4.32 1.93
CA GLU N 44 81.40 -3.94 2.24
C GLU N 44 82.36 -4.22 1.10
N ARG N 45 82.49 -5.49 0.73
CA ARG N 45 83.37 -5.93 -0.36
C ARG N 45 83.54 -4.92 -1.50
N GLU N 46 82.54 -4.81 -2.40
CA GLU N 46 82.59 -3.90 -3.56
C GLU N 46 83.64 -2.77 -3.51
N ALA N 47 84.82 -3.08 -4.04
CA ALA N 47 86.01 -2.29 -3.79
C ALA N 47 86.60 -1.56 -5.00
N ALA N 48 87.64 -2.16 -5.62
CA ALA N 48 88.63 -1.45 -6.48
C ALA N 48 88.30 -1.24 -7.97
N GLU N 49 87.01 -1.03 -8.27
CA GLU N 49 86.53 -0.59 -9.59
C GLU N 49 87.12 0.78 -9.95
N LEU N 50 86.41 1.85 -9.56
CA LEU N 50 87.00 3.18 -9.35
C LEU N 50 87.24 3.35 -7.83
N GLY N 51 86.89 2.30 -7.07
CA GLY N 51 87.32 2.12 -5.67
C GLY N 51 86.39 2.67 -4.60
N LEU N 52 85.58 1.81 -3.98
CA LEU N 52 84.55 2.30 -3.07
C LEU N 52 84.62 1.81 -1.64
N LYS N 53 84.34 2.70 -0.69
CA LYS N 53 84.19 2.33 0.70
C LYS N 53 82.74 2.51 1.09
N ALA N 54 82.19 1.55 1.84
CA ALA N 54 80.79 1.62 2.13
C ALA N 54 80.47 1.66 3.61
N VAL N 55 79.88 2.78 4.03
CA VAL N 55 79.36 2.92 5.38
C VAL N 55 77.91 2.42 5.33
N VAL N 56 77.58 1.46 6.18
CA VAL N 56 76.26 0.83 6.13
C VAL N 56 75.63 0.81 7.50
N ARG N 57 74.78 1.79 7.80
CA ARG N 57 74.06 1.87 9.08
C ARG N 57 72.57 1.48 8.93
N GLN N 58 71.96 1.05 10.03
CA GLN N 58 70.52 0.77 10.07
C GLN N 58 69.97 1.23 11.40
N SER N 59 68.91 2.03 11.39
CA SER N 59 68.22 2.37 12.62
C SER N 59 66.72 2.22 12.48
N ASP N 60 66.08 1.97 13.61
CA ASP N 60 64.63 1.95 13.69
C ASP N 60 64.10 3.35 14.03
N SER N 61 64.98 4.34 14.19
CA SER N 61 64.60 5.71 14.62
C SER N 61 64.65 6.71 13.45
N GLU N 62 63.52 7.30 13.10
CA GLU N 62 63.56 8.29 12.01
C GLU N 62 64.46 9.54 12.32
N ALA N 63 64.48 9.98 13.57
CA ALA N 63 65.40 11.05 14.00
C ALA N 63 66.85 10.71 13.65
N GLN N 64 67.25 9.49 14.02
CA GLN N 64 68.57 8.98 13.72
C GLN N 64 68.87 8.92 12.20
N LEU N 65 67.88 8.50 11.43
CA LEU N 65 68.06 8.49 9.98
C LEU N 65 68.33 9.88 9.50
N LEU N 66 67.57 10.85 10.00
CA LEU N 66 67.65 12.23 9.50
C LEU N 66 69.04 12.75 9.77
N ASP N 67 69.51 12.45 10.97
CA ASP N 67 70.86 12.75 11.40
C ASP N 67 71.88 12.30 10.34
N TRP N 68 71.80 11.03 9.97
CA TRP N 68 72.68 10.44 8.99
C TRP N 68 72.55 11.07 7.65
N ILE N 69 71.34 11.41 7.25
CA ILE N 69 71.11 12.17 6.02
C ILE N 69 71.74 13.57 6.11
N HIS N 70 71.66 14.19 7.27
CA HIS N 70 72.23 15.51 7.46
C HIS N 70 73.72 15.45 7.28
N GLN N 71 74.32 14.37 7.78
CA GLN N 71 75.77 14.22 7.72
C GLN N 71 76.24 13.97 6.31
N ALA N 72 75.50 13.16 5.57
CA ALA N 72 75.83 12.86 4.18
C ALA N 72 75.64 14.12 3.35
N ALA N 73 74.62 14.90 3.73
CA ALA N 73 74.35 16.16 3.06
C ALA N 73 75.51 17.10 3.29
N ASP N 74 75.95 17.22 4.54
CA ASP N 74 77.10 18.06 4.89
C ASP N 74 78.45 17.62 4.29
N ALA N 75 78.58 16.33 3.98
CA ALA N 75 79.84 15.76 3.54
C ALA N 75 79.83 15.46 2.07
N ALA N 76 78.75 15.87 1.38
CA ALA N 76 78.57 15.69 -0.08
C ALA N 76 78.76 14.27 -0.58
N GLU N 77 78.31 13.30 0.22
CA GLU N 77 78.41 11.89 -0.13
C GLU N 77 77.10 11.33 -0.73
N PRO N 78 77.20 10.29 -1.60
CA PRO N 78 76.02 9.58 -2.12
C PRO N 78 75.30 8.79 -1.03
N VAL N 79 74.03 8.46 -1.29
CA VAL N 79 73.23 7.71 -0.31
C VAL N 79 72.40 6.61 -0.96
N ILE N 80 72.47 5.43 -0.36
CA ILE N 80 71.60 4.33 -0.71
C ILE N 80 70.68 4.11 0.47
N LEU N 81 69.39 4.29 0.21
CA LEU N 81 68.40 4.30 1.27
C LEU N 81 67.21 3.44 0.98
N ASN N 82 66.92 2.59 1.94
CA ASN N 82 65.75 1.78 2.01
C ASN N 82 65.09 2.23 3.28
N ALA N 83 64.04 3.04 3.17
CA ALA N 83 63.50 3.65 4.36
C ALA N 83 62.56 2.73 5.13
N GLY N 84 62.24 1.57 4.56
CA GLY N 84 61.22 0.70 5.14
C GLY N 84 59.84 1.36 5.09
N GLY N 85 59.14 1.33 6.21
CA GLY N 85 57.81 1.92 6.29
C GLY N 85 57.79 3.45 6.15
N LEU N 86 58.92 4.08 6.46
CA LEU N 86 59.00 5.52 6.38
C LEU N 86 58.93 6.03 4.93
N THR N 87 59.09 5.13 3.96
CA THR N 87 59.12 5.56 2.57
C THR N 87 57.74 6.04 2.17
N HIS N 88 56.73 5.52 2.87
CA HIS N 88 55.32 5.72 2.52
C HIS N 88 54.65 6.75 3.36
N THR N 89 55.33 7.20 4.42
CA THR N 89 54.72 7.96 5.49
C THR N 89 55.43 9.26 5.93
N SER N 90 56.75 9.33 5.76
CA SER N 90 57.55 10.45 6.32
C SER N 90 57.92 11.53 5.32
N VAL N 91 57.23 12.68 5.41
CA VAL N 91 57.58 13.85 4.63
C VAL N 91 58.85 14.44 5.19
N ALA N 92 58.99 14.30 6.51
CA ALA N 92 60.14 14.79 7.21
C ALA N 92 61.36 14.23 6.50
N LEU N 93 61.42 12.90 6.40
CA LEU N 93 62.55 12.24 5.75
C LEU N 93 62.74 12.64 4.29
N ARG N 94 61.67 12.83 3.54
CA ARG N 94 61.82 13.36 2.19
C ARG N 94 62.46 14.72 2.20
N ASP N 95 62.16 15.52 3.21
CA ASP N 95 62.70 16.86 3.22
C ASP N 95 64.23 16.82 3.43
N ALA N 96 64.68 16.03 4.40
CA ALA N 96 66.10 15.86 4.60
C ALA N 96 66.76 15.52 3.26
N CYS N 97 66.43 14.37 2.71
CA CYS N 97 67.04 13.94 1.45
C CYS N 97 67.12 15.00 0.36
N ALA N 98 66.19 15.94 0.34
CA ALA N 98 66.07 16.85 -0.78
C ALA N 98 67.31 17.69 -0.97
N GLU N 99 67.99 18.02 0.12
CA GLU N 99 69.26 18.77 0.05
C GLU N 99 70.47 17.95 -0.43
N LEU N 100 70.41 16.62 -0.33
CA LEU N 100 71.47 15.79 -0.87
C LEU N 100 71.98 16.30 -2.23
N SER N 101 73.30 16.33 -2.34
CA SER N 101 74.01 16.89 -3.47
C SER N 101 74.50 15.78 -4.41
N ALA N 102 75.08 14.73 -3.83
CA ALA N 102 75.45 13.56 -4.58
C ALA N 102 74.18 12.76 -4.86
N PRO N 103 74.20 11.86 -5.88
CA PRO N 103 72.99 11.08 -6.16
C PRO N 103 72.46 10.35 -4.92
N LEU N 104 71.15 10.18 -4.88
CA LEU N 104 70.50 9.37 -3.87
C LEU N 104 69.79 8.25 -4.62
N ILE N 105 69.94 7.00 -4.13
CA ILE N 105 69.19 5.86 -4.71
C ILE N 105 68.34 5.20 -3.65
N GLU N 106 67.03 5.22 -3.86
CA GLU N 106 66.08 4.55 -2.96
C GLU N 106 66.13 3.09 -3.36
N VAL N 107 66.28 2.18 -2.41
CA VAL N 107 66.26 0.74 -2.75
C VAL N 107 65.24 -0.01 -1.92
N HIS N 108 64.46 -0.89 -2.55
CA HIS N 108 63.60 -1.85 -1.82
C HIS N 108 63.85 -3.29 -2.25
N ILE N 109 63.94 -4.16 -1.26
CA ILE N 109 64.21 -5.58 -1.48
C ILE N 109 63.07 -6.26 -2.21
N SER N 110 61.89 -6.23 -1.61
CA SER N 110 60.69 -6.80 -2.20
C SER N 110 60.18 -5.91 -3.30
N ASN N 111 59.35 -6.46 -4.18
CA ASN N 111 58.69 -5.64 -5.18
C ASN N 111 57.45 -5.15 -4.49
N VAL N 112 57.40 -3.82 -4.29
CA VAL N 112 56.30 -3.16 -3.57
C VAL N 112 55.06 -2.96 -4.45
N HIS N 113 55.25 -2.86 -5.76
CA HIS N 113 54.08 -2.69 -6.60
C HIS N 113 53.23 -3.94 -6.70
N ALA N 114 53.64 -5.01 -6.03
CA ALA N 114 52.87 -6.27 -6.01
C ALA N 114 52.31 -6.63 -4.66
N ARG N 115 52.26 -5.68 -3.73
CA ARG N 115 51.71 -5.97 -2.41
C ARG N 115 50.56 -5.01 -2.17
N GLU N 116 50.28 -4.67 -0.92
CA GLU N 116 49.15 -3.76 -0.62
C GLU N 116 49.23 -2.45 -1.39
N GLU N 117 48.09 -1.83 -1.63
CA GLU N 117 48.09 -0.59 -2.40
C GLU N 117 48.97 0.51 -1.83
N PHE N 118 48.96 0.68 -0.49
CA PHE N 118 49.67 1.81 0.09
C PHE N 118 51.17 1.75 -0.22
N ARG N 119 51.74 0.56 -0.19
CA ARG N 119 53.15 0.41 -0.51
C ARG N 119 53.52 0.95 -1.87
N ARG N 120 52.53 1.16 -2.74
CA ARG N 120 52.78 1.59 -4.12
C ARG N 120 52.99 3.11 -4.29
N HIS N 121 53.01 3.85 -3.18
CA HIS N 121 53.35 5.28 -3.22
C HIS N 121 54.50 5.58 -2.30
N SER N 122 55.40 6.43 -2.79
CA SER N 122 56.61 6.81 -2.06
C SER N 122 56.79 8.34 -1.98
N TYR N 123 57.09 8.84 -0.78
CA TYR N 123 57.41 10.25 -0.64
C TYR N 123 58.82 10.58 -1.08
N LEU N 124 59.71 9.59 -1.12
CA LEU N 124 61.09 9.83 -1.50
C LEU N 124 61.35 9.70 -2.99
N SER N 125 60.75 8.71 -3.63
CA SER N 125 60.90 8.52 -5.08
C SER N 125 60.95 9.81 -5.89
N PRO N 126 60.06 10.78 -5.61
CA PRO N 126 60.11 12.02 -6.44
C PRO N 126 61.39 12.90 -6.33
N ILE N 127 62.19 12.72 -5.28
CA ILE N 127 63.38 13.54 -5.14
C ILE N 127 64.67 12.73 -5.31
N ALA N 128 64.57 11.41 -5.31
CA ALA N 128 65.71 10.51 -5.52
C ALA N 128 66.27 10.58 -6.95
N THR N 129 67.50 10.12 -7.18
CA THR N 129 68.04 10.01 -8.55
C THR N 129 67.40 8.86 -9.31
N GLY N 130 67.25 7.74 -8.63
CA GLY N 130 66.66 6.55 -9.20
C GLY N 130 66.14 5.65 -8.09
N VAL N 131 65.36 4.67 -8.47
CA VAL N 131 64.78 3.77 -7.51
C VAL N 131 64.96 2.36 -8.04
N ILE N 132 65.41 1.45 -7.17
CA ILE N 132 65.48 0.02 -7.50
C ILE N 132 64.56 -0.79 -6.58
N VAL N 133 63.62 -1.49 -7.20
CA VAL N 133 62.62 -2.24 -6.46
C VAL N 133 62.64 -3.70 -6.88
N GLY N 134 62.51 -4.60 -5.91
CA GLY N 134 62.28 -6.02 -6.19
C GLY N 134 63.43 -6.88 -6.71
N LEU N 135 64.65 -6.38 -6.68
CA LEU N 135 65.76 -7.21 -7.10
C LEU N 135 66.42 -7.88 -5.88
N GLY N 136 65.65 -7.98 -4.82
CA GLY N 136 66.08 -8.56 -3.56
C GLY N 136 67.24 -7.79 -2.99
N ILE N 137 68.06 -8.52 -2.25
CA ILE N 137 69.29 -7.98 -1.65
C ILE N 137 70.24 -7.37 -2.69
N GLN N 138 70.30 -7.92 -3.89
CA GLN N 138 71.24 -7.41 -4.91
C GLN N 138 70.92 -6.01 -5.46
N GLY N 139 69.70 -5.52 -5.18
CA GLY N 139 69.34 -4.14 -5.54
C GLY N 139 70.34 -3.12 -5.01
N TYR N 140 70.92 -3.40 -3.84
CA TYR N 140 71.97 -2.56 -3.21
C TYR N 140 73.27 -2.54 -3.98
N LEU N 141 73.69 -3.73 -4.40
CA LEU N 141 74.97 -3.90 -5.08
C LEU N 141 74.91 -3.28 -6.48
N LEU N 142 73.74 -3.35 -7.10
CA LEU N 142 73.57 -2.66 -8.38
C LEU N 142 73.64 -1.14 -8.20
N ALA N 143 73.10 -0.65 -7.09
CA ALA N 143 73.15 0.77 -6.77
C ALA N 143 74.59 1.20 -6.53
N LEU N 144 75.36 0.37 -5.83
CA LEU N 144 76.76 0.63 -5.65
C LEU N 144 77.35 0.85 -7.01
N ARG N 145 77.14 -0.12 -7.89
CA ARG N 145 77.73 -0.06 -9.20
C ARG N 145 77.31 1.18 -9.98
N TYR N 146 76.10 1.69 -9.75
CA TYR N 146 75.70 2.92 -10.43
C TYR N 146 76.59 4.06 -9.99
N LEU N 147 76.63 4.26 -8.67
CA LEU N 147 77.48 5.26 -8.00
C LEU N 147 78.95 5.21 -8.44
N ALA N 148 79.45 4.02 -8.71
CA ALA N 148 80.83 3.80 -9.10
C ALA N 148 81.12 4.15 -10.56
N GLU N 149 80.09 4.52 -11.31
CA GLU N 149 80.27 4.97 -12.69
C GLU N 149 79.81 6.45 -12.82
N HIS N 150 79.59 7.11 -11.68
CA HIS N 150 79.11 8.49 -11.67
C HIS N 150 79.81 9.32 -10.63
N LEU O 10 56.34 35.21 32.30
CA LEU O 10 55.19 34.84 31.43
C LEU O 10 55.63 34.01 30.20
N ILE O 11 55.85 32.72 30.42
CA ILE O 11 56.56 31.85 29.48
C ILE O 11 55.85 31.52 28.16
N VAL O 12 56.62 31.44 27.08
CA VAL O 12 56.11 30.95 25.78
C VAL O 12 57.03 29.89 25.15
N ASN O 13 56.46 28.72 24.81
CA ASN O 13 57.26 27.73 24.13
C ASN O 13 57.21 27.90 22.64
N VAL O 14 58.39 27.90 22.04
CA VAL O 14 58.53 28.00 20.61
C VAL O 14 59.24 26.73 20.27
N ILE O 15 58.59 25.92 19.43
CA ILE O 15 58.96 24.54 19.23
C ILE O 15 59.08 24.24 17.73
N ASN O 16 60.28 23.86 17.33
CA ASN O 16 60.62 23.53 15.97
C ASN O 16 60.85 22.04 15.79
N GLY O 17 60.18 21.46 14.80
CA GLY O 17 60.32 20.04 14.48
C GLY O 17 61.37 19.73 13.43
N PRO O 18 61.28 18.56 12.80
CA PRO O 18 62.37 17.94 12.04
C PRO O 18 62.84 18.75 10.88
N ASN O 19 64.18 18.83 10.73
CA ASN O 19 64.90 19.61 9.68
C ASN O 19 65.04 21.11 9.95
N LEU O 20 64.35 21.62 10.96
CA LEU O 20 64.41 23.03 11.21
C LEU O 20 65.77 23.45 11.73
N GLY O 21 66.50 22.46 12.26
CA GLY O 21 67.84 22.68 12.74
C GLY O 21 68.75 23.09 11.62
N ARG O 22 68.33 22.87 10.38
CA ARG O 22 69.13 23.20 9.22
C ARG O 22 68.77 24.51 8.49
N LEU O 23 68.00 25.39 9.11
CA LEU O 23 67.77 26.70 8.54
C LEU O 23 69.07 27.35 8.06
N GLY O 24 69.01 28.15 7.01
CA GLY O 24 70.12 29.02 6.68
C GLY O 24 71.30 28.33 6.02
N ARG O 25 71.64 27.12 6.47
CA ARG O 25 72.63 26.27 5.77
C ARG O 25 72.00 25.59 4.56
N ARG O 26 70.67 25.55 4.54
CA ARG O 26 69.92 24.80 3.55
C ARG O 26 69.75 25.57 2.24
N GLU O 27 68.51 25.99 1.94
CA GLU O 27 68.16 26.56 0.63
C GLU O 27 67.65 27.98 0.78
N PRO O 28 68.58 28.97 0.80
CA PRO O 28 68.28 30.35 1.18
C PRO O 28 67.03 30.86 0.51
N ALA O 29 66.85 30.42 -0.74
CA ALA O 29 65.74 30.79 -1.61
C ALA O 29 64.35 30.61 -0.98
N VAL O 30 64.21 29.56 -0.16
CA VAL O 30 62.91 29.13 0.34
C VAL O 30 62.66 29.52 1.82
N TYR O 31 63.74 29.57 2.61
CA TYR O 31 63.64 29.77 4.06
C TYR O 31 64.40 31.00 4.67
N GLY O 32 65.14 31.75 3.85
CA GLY O 32 65.95 32.86 4.35
C GLY O 32 67.28 32.45 5.00
N GLY O 33 68.29 33.29 4.85
CA GLY O 33 69.66 32.98 5.28
C GLY O 33 69.99 33.03 6.77
N THR O 34 68.99 33.26 7.60
CA THR O 34 69.15 33.20 9.06
C THR O 34 69.34 31.76 9.52
N THR O 35 70.24 31.52 10.47
CA THR O 35 70.40 30.17 11.01
C THR O 35 69.51 29.97 12.23
N HIS O 36 69.28 28.72 12.58
CA HIS O 36 68.45 28.42 13.71
C HIS O 36 69.00 29.01 14.96
N ASP O 37 70.34 28.93 15.08
CA ASP O 37 71.11 29.68 16.09
C ASP O 37 70.64 31.11 16.24
N GLU O 38 70.56 31.83 15.12
CA GLU O 38 70.23 33.25 15.13
C GLU O 38 68.76 33.42 15.45
N LEU O 39 67.96 32.48 14.98
CA LEU O 39 66.53 32.54 15.16
C LEU O 39 66.14 32.59 16.65
N VAL O 40 66.79 31.75 17.44
CA VAL O 40 66.62 31.75 18.90
C VAL O 40 66.85 33.14 19.47
N ALA O 41 67.88 33.82 18.98
CA ALA O 41 68.20 35.13 19.48
C ALA O 41 67.13 36.16 19.10
N LEU O 42 66.71 36.17 17.83
CA LEU O 42 65.67 37.12 17.38
C LEU O 42 64.41 36.93 18.16
N ILE O 43 63.99 35.67 18.29
CA ILE O 43 62.77 35.36 19.01
C ILE O 43 62.93 35.80 20.47
N GLU O 44 64.09 35.49 21.05
CA GLU O 44 64.26 35.80 22.46
C GLU O 44 64.18 37.31 22.69
N ARG O 45 64.93 38.10 21.90
CA ARG O 45 64.94 39.54 22.09
C ARG O 45 63.51 40.08 22.03
N GLU O 46 62.80 39.75 20.96
CA GLU O 46 61.43 40.21 20.75
C GLU O 46 60.45 39.89 21.90
N ALA O 47 60.52 38.68 22.46
CA ALA O 47 59.67 38.27 23.59
C ALA O 47 59.88 39.19 24.80
N ALA O 48 61.17 39.40 25.08
CA ALA O 48 61.62 40.28 26.13
C ALA O 48 60.99 41.64 25.93
N GLU O 49 61.15 42.23 24.75
CA GLU O 49 60.63 43.58 24.50
C GLU O 49 59.11 43.69 24.64
N LEU O 50 58.43 42.53 24.65
CA LEU O 50 56.98 42.45 24.75
C LEU O 50 56.50 42.08 26.16
N GLY O 51 57.45 41.82 27.06
CA GLY O 51 57.10 41.48 28.42
C GLY O 51 57.01 39.97 28.65
N LEU O 52 57.42 39.20 27.65
CA LEU O 52 57.30 37.75 27.66
C LEU O 52 58.67 37.11 27.77
N LYS O 53 58.74 35.83 28.13
CA LYS O 53 60.00 35.10 28.08
C LYS O 53 59.92 33.93 27.11
N ALA O 54 60.78 33.91 26.10
CA ALA O 54 60.75 32.80 25.12
C ALA O 54 61.67 31.65 25.44
N VAL O 55 61.13 30.44 25.33
CA VAL O 55 61.91 29.23 25.45
C VAL O 55 61.78 28.48 24.14
N VAL O 56 62.91 28.35 23.44
CA VAL O 56 62.94 27.94 22.04
C VAL O 56 63.76 26.68 21.89
N ARG O 57 63.10 25.60 21.49
CA ARG O 57 63.75 24.31 21.39
C ARG O 57 63.44 23.65 20.06
N GLN O 58 64.42 22.92 19.53
CA GLN O 58 64.30 22.27 18.23
C GLN O 58 64.65 20.80 18.35
N SER O 59 63.84 19.92 17.77
CA SER O 59 64.18 18.51 17.79
C SER O 59 63.81 17.78 16.54
N ASP O 60 64.67 16.85 16.14
CA ASP O 60 64.37 15.99 14.99
C ASP O 60 63.54 14.77 15.43
N SER O 61 63.19 14.70 16.70
CA SER O 61 62.47 13.55 17.21
C SER O 61 61.06 13.90 17.66
N GLU O 62 60.10 13.16 17.12
CA GLU O 62 58.69 13.21 17.51
C GLU O 62 58.52 13.07 19.03
N ALA O 63 59.14 12.05 19.61
CA ALA O 63 59.00 11.75 21.04
C ALA O 63 59.44 12.92 21.92
N GLN O 64 60.45 13.65 21.43
CA GLN O 64 60.96 14.82 22.11
C GLN O 64 59.92 15.92 22.11
N LEU O 65 59.41 16.22 20.91
CA LEU O 65 58.41 17.26 20.72
C LEU O 65 57.23 17.00 21.63
N LEU O 66 56.74 15.75 21.67
CA LEU O 66 55.59 15.45 22.50
C LEU O 66 55.90 15.83 23.98
N ASP O 67 57.09 15.46 24.44
CA ASP O 67 57.53 15.73 25.80
C ASP O 67 57.37 17.21 26.09
N TRP O 68 57.82 18.03 25.13
CA TRP O 68 57.73 19.47 25.28
C TRP O 68 56.29 19.97 25.33
N ILE O 69 55.43 19.40 24.48
CA ILE O 69 54.04 19.77 24.45
C ILE O 69 53.37 19.35 25.75
N HIS O 70 53.69 18.16 26.25
CA HIS O 70 53.13 17.73 27.53
C HIS O 70 53.50 18.69 28.65
N GLN O 71 54.77 19.15 28.67
CA GLN O 71 55.17 20.15 29.65
C GLN O 71 54.42 21.48 29.50
N ALA O 72 54.23 21.91 28.26
CA ALA O 72 53.49 23.13 28.02
C ALA O 72 52.07 23.01 28.56
N ALA O 73 51.50 21.82 28.40
CA ALA O 73 50.15 21.52 28.85
C ALA O 73 50.05 21.51 30.36
N ASP O 74 50.98 20.82 31.00
CA ASP O 74 51.00 20.75 32.45
C ASP O 74 51.06 22.14 33.05
N ALA O 75 51.91 23.00 32.47
CA ALA O 75 52.15 24.36 32.99
C ALA O 75 51.18 25.43 32.48
N ALA O 76 50.17 25.03 31.70
CA ALA O 76 49.25 25.97 31.02
C ALA O 76 49.92 27.14 30.27
N GLU O 77 51.05 26.87 29.60
CA GLU O 77 51.73 27.86 28.73
C GLU O 77 51.41 27.70 27.24
N PRO O 78 51.46 28.83 26.49
CA PRO O 78 51.28 28.85 25.03
C PRO O 78 52.45 28.24 24.24
N VAL O 79 52.17 27.89 22.99
CA VAL O 79 53.13 27.25 22.12
C VAL O 79 53.01 27.83 20.74
N ILE O 80 54.17 28.09 20.16
CA ILE O 80 54.25 28.54 18.82
C ILE O 80 55.05 27.42 18.19
N LEU O 81 54.45 26.73 17.22
CA LEU O 81 55.01 25.48 16.74
C LEU O 81 55.18 25.45 15.23
N ASN O 82 56.41 25.23 14.80
CA ASN O 82 56.64 24.81 13.44
C ASN O 82 57.03 23.33 13.43
N ALA O 83 56.05 22.45 13.31
CA ALA O 83 56.36 21.02 13.32
C ALA O 83 57.06 20.47 12.06
N GLY O 84 57.40 21.31 11.10
CA GLY O 84 58.09 20.86 9.88
C GLY O 84 57.27 19.82 9.10
N GLY O 85 57.89 18.66 8.84
CA GLY O 85 57.18 17.59 8.16
C GLY O 85 55.99 16.97 8.92
N LEU O 86 56.08 16.96 10.25
CA LEU O 86 55.11 16.22 11.06
C LEU O 86 53.74 16.90 10.99
N THR O 87 53.76 18.15 10.60
CA THR O 87 52.54 18.92 10.37
C THR O 87 51.56 18.20 9.46
N HIS O 88 52.09 17.49 8.47
CA HIS O 88 51.29 16.82 7.49
C HIS O 88 50.99 15.37 7.86
N THR O 89 51.74 14.81 8.80
CA THR O 89 51.79 13.36 8.91
C THR O 89 51.42 12.86 10.29
N SER O 90 51.89 13.55 11.32
CA SER O 90 51.72 13.06 12.70
C SER O 90 50.39 13.40 13.35
N VAL O 91 49.55 12.38 13.50
CA VAL O 91 48.34 12.49 14.32
C VAL O 91 48.65 12.58 15.81
N ALA O 92 49.71 11.90 16.28
CA ALA O 92 50.11 11.87 17.69
C ALA O 92 50.43 13.26 18.19
N LEU O 93 51.13 14.04 17.37
CA LEU O 93 51.42 15.43 17.70
C LEU O 93 50.15 16.29 17.82
N ARG O 94 49.18 16.10 16.94
CA ARG O 94 47.87 16.76 17.07
C ARG O 94 47.22 16.48 18.42
N ASP O 95 47.13 15.20 18.77
CA ASP O 95 46.52 14.78 20.04
C ASP O 95 47.23 15.40 21.25
N ALA O 96 48.57 15.49 21.16
CA ALA O 96 49.37 16.19 22.15
C ALA O 96 48.86 17.62 22.31
N CYS O 97 48.84 18.36 21.21
CA CYS O 97 48.44 19.76 21.24
C CYS O 97 46.99 19.90 21.64
N ALA O 98 46.18 18.93 21.24
CA ALA O 98 44.75 18.93 21.56
C ALA O 98 44.49 19.26 23.03
N GLU O 99 45.37 18.75 23.90
CA GLU O 99 45.30 18.96 25.36
C GLU O 99 45.57 20.42 25.85
N LEU O 100 46.47 21.14 25.16
CA LEU O 100 46.89 22.48 25.58
C LEU O 100 45.72 23.40 25.93
N SER O 101 45.71 23.92 27.15
CA SER O 101 44.72 24.90 27.54
C SER O 101 45.03 26.32 27.03
N ALA O 102 46.30 26.74 27.11
CA ALA O 102 46.72 28.02 26.54
C ALA O 102 46.70 27.98 25.01
N PRO O 103 46.63 29.14 24.35
CA PRO O 103 46.63 29.20 22.88
C PRO O 103 47.77 28.44 22.22
N LEU O 104 47.55 27.92 21.03
CA LEU O 104 48.61 27.31 20.25
C LEU O 104 48.62 27.96 18.89
N ILE O 105 49.78 28.46 18.48
CA ILE O 105 49.90 29.09 17.16
C ILE O 105 50.84 28.33 16.29
N GLU O 106 50.32 27.76 15.22
CA GLU O 106 51.09 26.95 14.27
C GLU O 106 51.74 27.91 13.27
N VAL O 107 53.05 27.83 13.08
CA VAL O 107 53.72 28.69 12.10
C VAL O 107 54.44 27.88 11.07
N HIS O 108 54.51 28.36 9.82
CA HIS O 108 55.49 27.83 8.85
C HIS O 108 56.22 29.01 8.24
N ILE O 109 57.42 28.78 7.69
CA ILE O 109 58.22 29.80 7.01
C ILE O 109 57.86 29.92 5.50
N SER O 110 57.95 28.81 4.76
CA SER O 110 57.44 28.72 3.36
C SER O 110 56.00 29.13 3.30
N ASN O 111 55.57 29.62 2.15
CA ASN O 111 54.16 29.55 1.87
C ASN O 111 53.87 28.12 1.42
N VAL O 112 53.25 27.37 2.31
CA VAL O 112 53.00 25.96 2.01
C VAL O 112 52.07 25.73 0.81
N HIS O 113 51.20 26.69 0.52
CA HIS O 113 50.22 26.49 -0.55
C HIS O 113 50.77 26.73 -1.90
N ALA O 114 51.98 27.29 -1.99
CA ALA O 114 52.63 27.48 -3.29
C ALA O 114 53.60 26.35 -3.65
N ARG O 115 53.49 25.24 -2.91
CA ARG O 115 54.45 24.13 -2.98
C ARG O 115 53.73 22.85 -3.41
N GLU O 116 54.24 21.69 -3.03
CA GLU O 116 53.57 20.44 -3.35
C GLU O 116 52.23 20.32 -2.60
N GLU O 117 51.19 19.95 -3.34
CA GLU O 117 49.83 19.83 -2.79
C GLU O 117 49.73 19.10 -1.45
N PHE O 118 50.52 18.05 -1.28
CA PHE O 118 50.55 17.32 0.00
C PHE O 118 50.88 18.22 1.19
N ARG O 119 51.58 19.33 0.97
CA ARG O 119 51.89 20.29 2.02
C ARG O 119 50.73 21.23 2.37
N ARG O 120 49.56 20.97 1.80
CA ARG O 120 48.48 21.92 1.94
C ARG O 120 47.48 21.44 2.96
N HIS O 121 47.79 20.29 3.55
CA HIS O 121 47.01 19.72 4.62
C HIS O 121 47.86 19.63 5.84
N SER O 122 47.22 19.84 7.01
CA SER O 122 47.83 19.83 8.33
C SER O 122 46.86 19.34 9.41
N TYR O 123 47.30 18.37 10.22
CA TYR O 123 46.49 17.88 11.34
C TYR O 123 46.45 18.83 12.51
N LEU O 124 47.40 19.75 12.56
CA LEU O 124 47.48 20.75 13.62
C LEU O 124 46.43 21.86 13.50
N SER O 125 46.28 22.44 12.31
CA SER O 125 45.51 23.67 12.11
C SER O 125 44.12 23.69 12.77
N PRO O 126 43.34 22.59 12.68
CA PRO O 126 42.01 22.56 13.34
C PRO O 126 42.01 22.74 14.87
N ILE O 127 43.01 22.21 15.55
CA ILE O 127 43.05 22.36 17.00
C ILE O 127 43.92 23.54 17.43
N ALA O 128 44.66 24.14 16.47
CA ALA O 128 45.43 25.38 16.72
C ALA O 128 44.53 26.58 16.86
N THR O 129 45.01 27.58 17.59
CA THR O 129 44.26 28.82 17.76
C THR O 129 44.25 29.57 16.46
N GLY O 130 45.37 29.51 15.74
CA GLY O 130 45.57 30.21 14.47
C GLY O 130 46.81 29.71 13.73
N VAL O 131 46.98 30.13 12.47
CA VAL O 131 48.10 29.69 11.62
C VAL O 131 48.75 30.87 10.91
N ILE O 132 50.07 31.01 11.01
CA ILE O 132 50.75 32.00 10.18
C ILE O 132 51.63 31.27 9.22
N VAL O 133 51.59 31.63 7.94
CA VAL O 133 52.28 30.85 6.89
C VAL O 133 52.83 31.79 5.84
N GLY O 134 54.04 31.50 5.39
CA GLY O 134 54.68 32.29 4.33
C GLY O 134 55.15 33.71 4.62
N LEU O 135 55.25 34.10 5.90
CA LEU O 135 55.73 35.43 6.22
C LEU O 135 57.23 35.47 6.64
N GLY O 136 57.97 34.44 6.25
CA GLY O 136 59.35 34.29 6.66
C GLY O 136 59.46 34.02 8.15
N ILE O 137 60.68 34.16 8.65
CA ILE O 137 60.96 33.99 10.07
C ILE O 137 60.22 35.03 10.93
N GLN O 138 59.80 36.14 10.33
CA GLN O 138 59.05 37.13 11.09
C GLN O 138 57.72 36.52 11.64
N GLY O 139 57.25 35.47 11.01
CA GLY O 139 56.04 34.81 11.43
C GLY O 139 56.03 34.48 12.92
N TYR O 140 57.18 34.06 13.42
CA TYR O 140 57.31 33.72 14.82
C TYR O 140 57.07 34.95 15.63
N LEU O 141 57.63 36.07 15.17
CA LEU O 141 57.64 37.31 15.91
C LEU O 141 56.23 37.88 15.93
N LEU O 142 55.47 37.68 14.86
CA LEU O 142 54.12 38.17 14.88
C LEU O 142 53.35 37.24 15.80
N ALA O 143 53.69 35.95 15.76
CA ALA O 143 53.02 34.95 16.58
C ALA O 143 53.13 35.42 18.01
N LEU O 144 54.32 35.86 18.42
CA LEU O 144 54.49 36.41 19.77
C LEU O 144 53.67 37.69 20.03
N ARG O 145 53.50 38.53 19.02
CA ARG O 145 52.79 39.79 19.25
C ARG O 145 51.38 39.51 19.59
N TYR O 146 50.85 38.48 18.93
CA TYR O 146 49.51 38.05 19.18
C TYR O 146 49.43 37.52 20.62
N LEU O 147 50.31 36.58 20.97
CA LEU O 147 50.38 36.04 22.33
C LEU O 147 50.47 37.11 23.42
N ALA O 148 51.26 38.16 23.19
CA ALA O 148 51.42 39.25 24.16
C ALA O 148 50.12 40.02 24.34
N GLU O 149 49.13 39.73 23.51
CA GLU O 149 47.86 40.45 23.57
C GLU O 149 46.73 39.62 24.16
N HIS O 150 46.96 38.31 24.31
CA HIS O 150 45.90 37.32 24.56
C HIS O 150 44.72 37.48 23.59
N LEU P 10 55.44 26.61 -45.43
CA LEU P 10 55.06 25.88 -46.65
C LEU P 10 54.38 24.58 -46.20
N ILE P 11 55.18 23.58 -45.82
CA ILE P 11 54.64 22.23 -45.58
C ILE P 11 53.86 22.11 -44.24
N VAL P 12 52.69 21.49 -44.31
CA VAL P 12 51.80 21.26 -43.15
C VAL P 12 51.27 19.82 -43.13
N ASN P 13 51.45 19.11 -42.03
CA ASN P 13 50.88 17.77 -41.89
C ASN P 13 49.57 17.72 -41.13
N VAL P 14 48.49 17.46 -41.84
CA VAL P 14 47.26 17.14 -41.17
C VAL P 14 47.26 15.62 -40.97
N ILE P 15 47.07 15.15 -39.75
CA ILE P 15 47.01 13.69 -39.52
C ILE P 15 45.71 13.32 -38.80
N ASN P 16 45.15 12.17 -39.18
CA ASN P 16 43.94 11.67 -38.55
C ASN P 16 44.09 10.28 -37.97
N GLY P 17 43.59 10.12 -36.74
CA GLY P 17 43.57 8.83 -36.03
C GLY P 17 42.40 7.92 -36.32
N PRO P 18 42.25 6.85 -35.53
CA PRO P 18 41.21 5.83 -35.67
C PRO P 18 39.82 6.36 -35.91
N ASN P 19 39.13 5.61 -36.77
CA ASN P 19 37.74 5.80 -37.11
C ASN P 19 37.46 6.93 -38.12
N LEU P 20 38.37 7.88 -38.24
CA LEU P 20 38.18 9.00 -39.17
C LEU P 20 38.14 8.60 -40.66
N GLY P 21 38.77 7.48 -40.99
CA GLY P 21 38.58 6.88 -42.31
C GLY P 21 37.11 6.74 -42.66
N ARG P 22 36.31 6.42 -41.64
CA ARG P 22 34.84 6.18 -41.71
C ARG P 22 33.94 7.43 -41.79
N LEU P 23 34.54 8.63 -41.81
CA LEU P 23 33.80 9.88 -41.96
C LEU P 23 32.78 9.76 -43.08
N GLY P 24 31.56 10.19 -42.82
CA GLY P 24 30.47 10.05 -43.76
C GLY P 24 29.97 8.62 -43.90
N ARG P 25 29.82 7.91 -42.78
CA ARG P 25 29.07 6.65 -42.78
C ARG P 25 28.27 6.54 -41.49
N ARG P 26 26.99 6.86 -41.61
CA ARG P 26 26.08 7.06 -40.47
C ARG P 26 26.63 8.00 -39.38
N GLU P 27 25.71 8.47 -38.54
CA GLU P 27 25.88 9.62 -37.62
C GLU P 27 26.12 10.94 -38.37
N PRO P 28 25.38 11.18 -39.48
CA PRO P 28 25.64 12.44 -40.20
C PRO P 28 25.23 13.66 -39.37
N ALA P 29 26.23 14.28 -38.75
CA ALA P 29 26.09 15.42 -37.84
C ALA P 29 25.20 15.12 -36.63
N VAL P 30 25.77 14.79 -35.46
CA VAL P 30 27.22 14.60 -35.08
C VAL P 30 28.44 15.12 -35.93
N TYR P 31 28.99 14.28 -36.83
CA TYR P 31 30.32 14.54 -37.42
C TYR P 31 30.40 15.46 -38.67
N GLY P 32 30.00 15.04 -39.87
CA GLY P 32 29.32 13.81 -40.18
C GLY P 32 28.50 14.14 -41.41
N GLY P 33 29.06 13.89 -42.59
CA GLY P 33 28.41 14.25 -43.85
C GLY P 33 29.35 14.23 -45.04
N THR P 34 30.45 14.97 -44.93
CA THR P 34 31.54 14.98 -45.91
C THR P 34 32.52 13.83 -45.63
N THR P 35 32.83 13.07 -46.68
CA THR P 35 33.68 11.90 -46.55
C THR P 35 35.11 12.35 -46.33
N HIS P 36 35.95 11.41 -45.91
CA HIS P 36 37.34 11.71 -45.67
C HIS P 36 38.01 12.11 -46.96
N ASP P 37 37.67 11.39 -48.03
CA ASP P 37 38.15 11.71 -49.38
C ASP P 37 37.89 13.16 -49.76
N GLU P 38 36.64 13.57 -49.65
CA GLU P 38 36.27 14.95 -49.94
C GLU P 38 36.95 15.90 -48.95
N LEU P 39 36.99 15.50 -47.67
CA LEU P 39 37.70 16.28 -46.67
C LEU P 39 39.15 16.51 -47.06
N VAL P 40 39.81 15.49 -47.61
CA VAL P 40 41.17 15.63 -48.13
C VAL P 40 41.24 16.76 -49.15
N ALA P 41 40.39 16.69 -50.17
CA ALA P 41 40.32 17.74 -51.20
C ALA P 41 40.10 19.13 -50.59
N LEU P 42 39.25 19.22 -49.56
CA LEU P 42 38.96 20.46 -48.85
C LEU P 42 40.21 21.10 -48.27
N ILE P 43 40.96 20.30 -47.52
CA ILE P 43 42.11 20.82 -46.80
C ILE P 43 43.15 21.33 -47.78
N GLU P 44 43.67 20.43 -48.62
CA GLU P 44 44.51 20.85 -49.75
C GLU P 44 43.65 21.45 -50.85
N ARG P 45 43.79 22.76 -51.04
CA ARG P 45 42.95 23.57 -51.92
C ARG P 45 42.65 24.81 -51.10
N GLU P 46 42.29 24.59 -49.84
CA GLU P 46 42.27 25.67 -48.85
C GLU P 46 43.69 26.01 -48.43
N ALA P 47 44.57 25.00 -48.42
CA ALA P 47 45.98 25.22 -48.15
C ALA P 47 46.67 25.99 -49.27
N ALA P 48 46.34 25.61 -50.50
CA ALA P 48 46.75 26.34 -51.70
C ALA P 48 46.39 27.81 -51.57
N GLU P 49 45.09 28.08 -51.46
CA GLU P 49 44.55 29.43 -51.33
C GLU P 49 45.31 30.31 -50.34
N LEU P 50 45.83 29.71 -49.28
CA LEU P 50 46.58 30.45 -48.26
C LEU P 50 48.10 30.54 -48.51
N GLY P 51 48.67 29.59 -49.25
CA GLY P 51 50.12 29.59 -49.47
C GLY P 51 50.89 28.50 -48.74
N LEU P 52 50.25 27.34 -48.60
CA LEU P 52 50.83 26.17 -47.93
C LEU P 52 50.68 24.91 -48.79
N LYS P 53 51.62 23.98 -48.64
CA LYS P 53 51.39 22.62 -49.11
C LYS P 53 51.09 21.72 -47.91
N ALA P 54 49.94 21.06 -47.95
CA ALA P 54 49.63 20.00 -47.00
C ALA P 54 48.96 18.81 -47.68
N VAL P 55 49.48 17.61 -47.45
CA VAL P 55 48.67 16.41 -47.79
C VAL P 55 48.07 15.91 -46.44
N VAL P 56 47.20 14.90 -46.47
CA VAL P 56 46.36 14.60 -45.33
C VAL P 56 46.65 13.31 -44.55
N ARG P 57 46.84 12.16 -45.18
CA ARG P 57 47.29 10.96 -44.43
C ARG P 57 46.45 10.55 -43.14
N GLN P 58 45.77 9.39 -43.20
CA GLN P 58 44.95 8.82 -42.09
C GLN P 58 45.24 7.34 -41.85
N SER P 59 45.32 6.93 -40.58
CA SER P 59 45.52 5.53 -40.23
C SER P 59 44.78 5.17 -38.95
N ASP P 60 44.35 3.91 -38.84
CA ASP P 60 43.75 3.37 -37.61
C ASP P 60 44.82 2.81 -36.67
N SER P 61 46.07 2.94 -37.10
CA SER P 61 47.20 2.31 -36.42
C SER P 61 48.05 3.33 -35.64
N GLU P 62 48.26 3.05 -34.36
CA GLU P 62 49.08 3.89 -33.50
C GLU P 62 50.57 3.98 -33.90
N ALA P 63 50.95 3.25 -34.94
CA ALA P 63 52.33 3.24 -35.34
C ALA P 63 52.58 4.05 -36.61
N GLN P 64 51.71 4.00 -37.65
CA GLN P 64 51.84 4.99 -38.74
C GLN P 64 51.68 6.35 -38.11
N LEU P 65 50.81 6.43 -37.10
CA LEU P 65 50.62 7.68 -36.41
C LEU P 65 51.94 8.17 -35.83
N LEU P 66 52.54 7.44 -34.89
CA LEU P 66 53.81 7.90 -34.29
C LEU P 66 54.88 8.16 -35.33
N ASP P 67 54.98 7.24 -36.28
CA ASP P 67 55.93 7.37 -37.35
C ASP P 67 55.72 8.65 -38.18
N TRP P 68 54.48 9.01 -38.48
CA TRP P 68 54.28 10.23 -39.25
C TRP P 68 54.62 11.47 -38.41
N ILE P 69 54.33 11.42 -37.11
CA ILE P 69 54.76 12.44 -36.15
C ILE P 69 56.28 12.51 -36.00
N HIS P 70 56.95 11.35 -35.97
CA HIS P 70 58.43 11.34 -35.96
C HIS P 70 59.03 12.05 -37.14
N GLN P 71 58.47 11.84 -38.34
CA GLN P 71 58.97 12.49 -39.54
C GLN P 71 58.62 13.97 -39.51
N ALA P 72 57.57 14.31 -38.79
CA ALA P 72 57.16 15.70 -38.69
C ALA P 72 58.13 16.45 -37.81
N ALA P 73 58.71 15.74 -36.84
CA ALA P 73 59.66 16.32 -35.90
C ALA P 73 60.95 16.59 -36.63
N ASP P 74 61.58 15.55 -37.17
CA ASP P 74 62.63 15.73 -38.17
C ASP P 74 61.86 16.53 -39.17
N ALA P 75 62.52 17.34 -39.98
CA ALA P 75 61.78 18.19 -40.95
C ALA P 75 61.17 19.44 -40.34
N ALA P 76 60.94 19.44 -39.03
CA ALA P 76 60.45 20.63 -38.32
C ALA P 76 59.23 21.25 -38.98
N GLU P 77 58.13 20.51 -39.03
CA GLU P 77 56.93 20.92 -39.77
C GLU P 77 55.71 20.99 -38.84
N PRO P 78 54.85 22.01 -39.01
CA PRO P 78 53.66 22.14 -38.15
C PRO P 78 52.73 20.97 -38.32
N VAL P 79 52.01 20.60 -37.29
CA VAL P 79 51.08 19.48 -37.40
C VAL P 79 49.68 19.89 -36.95
N ILE P 80 48.67 19.42 -37.67
CA ILE P 80 47.30 19.56 -37.24
C ILE P 80 46.85 18.14 -36.96
N LEU P 81 46.46 17.84 -35.73
CA LEU P 81 46.22 16.45 -35.39
C LEU P 81 44.85 16.18 -34.80
N ASN P 82 44.15 15.21 -35.39
CA ASN P 82 42.91 14.68 -34.85
C ASN P 82 43.11 13.20 -34.58
N ALA P 83 43.46 12.88 -33.33
CA ALA P 83 43.80 11.52 -32.97
C ALA P 83 42.54 10.74 -32.72
N GLY P 84 41.41 11.39 -32.95
CA GLY P 84 40.11 10.78 -32.71
C GLY P 84 40.18 10.02 -31.39
N GLY P 85 40.10 8.69 -31.47
CA GLY P 85 39.94 7.87 -30.27
C GLY P 85 41.06 7.99 -29.28
N LEU P 86 42.29 8.04 -29.80
CA LEU P 86 43.54 7.79 -29.04
C LEU P 86 43.90 8.92 -28.07
N THR P 87 43.37 10.10 -28.38
CA THR P 87 43.49 11.37 -27.63
C THR P 87 43.18 11.19 -26.14
N HIS P 88 42.34 10.21 -25.81
CA HIS P 88 41.90 10.01 -24.45
C HIS P 88 42.65 8.96 -23.68
N THR P 89 43.65 8.33 -24.29
CA THR P 89 44.24 7.12 -23.74
C THR P 89 45.72 6.96 -24.05
N SER P 90 46.23 7.64 -25.09
CA SER P 90 47.63 7.38 -25.47
C SER P 90 48.70 8.36 -25.04
N VAL P 91 49.37 7.96 -23.98
CA VAL P 91 50.62 8.55 -23.60
C VAL P 91 51.68 8.51 -24.71
N ALA P 92 51.85 7.35 -25.31
CA ALA P 92 52.80 7.19 -26.40
C ALA P 92 52.70 8.30 -27.43
N LEU P 93 51.48 8.61 -27.87
CA LEU P 93 51.23 9.67 -28.85
C LEU P 93 51.59 11.06 -28.34
N ARG P 94 51.21 11.38 -27.11
CA ARG P 94 51.60 12.66 -26.48
C ARG P 94 53.10 12.80 -26.46
N ASP P 95 53.77 11.72 -26.06
CA ASP P 95 55.22 11.65 -25.94
C ASP P 95 55.93 11.84 -27.26
N ALA P 96 55.24 11.56 -28.36
CA ALA P 96 55.78 11.75 -29.67
C ALA P 96 55.50 13.16 -30.20
N CYS P 97 54.31 13.69 -29.93
CA CYS P 97 54.02 15.07 -30.28
C CYS P 97 54.82 16.04 -29.45
N ALA P 98 55.31 15.57 -28.29
CA ALA P 98 56.11 16.40 -27.38
C ALA P 98 57.39 16.95 -28.02
N GLU P 99 58.02 16.18 -28.91
CA GLU P 99 59.18 16.69 -29.66
C GLU P 99 58.85 17.87 -30.57
N LEU P 100 57.75 17.79 -31.32
CA LEU P 100 57.42 18.80 -32.30
C LEU P 100 57.73 20.20 -31.78
N SER P 101 58.57 20.91 -32.54
CA SER P 101 59.01 22.26 -32.21
C SER P 101 58.20 23.31 -32.99
N ALA P 102 57.62 22.89 -34.11
CA ALA P 102 56.69 23.72 -34.85
C ALA P 102 55.31 23.55 -34.19
N PRO P 103 54.35 24.47 -34.44
CA PRO P 103 53.08 24.35 -33.72
C PRO P 103 52.37 23.04 -33.97
N LEU P 104 51.69 22.56 -32.93
CA LEU P 104 50.79 21.44 -33.05
C LEU P 104 49.41 21.93 -32.63
N ILE P 105 48.43 21.82 -33.54
CA ILE P 105 47.03 22.14 -33.22
C ILE P 105 46.17 20.89 -33.16
N GLU P 106 45.62 20.61 -31.98
CA GLU P 106 44.72 19.48 -31.83
C GLU P 106 43.35 19.87 -32.43
N VAL P 107 42.72 18.98 -33.19
CA VAL P 107 41.39 19.26 -33.75
C VAL P 107 40.40 18.14 -33.42
N HIS P 108 39.16 18.54 -33.15
CA HIS P 108 38.08 17.59 -33.01
C HIS P 108 36.90 18.11 -33.71
N ILE P 109 36.24 17.24 -34.44
CA ILE P 109 35.12 17.64 -35.23
C ILE P 109 33.92 17.95 -34.34
N SER P 110 33.67 17.08 -33.35
CA SER P 110 32.50 17.21 -32.51
C SER P 110 32.88 17.90 -31.22
N ASN P 111 31.88 18.47 -30.54
CA ASN P 111 32.11 19.04 -29.21
C ASN P 111 32.25 17.93 -28.17
N VAL P 112 33.49 17.46 -28.00
CA VAL P 112 33.86 16.46 -27.00
C VAL P 112 33.30 16.78 -25.61
N HIS P 113 33.15 18.05 -25.31
CA HIS P 113 32.73 18.43 -23.97
C HIS P 113 31.26 18.30 -23.76
N ALA P 114 30.58 17.85 -24.80
CA ALA P 114 29.11 17.81 -24.84
C ALA P 114 28.62 16.36 -24.76
N ARG P 115 29.52 15.47 -24.36
CA ARG P 115 29.33 14.05 -24.60
C ARG P 115 29.66 13.22 -23.36
N GLU P 116 30.15 12.00 -23.56
CA GLU P 116 30.45 11.11 -22.44
C GLU P 116 31.58 11.75 -21.67
N GLU P 117 31.56 11.55 -20.37
CA GLU P 117 32.48 12.22 -19.48
C GLU P 117 33.91 11.87 -19.77
N PHE P 118 34.17 10.66 -20.26
CA PHE P 118 35.55 10.29 -20.52
C PHE P 118 36.19 11.10 -21.67
N ARG P 119 35.37 11.71 -22.52
CA ARG P 119 35.86 12.44 -23.68
C ARG P 119 36.46 13.80 -23.36
N ARG P 120 36.20 14.27 -22.15
CA ARG P 120 36.56 15.61 -21.75
C ARG P 120 38.05 15.77 -21.40
N HIS P 121 38.67 14.71 -20.86
CA HIS P 121 40.13 14.71 -20.63
C HIS P 121 40.92 14.31 -21.85
N SER P 122 41.95 15.09 -22.17
CA SER P 122 42.83 14.79 -23.31
C SER P 122 44.32 14.76 -22.92
N TYR P 123 45.04 13.71 -23.33
CA TYR P 123 46.48 13.64 -23.10
C TYR P 123 47.27 14.58 -24.01
N LEU P 124 46.69 14.89 -25.16
CA LEU P 124 47.34 15.72 -26.16
C LEU P 124 47.30 17.21 -25.85
N SER P 125 46.10 17.75 -25.59
CA SER P 125 45.89 19.19 -25.31
C SER P 125 47.05 19.84 -24.54
N PRO P 126 47.46 19.23 -23.40
CA PRO P 126 48.48 19.84 -22.55
C PRO P 126 49.77 20.22 -23.27
N ILE P 127 50.16 19.46 -24.28
CA ILE P 127 51.42 19.75 -24.95
C ILE P 127 51.11 20.19 -26.37
N ALA P 128 49.87 20.56 -26.64
CA ALA P 128 49.52 21.11 -27.95
C ALA P 128 49.69 22.60 -27.90
N THR P 129 49.86 23.24 -29.06
CA THR P 129 49.85 24.70 -29.12
C THR P 129 48.47 25.15 -28.72
N GLY P 130 47.49 24.59 -29.41
CA GLY P 130 46.10 24.99 -29.23
C GLY P 130 45.15 23.90 -29.68
N VAL P 131 43.87 24.11 -29.40
CA VAL P 131 42.90 23.02 -29.56
C VAL P 131 41.63 23.60 -30.17
N ILE P 132 41.13 22.99 -31.25
CA ILE P 132 39.83 23.38 -31.81
C ILE P 132 38.84 22.23 -31.71
N VAL P 133 37.68 22.56 -31.17
CA VAL P 133 36.74 21.55 -30.75
C VAL P 133 35.38 21.91 -31.28
N GLY P 134 34.70 20.94 -31.87
CA GLY P 134 33.28 21.08 -32.22
C GLY P 134 32.84 22.08 -33.26
N LEU P 135 33.78 22.53 -34.08
CA LEU P 135 33.47 23.45 -35.19
C LEU P 135 33.35 22.71 -36.55
N GLY P 136 33.10 21.40 -36.49
CA GLY P 136 32.96 20.57 -37.68
C GLY P 136 34.23 20.48 -38.52
N ILE P 137 34.05 20.07 -39.78
CA ILE P 137 35.08 20.05 -40.81
C ILE P 137 35.87 21.36 -40.84
N GLN P 138 35.18 22.49 -40.62
CA GLN P 138 35.83 23.80 -40.74
C GLN P 138 37.00 23.91 -39.77
N GLY P 139 36.92 23.21 -38.64
CA GLY P 139 38.02 23.09 -37.68
C GLY P 139 39.40 22.93 -38.32
N TYR P 140 39.48 22.08 -39.35
CA TYR P 140 40.73 21.87 -40.10
C TYR P 140 41.17 23.11 -40.86
N LEU P 141 40.21 23.77 -41.51
CA LEU P 141 40.50 24.98 -42.25
C LEU P 141 41.11 26.05 -41.35
N LEU P 142 40.50 26.28 -40.19
CA LEU P 142 40.94 27.36 -39.28
C LEU P 142 42.33 27.13 -38.71
N ALA P 143 42.61 25.90 -38.27
CA ALA P 143 43.96 25.48 -37.90
C ALA P 143 44.97 25.92 -38.96
N LEU P 144 44.68 25.58 -40.23
CA LEU P 144 45.49 25.98 -41.38
C LEU P 144 45.68 27.49 -41.38
N ARG P 145 44.58 28.20 -41.58
CA ARG P 145 44.60 29.66 -41.55
C ARG P 145 45.50 30.14 -40.39
N TYR P 146 45.43 29.51 -39.24
CA TYR P 146 46.28 29.95 -38.13
C TYR P 146 47.75 29.77 -38.47
N LEU P 147 48.11 28.62 -39.04
CA LEU P 147 49.52 28.39 -39.38
C LEU P 147 49.96 29.41 -40.46
N ALA P 148 49.12 29.58 -41.48
CA ALA P 148 49.26 30.60 -42.53
C ALA P 148 49.76 31.95 -42.02
N GLU P 149 49.20 32.48 -40.95
CA GLU P 149 49.76 33.69 -40.37
C GLU P 149 50.58 33.37 -39.12
N HIS P 150 51.54 32.47 -39.29
CA HIS P 150 52.58 32.10 -38.31
C HIS P 150 52.15 32.16 -36.85
N LEU Q 10 52.99 -17.94 31.51
CA LEU Q 10 52.60 -17.31 30.22
C LEU Q 10 52.59 -15.78 30.29
N ILE Q 11 53.40 -15.15 29.44
CA ILE Q 11 53.66 -13.70 29.45
C ILE Q 11 52.70 -13.00 28.51
N VAL Q 12 52.21 -11.84 28.88
CA VAL Q 12 51.43 -11.02 27.96
C VAL Q 12 52.00 -9.62 27.90
N ASN Q 13 52.34 -9.16 26.71
CA ASN Q 13 52.76 -7.77 26.52
C ASN Q 13 51.59 -6.79 26.37
N VAL Q 14 51.61 -5.71 27.15
CA VAL Q 14 50.61 -4.65 27.04
C VAL Q 14 51.34 -3.35 26.68
N ILE Q 15 51.41 -3.07 25.39
CA ILE Q 15 52.15 -1.89 24.90
C ILE Q 15 51.26 -0.66 24.68
N ASN Q 16 51.69 0.48 25.23
CA ASN Q 16 50.99 1.75 25.04
C ASN Q 16 51.86 2.79 24.38
N GLY Q 17 51.43 3.23 23.19
CA GLY Q 17 52.12 4.26 22.40
C GLY Q 17 51.86 5.70 22.86
N PRO Q 18 52.08 6.68 21.94
CA PRO Q 18 52.14 8.10 22.26
C PRO Q 18 50.89 8.67 22.90
N ASN Q 19 51.09 9.30 24.06
CA ASN Q 19 50.11 10.15 24.75
C ASN Q 19 49.35 9.44 25.84
N LEU Q 20 49.46 8.12 25.87
CA LEU Q 20 48.76 7.37 26.91
C LEU Q 20 49.39 7.49 28.29
N GLY Q 21 50.66 7.90 28.35
CA GLY Q 21 51.25 8.38 29.59
C GLY Q 21 50.44 9.51 30.21
N ARG Q 22 49.77 10.31 29.38
CA ARG Q 22 48.97 11.43 29.89
C ARG Q 22 47.60 10.98 30.39
N LEU Q 23 47.35 9.66 30.43
CA LEU Q 23 46.01 9.11 30.71
C LEU Q 23 45.44 9.63 32.02
N GLY Q 24 44.14 9.91 32.03
CA GLY Q 24 43.42 10.42 33.20
C GLY Q 24 43.94 11.77 33.67
N ARG Q 25 45.26 11.94 33.60
CA ARG Q 25 45.96 13.21 33.86
C ARG Q 25 45.52 14.32 32.89
N ARG Q 26 44.65 13.97 31.94
CA ARG Q 26 43.90 14.87 31.03
C ARG Q 26 43.88 14.31 29.60
N TYR Q 31 37.14 10.04 28.43
CA TYR Q 31 38.37 9.26 28.57
C TYR Q 31 38.54 8.39 29.85
N GLY Q 32 38.35 8.98 31.03
CA GLY Q 32 38.45 8.23 32.29
C GLY Q 32 39.51 8.70 33.26
N GLY Q 33 39.11 8.93 34.51
CA GLY Q 33 39.97 9.47 35.56
C GLY Q 33 41.23 8.67 35.86
N THR Q 34 41.15 7.36 35.65
CA THR Q 34 42.29 6.45 35.81
C THR Q 34 43.59 6.98 35.19
N THR Q 35 44.59 7.18 36.05
CA THR Q 35 45.95 7.47 35.60
C THR Q 35 46.67 6.20 35.17
N HIS Q 36 47.66 6.36 34.30
CA HIS Q 36 48.43 5.26 33.72
C HIS Q 36 49.14 4.41 34.75
N ASP Q 37 49.54 5.03 35.87
CA ASP Q 37 50.09 4.25 37.00
C ASP Q 37 49.03 3.26 37.49
N GLU Q 38 47.82 3.78 37.72
CA GLU Q 38 46.65 2.99 38.12
C GLU Q 38 46.23 1.96 37.04
N LEU Q 39 46.63 2.18 35.79
CA LEU Q 39 46.29 1.25 34.72
C LEU Q 39 47.20 0.03 34.74
N VAL Q 40 48.51 0.26 34.85
CA VAL Q 40 49.49 -0.82 35.00
C VAL Q 40 49.02 -1.81 36.06
N ALA Q 41 48.65 -1.27 37.24
CA ALA Q 41 48.00 -1.97 38.37
C ALA Q 41 46.73 -2.77 38.05
N LEU Q 42 45.68 -2.11 37.56
CA LEU Q 42 44.43 -2.80 37.20
C LEU Q 42 44.69 -4.01 36.32
N ILE Q 43 45.48 -3.81 35.26
CA ILE Q 43 45.86 -4.88 34.33
C ILE Q 43 46.59 -5.96 35.10
N GLU Q 44 47.64 -5.58 35.84
CA GLU Q 44 48.51 -6.53 36.55
C GLU Q 44 47.78 -7.45 37.53
N ARG Q 45 46.86 -6.88 38.29
CA ARG Q 45 46.03 -7.64 39.19
C ARG Q 45 45.08 -8.58 38.42
N GLU Q 46 44.23 -8.03 37.57
CA GLU Q 46 43.33 -8.85 36.75
C GLU Q 46 44.01 -9.96 35.95
N ALA Q 47 45.25 -9.71 35.53
CA ALA Q 47 46.04 -10.73 34.83
C ALA Q 47 46.53 -11.82 35.79
N ALA Q 48 46.96 -11.42 36.99
CA ALA Q 48 47.35 -12.35 38.03
C ALA Q 48 46.15 -13.23 38.28
N GLU Q 49 45.00 -12.58 38.49
CA GLU Q 49 43.73 -13.22 38.79
C GLU Q 49 43.26 -14.17 37.68
N LEU Q 50 43.95 -14.15 36.54
CA LEU Q 50 43.68 -15.07 35.44
C LEU Q 50 44.87 -16.00 35.20
N GLY Q 51 45.85 -15.94 36.08
CA GLY Q 51 47.10 -16.68 35.89
C GLY Q 51 47.87 -16.29 34.64
N LEU Q 52 48.19 -15.00 34.52
CA LEU Q 52 49.01 -14.48 33.44
C LEU Q 52 49.89 -13.37 33.98
N LYS Q 53 51.10 -13.23 33.45
CA LYS Q 53 51.96 -12.14 33.89
C LYS Q 53 51.82 -10.96 32.94
N ALA Q 54 51.51 -9.80 33.52
CA ALA Q 54 51.25 -8.61 32.73
C ALA Q 54 52.42 -7.63 32.78
N VAL Q 55 53.28 -7.70 31.76
CA VAL Q 55 54.28 -6.66 31.51
C VAL Q 55 53.65 -5.54 30.68
N VAL Q 56 53.35 -4.44 31.36
CA VAL Q 56 52.76 -3.27 30.75
C VAL Q 56 53.85 -2.23 30.54
N ARG Q 57 54.03 -1.74 29.31
CA ARG Q 57 54.97 -0.65 29.03
C ARG Q 57 54.33 0.48 28.19
N GLN Q 58 54.78 1.72 28.43
CA GLN Q 58 54.36 2.92 27.67
C GLN Q 58 55.57 3.68 27.15
N SER Q 59 55.49 4.13 25.90
CA SER Q 59 56.47 5.03 25.35
C SER Q 59 55.80 5.88 24.27
N ASP Q 60 56.27 7.12 24.08
CA ASP Q 60 55.82 7.93 22.94
C ASP Q 60 56.84 7.84 21.81
N SER Q 61 57.71 6.84 21.85
CA SER Q 61 58.70 6.71 20.80
C SER Q 61 58.58 5.45 19.90
N GLU Q 62 58.37 5.66 18.58
CA GLU Q 62 58.31 4.53 17.62
C GLU Q 62 59.49 3.56 17.72
N ALA Q 63 60.71 4.07 17.76
CA ALA Q 63 61.87 3.19 17.84
C ALA Q 63 61.77 2.28 19.08
N GLN Q 64 61.34 2.86 20.20
CA GLN Q 64 61.07 2.08 21.40
C GLN Q 64 59.96 1.06 21.13
N LEU Q 65 58.81 1.56 20.71
CA LEU Q 65 57.67 0.70 20.42
C LEU Q 65 58.02 -0.44 19.50
N LEU Q 66 58.73 -0.17 18.40
CA LEU Q 66 59.10 -1.25 17.48
C LEU Q 66 59.99 -2.26 18.19
N ASP Q 67 60.80 -1.79 19.14
CA ASP Q 67 61.70 -2.69 19.84
C ASP Q 67 60.98 -3.71 20.72
N TRP Q 68 60.13 -3.24 21.61
CA TRP Q 68 59.22 -4.11 22.34
C TRP Q 68 58.52 -5.16 21.49
N ILE Q 69 57.82 -4.71 20.43
CA ILE Q 69 57.17 -5.62 19.46
C ILE Q 69 58.15 -6.64 18.85
N HIS Q 70 59.41 -6.25 18.67
CA HIS Q 70 60.47 -7.18 18.22
C HIS Q 70 60.77 -8.26 19.21
N GLN Q 71 60.85 -7.89 20.48
CA GLN Q 71 61.12 -8.84 21.54
C GLN Q 71 59.97 -9.84 21.61
N ALA Q 72 58.74 -9.33 21.52
CA ALA Q 72 57.52 -10.16 21.63
C ALA Q 72 57.42 -11.22 20.54
N ALA Q 73 57.90 -10.88 19.35
CA ALA Q 73 57.93 -11.81 18.21
C ALA Q 73 58.96 -12.91 18.42
N ASP Q 74 60.22 -12.52 18.65
CA ASP Q 74 61.32 -13.42 19.04
C ASP Q 74 60.93 -14.40 20.14
N ALA Q 75 60.01 -13.99 21.02
CA ALA Q 75 59.64 -14.79 22.17
C ALA Q 75 58.20 -15.30 22.08
N ALA Q 76 57.57 -15.11 20.92
CA ALA Q 76 56.19 -15.52 20.69
C ALA Q 76 55.34 -15.27 21.92
N GLU Q 77 55.30 -14.01 22.35
CA GLU Q 77 54.37 -13.61 23.41
C GLU Q 77 53.29 -12.77 22.75
N PRO Q 78 52.04 -12.94 23.20
CA PRO Q 78 50.91 -12.13 22.78
C PRO Q 78 51.11 -10.65 23.09
N VAL Q 79 50.32 -9.79 22.45
CA VAL Q 79 50.41 -8.34 22.60
C VAL Q 79 49.03 -7.69 22.65
N ILE Q 80 48.77 -6.90 23.70
CA ILE Q 80 47.69 -5.93 23.65
C ILE Q 80 48.35 -4.61 23.29
N LEU Q 81 48.05 -4.09 22.10
CA LEU Q 81 48.59 -2.80 21.67
C LEU Q 81 47.53 -1.71 21.50
N ASN Q 82 47.72 -0.61 22.21
CA ASN Q 82 46.99 0.61 21.93
C ASN Q 82 48.01 1.62 21.39
N ALA Q 83 48.08 1.70 20.06
CA ALA Q 83 49.15 2.42 19.36
C ALA Q 83 49.03 3.95 19.41
N GLY Q 84 47.93 4.43 19.98
CA GLY Q 84 47.69 5.86 20.08
C GLY Q 84 47.42 6.37 18.68
N GLY Q 85 48.04 7.51 18.35
CA GLY Q 85 47.83 8.16 17.06
C GLY Q 85 48.50 7.44 15.91
N LEU Q 86 49.43 6.54 16.23
CA LEU Q 86 50.25 5.82 15.25
C LEU Q 86 49.45 4.76 14.52
N THR Q 87 48.26 4.46 15.04
CA THR Q 87 47.36 3.46 14.46
C THR Q 87 47.02 3.93 13.06
N HIS Q 88 46.79 5.24 12.96
CA HIS Q 88 46.32 5.82 11.74
C HIS Q 88 47.47 6.09 10.84
N THR Q 89 48.69 6.13 11.38
CA THR Q 89 49.82 6.67 10.61
C THR Q 89 50.97 5.72 10.25
N SER Q 90 51.34 4.83 11.17
CA SER Q 90 52.63 4.13 11.11
C SER Q 90 52.66 2.78 10.37
N VAL Q 91 53.22 2.77 9.17
CA VAL Q 91 53.44 1.51 8.48
C VAL Q 91 54.54 0.67 9.18
N ALA Q 92 55.63 1.32 9.56
CA ALA Q 92 56.73 0.67 10.27
C ALA Q 92 56.17 -0.17 11.42
N LEU Q 93 55.19 0.40 12.13
CA LEU Q 93 54.56 -0.30 13.24
C LEU Q 93 53.75 -1.51 12.77
N ARG Q 94 52.92 -1.32 11.75
CA ARG Q 94 52.16 -2.44 11.18
C ARG Q 94 53.07 -3.59 10.74
N ASP Q 95 54.12 -3.25 9.99
CA ASP Q 95 55.10 -4.23 9.56
C ASP Q 95 55.79 -5.00 10.70
N ALA Q 96 56.10 -4.31 11.78
CA ALA Q 96 56.74 -4.95 12.93
C ALA Q 96 55.73 -5.81 13.66
N CYS Q 97 54.46 -5.41 13.60
CA CYS Q 97 53.40 -6.19 14.17
C CYS Q 97 53.09 -7.44 13.37
N ALA Q 98 53.32 -7.38 12.06
CA ALA Q 98 52.97 -8.46 11.13
C ALA Q 98 53.66 -9.77 11.45
N GLU Q 99 54.97 -9.70 11.73
CA GLU Q 99 55.85 -10.87 11.88
C GLU Q 99 55.72 -11.57 13.26
N LEU Q 100 54.66 -11.22 13.96
CA LEU Q 100 54.46 -11.60 15.34
C LEU Q 100 53.53 -12.79 15.45
N SER Q 101 54.12 -13.97 15.60
CA SER Q 101 53.46 -15.30 15.56
C SER Q 101 52.17 -15.51 16.36
N ALA Q 102 52.11 -14.90 17.54
CA ALA Q 102 51.05 -15.12 18.49
C ALA Q 102 49.93 -14.05 18.35
N PRO Q 103 48.77 -14.30 19.00
CA PRO Q 103 47.67 -13.33 19.05
C PRO Q 103 48.16 -11.91 19.32
N LEU Q 104 47.68 -10.95 18.53
CA LEU Q 104 47.92 -9.52 18.76
C LEU Q 104 46.57 -8.82 18.80
N ILE Q 105 46.28 -8.11 19.90
CA ILE Q 105 45.00 -7.45 20.02
C ILE Q 105 45.17 -5.93 20.02
N GLU Q 106 44.56 -5.26 19.05
CA GLU Q 106 44.53 -3.79 18.99
C GLU Q 106 43.41 -3.27 19.90
N VAL Q 107 43.71 -2.27 20.73
CA VAL Q 107 42.75 -1.74 21.72
C VAL Q 107 42.70 -0.19 21.64
N HIS Q 108 41.50 0.36 21.83
CA HIS Q 108 41.30 1.80 21.93
C HIS Q 108 40.39 2.15 23.07
N ILE Q 109 40.80 3.14 23.85
CA ILE Q 109 40.00 3.56 25.01
C ILE Q 109 38.72 4.23 24.51
N SER Q 110 38.84 5.22 23.62
CA SER Q 110 37.66 5.87 23.01
C SER Q 110 37.16 5.14 21.75
N ASN Q 111 35.87 5.34 21.43
CA ASN Q 111 35.30 4.87 20.18
C ASN Q 111 35.79 5.76 19.04
N VAL Q 112 36.76 5.27 18.27
CA VAL Q 112 37.35 6.11 17.20
C VAL Q 112 36.34 6.46 16.09
N HIS Q 113 35.32 5.62 15.95
CA HIS Q 113 34.29 5.83 14.95
C HIS Q 113 33.31 6.92 15.29
N ALA Q 114 33.32 7.40 16.52
CA ALA Q 114 32.44 8.49 16.94
C ALA Q 114 33.13 9.83 16.89
N ARG Q 115 34.21 9.94 16.11
CA ARG Q 115 34.99 11.16 16.08
C ARG Q 115 35.34 11.59 14.65
N GLU Q 116 36.54 12.13 14.45
CA GLU Q 116 36.99 12.56 13.12
C GLU Q 116 37.18 11.41 12.14
N GLU Q 117 36.78 11.64 10.91
CA GLU Q 117 36.85 10.65 9.85
C GLU Q 117 38.23 10.00 9.70
N PHE Q 118 39.30 10.77 9.86
CA PHE Q 118 40.64 10.19 9.70
C PHE Q 118 40.97 9.15 10.76
N ARG Q 119 40.19 9.10 11.85
CA ARG Q 119 40.48 8.13 12.92
C ARG Q 119 39.99 6.72 12.63
N ARG Q 120 39.26 6.55 11.52
CA ARG Q 120 38.57 5.30 11.22
C ARG Q 120 39.27 4.38 10.20
N HIS Q 121 40.44 4.79 9.74
CA HIS Q 121 41.32 3.87 9.05
C HIS Q 121 42.46 3.55 9.98
N SER Q 122 42.82 2.26 10.07
CA SER Q 122 43.92 1.78 10.90
C SER Q 122 44.80 0.81 10.11
N TYR Q 123 46.09 1.13 10.04
CA TYR Q 123 47.09 0.28 9.40
C TYR Q 123 47.25 -1.05 10.13
N LEU Q 124 47.04 -0.98 11.45
CA LEU Q 124 47.15 -2.14 12.33
C LEU Q 124 46.02 -3.18 12.31
N SER Q 125 44.77 -2.76 12.10
CA SER Q 125 43.65 -3.72 12.28
C SER Q 125 43.71 -4.92 11.33
N PRO Q 126 44.03 -4.68 10.05
CA PRO Q 126 44.15 -5.78 9.10
C PRO Q 126 45.14 -6.89 9.47
N ILE Q 127 46.06 -6.65 10.40
CA ILE Q 127 47.01 -7.73 10.74
C ILE Q 127 46.93 -8.19 12.20
N ALA Q 128 46.09 -7.50 12.97
CA ALA Q 128 45.65 -7.96 14.28
C ALA Q 128 44.64 -9.14 14.16
N THR Q 129 44.41 -9.81 15.28
CA THR Q 129 43.46 -10.89 15.42
C THR Q 129 42.10 -10.27 15.70
N GLY Q 130 42.10 -9.14 16.41
CA GLY Q 130 40.87 -8.48 16.79
C GLY Q 130 41.07 -7.09 17.37
N VAL Q 131 40.04 -6.25 17.25
CA VAL Q 131 40.09 -4.90 17.75
C VAL Q 131 39.01 -4.77 18.80
N ILE Q 132 39.32 -4.12 19.91
CA ILE Q 132 38.31 -3.71 20.88
C ILE Q 132 38.35 -2.20 20.92
N VAL Q 133 37.21 -1.57 20.70
CA VAL Q 133 37.15 -0.11 20.57
C VAL Q 133 36.09 0.45 21.52
N GLY Q 134 36.37 1.63 22.07
CA GLY Q 134 35.40 2.40 22.83
C GLY Q 134 34.85 1.81 24.12
N LEU Q 135 35.52 0.78 24.64
CA LEU Q 135 35.04 0.15 25.86
C LEU Q 135 35.71 0.74 27.10
N GLY Q 136 36.43 1.84 26.90
CA GLY Q 136 37.09 2.53 27.99
C GLY Q 136 38.26 1.70 28.45
N ILE Q 137 38.63 1.87 29.71
CA ILE Q 137 39.79 1.16 30.26
C ILE Q 137 39.50 -0.34 30.47
N GLN Q 138 38.27 -0.64 30.84
CA GLN Q 138 37.84 -2.00 31.04
C GLN Q 138 38.02 -2.91 29.81
N GLY Q 139 38.35 -2.32 28.66
CA GLY Q 139 38.51 -3.05 27.39
C GLY Q 139 39.89 -3.63 27.28
N TYR Q 140 40.82 -3.11 28.06
CA TYR Q 140 42.15 -3.71 28.23
C TYR Q 140 42.07 -5.06 28.99
N LEU Q 141 41.53 -5.01 30.21
CA LEU Q 141 41.26 -6.22 31.03
C LEU Q 141 40.44 -7.24 30.22
N LEU Q 142 39.59 -6.73 29.32
CA LEU Q 142 38.79 -7.55 28.42
C LEU Q 142 39.59 -8.29 27.38
N ALA Q 143 40.78 -7.80 27.03
CA ALA Q 143 41.59 -8.51 26.05
C ALA Q 143 42.46 -9.56 26.74
N LEU Q 144 42.65 -9.37 28.05
CA LEU Q 144 43.32 -10.38 28.86
C LEU Q 144 42.47 -11.63 28.94
N ARG Q 145 41.17 -11.44 29.21
CA ARG Q 145 40.19 -12.51 29.30
C ARG Q 145 40.02 -13.23 27.98
N TYR Q 146 40.52 -12.65 26.89
CA TYR Q 146 40.54 -13.35 25.61
C TYR Q 146 41.77 -14.23 25.53
N LEU Q 147 42.93 -13.65 25.81
CA LEU Q 147 44.20 -14.37 25.64
C LEU Q 147 44.35 -15.59 26.56
N ALA Q 148 43.63 -15.56 27.69
CA ALA Q 148 43.53 -16.67 28.65
C ALA Q 148 43.04 -17.98 28.00
N GLU Q 149 43.45 -18.19 26.74
CA GLU Q 149 43.12 -19.37 25.95
C GLU Q 149 44.33 -19.92 25.18
N HIS Q 150 45.46 -19.22 25.31
CA HIS Q 150 46.58 -19.32 24.38
C HIS Q 150 46.11 -19.23 22.93
N LEU R 10 72.29 -18.28 -20.73
CA LEU R 10 72.71 -17.80 -22.08
C LEU R 10 71.48 -17.52 -22.96
N ILE R 11 71.09 -16.24 -23.06
CA ILE R 11 70.07 -15.70 -24.01
C ILE R 11 68.97 -14.84 -23.31
N VAL R 12 69.01 -13.53 -23.58
CA VAL R 12 68.21 -12.52 -22.85
C VAL R 12 67.60 -11.45 -23.74
N ASN R 13 66.42 -10.98 -23.38
CA ASN R 13 65.60 -10.19 -24.28
C ASN R 13 65.39 -8.75 -23.86
N VAL R 14 65.94 -7.83 -24.63
CA VAL R 14 65.86 -6.43 -24.29
C VAL R 14 64.89 -5.74 -25.24
N ILE R 15 63.75 -5.33 -24.70
CA ILE R 15 62.65 -4.80 -25.51
C ILE R 15 62.33 -3.35 -25.15
N ASN R 16 62.39 -2.49 -26.17
CA ASN R 16 62.10 -1.07 -26.01
C ASN R 16 60.83 -0.73 -26.77
N GLY R 17 59.93 0.03 -26.15
CA GLY R 17 58.64 0.39 -26.75
C GLY R 17 58.65 1.67 -27.57
N PRO R 18 57.45 2.23 -27.85
CA PRO R 18 57.30 3.43 -28.70
C PRO R 18 58.11 4.64 -28.24
N ASN R 19 58.67 5.36 -29.21
CA ASN R 19 59.46 6.57 -28.99
C ASN R 19 60.88 6.25 -28.54
N LEU R 20 61.12 5.01 -28.16
CA LEU R 20 62.47 4.63 -27.74
C LEU R 20 63.46 4.50 -28.89
N GLY R 21 62.94 4.42 -30.12
CA GLY R 21 63.74 4.58 -31.34
C GLY R 21 64.33 5.97 -31.50
N ARG R 22 63.60 6.99 -31.04
CA ARG R 22 64.07 8.41 -31.03
C ARG R 22 65.15 8.71 -29.98
N LEU R 23 65.33 7.80 -29.01
CA LEU R 23 66.39 7.85 -28.00
C LEU R 23 67.70 8.29 -28.61
N GLY R 24 68.28 9.37 -28.08
CA GLY R 24 69.52 9.92 -28.62
C GLY R 24 69.31 11.15 -29.47
N ARG R 25 68.51 11.05 -30.53
CA ARG R 25 67.94 12.24 -31.17
C ARG R 25 67.11 12.86 -30.08
N ARG R 26 66.49 14.00 -30.34
CA ARG R 26 65.58 14.65 -29.36
C ARG R 26 66.10 14.86 -27.94
N GLU R 27 66.11 16.13 -27.52
CA GLU R 27 66.16 16.53 -26.11
C GLU R 27 66.98 15.58 -25.21
N PRO R 28 68.29 15.87 -25.03
CA PRO R 28 69.14 15.14 -24.08
C PRO R 28 68.57 15.18 -22.66
N ALA R 29 69.28 15.83 -21.73
CA ALA R 29 68.77 16.09 -20.37
C ALA R 29 67.99 14.93 -19.69
N VAL R 30 66.69 14.85 -20.01
CA VAL R 30 65.78 13.82 -19.52
C VAL R 30 66.17 12.39 -19.91
N TYR R 31 66.75 12.22 -21.09
CA TYR R 31 66.94 10.91 -21.72
C TYR R 31 68.36 10.62 -22.25
N GLY R 32 69.39 10.75 -21.40
CA GLY R 32 70.76 10.51 -21.85
C GLY R 32 71.16 11.35 -23.07
N GLY R 33 71.87 10.72 -24.00
CA GLY R 33 72.37 11.40 -25.20
C GLY R 33 72.90 10.39 -26.21
N THR R 34 73.34 9.24 -25.70
CA THR R 34 73.66 8.08 -26.53
C THR R 34 72.45 7.62 -27.36
N THR R 35 72.74 7.15 -28.58
CA THR R 35 71.80 6.72 -29.63
C THR R 35 71.29 5.29 -29.49
N HIS R 36 70.03 5.04 -29.87
CA HIS R 36 69.48 3.67 -29.75
C HIS R 36 70.40 2.60 -30.27
N ASP R 37 70.98 2.85 -31.44
CA ASP R 37 71.92 1.90 -32.03
C ASP R 37 73.20 1.74 -31.22
N GLU R 38 73.79 2.84 -30.78
CA GLU R 38 74.98 2.69 -29.92
C GLU R 38 74.61 2.10 -28.52
N LEU R 39 73.29 2.10 -28.23
CA LEU R 39 72.74 1.44 -27.03
C LEU R 39 72.73 -0.07 -27.21
N VAL R 40 72.27 -0.47 -28.39
CA VAL R 40 72.35 -1.86 -28.81
C VAL R 40 73.80 -2.35 -28.70
N ALA R 41 74.76 -1.54 -29.13
CA ALA R 41 76.17 -1.95 -29.05
C ALA R 41 76.70 -2.09 -27.64
N LEU R 42 76.19 -1.31 -26.70
CA LEU R 42 76.62 -1.38 -25.31
C LEU R 42 76.14 -2.66 -24.66
N ILE R 43 74.82 -2.74 -24.40
CA ILE R 43 74.14 -4.00 -24.07
C ILE R 43 74.64 -4.94 -25.12
N GLU R 44 75.09 -6.14 -24.76
CA GLU R 44 75.75 -7.02 -25.76
C GLU R 44 77.08 -6.39 -26.16
N ARG R 45 78.18 -7.06 -25.81
CA ARG R 45 79.48 -6.39 -25.73
C ARG R 45 79.47 -5.81 -24.34
N GLU R 46 78.47 -6.25 -23.60
CA GLU R 46 78.39 -6.00 -22.18
C GLU R 46 77.66 -7.20 -21.62
N ALA R 47 76.84 -7.80 -22.48
CA ALA R 47 76.13 -9.02 -22.15
C ALA R 47 77.12 -10.17 -22.13
N ALA R 48 78.06 -10.14 -23.08
CA ALA R 48 79.30 -10.90 -22.94
C ALA R 48 79.92 -10.47 -21.61
N GLU R 49 81.14 -10.93 -21.29
CA GLU R 49 81.75 -10.66 -19.97
C GLU R 49 80.89 -11.11 -18.80
N LEU R 50 79.59 -10.89 -18.92
CA LEU R 50 78.62 -11.63 -18.12
C LEU R 50 78.38 -12.98 -18.81
N GLY R 51 78.71 -13.02 -20.10
CA GLY R 51 78.53 -14.19 -20.96
C GLY R 51 77.08 -14.57 -21.15
N LEU R 52 76.36 -13.89 -22.07
CA LEU R 52 74.92 -14.17 -22.26
C LEU R 52 74.10 -13.54 -23.41
N LYS R 53 74.59 -13.54 -24.63
CA LYS R 53 73.73 -13.27 -25.80
C LYS R 53 72.43 -12.45 -25.54
N ALA R 54 72.54 -11.13 -25.65
CA ALA R 54 71.40 -10.26 -25.49
C ALA R 54 70.80 -9.85 -26.84
N VAL R 55 69.54 -10.21 -27.06
CA VAL R 55 68.79 -9.77 -28.24
C VAL R 55 67.99 -8.50 -27.90
N VAL R 56 68.30 -7.41 -28.60
CA VAL R 56 67.73 -6.10 -28.29
C VAL R 56 66.81 -5.55 -29.39
N ARG R 57 65.60 -5.17 -28.99
CA ARG R 57 64.60 -4.76 -29.94
C ARG R 57 63.71 -3.60 -29.53
N GLN R 58 63.35 -2.80 -30.52
CA GLN R 58 62.48 -1.68 -30.32
C GLN R 58 61.42 -1.64 -31.42
N SER R 59 60.22 -1.20 -31.05
CA SER R 59 59.10 -1.04 -31.97
C SER R 59 58.00 -0.13 -31.38
N ASP R 60 57.24 0.56 -32.24
CA ASP R 60 56.13 1.37 -31.75
C ASP R 60 54.82 0.62 -31.87
N SER R 61 54.80 -0.70 -31.71
CA SER R 61 53.67 -1.43 -32.26
C SER R 61 52.66 -2.10 -31.35
N GLU R 62 52.96 -2.21 -30.06
CA GLU R 62 52.04 -2.93 -29.16
C GLU R 62 51.71 -4.35 -29.61
N ALA R 63 51.31 -4.50 -30.87
CA ALA R 63 51.26 -5.80 -31.60
C ALA R 63 52.62 -6.47 -31.64
N GLN R 64 53.63 -5.77 -32.15
CA GLN R 64 54.94 -6.39 -32.22
C GLN R 64 55.56 -6.66 -30.86
N LEU R 65 55.39 -5.71 -29.95
CA LEU R 65 55.88 -5.90 -28.60
C LEU R 65 55.26 -7.15 -27.98
N LEU R 66 53.93 -7.28 -28.09
CA LEU R 66 53.19 -8.45 -27.65
C LEU R 66 53.71 -9.78 -28.22
N ASP R 67 53.91 -9.78 -29.54
CA ASP R 67 54.52 -10.90 -30.25
C ASP R 67 55.93 -11.27 -29.76
N TRP R 68 56.81 -10.29 -29.55
CA TRP R 68 58.16 -10.63 -29.06
C TRP R 68 58.10 -11.15 -27.65
N ILE R 69 57.15 -10.64 -26.87
CA ILE R 69 56.87 -11.20 -25.56
C ILE R 69 56.28 -12.63 -25.60
N HIS R 70 55.37 -12.91 -26.54
CA HIS R 70 54.89 -14.28 -26.68
C HIS R 70 56.03 -15.22 -26.96
N GLN R 71 56.99 -14.73 -27.72
CA GLN R 71 58.12 -15.52 -28.13
C GLN R 71 59.07 -15.78 -27.00
N ALA R 72 59.33 -14.74 -26.22
CA ALA R 72 60.14 -14.95 -25.04
C ALA R 72 59.46 -15.99 -24.15
N ALA R 73 58.12 -15.98 -24.10
CA ALA R 73 57.36 -16.91 -23.24
C ALA R 73 57.48 -18.39 -23.62
N ASP R 74 57.60 -18.65 -24.91
CA ASP R 74 57.75 -20.00 -25.42
C ASP R 74 59.20 -20.42 -25.38
N ALA R 75 60.11 -19.48 -25.27
CA ALA R 75 61.50 -19.86 -25.26
C ALA R 75 62.04 -19.96 -23.84
N ALA R 76 61.13 -19.85 -22.85
CA ALA R 76 61.46 -19.48 -21.47
C ALA R 76 62.09 -18.07 -21.47
N GLU R 77 63.43 -17.97 -21.57
CA GLU R 77 64.11 -16.67 -21.83
C GLU R 77 63.72 -15.44 -20.98
N PRO R 78 64.62 -15.01 -20.08
CA PRO R 78 64.50 -13.75 -19.34
C PRO R 78 64.16 -12.54 -20.22
N VAL R 79 63.34 -11.59 -19.74
CA VAL R 79 63.03 -10.35 -20.50
C VAL R 79 63.29 -9.05 -19.74
N ILE R 80 63.81 -8.07 -20.46
CA ILE R 80 64.00 -6.71 -19.96
C ILE R 80 63.26 -5.75 -20.90
N LEU R 81 62.34 -4.98 -20.31
CA LEU R 81 61.29 -4.27 -21.03
C LEU R 81 61.20 -2.81 -20.64
N ASN R 82 61.42 -1.94 -21.62
CA ASN R 82 61.05 -0.56 -21.49
C ASN R 82 59.83 -0.25 -22.34
N ALA R 83 58.67 -0.24 -21.70
CA ALA R 83 57.42 -0.21 -22.44
C ALA R 83 57.19 1.17 -23.03
N GLY R 84 57.85 2.16 -22.45
CA GLY R 84 57.78 3.51 -22.96
C GLY R 84 56.42 4.12 -22.71
N GLY R 85 55.82 3.83 -21.57
CA GLY R 85 54.57 4.50 -21.28
C GLY R 85 53.39 3.89 -22.00
N LEU R 86 53.60 2.74 -22.64
CA LEU R 86 52.53 1.76 -22.75
C LEU R 86 52.48 1.17 -21.37
N THR R 87 53.56 1.42 -20.62
CA THR R 87 53.71 1.12 -19.21
C THR R 87 52.49 1.57 -18.40
N HIS R 88 51.98 2.76 -18.72
CA HIS R 88 50.93 3.39 -17.91
C HIS R 88 49.54 3.17 -18.47
N THR R 89 49.46 2.46 -19.59
CA THR R 89 48.23 2.39 -20.38
C THR R 89 47.83 0.98 -20.94
N SER R 90 48.80 0.09 -21.18
CA SER R 90 48.46 -1.22 -21.79
C SER R 90 48.26 -2.36 -20.79
N VAL R 91 47.02 -2.82 -20.67
CA VAL R 91 46.68 -3.98 -19.87
C VAL R 91 47.09 -5.20 -20.67
N ALA R 92 46.88 -5.08 -21.98
CA ALA R 92 47.22 -6.13 -22.90
C ALA R 92 48.69 -6.51 -22.68
N LEU R 93 49.58 -5.54 -22.73
CA LEU R 93 50.97 -5.79 -22.52
C LEU R 93 51.20 -6.45 -21.15
N ARG R 94 50.64 -5.87 -20.08
CA ARG R 94 50.65 -6.50 -18.75
C ARG R 94 50.29 -8.01 -18.77
N ASP R 95 49.19 -8.31 -19.44
CA ASP R 95 48.74 -9.66 -19.61
C ASP R 95 49.74 -10.54 -20.37
N ALA R 96 50.40 -10.00 -21.40
CA ALA R 96 51.43 -10.74 -22.14
C ALA R 96 52.67 -11.06 -21.30
N CYS R 97 53.09 -10.11 -20.48
CA CYS R 97 54.23 -10.31 -19.57
C CYS R 97 53.92 -11.25 -18.41
N ALA R 98 52.66 -11.29 -18.01
CA ALA R 98 52.22 -12.13 -16.90
C ALA R 98 52.52 -13.63 -17.14
N GLU R 99 52.34 -14.05 -18.38
CA GLU R 99 52.61 -15.39 -18.82
C GLU R 99 54.10 -15.87 -18.73
N LEU R 100 55.06 -14.96 -18.57
CA LEU R 100 56.49 -15.31 -18.50
C LEU R 100 56.80 -16.20 -17.30
N SER R 101 57.63 -17.21 -17.52
CA SER R 101 58.06 -18.07 -16.42
C SER R 101 59.46 -17.65 -16.00
N ALA R 102 60.19 -17.04 -16.93
CA ALA R 102 61.45 -16.37 -16.62
C ALA R 102 61.24 -15.16 -15.69
N PRO R 103 62.33 -14.61 -15.12
CA PRO R 103 62.15 -13.33 -14.45
C PRO R 103 61.93 -12.21 -15.49
N LEU R 104 61.29 -11.12 -15.07
CA LEU R 104 61.01 -9.97 -15.93
C LEU R 104 61.45 -8.70 -15.24
N ILE R 105 62.26 -7.90 -15.93
CA ILE R 105 62.69 -6.60 -15.41
C ILE R 105 62.11 -5.42 -16.20
N GLU R 106 61.48 -4.48 -15.49
CA GLU R 106 60.89 -3.29 -16.09
C GLU R 106 61.89 -2.20 -15.89
N VAL R 107 62.16 -1.43 -16.93
CA VAL R 107 63.22 -0.41 -16.91
C VAL R 107 62.79 0.92 -17.55
N HIS R 108 63.14 2.00 -16.87
CA HIS R 108 62.87 3.35 -17.35
C HIS R 108 64.13 4.16 -17.27
N ILE R 109 64.52 4.82 -18.36
CA ILE R 109 65.70 5.67 -18.26
C ILE R 109 65.40 6.89 -17.36
N SER R 110 64.25 7.53 -17.54
CA SER R 110 63.74 8.66 -16.70
C SER R 110 63.39 8.25 -15.29
N ASN R 111 63.32 9.20 -14.37
CA ASN R 111 62.64 8.95 -13.13
C ASN R 111 61.20 9.42 -13.24
N VAL R 112 60.31 8.45 -13.42
CA VAL R 112 58.92 8.68 -13.68
C VAL R 112 58.25 9.35 -12.49
N HIS R 113 58.78 9.11 -11.31
CA HIS R 113 58.18 9.62 -10.09
C HIS R 113 58.40 11.09 -9.84
N ALA R 114 59.10 11.74 -10.75
CA ALA R 114 59.36 13.17 -10.60
C ALA R 114 59.07 13.89 -11.90
N ARG R 115 58.11 13.38 -12.66
CA ARG R 115 57.63 14.04 -13.86
C ARG R 115 56.13 14.11 -13.64
N GLU R 116 55.32 13.96 -14.69
CA GLU R 116 53.87 14.06 -14.54
C GLU R 116 53.26 13.01 -13.59
N GLU R 117 52.05 13.29 -13.13
CA GLU R 117 51.26 12.35 -12.34
C GLU R 117 51.12 10.98 -12.95
N PHE R 118 50.46 10.94 -14.11
CA PHE R 118 50.15 9.69 -14.81
C PHE R 118 51.35 8.74 -15.02
N ARG R 119 52.57 9.29 -15.01
CA ARG R 119 53.77 8.49 -15.18
C ARG R 119 54.15 7.69 -13.94
N ARG R 120 53.50 8.01 -12.82
CA ARG R 120 53.81 7.41 -11.51
C ARG R 120 53.11 6.06 -11.24
N HIS R 121 52.20 5.68 -12.13
CA HIS R 121 51.51 4.39 -12.07
C HIS R 121 51.87 3.58 -13.28
N SER R 122 51.99 2.28 -13.08
CA SER R 122 52.37 1.33 -14.12
C SER R 122 51.54 0.01 -14.00
N TYR R 123 51.00 -0.45 -15.13
CA TYR R 123 50.32 -1.73 -15.20
C TYR R 123 51.31 -2.88 -15.23
N LEU R 124 52.56 -2.55 -15.56
CA LEU R 124 53.66 -3.51 -15.67
C LEU R 124 54.33 -3.93 -14.37
N SER R 125 54.36 -3.03 -13.41
CA SER R 125 55.12 -3.22 -12.18
C SER R 125 54.64 -4.35 -11.29
N PRO R 126 53.35 -4.36 -10.94
CA PRO R 126 52.83 -5.46 -10.14
C PRO R 126 53.26 -6.86 -10.60
N ILE R 127 53.49 -7.07 -11.88
CA ILE R 127 53.84 -8.44 -12.30
C ILE R 127 55.26 -8.59 -12.82
N ALA R 128 56.06 -7.55 -12.72
CA ALA R 128 57.48 -7.64 -12.93
C ALA R 128 58.09 -8.27 -11.69
N THR R 129 59.23 -8.93 -11.86
CA THR R 129 59.98 -9.33 -10.68
C THR R 129 60.47 -8.04 -10.01
N GLY R 130 61.13 -7.19 -10.78
CA GLY R 130 61.67 -5.93 -10.29
C GLY R 130 61.60 -4.80 -11.31
N VAL R 131 62.05 -3.61 -10.88
CA VAL R 131 61.92 -2.37 -11.62
C VAL R 131 63.14 -1.49 -11.34
N ILE R 132 63.74 -0.96 -12.41
CA ILE R 132 64.75 0.08 -12.31
C ILE R 132 64.30 1.35 -13.06
N VAL R 133 64.22 2.47 -12.33
CA VAL R 133 63.90 3.80 -12.87
C VAL R 133 65.00 4.80 -12.47
N GLY R 134 65.07 5.93 -13.16
CA GLY R 134 66.15 6.90 -12.89
C GLY R 134 67.37 6.23 -13.44
N LEU R 135 68.54 6.47 -12.88
CA LEU R 135 69.67 5.59 -13.28
C LEU R 135 69.98 5.48 -14.80
N GLY R 136 69.17 6.12 -15.64
CA GLY R 136 69.38 6.23 -17.08
C GLY R 136 69.62 4.94 -17.86
N ILE R 137 70.25 5.11 -19.01
CA ILE R 137 70.69 3.98 -19.89
C ILE R 137 71.34 2.78 -19.20
N GLN R 138 72.19 3.04 -18.21
CA GLN R 138 72.83 1.97 -17.49
C GLN R 138 71.83 1.24 -16.61
N GLY R 139 70.57 1.63 -16.69
CA GLY R 139 69.50 0.84 -16.10
C GLY R 139 69.62 -0.54 -16.69
N TYR R 140 69.61 -0.56 -18.01
CA TYR R 140 69.71 -1.80 -18.76
C TYR R 140 70.87 -2.68 -18.34
N LEU R 141 72.03 -2.07 -18.09
CA LEU R 141 73.24 -2.85 -17.82
C LEU R 141 73.12 -3.51 -16.47
N LEU R 142 72.65 -2.77 -15.48
CA LEU R 142 72.30 -3.37 -14.21
C LEU R 142 71.27 -4.49 -14.39
N ALA R 143 70.27 -4.32 -15.24
CA ALA R 143 69.25 -5.37 -15.34
C ALA R 143 69.95 -6.67 -15.70
N LEU R 144 70.74 -6.62 -16.76
CA LEU R 144 71.66 -7.69 -17.14
C LEU R 144 72.44 -8.34 -15.98
N ARG R 145 73.06 -7.53 -15.11
CA ARG R 145 73.83 -8.10 -13.97
C ARG R 145 72.99 -8.99 -13.03
N TYR R 146 71.76 -8.56 -12.72
CA TYR R 146 70.84 -9.35 -11.90
C TYR R 146 70.50 -10.71 -12.52
N LEU R 147 70.29 -10.72 -13.83
CA LEU R 147 70.01 -11.95 -14.56
C LEU R 147 71.20 -12.89 -14.58
N ALA R 148 72.35 -12.37 -14.97
CA ALA R 148 73.61 -13.10 -14.94
C ALA R 148 73.81 -13.80 -13.62
N GLU R 149 73.49 -13.14 -12.53
CA GLU R 149 73.71 -13.71 -11.23
C GLU R 149 72.41 -14.21 -10.60
N HIS R 150 71.71 -15.09 -11.32
CA HIS R 150 70.40 -15.62 -10.89
C HIS R 150 69.48 -14.55 -10.35
N ILE S 11 25.16 -15.66 -40.58
CA ILE S 11 26.55 -15.12 -40.80
C ILE S 11 27.01 -14.14 -39.69
N VAL S 12 28.03 -14.55 -38.92
CA VAL S 12 28.35 -14.02 -37.59
C VAL S 12 29.85 -13.81 -37.41
N ASN S 13 30.30 -12.61 -37.03
CA ASN S 13 31.75 -12.44 -36.81
C ASN S 13 32.16 -12.58 -35.36
N VAL S 14 32.87 -13.66 -35.05
CA VAL S 14 33.52 -13.78 -33.75
C VAL S 14 34.90 -13.14 -33.84
N ILE S 15 35.17 -12.19 -32.95
CA ILE S 15 36.46 -11.53 -32.98
C ILE S 15 37.18 -11.64 -31.65
N ASN S 16 38.43 -12.09 -31.67
CA ASN S 16 39.20 -12.20 -30.44
C ASN S 16 40.45 -11.29 -30.37
N GLY S 17 40.45 -10.42 -29.36
CA GLY S 17 41.47 -9.39 -29.19
C GLY S 17 42.77 -9.96 -28.68
N PRO S 18 43.70 -9.06 -28.30
CA PRO S 18 45.06 -9.41 -27.88
C PRO S 18 45.18 -10.48 -26.78
N ASN S 19 46.11 -11.40 -27.02
CA ASN S 19 46.47 -12.50 -26.09
C ASN S 19 45.62 -13.76 -26.22
N LEU S 20 44.48 -13.64 -26.91
CA LEU S 20 43.59 -14.75 -27.05
C LEU S 20 44.17 -15.86 -27.94
N GLY S 21 45.08 -15.51 -28.85
CA GLY S 21 45.88 -16.50 -29.59
C GLY S 21 46.68 -17.43 -28.68
N ARG S 22 47.03 -16.92 -27.48
CA ARG S 22 47.81 -17.68 -26.53
C ARG S 22 46.95 -18.52 -25.63
N LEU S 23 45.67 -18.64 -25.96
CA LEU S 23 44.68 -19.33 -25.13
C LEU S 23 45.21 -20.59 -24.46
N GLY S 24 44.60 -21.74 -24.71
CA GLY S 24 45.00 -22.96 -23.99
C GLY S 24 46.42 -22.97 -23.41
N ARG S 25 47.40 -22.55 -24.22
CA ARG S 25 48.86 -22.55 -23.94
C ARG S 25 49.29 -22.59 -22.49
N ARG S 26 49.97 -21.54 -22.02
CA ARG S 26 50.14 -21.32 -20.58
C ARG S 26 48.77 -20.92 -19.98
N GLU S 27 48.76 -20.15 -18.87
CA GLU S 27 47.51 -19.82 -18.14
C GLU S 27 46.96 -20.95 -17.24
N PRO S 28 47.69 -22.10 -17.12
CA PRO S 28 47.10 -23.44 -16.93
C PRO S 28 45.57 -23.52 -16.71
N ALA S 29 45.10 -23.34 -15.47
CA ALA S 29 43.70 -23.60 -15.11
C ALA S 29 42.67 -22.54 -15.54
N VAL S 30 42.11 -21.79 -14.60
CA VAL S 30 40.83 -21.04 -14.77
C VAL S 30 40.82 -19.75 -15.68
N TYR S 31 41.40 -19.85 -16.88
CA TYR S 31 40.96 -19.05 -18.04
C TYR S 31 40.19 -20.04 -18.90
N GLY S 32 40.56 -21.31 -18.77
CA GLY S 32 40.17 -22.39 -19.68
C GLY S 32 41.26 -23.44 -19.61
N GLY S 33 41.15 -24.52 -20.36
CA GLY S 33 40.13 -24.70 -21.40
C GLY S 33 40.85 -25.21 -22.63
N THR S 34 40.15 -25.21 -23.76
CA THR S 34 40.74 -25.67 -25.02
C THR S 34 41.62 -24.55 -25.62
N THR S 35 42.63 -24.93 -26.39
CA THR S 35 43.47 -23.92 -27.03
C THR S 35 42.66 -23.09 -28.04
N HIS S 36 43.28 -22.06 -28.60
CA HIS S 36 42.56 -21.17 -29.49
C HIS S 36 41.98 -21.84 -30.69
N ASP S 37 42.57 -22.96 -31.09
CA ASP S 37 42.16 -23.58 -32.35
C ASP S 37 41.04 -24.60 -32.18
N GLU S 38 40.98 -25.26 -31.02
CA GLU S 38 39.82 -26.07 -30.67
C GLU S 38 38.63 -25.15 -30.43
N LEU S 39 38.89 -23.97 -29.87
CA LEU S 39 37.86 -22.97 -29.71
C LEU S 39 37.34 -22.51 -31.08
N VAL S 40 38.22 -22.38 -32.06
CA VAL S 40 37.75 -21.96 -33.37
C VAL S 40 36.75 -23.01 -33.87
N ALA S 41 36.96 -24.27 -33.44
CA ALA S 41 36.24 -25.42 -34.00
C ALA S 41 34.96 -25.76 -33.26
N LEU S 42 34.99 -25.65 -31.93
CA LEU S 42 33.75 -25.77 -31.16
C LEU S 42 32.73 -24.79 -31.73
N ILE S 43 33.22 -23.58 -32.02
CA ILE S 43 32.46 -22.47 -32.59
C ILE S 43 31.89 -22.77 -33.99
N GLU S 44 32.76 -23.08 -34.97
CA GLU S 44 32.30 -23.48 -36.29
C GLU S 44 31.77 -24.88 -36.08
N ARG S 45 30.47 -25.02 -35.95
CA ARG S 45 29.83 -26.24 -35.48
C ARG S 45 28.55 -25.78 -34.81
N GLU S 46 28.62 -25.42 -33.53
CA GLU S 46 27.48 -24.77 -32.90
C GLU S 46 26.86 -23.75 -33.85
N ALA S 47 27.70 -23.08 -34.63
CA ALA S 47 27.22 -22.16 -35.64
C ALA S 47 26.33 -22.91 -36.63
N ALA S 48 26.89 -23.97 -37.22
CA ALA S 48 26.18 -24.85 -38.12
C ALA S 48 24.94 -25.43 -37.43
N GLU S 49 25.13 -26.22 -36.37
CA GLU S 49 23.99 -26.82 -35.61
C GLU S 49 22.81 -25.90 -35.51
N LEU S 50 23.07 -24.60 -35.36
CA LEU S 50 22.02 -23.59 -35.26
C LEU S 50 21.72 -22.90 -36.60
N GLY S 51 22.59 -23.11 -37.58
CA GLY S 51 22.40 -22.51 -38.90
C GLY S 51 22.91 -21.10 -39.08
N LEU S 52 24.03 -20.75 -38.45
CA LEU S 52 24.78 -19.54 -38.83
C LEU S 52 26.18 -19.93 -39.30
N LYS S 53 26.80 -19.05 -40.09
CA LYS S 53 28.18 -19.26 -40.55
C LYS S 53 29.12 -18.51 -39.59
N ALA S 54 30.28 -19.09 -39.26
CA ALA S 54 31.12 -18.64 -38.13
C ALA S 54 31.97 -17.39 -38.33
N VAL S 55 33.08 -17.51 -39.08
CA VAL S 55 34.11 -16.43 -39.20
C VAL S 55 34.71 -15.93 -37.86
N VAL S 56 35.56 -16.76 -37.27
CA VAL S 56 36.24 -16.37 -36.04
C VAL S 56 37.69 -15.96 -36.27
N ARG S 57 38.01 -14.70 -35.97
CA ARG S 57 39.35 -14.17 -36.20
C ARG S 57 39.96 -13.64 -34.92
N GLN S 58 41.28 -13.79 -34.81
CA GLN S 58 42.03 -13.38 -33.64
C GLN S 58 43.15 -12.51 -34.13
N SER S 59 43.26 -11.32 -33.57
CA SER S 59 44.46 -10.53 -33.69
C SER S 59 44.94 -10.01 -32.34
N ASP S 60 46.15 -9.46 -32.36
CA ASP S 60 46.75 -8.78 -31.22
C ASP S 60 46.97 -7.28 -31.54
N SER S 61 46.19 -6.72 -32.46
CA SER S 61 46.42 -5.35 -32.98
C SER S 61 45.11 -4.57 -33.25
N GLU S 62 45.02 -3.38 -32.66
CA GLU S 62 43.85 -2.53 -32.76
C GLU S 62 43.46 -2.31 -34.18
N ALA S 63 44.45 -1.95 -35.01
CA ALA S 63 44.21 -1.65 -36.42
C ALA S 63 43.43 -2.76 -37.13
N GLN S 64 43.80 -4.01 -36.86
CA GLN S 64 43.15 -5.15 -37.46
C GLN S 64 41.74 -5.33 -36.87
N LEU S 65 41.63 -5.22 -35.55
CA LEU S 65 40.33 -5.32 -34.88
C LEU S 65 39.35 -4.22 -35.31
N LEU S 66 39.84 -3.05 -35.67
CA LEU S 66 38.91 -2.04 -36.12
C LEU S 66 38.47 -2.37 -37.53
N ASP S 67 39.38 -2.96 -38.31
CA ASP S 67 39.07 -3.16 -39.70
C ASP S 67 38.00 -4.23 -39.84
N TRP S 68 38.04 -5.24 -38.97
CA TRP S 68 37.00 -6.26 -38.96
C TRP S 68 35.69 -5.72 -38.48
N ILE S 69 35.74 -4.93 -37.41
CA ILE S 69 34.59 -4.21 -36.89
C ILE S 69 33.97 -3.30 -37.92
N HIS S 70 34.81 -2.59 -38.67
CA HIS S 70 34.32 -1.76 -39.75
C HIS S 70 33.59 -2.58 -40.73
N GLN S 71 34.21 -3.70 -41.08
CA GLN S 71 33.69 -4.51 -42.16
C GLN S 71 32.39 -5.17 -41.75
N ALA S 72 32.34 -5.55 -40.48
CA ALA S 72 31.13 -6.11 -39.89
C ALA S 72 30.01 -5.09 -39.90
N ALA S 73 30.38 -3.82 -39.79
CA ALA S 73 29.40 -2.77 -39.73
C ALA S 73 28.86 -2.46 -41.13
N ASP S 74 29.76 -2.31 -42.12
CA ASP S 74 29.34 -2.11 -43.50
C ASP S 74 28.50 -3.25 -43.97
N ALA S 75 28.68 -4.43 -43.38
CA ALA S 75 27.92 -5.62 -43.78
C ALA S 75 26.65 -5.84 -42.96
N ALA S 76 26.44 -5.01 -41.93
CA ALA S 76 25.31 -5.16 -41.02
C ALA S 76 25.22 -6.58 -40.44
N GLU S 77 26.36 -7.19 -40.14
CA GLU S 77 26.42 -8.51 -39.52
C GLU S 77 26.64 -8.42 -38.01
N PRO S 78 26.06 -9.36 -37.24
CA PRO S 78 26.36 -9.57 -35.84
C PRO S 78 27.85 -9.63 -35.54
N VAL S 79 28.21 -9.34 -34.29
CA VAL S 79 29.58 -9.53 -33.80
C VAL S 79 29.61 -10.14 -32.39
N ILE S 80 30.45 -11.15 -32.18
CA ILE S 80 30.87 -11.51 -30.85
C ILE S 80 32.29 -11.02 -30.67
N LEU S 81 32.51 -10.30 -29.57
CA LEU S 81 33.75 -9.61 -29.33
C LEU S 81 34.25 -9.88 -27.95
N ASN S 82 35.42 -10.49 -27.90
CA ASN S 82 36.22 -10.60 -26.70
C ASN S 82 37.50 -9.84 -27.01
N ALA S 83 37.52 -8.53 -26.81
CA ALA S 83 38.72 -7.72 -27.09
C ALA S 83 39.85 -7.93 -26.08
N GLY S 84 39.61 -8.77 -25.07
CA GLY S 84 40.56 -8.97 -24.00
C GLY S 84 40.91 -7.66 -23.30
N GLY S 85 42.19 -7.30 -23.31
CA GLY S 85 42.68 -6.13 -22.55
C GLY S 85 42.21 -4.77 -23.06
N LEU S 86 41.90 -4.69 -24.34
CA LEU S 86 41.50 -3.40 -24.93
C LEU S 86 40.09 -2.95 -24.47
N THR S 87 39.30 -3.93 -24.00
CA THR S 87 38.02 -3.69 -23.33
C THR S 87 38.19 -2.62 -22.26
N HIS S 88 39.30 -2.73 -21.54
CA HIS S 88 39.56 -1.90 -20.37
C HIS S 88 40.29 -0.63 -20.69
N THR S 89 40.71 -0.47 -21.95
CA THR S 89 41.57 0.66 -22.32
C THR S 89 41.28 1.42 -23.64
N SER S 90 40.87 0.72 -24.69
CA SER S 90 40.74 1.38 -25.98
C SER S 90 39.36 2.00 -26.19
N VAL S 91 39.33 3.29 -26.46
CA VAL S 91 38.09 4.00 -26.71
C VAL S 91 37.84 3.97 -28.20
N ALA S 92 38.94 3.82 -28.94
CA ALA S 92 38.89 3.77 -30.42
C ALA S 92 38.08 2.57 -30.80
N LEU S 93 38.41 1.42 -30.20
CA LEU S 93 37.58 0.23 -30.33
C LEU S 93 36.09 0.53 -30.12
N ARG S 94 35.76 1.11 -28.97
CA ARG S 94 34.39 1.47 -28.64
C ARG S 94 33.64 2.26 -29.74
N ASP S 95 34.32 3.24 -30.34
CA ASP S 95 33.74 4.07 -31.39
C ASP S 95 33.36 3.28 -32.62
N ALA S 96 34.31 2.49 -33.16
CA ALA S 96 34.06 1.58 -34.28
C ALA S 96 32.86 0.72 -33.96
N CYS S 97 32.86 0.15 -32.75
CA CYS S 97 31.80 -0.72 -32.28
C CYS S 97 30.46 -0.05 -32.27
N ALA S 98 30.46 1.26 -32.02
CA ALA S 98 29.21 2.00 -31.89
C ALA S 98 28.51 2.13 -33.23
N GLU S 99 29.24 1.83 -34.32
CA GLU S 99 28.73 1.86 -35.71
C GLU S 99 27.71 0.76 -36.07
N LEU S 100 27.82 -0.40 -35.43
CA LEU S 100 27.06 -1.60 -35.79
C LEU S 100 25.58 -1.42 -35.57
N SER S 101 24.80 -1.53 -36.64
CA SER S 101 23.34 -1.55 -36.55
C SER S 101 22.84 -2.92 -36.08
N ALA S 102 23.72 -3.92 -36.15
CA ALA S 102 23.41 -5.28 -35.73
C ALA S 102 24.04 -5.60 -34.36
N PRO S 103 23.42 -6.53 -33.60
CA PRO S 103 23.90 -6.91 -32.28
C PRO S 103 25.41 -7.10 -32.12
N LEU S 104 25.88 -6.72 -30.92
CA LEU S 104 27.24 -6.93 -30.47
C LEU S 104 27.18 -7.53 -29.07
N ILE S 105 27.73 -8.71 -28.93
CA ILE S 105 27.79 -9.39 -27.66
C ILE S 105 29.22 -9.37 -27.23
N GLU S 106 29.46 -8.85 -26.03
CA GLU S 106 30.79 -8.86 -25.44
C GLU S 106 30.89 -10.11 -24.59
N VAL S 107 32.02 -10.81 -24.70
CA VAL S 107 32.26 -12.07 -23.99
C VAL S 107 33.58 -12.01 -23.24
N HIS S 108 33.59 -12.46 -21.99
CA HIS S 108 34.82 -12.68 -21.23
C HIS S 108 34.80 -14.07 -20.68
N ILE S 109 35.87 -14.80 -20.95
CA ILE S 109 35.97 -16.19 -20.57
C ILE S 109 36.13 -16.30 -19.07
N SER S 110 37.01 -15.46 -18.50
CA SER S 110 37.23 -15.41 -17.04
C SER S 110 36.14 -14.56 -16.40
N ASN S 111 35.92 -14.75 -15.11
CA ASN S 111 35.07 -13.85 -14.32
C ASN S 111 35.77 -12.54 -13.91
N VAL S 112 35.60 -11.51 -14.73
CA VAL S 112 36.37 -10.26 -14.58
C VAL S 112 36.07 -9.45 -13.32
N HIS S 113 35.03 -9.82 -12.58
CA HIS S 113 34.69 -9.11 -11.34
C HIS S 113 35.29 -9.74 -10.15
N ALA S 114 35.97 -10.88 -10.34
CA ALA S 114 36.64 -11.56 -9.21
C ALA S 114 38.16 -11.36 -9.26
N ARG S 115 38.60 -10.45 -10.14
CA ARG S 115 40.03 -10.18 -10.40
C ARG S 115 40.51 -8.78 -9.94
N GLU S 116 41.46 -8.16 -10.64
CA GLU S 116 41.93 -6.83 -10.24
C GLU S 116 40.87 -5.80 -10.55
N GLU S 117 40.66 -4.88 -9.60
CA GLU S 117 39.64 -3.85 -9.71
C GLU S 117 39.54 -3.21 -11.10
N PHE S 118 40.68 -3.03 -11.79
CA PHE S 118 40.66 -2.25 -13.03
C PHE S 118 39.97 -3.03 -14.12
N ARG S 119 39.84 -4.35 -13.90
CA ARG S 119 39.18 -5.22 -14.86
C ARG S 119 37.67 -5.06 -14.77
N ARG S 120 37.17 -4.55 -13.66
CA ARG S 120 35.75 -4.51 -13.44
C ARG S 120 35.05 -3.43 -14.23
N HIS S 121 35.80 -2.61 -14.95
CA HIS S 121 35.23 -1.56 -15.80
C HIS S 121 35.56 -1.85 -17.23
N SER S 122 34.72 -1.37 -18.13
CA SER S 122 34.76 -1.72 -19.54
C SER S 122 34.20 -0.55 -20.38
N TYR S 123 34.87 -0.27 -21.49
CA TYR S 123 34.43 0.79 -22.39
C TYR S 123 33.45 0.24 -23.40
N LEU S 124 33.16 -1.06 -23.29
CA LEU S 124 32.33 -1.75 -24.26
C LEU S 124 30.89 -2.01 -23.78
N SER S 125 30.76 -2.52 -22.57
CA SER S 125 29.44 -2.88 -22.07
C SER S 125 28.33 -1.81 -22.31
N PRO S 126 28.65 -0.51 -22.17
CA PRO S 126 27.65 0.55 -22.46
C PRO S 126 27.00 0.53 -23.85
N ILE S 127 27.73 0.07 -24.86
CA ILE S 127 27.23 0.11 -26.25
C ILE S 127 27.13 -1.26 -26.90
N ALA S 128 27.11 -2.28 -26.05
CA ALA S 128 26.93 -3.65 -26.47
C ALA S 128 25.48 -4.01 -26.27
N THR S 129 25.04 -5.07 -26.92
CA THR S 129 23.71 -5.54 -26.65
C THR S 129 23.73 -6.18 -25.27
N GLY S 130 24.83 -6.87 -24.99
CA GLY S 130 24.94 -7.62 -23.76
C GLY S 130 26.31 -8.14 -23.51
N VAL S 131 26.52 -8.57 -22.27
CA VAL S 131 27.80 -9.06 -21.81
C VAL S 131 27.58 -10.43 -21.14
N ILE S 132 28.51 -11.36 -21.41
CA ILE S 132 28.59 -12.67 -20.75
C ILE S 132 29.99 -12.84 -20.16
N VAL S 133 30.05 -13.03 -18.86
CA VAL S 133 31.32 -13.08 -18.19
C VAL S 133 31.43 -14.41 -17.44
N GLY S 134 32.63 -14.96 -17.42
CA GLY S 134 32.97 -16.06 -16.56
C GLY S 134 32.35 -17.38 -16.88
N LEU S 135 32.04 -17.63 -18.15
CA LEU S 135 31.42 -18.90 -18.51
C LEU S 135 32.34 -19.75 -19.37
N GLY S 136 33.51 -19.17 -19.65
CA GLY S 136 34.67 -19.84 -20.20
C GLY S 136 34.46 -20.63 -21.48
N ILE S 137 34.35 -19.93 -22.62
CA ILE S 137 34.27 -20.59 -23.94
C ILE S 137 32.82 -20.86 -24.28
N GLN S 138 32.13 -21.58 -23.39
CA GLN S 138 30.75 -21.86 -23.65
C GLN S 138 30.02 -20.53 -23.83
N GLY S 139 30.56 -19.50 -23.18
CA GLY S 139 30.10 -18.15 -23.40
C GLY S 139 30.03 -17.75 -24.87
N TYR S 140 30.99 -18.21 -25.69
CA TYR S 140 30.89 -17.92 -27.13
C TYR S 140 29.65 -18.61 -27.70
N LEU S 141 29.41 -19.83 -27.24
CA LEU S 141 28.32 -20.66 -27.75
C LEU S 141 26.95 -20.10 -27.34
N LEU S 142 26.82 -19.71 -26.06
CA LEU S 142 25.61 -19.04 -25.59
C LEU S 142 25.27 -17.79 -26.44
N ALA S 143 26.27 -17.04 -26.85
CA ALA S 143 26.04 -15.80 -27.60
C ALA S 143 25.55 -16.09 -28.99
N LEU S 144 26.08 -17.17 -29.56
CA LEU S 144 25.57 -17.70 -30.83
C LEU S 144 24.09 -18.10 -30.73
N ARG S 145 23.74 -18.85 -29.68
CA ARG S 145 22.35 -19.23 -29.44
C ARG S 145 21.49 -17.98 -29.34
N TYR S 146 22.01 -16.97 -28.64
CA TYR S 146 21.25 -15.74 -28.48
C TYR S 146 21.02 -15.07 -29.81
N LEU S 147 22.09 -15.00 -30.61
CA LEU S 147 22.02 -14.37 -31.92
C LEU S 147 21.05 -15.10 -32.85
N ALA S 148 20.89 -16.41 -32.63
CA ALA S 148 19.98 -17.24 -33.41
C ALA S 148 18.50 -16.79 -33.33
N GLU S 149 18.04 -16.39 -32.13
CA GLU S 149 16.68 -15.83 -31.95
C GLU S 149 16.59 -14.33 -31.98
N HIS S 150 17.55 -13.65 -31.34
CA HIS S 150 17.49 -12.20 -31.03
C HIS S 150 16.80 -11.92 -29.72
N LEU T 10 54.91 54.71 2.37
CA LEU T 10 54.04 54.05 1.34
C LEU T 10 52.61 53.76 1.84
N ILE T 11 51.73 53.64 0.84
CA ILE T 11 50.35 53.22 1.00
C ILE T 11 50.21 51.70 1.09
N VAL T 12 49.40 51.24 2.02
CA VAL T 12 48.97 49.85 2.02
C VAL T 12 47.45 49.70 1.79
N ASN T 13 47.04 48.84 0.88
CA ASN T 13 45.60 48.68 0.64
C ASN T 13 45.04 47.49 1.37
N VAL T 14 44.12 47.75 2.29
CA VAL T 14 43.41 46.65 2.94
C VAL T 14 42.08 46.53 2.25
N ILE T 15 41.86 45.41 1.60
CA ILE T 15 40.58 45.10 0.96
C ILE T 15 39.75 43.99 1.71
N ASN T 16 38.52 44.35 2.05
CA ASN T 16 37.58 43.41 2.66
C ASN T 16 36.47 42.99 1.70
N GLY T 17 36.18 41.70 1.73
CA GLY T 17 35.25 41.11 0.80
C GLY T 17 33.86 40.99 1.34
N PRO T 18 33.02 40.25 0.62
CA PRO T 18 31.62 40.07 0.93
C PRO T 18 31.40 39.72 2.37
N ASN T 19 30.34 40.30 2.95
CA ASN T 19 29.93 40.01 4.34
C ASN T 19 30.77 40.65 5.42
N LEU T 20 31.93 41.16 5.04
CA LEU T 20 32.84 41.76 6.01
C LEU T 20 32.32 43.05 6.60
N GLY T 21 31.36 43.65 5.88
CA GLY T 21 30.58 44.82 6.35
C GLY T 21 29.71 44.56 7.58
N ARG T 22 29.24 43.32 7.75
CA ARG T 22 28.41 42.91 8.86
C ARG T 22 29.20 42.53 10.10
N LEU T 23 30.48 42.83 10.11
CA LEU T 23 31.35 42.49 11.24
C LEU T 23 30.77 43.02 12.55
N GLY T 24 30.99 42.28 13.63
CA GLY T 24 30.50 42.68 14.95
C GLY T 24 28.99 42.85 15.06
N ARG T 25 28.28 42.64 13.96
CA ARG T 25 26.83 42.75 13.94
C ARG T 25 26.16 41.41 14.25
N ARG T 26 26.93 40.34 14.11
CA ARG T 26 26.45 39.00 14.46
C ARG T 26 27.64 38.04 14.57
N GLU T 27 27.34 36.77 14.85
CA GLU T 27 28.36 35.75 15.13
C GLU T 27 29.41 36.23 16.16
N PRO T 28 28.96 36.81 17.31
CA PRO T 28 29.94 37.22 18.31
C PRO T 28 30.81 36.03 18.62
N ALA T 29 30.17 34.85 18.58
CA ALA T 29 30.80 33.54 18.63
C ALA T 29 32.13 33.42 17.84
N VAL T 30 32.07 33.70 16.53
CA VAL T 30 33.14 33.29 15.57
C VAL T 30 34.03 34.43 15.05
N TYR T 31 33.49 35.65 14.93
CA TYR T 31 34.22 36.76 14.33
C TYR T 31 34.51 37.95 15.27
N GLY T 32 34.30 37.76 16.57
CA GLY T 32 34.59 38.80 17.56
C GLY T 32 33.39 39.66 17.95
N GLY T 33 33.66 40.93 18.29
CA GLY T 33 32.63 41.88 18.73
C GLY T 33 32.86 43.30 18.25
N THR T 34 33.99 43.52 17.56
CA THR T 34 34.33 44.81 16.92
C THR T 34 33.60 44.98 15.60
N THR T 35 33.12 46.19 15.32
CA THR T 35 32.39 46.45 14.08
C THR T 35 33.36 46.90 13.00
N HIS T 36 32.90 46.92 11.75
CA HIS T 36 33.78 47.29 10.65
C HIS T 36 34.30 48.67 10.79
N ASP T 37 33.41 49.63 11.02
CA ASP T 37 33.83 51.00 11.33
C ASP T 37 34.96 50.99 12.36
N GLU T 38 34.78 50.26 13.47
CA GLU T 38 35.85 50.23 14.50
C GLU T 38 37.07 49.49 13.99
N LEU T 39 36.82 48.45 13.18
CA LEU T 39 37.91 47.77 12.52
C LEU T 39 38.72 48.76 11.71
N VAL T 40 38.06 49.60 10.91
CA VAL T 40 38.78 50.56 10.05
C VAL T 40 39.72 51.49 10.87
N ALA T 41 39.20 52.03 11.95
CA ALA T 41 39.98 52.89 12.82
C ALA T 41 41.18 52.15 13.43
N LEU T 42 40.98 50.91 13.86
CA LEU T 42 42.05 50.12 14.44
C LEU T 42 43.24 49.97 13.47
N ILE T 43 42.96 49.67 12.21
CA ILE T 43 44.01 49.42 11.23
C ILE T 43 44.70 50.74 10.92
N GLU T 44 43.90 51.80 10.80
CA GLU T 44 44.39 53.08 10.25
C GLU T 44 45.42 53.67 11.17
N ARG T 45 45.22 53.41 12.46
CA ARG T 45 46.07 53.97 13.51
C ARG T 45 47.29 53.10 13.66
N GLU T 46 47.06 51.79 13.70
CA GLU T 46 48.15 50.86 13.74
C GLU T 46 49.13 51.15 12.58
N ALA T 47 48.64 51.43 11.39
CA ALA T 47 49.53 51.67 10.26
C ALA T 47 50.24 53.01 10.40
N ALA T 48 49.58 53.96 11.04
CA ALA T 48 50.19 55.24 11.32
C ALA T 48 51.35 55.04 12.30
N GLU T 49 51.18 54.09 13.22
CA GLU T 49 52.22 53.80 14.20
C GLU T 49 53.42 53.08 13.56
N LEU T 50 53.21 52.44 12.42
CA LEU T 50 54.29 51.79 11.71
C LEU T 50 54.96 52.72 10.67
N GLY T 51 54.45 53.94 10.51
CA GLY T 51 54.93 54.87 9.49
C GLY T 51 54.32 54.64 8.11
N LEU T 52 53.14 54.04 8.08
CA LEU T 52 52.44 53.76 6.86
C LEU T 52 51.11 54.54 6.79
N LYS T 53 50.49 54.57 5.63
CA LYS T 53 49.09 54.96 5.52
C LYS T 53 48.33 53.79 4.92
N ALA T 54 47.28 53.35 5.62
CA ALA T 54 46.45 52.25 5.13
C ALA T 54 45.13 52.78 4.57
N VAL T 55 44.78 52.32 3.37
CA VAL T 55 43.46 52.58 2.79
C VAL T 55 42.63 51.31 2.94
N VAL T 56 41.71 51.33 3.89
CA VAL T 56 40.77 50.22 4.10
C VAL T 56 39.50 50.46 3.31
N ARG T 57 39.13 49.52 2.46
CA ARG T 57 37.89 49.57 1.69
C ARG T 57 37.13 48.25 1.79
N GLN T 58 35.82 48.30 1.73
CA GLN T 58 35.03 47.10 1.92
C GLN T 58 33.96 47.06 0.84
N SER T 59 33.76 45.88 0.24
CA SER T 59 32.80 45.70 -0.83
C SER T 59 32.31 44.26 -0.96
N ASP T 60 31.02 44.13 -1.27
CA ASP T 60 30.43 42.86 -1.50
C ASP T 60 30.53 42.45 -2.96
N SER T 61 30.94 43.34 -3.86
CA SER T 61 30.94 43.00 -5.28
C SER T 61 32.27 42.39 -5.73
N GLU T 62 32.20 41.20 -6.34
CA GLU T 62 33.40 40.59 -6.92
C GLU T 62 34.10 41.53 -7.92
N ALA T 63 33.32 42.22 -8.77
CA ALA T 63 33.85 43.16 -9.75
C ALA T 63 34.58 44.36 -9.11
N GLN T 64 34.08 44.77 -7.95
CA GLN T 64 34.67 45.85 -7.19
C GLN T 64 36.03 45.47 -6.63
N LEU T 65 36.11 44.29 -6.01
CA LEU T 65 37.37 43.87 -5.46
C LEU T 65 38.41 43.81 -6.59
N LEU T 66 37.98 43.35 -7.78
CA LEU T 66 38.88 43.28 -8.96
C LEU T 66 39.43 44.66 -9.33
N ASP T 67 38.54 45.66 -9.32
CA ASP T 67 38.94 46.98 -9.72
C ASP T 67 40.04 47.44 -8.79
N TRP T 68 39.74 47.40 -7.48
CA TRP T 68 40.71 47.75 -6.46
C TRP T 68 41.99 46.99 -6.65
N ILE T 69 41.90 45.70 -6.93
CA ILE T 69 43.12 44.93 -7.16
C ILE T 69 43.91 45.44 -8.37
N HIS T 70 43.23 45.80 -9.47
CA HIS T 70 43.96 46.32 -10.64
C HIS T 70 44.64 47.64 -10.32
N GLN T 71 43.92 48.53 -9.65
CA GLN T 71 44.51 49.80 -9.26
C GLN T 71 45.82 49.64 -8.49
N ALA T 72 45.88 48.69 -7.55
CA ALA T 72 47.06 48.47 -6.70
C ALA T 72 48.22 47.92 -7.47
N ALA T 73 47.90 47.09 -8.45
CA ALA T 73 48.92 46.48 -9.28
C ALA T 73 49.58 47.54 -10.16
N ASP T 74 48.74 48.44 -10.73
CA ASP T 74 49.19 49.62 -11.48
C ASP T 74 50.06 50.50 -10.62
N ALA T 75 49.74 50.59 -9.33
CA ALA T 75 50.47 51.44 -8.38
C ALA T 75 51.65 50.73 -7.69
N ALA T 76 51.95 49.49 -8.06
CA ALA T 76 52.86 48.65 -7.29
C ALA T 76 52.67 48.85 -5.74
N GLU T 77 51.52 48.41 -5.24
CA GLU T 77 51.19 48.56 -3.81
C GLU T 77 50.86 47.26 -3.09
N PRO T 78 51.22 47.20 -1.80
CA PRO T 78 50.82 45.99 -1.06
C PRO T 78 49.31 45.93 -0.88
N VAL T 79 48.81 44.71 -0.88
CA VAL T 79 47.43 44.41 -0.57
C VAL T 79 47.39 43.41 0.58
N ILE T 80 46.57 43.74 1.57
CA ILE T 80 46.19 42.79 2.61
C ILE T 80 44.76 42.53 2.19
N LEU T 81 44.40 41.26 2.11
CA LEU T 81 43.12 40.90 1.52
C LEU T 81 42.36 39.92 2.38
N ASN T 82 41.13 40.24 2.71
CA ASN T 82 40.25 39.22 3.21
C ASN T 82 39.04 39.17 2.32
N ALA T 83 39.07 38.26 1.36
CA ALA T 83 38.02 38.14 0.37
C ALA T 83 36.77 37.48 0.96
N GLY T 84 36.83 37.08 2.24
CA GLY T 84 35.75 36.30 2.84
C GLY T 84 35.34 35.09 2.00
N GLY T 85 34.03 34.92 1.81
CA GLY T 85 33.51 33.81 0.99
C GLY T 85 34.10 33.60 -0.40
N LEU T 86 34.55 34.70 -1.03
CA LEU T 86 35.11 34.66 -2.39
C LEU T 86 36.42 33.86 -2.47
N THR T 87 37.18 33.84 -1.38
CA THR T 87 38.48 33.15 -1.22
C THR T 87 38.40 31.73 -1.74
N HIS T 88 37.20 31.19 -1.72
CA HIS T 88 36.98 29.76 -1.93
C HIS T 88 36.40 29.40 -3.28
N THR T 89 36.03 30.42 -4.05
CA THR T 89 35.21 30.23 -5.22
C THR T 89 35.66 31.13 -6.38
N SER T 90 36.63 32.01 -6.14
CA SER T 90 36.93 33.00 -7.18
C SER T 90 38.31 32.94 -7.88
N VAL T 91 38.29 32.36 -9.08
CA VAL T 91 39.44 32.31 -9.98
C VAL T 91 39.74 33.67 -10.59
N ALA T 92 38.69 34.36 -11.02
CA ALA T 92 38.83 35.75 -11.50
C ALA T 92 39.66 36.58 -10.51
N LEU T 93 39.30 36.49 -9.22
CA LEU T 93 39.98 37.14 -8.11
C LEU T 93 41.44 36.68 -7.99
N ARG T 94 41.65 35.38 -8.03
CA ARG T 94 42.99 34.85 -8.05
C ARG T 94 43.77 35.48 -9.19
N ASP T 95 43.23 35.38 -10.43
CA ASP T 95 43.94 35.89 -11.62
C ASP T 95 44.43 37.33 -11.37
N ALA T 96 43.49 38.19 -11.00
CA ALA T 96 43.76 39.58 -10.77
C ALA T 96 44.86 39.73 -9.73
N CYS T 97 44.74 38.99 -8.62
CA CYS T 97 45.78 38.97 -7.58
C CYS T 97 47.17 38.48 -8.04
N ALA T 98 47.22 37.72 -9.14
CA ALA T 98 48.50 37.15 -9.59
C ALA T 98 49.39 38.18 -10.31
N GLU T 99 48.80 39.33 -10.64
CA GLU T 99 49.46 40.37 -11.40
C GLU T 99 50.27 41.29 -10.49
N LEU T 100 49.87 41.38 -9.22
CA LEU T 100 50.51 42.25 -8.20
C LEU T 100 51.98 41.96 -8.09
N SER T 101 52.80 43.00 -7.97
CA SER T 101 54.23 42.78 -7.72
C SER T 101 54.64 43.00 -6.23
N ALA T 102 53.99 43.92 -5.53
CA ALA T 102 54.22 44.05 -4.10
C ALA T 102 53.61 42.85 -3.32
N PRO T 103 53.96 42.69 -2.04
CA PRO T 103 53.43 41.56 -1.27
C PRO T 103 51.92 41.54 -1.15
N LEU T 104 51.34 40.36 -1.28
CA LEU T 104 49.92 40.14 -1.07
C LEU T 104 49.78 39.28 0.17
N ILE T 105 49.19 39.81 1.23
CA ILE T 105 48.88 38.97 2.37
C ILE T 105 47.40 38.65 2.47
N GLU T 106 47.09 37.37 2.60
CA GLU T 106 45.72 36.91 2.79
C GLU T 106 45.43 36.81 4.28
N VAL T 107 44.37 37.46 4.73
CA VAL T 107 43.98 37.41 6.13
C VAL T 107 42.60 36.79 6.29
N HIS T 108 42.42 35.99 7.33
CA HIS T 108 41.09 35.52 7.75
C HIS T 108 40.94 35.74 9.21
N ILE T 109 39.75 36.11 9.65
CA ILE T 109 39.55 36.44 11.05
C ILE T 109 39.44 35.16 11.88
N SER T 110 38.59 34.24 11.44
CA SER T 110 38.37 32.97 12.14
C SER T 110 39.23 31.87 11.53
N ASN T 111 39.42 30.77 12.27
CA ASN T 111 40.21 29.65 11.80
C ASN T 111 39.45 28.79 10.79
N VAL T 112 39.76 28.96 9.50
CA VAL T 112 38.98 28.26 8.48
C VAL T 112 39.23 26.76 8.55
N HIS T 113 40.34 26.38 9.16
CA HIS T 113 40.69 24.98 9.20
C HIS T 113 39.96 24.28 10.29
N ALA T 114 39.07 25.03 10.94
CA ALA T 114 38.40 24.52 12.12
C ALA T 114 36.88 24.44 11.90
N ARG T 115 36.46 24.63 10.67
CA ARG T 115 35.06 24.78 10.36
C ARG T 115 34.70 23.82 9.24
N GLU T 116 33.72 24.17 8.42
CA GLU T 116 33.32 23.28 7.32
C GLU T 116 34.49 22.92 6.41
N GLU T 117 34.46 21.69 5.91
CA GLU T 117 35.51 21.13 5.09
C GLU T 117 35.95 22.07 3.97
N PHE T 118 34.96 22.61 3.25
CA PHE T 118 35.22 23.38 2.05
C PHE T 118 35.95 24.70 2.29
N ARG T 119 35.94 25.19 3.53
CA ARG T 119 36.69 26.41 3.87
C ARG T 119 38.21 26.15 3.96
N ARG T 120 38.62 24.88 3.87
CA ARG T 120 40.03 24.58 4.02
C ARG T 120 40.74 24.72 2.71
N HIS T 121 40.01 25.07 1.65
CA HIS T 121 40.66 25.36 0.39
C HIS T 121 40.54 26.80 -0.03
N SER T 122 41.69 27.39 -0.35
CA SER T 122 41.76 28.73 -0.89
C SER T 122 42.39 28.73 -2.28
N TYR T 123 41.84 29.59 -3.16
CA TYR T 123 42.44 29.89 -4.47
C TYR T 123 43.52 30.98 -4.42
N LEU T 124 43.45 31.84 -3.40
CA LEU T 124 44.40 32.95 -3.27
C LEU T 124 45.74 32.50 -2.69
N SER T 125 45.66 31.63 -1.69
CA SER T 125 46.84 31.22 -0.96
C SER T 125 47.98 30.79 -1.83
N PRO T 126 47.72 30.00 -2.90
CA PRO T 126 48.83 29.65 -3.79
C PRO T 126 49.63 30.85 -4.30
N ILE T 127 49.01 32.01 -4.51
CA ILE T 127 49.71 33.17 -5.07
C ILE T 127 50.06 34.33 -4.09
N ALA T 128 49.74 34.16 -2.82
CA ALA T 128 49.98 35.18 -1.85
C ALA T 128 51.40 35.06 -1.28
N THR T 129 51.95 36.18 -0.82
CA THR T 129 53.14 36.07 -0.04
C THR T 129 52.89 35.15 1.16
N GLY T 130 51.84 35.43 1.92
CA GLY T 130 51.55 34.66 3.12
C GLY T 130 50.11 34.74 3.59
N VAL T 131 49.72 33.81 4.46
CA VAL T 131 48.38 33.84 5.01
C VAL T 131 48.42 33.85 6.54
N ILE T 132 47.75 34.85 7.12
CA ILE T 132 47.36 34.85 8.52
C ILE T 132 45.89 34.43 8.67
N VAL T 133 45.67 33.36 9.41
CA VAL T 133 44.36 32.76 9.64
C VAL T 133 44.14 32.53 11.15
N GLY T 134 42.97 32.88 11.67
CA GLY T 134 42.59 32.47 13.01
C GLY T 134 43.02 33.34 14.19
N LEU T 135 43.45 34.56 13.94
CA LEU T 135 43.91 35.40 15.03
C LEU T 135 43.01 36.62 15.20
N GLY T 136 41.77 36.53 14.77
CA GLY T 136 40.84 37.64 14.89
C GLY T 136 41.29 38.85 14.11
N ILE T 137 40.83 40.01 14.53
CA ILE T 137 41.04 41.28 13.84
C ILE T 137 42.53 41.69 13.81
N GLN T 138 43.25 41.25 14.83
CA GLN T 138 44.65 41.62 15.01
C GLN T 138 45.39 40.97 13.83
N GLY T 139 44.72 39.98 13.24
CA GLY T 139 45.17 39.38 12.01
C GLY T 139 45.71 40.45 11.09
N TYR T 140 44.98 41.55 10.98
CA TYR T 140 45.31 42.64 10.05
C TYR T 140 46.51 43.50 10.51
N LEU T 141 46.54 43.79 11.81
CA LEU T 141 47.63 44.55 12.42
C LEU T 141 48.95 43.85 12.25
N LEU T 142 48.95 42.53 12.40
CA LEU T 142 50.15 41.74 12.15
C LEU T 142 50.60 41.77 10.68
N ALA T 143 49.66 41.78 9.74
CA ALA T 143 50.02 41.84 8.34
C ALA T 143 50.65 43.19 7.99
N LEU T 144 50.17 44.27 8.62
CA LEU T 144 50.76 45.55 8.40
C LEU T 144 52.16 45.47 8.98
N ARG T 145 52.29 44.80 10.12
CA ARG T 145 53.62 44.70 10.69
C ARG T 145 54.63 43.94 9.80
N TYR T 146 54.19 42.86 9.13
CA TYR T 146 55.09 42.21 8.17
C TYR T 146 55.57 43.22 7.14
N LEU T 147 54.66 44.01 6.59
CA LEU T 147 54.95 44.91 5.48
C LEU T 147 55.80 46.09 5.93
N ALA T 148 55.66 46.48 7.18
CA ALA T 148 56.43 47.59 7.65
C ALA T 148 57.89 47.16 7.55
N GLU T 149 58.14 45.87 7.75
CA GLU T 149 59.48 45.23 7.60
C GLU T 149 59.87 44.81 6.20
N HIS T 150 58.89 44.36 5.41
CA HIS T 150 59.09 43.77 4.08
C HIS T 150 59.50 42.31 4.13
N LEU U 10 23.36 41.36 -39.27
CA LEU U 10 24.28 40.22 -38.95
C LEU U 10 25.29 40.56 -37.83
N ILE U 11 24.75 41.09 -36.74
CA ILE U 11 25.61 41.49 -35.63
C ILE U 11 26.14 40.25 -34.90
N VAL U 12 27.45 40.17 -34.80
CA VAL U 12 28.08 39.19 -33.94
C VAL U 12 28.49 39.88 -32.65
N ASN U 13 28.19 39.27 -31.51
CA ASN U 13 28.62 39.84 -30.24
C ASN U 13 29.90 39.24 -29.71
N VAL U 14 30.93 40.07 -29.49
CA VAL U 14 32.15 39.60 -28.79
C VAL U 14 32.20 40.06 -27.34
N ILE U 15 32.08 39.10 -26.43
CA ILE U 15 31.92 39.37 -25.01
C ILE U 15 33.09 38.77 -24.25
N ASN U 16 33.83 39.68 -23.63
CA ASN U 16 35.01 39.39 -22.83
C ASN U 16 34.76 39.67 -21.35
N GLY U 17 35.09 38.68 -20.51
CA GLY U 17 34.82 38.75 -19.08
C GLY U 17 36.01 39.16 -18.24
N PRO U 18 35.97 38.87 -16.94
CA PRO U 18 36.96 39.28 -15.94
C PRO U 18 38.42 39.30 -16.39
N ASN U 19 39.08 40.42 -16.09
CA ASN U 19 40.53 40.60 -16.31
C ASN U 19 40.96 40.76 -17.73
N LEU U 20 40.02 40.67 -18.66
CA LEU U 20 40.38 40.81 -20.07
C LEU U 20 40.65 42.26 -20.48
N GLY U 21 40.26 43.23 -19.64
CA GLY U 21 40.66 44.63 -19.78
C GLY U 21 42.17 44.87 -19.62
N ARG U 22 42.78 44.11 -18.71
CA ARG U 22 44.21 44.19 -18.46
C ARG U 22 45.05 43.58 -19.59
N LEU U 23 44.39 43.08 -20.64
CA LEU U 23 45.07 42.43 -21.75
C LEU U 23 46.15 43.33 -22.33
N GLY U 24 47.31 42.76 -22.64
CA GLY U 24 48.43 43.56 -23.14
C GLY U 24 49.41 43.95 -22.05
N ARG U 25 48.91 44.65 -21.03
CA ARG U 25 49.68 45.07 -19.85
C ARG U 25 50.36 43.90 -19.09
N ARG U 26 49.63 42.79 -18.95
CA ARG U 26 50.17 41.53 -18.40
C ARG U 26 49.67 40.35 -19.24
N GLU U 27 50.53 39.39 -19.55
CA GLU U 27 51.95 39.43 -19.23
C GLU U 27 52.71 39.16 -20.53
N PRO U 28 53.92 39.74 -20.69
CA PRO U 28 54.60 39.81 -22.00
C PRO U 28 54.37 38.59 -22.91
N ALA U 29 54.99 37.46 -22.61
CA ALA U 29 54.93 36.33 -23.55
C ALA U 29 53.99 35.19 -23.15
N VAL U 30 52.84 35.54 -22.58
CA VAL U 30 51.82 34.53 -22.25
C VAL U 30 50.42 34.90 -22.79
N TYR U 31 50.17 36.19 -23.06
CA TYR U 31 48.85 36.64 -23.53
C TYR U 31 48.71 37.38 -24.89
N GLY U 32 49.63 38.25 -25.34
CA GLY U 32 50.87 38.64 -24.68
C GLY U 32 51.23 40.14 -24.79
N GLY U 33 51.10 40.73 -25.98
CA GLY U 33 51.48 42.13 -26.21
C GLY U 33 50.31 43.10 -26.43
N THR U 34 49.32 42.64 -27.18
CA THR U 34 48.19 43.44 -27.67
C THR U 34 47.22 43.86 -26.57
N THR U 35 46.92 45.15 -26.51
CA THR U 35 45.98 45.68 -25.52
C THR U 35 44.53 45.37 -25.87
N HIS U 36 43.62 45.61 -24.92
CA HIS U 36 42.19 45.37 -25.16
C HIS U 36 41.54 46.30 -26.14
N ASP U 37 41.89 47.59 -26.09
CA ASP U 37 41.39 48.59 -27.08
C ASP U 37 41.82 48.29 -28.53
N GLU U 38 43.02 47.74 -28.70
CA GLU U 38 43.54 47.33 -30.01
C GLU U 38 42.83 46.10 -30.54
N LEU U 39 42.39 45.23 -29.62
CA LEU U 39 41.73 43.97 -29.98
C LEU U 39 40.35 44.23 -30.52
N VAL U 40 39.59 45.06 -29.82
CA VAL U 40 38.35 45.63 -30.36
C VAL U 40 38.47 46.06 -31.82
N ALA U 41 39.60 46.69 -32.17
CA ALA U 41 39.87 47.21 -33.53
C ALA U 41 40.23 46.10 -34.49
N LEU U 42 41.08 45.17 -34.05
CA LEU U 42 41.36 43.98 -34.81
C LEU U 42 40.07 43.22 -35.19
N ILE U 43 39.24 42.98 -34.19
CA ILE U 43 38.01 42.22 -34.36
C ILE U 43 37.07 42.98 -35.25
N GLU U 44 36.95 44.30 -34.99
CA GLU U 44 35.96 45.14 -35.66
C GLU U 44 36.24 45.15 -37.16
N ARG U 45 37.52 45.23 -37.52
CA ARG U 45 37.98 45.25 -38.92
C ARG U 45 37.91 43.91 -39.64
N GLU U 46 38.45 42.86 -39.04
CA GLU U 46 38.34 41.50 -39.61
C GLU U 46 36.88 41.16 -39.96
N ALA U 47 35.95 41.58 -39.10
CA ALA U 47 34.54 41.28 -39.29
C ALA U 47 33.90 42.01 -40.46
N ALA U 48 34.48 43.15 -40.86
CA ALA U 48 34.04 43.84 -42.07
C ALA U 48 34.37 43.00 -43.30
N GLU U 49 35.65 42.64 -43.45
CA GLU U 49 36.12 41.85 -44.56
C GLU U 49 35.42 40.51 -44.67
N LEU U 50 34.52 40.21 -43.74
CA LEU U 50 33.70 38.99 -43.79
C LEU U 50 32.20 39.29 -43.98
N GLY U 51 31.82 40.55 -43.84
CA GLY U 51 30.42 40.94 -43.99
C GLY U 51 29.61 40.79 -42.71
N LEU U 52 30.23 41.14 -41.58
CA LEU U 52 29.61 41.04 -40.29
C LEU U 52 29.79 42.36 -39.53
N LYS U 53 28.84 42.68 -38.66
CA LYS U 53 28.97 43.81 -37.74
C LYS U 53 29.40 43.24 -36.38
N ALA U 54 30.62 43.52 -35.94
CA ALA U 54 31.16 42.97 -34.67
C ALA U 54 31.13 43.95 -33.52
N VAL U 55 30.37 43.61 -32.49
CA VAL U 55 30.18 44.45 -31.31
C VAL U 55 30.98 43.88 -30.12
N VAL U 56 32.16 44.43 -29.85
CA VAL U 56 33.01 43.93 -28.77
C VAL U 56 32.86 44.69 -27.44
N ARG U 57 32.43 43.98 -26.39
CA ARG U 57 32.40 44.52 -25.02
C ARG U 57 33.14 43.66 -24.01
N GLN U 58 33.46 44.27 -22.87
CA GLN U 58 34.19 43.64 -21.78
C GLN U 58 33.64 44.15 -20.46
N SER U 59 33.35 43.23 -19.56
CA SER U 59 33.08 43.60 -18.18
C SER U 59 33.81 42.70 -17.23
N ASP U 60 34.12 43.19 -16.03
CA ASP U 60 34.53 42.35 -14.91
C ASP U 60 33.29 41.99 -14.05
N SER U 61 32.12 42.54 -14.37
CA SER U 61 30.93 42.16 -13.60
C SER U 61 30.16 41.05 -14.29
N GLU U 62 29.93 39.95 -13.58
CA GLU U 62 29.10 38.84 -14.08
C GLU U 62 27.64 39.27 -14.31
N ALA U 63 27.07 40.04 -13.38
CA ALA U 63 25.79 40.67 -13.63
C ALA U 63 25.83 41.30 -15.05
N GLN U 64 26.83 42.12 -15.31
CA GLN U 64 26.99 42.76 -16.63
C GLN U 64 27.03 41.78 -17.84
N LEU U 65 27.82 40.71 -17.71
CA LEU U 65 27.92 39.70 -18.74
C LEU U 65 26.61 38.98 -18.96
N LEU U 66 25.89 38.63 -17.88
CA LEU U 66 24.61 37.98 -18.04
C LEU U 66 23.65 38.87 -18.80
N ASP U 67 23.67 40.17 -18.54
CA ASP U 67 22.74 41.05 -19.20
C ASP U 67 22.97 41.15 -20.71
N TRP U 68 24.21 41.41 -21.12
CA TRP U 68 24.55 41.40 -22.55
C TRP U 68 24.20 40.08 -23.24
N ILE U 69 24.33 38.96 -22.50
CA ILE U 69 23.95 37.65 -23.03
C ILE U 69 22.44 37.50 -23.18
N HIS U 70 21.65 38.01 -22.23
CA HIS U 70 20.20 37.99 -22.39
C HIS U 70 19.80 38.73 -23.63
N GLN U 71 20.48 39.84 -23.92
CA GLN U 71 20.16 40.64 -25.10
C GLN U 71 20.45 39.85 -26.37
N ALA U 72 21.53 39.07 -26.34
CA ALA U 72 21.89 38.24 -27.49
C ALA U 72 20.80 37.21 -27.77
N ALA U 73 20.10 36.78 -26.74
CA ALA U 73 19.07 35.75 -26.93
C ALA U 73 17.81 36.36 -27.52
N ASP U 74 17.38 37.52 -27.00
CA ASP U 74 16.26 38.26 -27.56
C ASP U 74 16.51 38.55 -29.04
N ALA U 75 17.68 39.08 -29.36
CA ALA U 75 18.00 39.43 -30.74
C ALA U 75 18.34 38.23 -31.62
N ALA U 76 18.42 37.04 -31.02
CA ALA U 76 18.99 35.83 -31.66
C ALA U 76 20.27 36.10 -32.45
N GLU U 77 21.28 36.68 -31.80
CA GLU U 77 22.55 36.96 -32.47
C GLU U 77 23.65 36.09 -31.86
N PRO U 78 24.54 35.55 -32.71
CA PRO U 78 25.64 34.71 -32.27
C PRO U 78 26.54 35.44 -31.27
N VAL U 79 27.19 34.65 -30.41
CA VAL U 79 28.01 35.17 -29.31
C VAL U 79 29.38 34.50 -29.26
N ILE U 80 30.44 35.29 -29.38
CA ILE U 80 31.77 34.82 -29.04
C ILE U 80 32.05 35.27 -27.60
N LEU U 81 32.42 34.30 -26.76
CA LEU U 81 32.58 34.53 -25.34
C LEU U 81 33.95 34.11 -24.86
N ASN U 82 34.62 34.97 -24.13
CA ASN U 82 35.79 34.56 -23.38
C ASN U 82 35.59 34.98 -21.93
N ALA U 83 35.16 34.06 -21.09
CA ALA U 83 34.71 34.44 -19.76
C ALA U 83 35.87 34.55 -18.77
N GLY U 84 37.09 34.41 -19.25
CA GLY U 84 38.23 34.30 -18.36
C GLY U 84 37.88 33.50 -17.11
N GLY U 85 38.05 34.14 -15.95
CA GLY U 85 37.86 33.48 -14.66
C GLY U 85 36.56 32.73 -14.47
N LEU U 86 35.46 33.30 -14.95
CA LEU U 86 34.12 32.74 -14.68
C LEU U 86 33.91 31.36 -15.29
N THR U 87 34.65 31.06 -16.34
CA THR U 87 34.46 29.82 -17.10
C THR U 87 34.53 28.57 -16.23
N HIS U 88 35.40 28.63 -15.23
CA HIS U 88 35.67 27.47 -14.42
C HIS U 88 34.80 27.50 -13.22
N THR U 89 34.07 28.60 -13.00
CA THR U 89 33.22 28.75 -11.79
C THR U 89 31.70 29.01 -11.93
N SER U 90 31.27 29.74 -12.96
CA SER U 90 29.90 30.30 -13.00
C SER U 90 28.81 29.46 -13.63
N VAL U 91 27.82 29.08 -12.81
CA VAL U 91 26.70 28.30 -13.32
C VAL U 91 25.70 29.24 -13.97
N ALA U 92 25.55 30.40 -13.34
CA ALA U 92 24.71 31.46 -13.85
C ALA U 92 25.03 31.73 -15.32
N LEU U 93 26.29 32.04 -15.61
CA LEU U 93 26.74 32.28 -16.98
C LEU U 93 26.39 31.16 -17.95
N ARG U 94 26.38 29.92 -17.47
CA ARG U 94 26.01 28.79 -18.31
C ARG U 94 24.51 28.80 -18.57
N ASP U 95 23.74 29.02 -17.52
CA ASP U 95 22.29 29.06 -17.67
C ASP U 95 21.86 30.23 -18.54
N ALA U 96 22.53 31.37 -18.41
CA ALA U 96 22.28 32.46 -19.33
C ALA U 96 22.56 31.99 -20.75
N CYS U 97 23.69 31.32 -20.93
CA CYS U 97 24.17 30.94 -22.24
C CYS U 97 23.35 29.87 -22.92
N ALA U 98 22.82 28.90 -22.18
CA ALA U 98 22.08 27.76 -22.76
C ALA U 98 20.75 28.17 -23.38
N GLU U 99 20.59 29.45 -23.64
CA GLU U 99 19.33 30.07 -24.02
C GLU U 99 19.48 30.73 -25.40
N LEU U 100 20.68 30.67 -25.96
CA LEU U 100 20.93 31.22 -27.27
C LEU U 100 20.39 30.30 -28.41
N SER U 101 19.66 30.90 -29.35
CA SER U 101 19.30 30.26 -30.64
C SER U 101 20.55 30.19 -31.46
N ALA U 102 21.13 31.35 -31.76
CA ALA U 102 22.36 31.47 -32.56
C ALA U 102 23.53 30.69 -31.92
N PRO U 103 24.52 30.25 -32.73
CA PRO U 103 25.66 29.52 -32.16
C PRO U 103 26.46 30.32 -31.12
N LEU U 104 27.15 29.60 -30.24
CA LEU U 104 28.07 30.18 -29.26
C LEU U 104 29.44 29.47 -29.34
N ILE U 105 30.50 30.26 -29.47
CA ILE U 105 31.84 29.74 -29.52
C ILE U 105 32.55 30.22 -28.26
N GLU U 106 33.26 29.32 -27.61
CA GLU U 106 34.02 29.67 -26.43
C GLU U 106 35.44 29.96 -26.88
N VAL U 107 36.08 30.97 -26.33
CA VAL U 107 37.44 31.30 -26.75
C VAL U 107 38.38 31.44 -25.54
N HIS U 108 39.63 31.00 -25.70
CA HIS U 108 40.71 31.34 -24.75
C HIS U 108 41.98 31.62 -25.44
N ILE U 109 42.53 32.80 -25.15
CA ILE U 109 43.76 33.25 -25.73
C ILE U 109 44.87 32.27 -25.41
N SER U 110 44.90 31.80 -24.16
CA SER U 110 45.92 30.83 -23.70
C SER U 110 45.48 29.37 -23.74
N ASN U 111 46.45 28.46 -23.75
CA ASN U 111 46.12 27.03 -23.81
C ASN U 111 45.86 26.49 -22.43
N VAL U 112 44.61 26.57 -21.99
CA VAL U 112 44.25 26.25 -20.60
C VAL U 112 44.57 24.82 -20.17
N HIS U 113 44.90 23.94 -21.11
CA HIS U 113 45.25 22.57 -20.76
C HIS U 113 46.69 22.42 -20.36
N ALA U 114 47.50 23.46 -20.61
CA ALA U 114 48.90 23.46 -20.19
C ALA U 114 49.18 24.14 -18.84
N ARG U 115 48.21 24.92 -18.33
CA ARG U 115 48.35 25.65 -17.06
C ARG U 115 47.87 24.81 -15.83
N GLU U 116 47.37 25.45 -14.76
CA GLU U 116 46.85 24.72 -13.57
C GLU U 116 45.62 23.83 -13.87
N GLU U 117 45.47 22.72 -13.14
CA GLU U 117 44.34 21.77 -13.31
C GLU U 117 42.94 22.40 -13.34
N PHE U 118 42.57 23.14 -12.29
CA PHE U 118 41.22 23.73 -12.26
C PHE U 118 40.85 24.42 -13.58
N ARG U 119 41.83 24.96 -14.30
CA ARG U 119 41.52 25.69 -15.52
C ARG U 119 41.13 24.76 -16.64
N ARG U 120 41.13 23.45 -16.35
CA ARG U 120 40.91 22.44 -17.37
C ARG U 120 39.47 22.01 -17.46
N HIS U 121 38.67 22.38 -16.46
CA HIS U 121 37.23 22.16 -16.53
C HIS U 121 36.55 23.46 -16.84
N SER U 122 35.54 23.38 -17.71
CA SER U 122 34.72 24.54 -18.10
C SER U 122 33.22 24.22 -18.02
N TYR U 123 32.48 25.09 -17.33
CA TYR U 123 31.02 24.99 -17.28
C TYR U 123 30.37 25.44 -18.58
N LEU U 124 31.10 26.21 -19.39
CA LEU U 124 30.53 26.74 -20.64
C LEU U 124 30.59 25.75 -21.79
N SER U 125 31.63 24.94 -21.82
CA SER U 125 31.92 24.14 -23.00
C SER U 125 30.78 23.26 -23.42
N PRO U 126 30.16 22.55 -22.45
CA PRO U 126 29.05 21.64 -22.72
C PRO U 126 27.85 22.25 -23.42
N ILE U 127 27.63 23.54 -23.23
CA ILE U 127 26.53 24.20 -23.93
C ILE U 127 26.99 24.99 -25.16
N ALA U 128 28.29 25.21 -25.32
CA ALA U 128 28.83 25.92 -26.49
C ALA U 128 28.65 25.07 -27.73
N THR U 129 28.61 25.71 -28.89
CA THR U 129 28.70 25.01 -30.17
C THR U 129 30.10 24.44 -30.34
N GLY U 130 31.09 25.18 -29.87
CA GLY U 130 32.48 24.92 -30.21
C GLY U 130 33.43 25.73 -29.38
N VAL U 131 34.64 25.22 -29.24
CA VAL U 131 35.70 25.82 -28.38
C VAL U 131 37.04 25.90 -29.11
N ILE U 132 37.70 27.06 -28.97
CA ILE U 132 39.01 27.36 -29.58
C ILE U 132 39.90 27.85 -28.46
N VAL U 133 41.04 27.20 -28.25
CA VAL U 133 41.87 27.45 -27.06
C VAL U 133 43.34 27.56 -27.46
N GLY U 134 44.08 28.45 -26.81
CA GLY U 134 45.53 28.57 -27.02
C GLY U 134 46.03 29.02 -28.39
N LEU U 135 45.16 29.64 -29.17
CA LEU U 135 45.57 30.20 -30.46
C LEU U 135 45.75 31.72 -30.40
N GLY U 136 45.84 32.24 -29.17
CA GLY U 136 46.07 33.67 -28.97
C GLY U 136 44.92 34.54 -29.43
N ILE U 137 45.23 35.80 -29.70
CA ILE U 137 44.28 36.77 -30.23
C ILE U 137 43.53 36.26 -31.45
N GLN U 138 44.27 35.61 -32.36
CA GLN U 138 43.68 34.96 -33.53
C GLN U 138 42.39 34.20 -33.26
N GLY U 139 42.38 33.42 -32.19
CA GLY U 139 41.19 32.71 -31.72
C GLY U 139 39.85 33.41 -31.95
N TYR U 140 39.79 34.70 -31.63
CA TYR U 140 38.59 35.46 -31.89
C TYR U 140 38.34 35.61 -33.39
N LEU U 141 39.37 35.91 -34.15
CA LEU U 141 39.21 36.05 -35.61
C LEU U 141 38.64 34.78 -36.24
N LEU U 142 39.15 33.64 -35.81
CA LEU U 142 38.74 32.38 -36.40
C LEU U 142 37.31 32.10 -35.99
N ALA U 143 36.96 32.48 -34.77
CA ALA U 143 35.59 32.33 -34.32
C ALA U 143 34.63 33.09 -35.26
N LEU U 144 35.02 34.28 -35.70
CA LEU U 144 34.21 35.03 -36.64
C LEU U 144 34.06 34.28 -37.96
N ARG U 145 35.16 33.69 -38.39
CA ARG U 145 35.21 33.04 -39.68
C ARG U 145 34.29 31.82 -39.69
N TYR U 146 34.18 31.13 -38.56
CA TYR U 146 33.25 30.02 -38.49
C TYR U 146 31.83 30.54 -38.65
N LEU U 147 31.50 31.64 -37.98
CA LEU U 147 30.12 32.18 -37.99
C LEU U 147 29.69 32.70 -39.37
N ALA U 148 30.65 32.98 -40.24
CA ALA U 148 30.31 33.43 -41.56
C ALA U 148 29.73 32.32 -42.46
N GLU U 149 29.74 31.05 -42.02
CA GLU U 149 29.05 29.92 -42.72
C GLU U 149 28.15 29.12 -41.79
N HIS U 150 28.42 29.22 -40.47
CA HIS U 150 27.81 28.38 -39.44
C HIS U 150 28.11 26.91 -39.68
N LEU V 10 3.24 40.61 9.55
CA LEU V 10 4.70 40.46 9.39
C LEU V 10 5.02 40.62 7.90
N ILE V 11 6.25 41.05 7.59
CA ILE V 11 6.70 41.18 6.20
C ILE V 11 7.53 39.94 5.80
N VAL V 12 7.48 39.56 4.51
CA VAL V 12 8.29 38.46 4.00
C VAL V 12 9.03 38.89 2.76
N ASN V 13 10.29 38.46 2.64
CA ASN V 13 11.04 38.78 1.44
C ASN V 13 11.18 37.62 0.48
N VAL V 14 11.02 37.90 -0.80
CA VAL V 14 11.23 36.89 -1.79
C VAL V 14 12.26 37.38 -2.78
N ILE V 15 13.41 36.72 -2.75
CA ILE V 15 14.53 37.13 -3.57
C ILE V 15 14.77 36.05 -4.62
N ASN V 16 14.70 36.45 -5.88
CA ASN V 16 15.10 35.63 -7.01
C ASN V 16 16.47 36.04 -7.57
N GLY V 17 17.41 35.09 -7.58
CA GLY V 17 18.75 35.35 -8.11
C GLY V 17 18.86 35.36 -9.63
N PRO V 18 20.09 35.20 -10.13
CA PRO V 18 20.43 35.23 -11.56
C PRO V 18 19.49 34.46 -12.51
N ASN V 19 19.31 35.05 -13.71
CA ASN V 19 18.45 34.52 -14.78
C ASN V 19 16.94 34.36 -14.50
N LEU V 20 16.50 34.47 -13.25
CA LEU V 20 15.08 34.36 -12.96
C LEU V 20 14.25 35.53 -13.51
N GLY V 21 14.91 36.59 -13.96
CA GLY V 21 14.25 37.60 -14.78
C GLY V 21 13.87 37.12 -16.18
N ARG V 22 14.12 35.85 -16.48
CA ARG V 22 13.86 35.29 -17.82
C ARG V 22 12.68 34.30 -17.80
N LEU V 23 12.09 34.13 -16.63
CA LEU V 23 11.06 33.13 -16.38
C LEU V 23 9.99 33.10 -17.46
N GLY V 24 9.77 34.24 -18.11
CA GLY V 24 8.83 34.30 -19.22
C GLY V 24 9.25 33.59 -20.50
N ARG V 25 10.52 33.73 -20.86
CA ARG V 25 11.02 33.28 -22.17
C ARG V 25 11.36 31.79 -22.23
N ARG V 26 12.41 31.47 -22.99
CA ARG V 26 13.03 30.15 -22.98
C ARG V 26 13.37 29.73 -21.53
N GLU V 27 13.01 28.52 -21.13
CA GLU V 27 12.20 27.62 -21.93
C GLU V 27 11.29 26.82 -21.01
N PRO V 28 9.97 26.86 -21.31
CA PRO V 28 9.01 26.00 -20.66
C PRO V 28 9.06 24.62 -21.32
N ALA V 29 8.57 23.58 -20.64
CA ALA V 29 8.17 23.63 -19.25
C ALA V 29 9.28 22.98 -18.44
N VAL V 30 10.43 23.65 -18.42
CA VAL V 30 11.49 23.37 -17.47
C VAL V 30 11.20 24.27 -16.27
N TYR V 31 10.91 25.54 -16.58
CA TYR V 31 10.60 26.57 -15.59
C TYR V 31 9.15 27.11 -15.72
N GLY V 32 8.44 26.69 -16.76
CA GLY V 32 7.01 26.99 -16.94
C GLY V 32 6.65 28.28 -17.67
N GLY V 33 5.37 28.41 -18.03
CA GLY V 33 4.89 29.52 -18.87
C GLY V 33 4.71 30.89 -18.25
N THR V 34 4.96 31.03 -16.95
CA THR V 34 4.75 32.31 -16.23
C THR V 34 5.98 33.26 -16.23
N THR V 35 5.75 34.55 -16.50
CA THR V 35 6.84 35.54 -16.44
C THR V 35 7.17 35.96 -15.03
N HIS V 36 8.13 36.87 -14.89
CA HIS V 36 8.49 37.41 -13.58
C HIS V 36 7.44 38.32 -12.98
N ASP V 37 6.98 39.31 -13.75
CA ASP V 37 5.92 40.23 -13.30
C ASP V 37 4.65 39.47 -12.88
N GLU V 38 4.27 38.43 -13.65
CA GLU V 38 3.15 37.56 -13.30
C GLU V 38 3.39 36.85 -11.98
N LEU V 39 4.62 36.41 -11.75
CA LEU V 39 4.97 35.73 -10.51
C LEU V 39 4.98 36.71 -9.34
N VAL V 40 5.40 37.95 -9.59
CA VAL V 40 5.34 39.00 -8.60
C VAL V 40 3.85 39.24 -8.27
N ALA V 41 3.02 39.37 -9.31
CA ALA V 41 1.57 39.57 -9.11
C ALA V 41 0.96 38.47 -8.25
N LEU V 42 1.30 37.23 -8.58
CA LEU V 42 0.73 36.06 -7.92
C LEU V 42 1.17 35.88 -6.47
N ILE V 43 2.45 36.13 -6.19
CA ILE V 43 2.99 35.90 -4.86
C ILE V 43 2.47 37.01 -3.95
N GLU V 44 2.43 38.22 -4.50
CA GLU V 44 1.84 39.36 -3.81
C GLU V 44 0.36 39.15 -3.57
N ARG V 45 -0.37 38.63 -4.57
CA ARG V 45 -1.75 38.29 -4.33
C ARG V 45 -1.81 37.28 -3.19
N GLU V 46 -1.33 36.07 -3.45
CA GLU V 46 -1.37 34.97 -2.47
C GLU V 46 -0.99 35.39 -1.05
N ALA V 47 0.10 36.13 -0.91
CA ALA V 47 0.57 36.55 0.41
C ALA V 47 -0.52 37.27 1.20
N ALA V 48 -1.13 38.29 0.57
CA ALA V 48 -2.22 39.07 1.16
C ALA V 48 -3.32 38.19 1.76
N GLU V 49 -3.69 37.12 1.03
CA GLU V 49 -4.70 36.19 1.52
C GLU V 49 -4.24 35.50 2.81
N LEU V 50 -2.95 35.30 2.96
CA LEU V 50 -2.42 34.70 4.18
C LEU V 50 -2.29 35.75 5.27
N GLY V 51 -2.39 37.02 4.88
CA GLY V 51 -2.19 38.14 5.79
C GLY V 51 -0.73 38.47 5.96
N LEU V 52 0.02 38.36 4.88
CA LEU V 52 1.40 38.72 4.93
C LEU V 52 1.69 39.75 3.84
N LYS V 53 2.72 40.59 4.05
CA LYS V 53 3.18 41.50 3.00
C LYS V 53 4.43 40.86 2.41
N ALA V 54 4.43 40.68 1.09
CA ALA V 54 5.55 40.07 0.36
C ALA V 54 6.24 41.10 -0.50
N VAL V 55 7.52 41.32 -0.20
CA VAL V 55 8.36 42.12 -1.03
C VAL V 55 9.19 41.21 -1.92
N VAL V 56 9.23 41.54 -3.19
CA VAL V 56 9.67 40.56 -4.17
C VAL V 56 10.60 41.22 -5.14
N ARG V 57 11.83 40.71 -5.17
CA ARG V 57 12.88 41.31 -6.00
C ARG V 57 13.70 40.27 -6.72
N GLN V 58 14.30 40.68 -7.84
CA GLN V 58 15.16 39.84 -8.64
C GLN V 58 16.35 40.66 -9.01
N SER V 59 17.53 40.04 -8.99
CA SER V 59 18.75 40.66 -9.52
C SER V 59 19.70 39.56 -10.08
N ASP V 60 20.40 39.89 -11.17
CA ASP V 60 21.47 39.04 -11.73
C ASP V 60 22.78 39.31 -10.99
N SER V 61 22.75 40.28 -10.08
CA SER V 61 23.91 40.73 -9.31
C SER V 61 23.98 40.12 -7.92
N GLU V 62 25.19 39.77 -7.51
CA GLU V 62 25.40 39.05 -6.25
C GLU V 62 25.43 40.03 -5.07
N ALA V 63 26.10 41.15 -5.29
CA ALA V 63 26.18 42.23 -4.30
C ALA V 63 24.81 42.76 -3.92
N GLN V 64 23.94 42.84 -4.93
CA GLN V 64 22.54 43.19 -4.69
C GLN V 64 21.84 42.13 -3.83
N LEU V 65 21.82 40.88 -4.30
CA LEU V 65 21.27 39.83 -3.49
C LEU V 65 21.74 39.91 -2.02
N LEU V 66 23.05 39.97 -1.80
CA LEU V 66 23.60 39.98 -0.45
C LEU V 66 23.10 41.21 0.32
N ASP V 67 22.92 42.31 -0.39
CA ASP V 67 22.48 43.57 0.23
C ASP V 67 21.05 43.46 0.74
N TRP V 68 20.17 42.86 -0.07
CA TRP V 68 18.82 42.55 0.40
C TRP V 68 18.82 41.61 1.55
N ILE V 69 19.78 40.68 1.61
CA ILE V 69 19.82 39.71 2.72
C ILE V 69 20.22 40.38 4.02
N HIS V 70 21.21 41.27 3.97
CA HIS V 70 21.60 41.96 5.17
C HIS V 70 20.42 42.67 5.72
N GLN V 71 19.64 43.33 4.85
CA GLN V 71 18.52 44.13 5.29
C GLN V 71 17.45 43.24 5.84
N ALA V 72 17.29 42.10 5.21
CA ALA V 72 16.43 41.07 5.76
C ALA V 72 16.87 40.70 7.18
N ALA V 73 18.17 40.55 7.43
CA ALA V 73 18.69 40.15 8.75
C ALA V 73 18.58 41.23 9.82
N ASP V 74 18.90 42.47 9.44
CA ASP V 74 18.71 43.64 10.30
C ASP V 74 17.27 43.75 10.75
N ALA V 75 16.34 43.60 9.81
CA ALA V 75 14.93 43.83 10.10
C ALA V 75 14.24 42.59 10.68
N ALA V 76 15.02 41.51 10.86
CA ALA V 76 14.55 40.19 11.30
C ALA V 76 13.25 39.70 10.61
N GLU V 77 13.37 39.43 9.31
CA GLU V 77 12.23 39.10 8.47
C GLU V 77 12.47 37.83 7.64
N PRO V 78 11.43 36.98 7.53
CA PRO V 78 11.45 35.76 6.71
C PRO V 78 12.09 35.97 5.34
N VAL V 79 12.75 34.96 4.80
CA VAL V 79 13.29 35.08 3.45
C VAL V 79 13.03 33.82 2.67
N ILE V 80 12.51 34.00 1.45
CA ILE V 80 12.30 32.95 0.49
C ILE V 80 13.24 33.23 -0.65
N LEU V 81 14.18 32.33 -0.83
CA LEU V 81 15.28 32.59 -1.69
C LEU V 81 15.34 31.52 -2.77
N ASN V 82 15.47 31.96 -4.02
CA ASN V 82 15.85 31.11 -5.14
C ASN V 82 17.04 31.76 -5.86
N ALA V 83 18.25 31.37 -5.44
CA ALA V 83 19.48 32.02 -5.87
C ALA V 83 19.98 31.53 -7.24
N GLY V 84 19.11 30.87 -7.99
CA GLY V 84 19.51 30.31 -9.28
C GLY V 84 20.83 29.56 -9.25
N GLY V 85 21.67 29.86 -10.23
CA GLY V 85 22.97 29.19 -10.42
C GLY V 85 23.90 29.38 -9.22
N LEU V 86 23.80 30.52 -8.56
CA LEU V 86 24.55 30.80 -7.32
C LEU V 86 24.36 29.78 -6.18
N THR V 87 23.29 28.99 -6.25
CA THR V 87 23.00 28.00 -5.23
C THR V 87 24.12 27.00 -5.11
N HIS V 88 24.77 26.72 -6.23
CA HIS V 88 25.77 25.66 -6.30
C HIS V 88 27.16 26.19 -6.31
N THR V 89 27.30 27.50 -6.13
CA THR V 89 28.59 28.10 -6.38
C THR V 89 29.01 29.11 -5.34
N SER V 90 28.08 29.61 -4.53
CA SER V 90 28.38 30.81 -3.72
C SER V 90 28.46 30.64 -2.21
N VAL V 91 29.69 30.62 -1.70
CA VAL V 91 29.93 30.64 -0.26
C VAL V 91 29.50 31.99 0.34
N ALA V 92 29.66 33.07 -0.45
CA ALA V 92 29.25 34.41 -0.01
C ALA V 92 27.78 34.46 0.31
N LEU V 93 26.97 34.01 -0.64
CA LEU V 93 25.53 33.94 -0.46
C LEU V 93 25.15 33.18 0.79
N ARG V 94 25.78 32.02 0.99
CA ARG V 94 25.54 31.15 2.14
C ARG V 94 25.81 31.84 3.46
N ASP V 95 26.93 32.54 3.54
CA ASP V 95 27.32 33.21 4.77
C ASP V 95 26.39 34.34 5.11
N ALA V 96 25.93 35.06 4.10
CA ALA V 96 24.98 36.14 4.31
C ALA V 96 23.69 35.59 4.90
N CYS V 97 23.20 34.48 4.37
CA CYS V 97 21.95 33.92 4.85
C CYS V 97 22.09 33.35 6.20
N ALA V 98 23.31 32.98 6.58
CA ALA V 98 23.55 32.34 7.87
C ALA V 98 23.15 33.24 9.06
N GLU V 99 23.14 34.56 8.82
CA GLU V 99 22.76 35.63 9.80
C GLU V 99 21.30 35.61 10.19
N LEU V 100 20.43 35.32 9.24
CA LEU V 100 18.99 35.33 9.45
C LEU V 100 18.53 34.59 10.72
N SER V 101 17.94 35.33 11.66
CA SER V 101 17.26 34.75 12.81
C SER V 101 15.87 34.25 12.38
N ALA V 102 15.20 34.97 11.49
CA ALA V 102 13.95 34.48 10.91
C ALA V 102 14.18 33.21 10.03
N PRO V 103 13.10 32.54 9.60
CA PRO V 103 13.36 31.36 8.78
C PRO V 103 13.81 31.74 7.37
N LEU V 104 14.50 30.82 6.70
CA LEU V 104 14.87 30.98 5.31
C LEU V 104 14.46 29.72 4.56
N ILE V 105 13.68 29.92 3.49
CA ILE V 105 13.22 28.84 2.64
C ILE V 105 13.88 29.00 1.28
N GLU V 106 14.58 27.92 0.89
CA GLU V 106 15.28 27.78 -0.39
C GLU V 106 14.26 27.21 -1.36
N VAL V 107 14.00 27.91 -2.46
CA VAL V 107 13.05 27.45 -3.46
C VAL V 107 13.75 27.22 -4.81
N HIS V 108 13.44 26.08 -5.43
CA HIS V 108 13.76 25.84 -6.83
C HIS V 108 12.54 25.42 -7.61
N ILE V 109 12.27 26.15 -8.68
CA ILE V 109 11.18 25.82 -9.60
C ILE V 109 11.29 24.41 -10.17
N SER V 110 12.44 24.08 -10.74
CA SER V 110 12.67 22.78 -11.38
C SER V 110 13.16 21.78 -10.35
N ASN V 111 13.16 20.50 -10.71
CA ASN V 111 13.78 19.45 -9.87
C ASN V 111 15.26 19.39 -10.16
N VAL V 112 16.07 19.90 -9.22
CA VAL V 112 17.51 19.98 -9.44
C VAL V 112 18.24 18.64 -9.30
N HIS V 113 17.55 17.61 -8.83
CA HIS V 113 18.19 16.33 -8.68
C HIS V 113 18.01 15.47 -9.87
N ALA V 114 17.28 15.98 -10.85
CA ALA V 114 17.00 15.25 -12.08
C ALA V 114 17.73 15.91 -13.22
N ARG V 115 18.84 16.57 -12.89
CA ARG V 115 19.57 17.29 -13.92
C ARG V 115 21.04 16.95 -13.85
N GLU V 116 21.92 17.82 -14.32
CA GLU V 116 23.37 17.58 -14.22
C GLU V 116 23.87 17.41 -12.78
N GLU V 117 24.50 16.28 -12.52
CA GLU V 117 25.07 15.97 -11.22
C GLU V 117 25.42 17.22 -10.42
N PHE V 118 26.08 18.19 -11.05
CA PHE V 118 26.57 19.39 -10.34
C PHE V 118 25.48 20.23 -9.64
N ARG V 119 24.24 20.12 -10.13
CA ARG V 119 23.13 20.90 -9.61
C ARG V 119 22.57 20.32 -8.33
N ARG V 120 23.01 19.11 -7.96
CA ARG V 120 22.46 18.42 -6.79
C ARG V 120 23.05 18.86 -5.46
N HIS V 121 24.18 19.58 -5.54
CA HIS V 121 24.85 20.13 -4.38
C HIS V 121 24.55 21.61 -4.19
N SER V 122 24.27 21.99 -2.94
CA SER V 122 23.86 23.37 -2.60
C SER V 122 24.56 23.90 -1.35
N TYR V 123 25.20 25.06 -1.48
CA TYR V 123 25.84 25.69 -0.32
C TYR V 123 24.79 26.22 0.63
N LEU V 124 23.58 26.42 0.09
CA LEU V 124 22.48 27.02 0.81
C LEU V 124 21.61 26.09 1.66
N SER V 125 21.49 24.84 1.26
CA SER V 125 20.61 23.93 1.97
C SER V 125 20.98 23.81 3.45
N PRO V 126 22.26 23.55 3.75
CA PRO V 126 22.63 23.30 5.16
C PRO V 126 22.26 24.40 6.16
N ILE V 127 22.14 25.65 5.71
CA ILE V 127 21.80 26.79 6.62
C ILE V 127 20.35 27.31 6.50
N ALA V 128 19.62 26.81 5.48
CA ALA V 128 18.15 27.03 5.34
C ALA V 128 17.31 26.36 6.42
N THR V 129 16.07 26.78 6.56
CA THR V 129 15.16 26.01 7.40
C THR V 129 14.68 24.77 6.62
N GLY V 130 14.29 24.98 5.36
CA GLY V 130 13.92 23.89 4.47
C GLY V 130 14.10 24.25 3.00
N VAL V 131 14.07 23.23 2.15
CA VAL V 131 14.26 23.38 0.71
C VAL V 131 13.01 22.83 0.09
N ILE V 132 12.43 23.59 -0.85
CA ILE V 132 11.32 23.11 -1.66
C ILE V 132 11.73 23.05 -3.13
N VAL V 133 11.85 21.84 -3.65
CA VAL V 133 12.37 21.65 -5.00
C VAL V 133 11.40 21.03 -5.98
N GLY V 134 11.35 21.61 -7.17
CA GLY V 134 10.66 20.96 -8.28
C GLY V 134 9.16 21.11 -8.29
N LEU V 135 8.56 21.49 -7.17
CA LEU V 135 7.13 21.74 -7.16
C LEU V 135 6.69 22.94 -8.00
N GLY V 136 7.49 23.35 -8.99
CA GLY V 136 7.13 24.49 -9.86
C GLY V 136 6.99 25.82 -9.14
N ILE V 137 6.54 26.83 -9.89
CA ILE V 137 6.23 28.15 -9.33
C ILE V 137 5.45 28.08 -8.00
N GLN V 138 4.50 27.16 -7.90
CA GLN V 138 3.68 27.04 -6.68
C GLN V 138 4.56 26.85 -5.41
N GLY V 139 5.77 26.36 -5.61
CA GLY V 139 6.75 26.26 -4.50
C GLY V 139 6.90 27.53 -3.67
N TYR V 140 6.84 28.70 -4.33
CA TYR V 140 6.89 29.99 -3.61
C TYR V 140 5.71 30.11 -2.70
N LEU V 141 4.52 29.93 -3.27
CA LEU V 141 3.28 29.99 -2.50
C LEU V 141 3.26 28.99 -1.35
N LEU V 142 3.94 27.85 -1.51
CA LEU V 142 4.02 26.89 -0.42
C LEU V 142 4.96 27.34 0.70
N ALA V 143 6.08 27.97 0.34
CA ALA V 143 6.93 28.64 1.32
C ALA V 143 6.18 29.72 2.11
N LEU V 144 5.39 30.53 1.40
CA LEU V 144 4.50 31.48 2.07
C LEU V 144 3.64 30.82 3.14
N ARG V 145 2.93 29.76 2.76
CA ARG V 145 1.96 29.11 3.64
C ARG V 145 2.59 28.46 4.86
N TYR V 146 3.87 28.09 4.74
CA TYR V 146 4.62 27.59 5.88
C TYR V 146 4.89 28.72 6.83
N LEU V 147 5.38 29.86 6.32
CA LEU V 147 5.64 31.04 7.19
C LEU V 147 4.39 31.42 7.99
N ALA V 148 3.24 31.54 7.32
CA ALA V 148 1.98 31.81 8.02
C ALA V 148 1.79 30.90 9.24
N GLU V 149 1.78 29.58 9.06
CA GLU V 149 1.70 28.67 10.22
C GLU V 149 3.03 28.47 10.93
N HIS V 150 4.06 29.21 10.52
CA HIS V 150 5.45 29.04 11.00
C HIS V 150 6.01 27.66 10.67
N LEU W 10 17.27 -5.34 34.34
CA LEU W 10 18.42 -6.28 34.47
C LEU W 10 18.66 -7.04 33.13
N ILE W 11 17.83 -6.75 32.13
CA ILE W 11 17.72 -7.52 30.87
C ILE W 11 18.67 -7.05 29.76
N VAL W 12 19.44 -7.96 29.18
CA VAL W 12 20.32 -7.65 28.07
C VAL W 12 19.76 -8.22 26.79
N ASN W 13 19.73 -7.40 25.74
CA ASN W 13 19.28 -7.87 24.44
C ASN W 13 20.46 -8.24 23.56
N VAL W 14 20.44 -9.44 23.01
CA VAL W 14 21.47 -9.88 22.08
C VAL W 14 20.83 -10.22 20.74
N ILE W 15 21.22 -9.48 19.71
CA ILE W 15 20.47 -9.52 18.46
C ILE W 15 21.35 -9.80 17.28
N ASN W 16 20.97 -10.78 16.47
CA ASN W 16 21.76 -11.18 15.29
C ASN W 16 21.07 -10.96 13.96
N GLY W 17 21.78 -10.34 13.03
CA GLY W 17 21.16 -9.99 11.76
C GLY W 17 21.27 -11.09 10.73
N PRO W 18 21.10 -10.75 9.47
CA PRO W 18 21.21 -11.66 8.35
C PRO W 18 22.43 -12.59 8.36
N ASN W 19 22.14 -13.88 8.23
CA ASN W 19 23.12 -14.98 8.03
C ASN W 19 23.69 -15.64 9.28
N LEU W 20 23.33 -15.11 10.45
CA LEU W 20 23.87 -15.64 11.69
C LEU W 20 23.17 -16.92 12.17
N GLY W 21 22.10 -17.35 11.50
CA GLY W 21 21.53 -18.68 11.73
C GLY W 21 22.48 -19.76 11.17
N ARG W 22 23.22 -19.38 10.13
CA ARG W 22 24.14 -20.28 9.43
C ARG W 22 25.50 -20.41 10.12
N LEU W 23 25.55 -20.07 11.40
CA LEU W 23 26.79 -20.21 12.16
C LEU W 23 26.99 -21.68 12.51
N GLY W 24 28.26 -22.10 12.47
CA GLY W 24 28.62 -23.50 12.62
C GLY W 24 28.50 -24.24 11.32
N ARG W 25 27.70 -23.70 10.40
CA ARG W 25 27.31 -24.37 9.16
C ARG W 25 28.00 -23.82 7.89
N ARG W 26 28.53 -22.59 7.96
CA ARG W 26 29.22 -21.94 6.83
C ARG W 26 30.75 -22.17 6.95
N GLU W 27 31.58 -21.38 6.24
CA GLU W 27 33.06 -21.52 6.29
C GLU W 27 33.64 -21.45 7.71
N PRO W 28 34.36 -22.48 8.14
CA PRO W 28 34.78 -22.50 9.53
C PRO W 28 36.04 -21.69 9.77
N ALA W 29 36.67 -21.23 8.69
CA ALA W 29 37.99 -20.59 8.73
C ALA W 29 38.34 -19.78 10.00
N VAL W 30 37.65 -18.70 10.43
CA VAL W 30 36.78 -17.65 9.76
C VAL W 30 35.59 -17.17 10.63
N TYR W 31 34.70 -18.08 11.02
CA TYR W 31 33.53 -17.76 11.85
C TYR W 31 33.31 -18.80 12.98
N GLY W 32 34.40 -19.32 13.55
CA GLY W 32 34.30 -20.40 14.53
C GLY W 32 33.75 -21.70 13.95
N GLY W 33 33.20 -22.55 14.80
CA GLY W 33 32.63 -23.85 14.41
C GLY W 33 31.44 -24.25 15.27
N THR W 34 31.05 -23.35 16.17
CA THR W 34 29.87 -23.49 17.03
C THR W 34 28.61 -22.92 16.33
N THR W 35 27.53 -23.71 16.26
CA THR W 35 26.27 -23.25 15.62
C THR W 35 25.55 -22.22 16.48
N HIS W 36 24.47 -21.65 15.95
CA HIS W 36 23.77 -20.57 16.63
C HIS W 36 23.13 -20.94 17.95
N ASP W 37 22.57 -22.14 18.04
CA ASP W 37 21.84 -22.57 19.23
C ASP W 37 22.81 -22.84 20.39
N GLU W 38 23.97 -23.42 20.02
CA GLU W 38 25.10 -23.55 20.93
C GLU W 38 25.57 -22.17 21.41
N LEU W 39 25.57 -21.19 20.49
CA LEU W 39 25.91 -19.80 20.84
C LEU W 39 24.92 -19.19 21.82
N VAL W 40 23.62 -19.36 21.54
CA VAL W 40 22.56 -18.91 22.43
C VAL W 40 22.77 -19.48 23.82
N ALA W 41 23.11 -20.78 23.87
CA ALA W 41 23.45 -21.50 25.11
C ALA W 41 24.56 -20.83 25.93
N LEU W 42 25.76 -20.74 25.34
CA LEU W 42 26.93 -20.12 25.99
C LEU W 42 26.63 -18.72 26.53
N ILE W 43 25.83 -17.95 25.77
CA ILE W 43 25.48 -16.57 26.11
C ILE W 43 24.65 -16.49 27.41
N GLU W 44 23.56 -17.25 27.51
CA GLU W 44 22.73 -17.19 28.72
C GLU W 44 23.40 -17.85 29.91
N ARG W 45 24.16 -18.89 29.60
CA ARG W 45 25.03 -19.58 30.56
C ARG W 45 25.92 -18.53 31.26
N GLU W 46 26.88 -17.95 30.54
CA GLU W 46 27.71 -16.85 31.07
C GLU W 46 26.88 -15.68 31.62
N ALA W 47 25.78 -15.35 30.96
CA ALA W 47 24.85 -14.28 31.41
C ALA W 47 24.42 -14.46 32.85
N ALA W 48 23.86 -15.63 33.14
CA ALA W 48 23.36 -15.96 34.47
C ALA W 48 24.49 -15.94 35.50
N GLU W 49 25.68 -16.39 35.11
CA GLU W 49 26.86 -16.34 35.98
C GLU W 49 27.28 -14.91 36.31
N LEU W 50 26.93 -13.97 35.43
CA LEU W 50 27.21 -12.56 35.64
C LEU W 50 26.01 -11.87 36.29
N GLY W 51 24.94 -12.63 36.47
CA GLY W 51 23.75 -12.14 37.14
C GLY W 51 22.97 -11.13 36.31
N LEU W 52 22.73 -11.47 35.05
CA LEU W 52 21.78 -10.73 34.22
C LEU W 52 21.07 -11.65 33.24
N LYS W 53 19.82 -11.34 32.92
CA LYS W 53 19.10 -12.14 31.95
C LYS W 53 19.37 -11.61 30.53
N ALA W 54 19.79 -12.50 29.63
CA ALA W 54 20.12 -12.15 28.23
C ALA W 54 19.13 -12.77 27.26
N VAL W 55 18.65 -11.99 26.30
CA VAL W 55 17.61 -12.43 25.37
C VAL W 55 18.11 -12.49 23.92
N VAL W 56 18.81 -13.57 23.59
CA VAL W 56 19.35 -13.80 22.22
C VAL W 56 18.27 -14.01 21.16
N ARG W 57 18.50 -13.51 19.95
CA ARG W 57 17.52 -13.54 18.86
C ARG W 57 18.26 -13.36 17.55
N GLN W 58 17.96 -14.21 16.57
CA GLN W 58 18.45 -14.03 15.21
C GLN W 58 17.28 -13.85 14.25
N SER W 59 17.38 -12.87 13.35
CA SER W 59 16.47 -12.72 12.22
C SER W 59 17.24 -12.27 10.97
N ASP W 60 16.73 -12.62 9.81
CA ASP W 60 17.33 -12.15 8.57
C ASP W 60 16.59 -10.92 8.08
N SER W 61 15.57 -10.49 8.81
CA SER W 61 14.72 -9.40 8.32
C SER W 61 15.02 -8.02 8.94
N GLU W 62 15.38 -7.05 8.07
CA GLU W 62 15.63 -5.66 8.52
C GLU W 62 14.46 -5.21 9.41
N ALA W 63 13.23 -5.28 8.89
CA ALA W 63 12.03 -4.90 9.68
C ALA W 63 11.98 -5.56 11.06
N GLN W 64 12.34 -6.84 11.13
CA GLN W 64 12.24 -7.58 12.37
C GLN W 64 13.24 -7.03 13.36
N LEU W 65 14.49 -6.91 12.93
CA LEU W 65 15.55 -6.31 13.75
C LEU W 65 15.14 -4.96 14.32
N LEU W 66 14.57 -4.11 13.49
CA LEU W 66 14.12 -2.79 13.93
C LEU W 66 13.19 -2.87 15.11
N ASP W 67 12.18 -3.74 15.02
CA ASP W 67 11.20 -3.99 16.09
C ASP W 67 11.84 -4.34 17.46
N TRP W 68 12.79 -5.28 17.48
CA TRP W 68 13.50 -5.59 18.71
C TRP W 68 14.29 -4.41 19.22
N ILE W 69 14.90 -3.65 18.32
CA ILE W 69 15.61 -2.44 18.72
C ILE W 69 14.64 -1.46 19.36
N HIS W 70 13.47 -1.31 18.74
CA HIS W 70 12.46 -0.36 19.22
C HIS W 70 12.04 -0.63 20.64
N GLN W 71 11.81 -1.90 20.93
CA GLN W 71 11.37 -2.36 22.23
C GLN W 71 12.46 -2.19 23.29
N ALA W 72 13.70 -2.43 22.91
CA ALA W 72 14.81 -2.16 23.82
C ALA W 72 14.88 -0.68 24.21
N ALA W 73 14.79 0.20 23.22
CA ALA W 73 14.83 1.62 23.49
C ALA W 73 13.65 1.93 24.41
N ASP W 74 12.43 1.57 23.98
CA ASP W 74 11.20 1.62 24.78
C ASP W 74 11.36 1.22 26.26
N ALA W 75 12.13 0.18 26.52
CA ALA W 75 12.29 -0.32 27.88
C ALA W 75 13.74 -0.20 28.42
N ALA W 76 14.43 0.86 28.00
CA ALA W 76 15.75 1.28 28.53
C ALA W 76 16.72 0.15 28.88
N GLU W 77 17.02 -0.70 27.92
CA GLU W 77 17.86 -1.84 28.21
C GLU W 77 18.99 -1.98 27.20
N PRO W 78 20.12 -2.55 27.63
CA PRO W 78 21.29 -2.79 26.81
C PRO W 78 21.01 -3.65 25.60
N VAL W 79 21.72 -3.36 24.51
CA VAL W 79 21.74 -4.20 23.33
C VAL W 79 23.18 -4.57 22.98
N ILE W 80 23.37 -5.80 22.55
CA ILE W 80 24.57 -6.26 21.90
C ILE W 80 24.15 -6.68 20.49
N LEU W 81 24.68 -5.99 19.49
CA LEU W 81 24.18 -6.17 18.13
C LEU W 81 25.24 -6.67 17.17
N ASN W 82 25.01 -7.82 16.55
CA ASN W 82 25.80 -8.15 15.36
C ASN W 82 24.91 -8.09 14.12
N ALA W 83 24.88 -6.95 13.44
CA ALA W 83 23.96 -6.83 12.33
C ALA W 83 24.41 -7.71 11.18
N GLY W 84 25.58 -8.32 11.31
CA GLY W 84 26.19 -8.96 10.16
C GLY W 84 26.13 -8.00 8.95
N GLY W 85 25.73 -8.52 7.79
CA GLY W 85 25.73 -7.77 6.53
C GLY W 85 25.08 -6.41 6.57
N LEU W 86 24.01 -6.27 7.35
CA LEU W 86 23.25 -5.03 7.37
C LEU W 86 24.07 -3.86 7.87
N THR W 87 25.16 -4.22 8.55
CA THR W 87 26.11 -3.30 9.17
C THR W 87 26.67 -2.25 8.22
N HIS W 88 26.90 -2.62 6.96
CA HIS W 88 27.58 -1.69 6.08
C HIS W 88 26.65 -1.01 5.12
N THR W 89 25.34 -1.14 5.32
CA THR W 89 24.42 -0.61 4.31
C THR W 89 23.20 0.04 4.93
N SER W 90 22.78 -0.47 6.08
CA SER W 90 21.48 -0.10 6.58
C SER W 90 21.48 1.20 7.40
N VAL W 91 21.01 2.26 6.76
CA VAL W 91 20.87 3.55 7.42
C VAL W 91 19.65 3.52 8.34
N ALA W 92 18.60 2.81 7.92
CA ALA W 92 17.37 2.62 8.72
C ALA W 92 17.64 2.01 10.09
N LEU W 93 18.39 0.91 10.10
CA LEU W 93 18.79 0.23 11.33
C LEU W 93 19.57 1.16 12.31
N ARG W 94 20.54 1.88 11.76
CA ARG W 94 21.33 2.90 12.46
C ARG W 94 20.49 3.92 13.25
N ASP W 95 19.49 4.46 12.57
CA ASP W 95 18.57 5.46 13.10
C ASP W 95 17.77 4.95 14.29
N ALA W 96 17.55 3.63 14.32
CA ALA W 96 16.84 2.99 15.41
C ALA W 96 17.76 2.74 16.62
N CYS W 97 18.97 2.22 16.37
CA CYS W 97 19.94 2.02 17.45
C CYS W 97 20.26 3.36 18.10
N ALA W 98 20.15 4.43 17.32
CA ALA W 98 20.37 5.80 17.77
C ALA W 98 19.34 6.25 18.79
N GLU W 99 18.24 5.51 18.94
CA GLU W 99 17.25 5.88 19.95
C GLU W 99 17.54 5.27 21.34
N LEU W 100 18.37 4.22 21.38
CA LEU W 100 18.69 3.53 22.65
C LEU W 100 19.36 4.40 23.69
N SER W 101 18.69 4.64 24.81
CA SER W 101 19.33 5.33 25.95
C SER W 101 20.44 4.51 26.60
N ALA W 102 20.26 3.20 26.76
CA ALA W 102 21.30 2.34 27.37
C ALA W 102 22.61 2.25 26.52
N PRO W 103 23.60 1.45 26.94
CA PRO W 103 24.74 1.29 26.00
C PRO W 103 24.37 0.44 24.80
N LEU W 104 25.28 0.33 23.86
CA LEU W 104 25.08 -0.51 22.67
C LEU W 104 26.43 -1.04 22.24
N ILE W 105 26.59 -2.35 22.24
CA ILE W 105 27.84 -2.90 21.76
C ILE W 105 27.69 -3.55 20.37
N GLU W 106 28.51 -3.11 19.43
CA GLU W 106 28.56 -3.71 18.12
C GLU W 106 29.57 -4.84 18.19
N VAL W 107 29.16 -6.04 17.76
CA VAL W 107 30.05 -7.21 17.71
C VAL W 107 30.12 -7.85 16.31
N HIS W 108 31.30 -8.37 15.97
CA HIS W 108 31.53 -9.10 14.72
C HIS W 108 32.46 -10.22 15.03
N ILE W 109 32.09 -11.43 14.62
CA ILE W 109 32.87 -12.62 14.92
C ILE W 109 34.24 -12.61 14.23
N SER W 110 34.26 -12.34 12.92
CA SER W 110 35.54 -12.21 12.20
C SER W 110 36.16 -10.81 12.34
N ASN W 111 37.37 -10.64 11.81
CA ASN W 111 38.01 -9.34 11.73
C ASN W 111 37.67 -8.66 10.41
N VAL W 112 36.64 -7.81 10.41
CA VAL W 112 36.20 -7.08 9.20
C VAL W 112 37.32 -6.34 8.45
N HIS W 113 38.29 -5.87 9.22
CA HIS W 113 39.37 -5.08 8.66
C HIS W 113 40.39 -5.91 7.94
N ALA W 114 40.31 -7.24 8.10
CA ALA W 114 41.23 -8.16 7.44
C ALA W 114 40.69 -8.73 6.09
N ARG W 115 39.60 -8.19 5.59
CA ARG W 115 38.90 -8.80 4.46
C ARG W 115 38.69 -7.82 3.30
N GLU W 116 37.50 -7.80 2.73
CA GLU W 116 37.19 -6.88 1.64
C GLU W 116 37.15 -5.41 2.11
N GLU W 117 37.66 -4.52 1.26
CA GLU W 117 37.71 -3.09 1.52
C GLU W 117 36.36 -2.53 2.01
N PHE W 118 35.27 -2.96 1.41
CA PHE W 118 33.95 -2.38 1.71
C PHE W 118 33.41 -2.73 3.10
N ARG W 119 34.00 -3.74 3.74
CA ARG W 119 33.55 -4.21 5.06
C ARG W 119 34.12 -3.38 6.22
N ARG W 120 35.12 -2.55 5.92
CA ARG W 120 35.80 -1.79 6.98
C ARG W 120 34.99 -0.59 7.45
N HIS W 121 33.87 -0.34 6.79
CA HIS W 121 33.01 0.76 7.17
C HIS W 121 31.74 0.22 7.74
N SER W 122 31.25 0.92 8.76
CA SER W 122 30.04 0.51 9.45
C SER W 122 29.17 1.74 9.82
N TYR W 123 27.91 1.74 9.41
CA TYR W 123 27.01 2.83 9.74
C TYR W 123 26.66 2.84 11.25
N LEU W 124 26.98 1.75 11.96
CA LEU W 124 26.62 1.60 13.37
C LEU W 124 27.68 2.14 14.31
N SER W 125 28.93 1.81 14.01
CA SER W 125 30.09 2.18 14.84
C SER W 125 30.03 3.56 15.48
N PRO W 126 29.72 4.61 14.70
CA PRO W 126 29.66 5.96 15.27
C PRO W 126 28.62 6.15 16.37
N ILE W 127 27.46 5.51 16.24
CA ILE W 127 26.43 5.67 17.28
C ILE W 127 26.39 4.51 18.26
N ALA W 128 27.45 3.70 18.28
CA ALA W 128 27.59 2.61 19.26
C ALA W 128 28.48 3.04 20.45
N THR W 129 28.23 2.50 21.65
CA THR W 129 29.14 2.75 22.80
C THR W 129 30.55 2.23 22.49
N GLY W 130 30.65 0.98 22.05
CA GLY W 130 31.91 0.37 21.65
C GLY W 130 31.66 -0.65 20.57
N VAL W 131 32.74 -1.31 20.14
CA VAL W 131 32.72 -2.24 19.02
C VAL W 131 33.80 -3.27 19.29
N ILE W 132 33.47 -4.55 19.10
CA ILE W 132 34.45 -5.61 19.25
C ILE W 132 34.45 -6.37 17.94
N VAL W 133 35.62 -6.77 17.47
CA VAL W 133 35.76 -7.36 16.15
C VAL W 133 36.83 -8.45 16.20
N GLY W 134 36.70 -9.49 15.38
CA GLY W 134 37.75 -10.52 15.30
C GLY W 134 38.02 -11.44 16.48
N LEU W 135 37.36 -11.22 17.61
CA LEU W 135 37.63 -12.00 18.80
C LEU W 135 36.86 -13.30 18.81
N GLY W 136 36.02 -13.53 17.80
CA GLY W 136 35.27 -14.77 17.67
C GLY W 136 33.98 -14.74 18.46
N ILE W 137 33.28 -15.89 18.46
CA ILE W 137 32.05 -16.11 19.23
C ILE W 137 32.15 -15.62 20.66
N GLN W 138 33.33 -15.77 21.24
CA GLN W 138 33.64 -15.31 22.60
C GLN W 138 33.43 -13.81 22.73
N GLY W 139 33.54 -13.09 21.61
CA GLY W 139 33.38 -11.65 21.59
C GLY W 139 32.11 -11.23 22.28
N TYR W 140 31.03 -11.97 21.99
CA TYR W 140 29.73 -11.77 22.63
C TYR W 140 29.85 -11.69 24.16
N LEU W 141 30.60 -12.64 24.70
CA LEU W 141 30.68 -12.83 26.14
C LEU W 141 31.35 -11.65 26.78
N LEU W 142 32.47 -11.23 26.19
CA LEU W 142 33.20 -10.04 26.62
C LEU W 142 32.32 -8.78 26.75
N ALA W 143 31.38 -8.60 25.82
CA ALA W 143 30.45 -7.47 25.85
C ALA W 143 29.54 -7.51 27.08
N LEU W 144 29.03 -8.71 27.37
CA LEU W 144 28.23 -8.92 28.57
C LEU W 144 29.03 -8.40 29.76
N ARG W 145 30.23 -8.95 29.89
CA ARG W 145 31.14 -8.63 30.98
C ARG W 145 31.18 -7.12 31.19
N TYR W 146 31.29 -6.36 30.11
CA TYR W 146 31.24 -4.88 30.19
C TYR W 146 29.88 -4.37 30.70
N LEU W 147 28.80 -4.82 30.07
CA LEU W 147 27.47 -4.31 30.40
C LEU W 147 27.12 -4.58 31.84
N ALA W 148 27.84 -5.51 32.46
CA ALA W 148 27.65 -5.85 33.86
C ALA W 148 27.92 -4.67 34.81
N GLU W 149 28.64 -3.65 34.34
CA GLU W 149 28.93 -2.49 35.17
C GLU W 149 28.65 -1.18 34.47
N HIS W 150 28.44 -1.25 33.16
CA HIS W 150 28.38 -0.08 32.25
C HIS W 150 29.75 0.54 32.02
N LEU X 1 2.15 7.36 -21.74
CA LEU X 1 0.67 7.35 -21.53
C LEU X 1 0.29 6.17 -20.65
N TYR X 2 -0.84 6.30 -19.96
CA TYR X 2 -1.26 5.34 -18.94
C TYR X 2 -2.73 5.61 -18.61
N PHE X 3 -3.42 4.58 -18.14
CA PHE X 3 -4.84 4.69 -17.79
C PHE X 3 -5.01 5.26 -16.40
N GLN X 4 -5.85 6.27 -16.26
CA GLN X 4 -6.22 6.81 -14.95
C GLN X 4 -7.73 6.76 -14.87
N SER X 5 -8.30 6.81 -13.67
CA SER X 5 -9.76 6.89 -13.53
C SER X 5 -10.04 8.26 -12.96
N HIS X 6 -11.25 8.78 -13.18
CA HIS X 6 -11.62 10.16 -12.78
C HIS X 6 -11.48 10.36 -11.30
N MET X 7 -11.33 9.25 -10.60
CA MET X 7 -11.43 9.19 -9.18
C MET X 7 -10.03 8.95 -8.60
N SER X 8 -9.04 8.82 -9.47
CA SER X 8 -7.71 8.40 -9.03
C SER X 8 -6.74 9.52 -8.75
N GLU X 9 -6.86 10.65 -9.45
CA GLU X 9 -5.99 11.79 -9.13
C GLU X 9 -6.36 12.50 -7.83
N LEU X 10 -7.38 11.99 -7.12
CA LEU X 10 -7.85 12.59 -5.87
C LEU X 10 -7.52 11.72 -4.66
N ILE X 11 -7.21 10.45 -4.92
CA ILE X 11 -6.67 9.56 -3.89
C ILE X 11 -5.14 9.73 -3.79
N VAL X 12 -4.68 10.12 -2.59
CA VAL X 12 -3.31 10.40 -2.35
C VAL X 12 -2.82 9.36 -1.38
N ASN X 13 -1.69 8.76 -1.68
CA ASN X 13 -1.07 7.81 -0.77
C ASN X 13 0.05 8.51 -0.04
N VAL X 14 0.01 8.46 1.28
CA VAL X 14 1.05 9.06 2.08
C VAL X 14 1.70 7.90 2.79
N ILE X 15 2.92 7.58 2.38
CA ILE X 15 3.61 6.35 2.80
C ILE X 15 4.79 6.71 3.67
N ASN X 16 4.83 6.16 4.87
CA ASN X 16 5.98 6.34 5.73
C ASN X 16 6.84 5.09 5.85
N GLY X 17 8.15 5.30 5.77
CA GLY X 17 9.14 4.26 5.81
C GLY X 17 9.67 3.99 7.22
N PRO X 18 10.77 3.19 7.33
CA PRO X 18 11.18 2.64 8.60
C PRO X 18 11.47 3.72 9.60
N ASN X 19 11.19 3.40 10.87
CA ASN X 19 11.33 4.31 12.03
C ASN X 19 10.22 5.38 12.19
N LEU X 20 9.47 5.67 11.12
CA LEU X 20 8.44 6.70 11.18
C LEU X 20 7.31 6.35 12.10
N GLY X 21 7.10 5.07 12.35
CA GLY X 21 6.14 4.64 13.34
C GLY X 21 6.42 5.33 14.66
N ARG X 22 7.68 5.66 14.88
CA ARG X 22 8.13 6.13 16.19
C ARG X 22 8.19 7.63 16.39
N LEU X 23 7.39 8.35 15.61
CA LEU X 23 7.21 9.80 15.69
C LEU X 23 6.77 10.25 17.07
N GLY X 24 7.13 11.48 17.44
CA GLY X 24 6.62 12.11 18.66
C GLY X 24 7.58 13.01 19.42
N ARG X 25 7.67 12.85 20.75
CA ARG X 25 7.10 11.74 21.51
C ARG X 25 6.94 10.46 20.66
N ARG X 26 8.02 9.69 20.51
CA ARG X 26 9.09 9.65 21.50
C ARG X 26 10.51 10.02 21.02
N GLU X 27 10.65 11.18 20.36
CA GLU X 27 11.97 11.68 19.91
C GLU X 27 12.33 13.11 20.50
N PRO X 28 12.70 14.13 19.68
CA PRO X 28 13.07 14.22 18.27
C PRO X 28 14.49 13.61 18.01
N ALA X 29 15.60 14.36 18.02
CA ALA X 29 15.70 15.80 18.24
C ALA X 29 15.88 16.57 16.91
N VAL X 30 15.27 16.04 15.85
CA VAL X 30 15.15 16.73 14.57
C VAL X 30 13.76 16.55 13.94
N TYR X 31 12.96 15.64 14.49
CA TYR X 31 11.65 15.31 13.90
C TYR X 31 10.49 15.62 14.83
N GLY X 32 9.64 16.57 14.44
CA GLY X 32 8.34 16.82 15.08
C GLY X 32 8.25 16.70 16.60
N GLY X 33 7.02 16.65 17.09
CA GLY X 33 6.72 16.49 18.53
C GLY X 33 5.40 15.76 18.68
N THR X 34 4.72 15.61 17.54
CA THR X 34 3.45 14.92 17.41
C THR X 34 3.72 13.48 16.95
N THR X 35 2.89 12.54 17.42
CA THR X 35 3.05 11.10 17.15
C THR X 35 2.45 10.69 15.81
N HIS X 36 2.74 9.47 15.38
CA HIS X 36 2.28 9.04 14.08
C HIS X 36 0.78 9.09 13.97
N ASP X 37 0.11 8.81 15.08
CA ASP X 37 -1.34 8.68 15.09
C ASP X 37 -2.13 9.96 14.81
N GLU X 38 -1.75 11.09 15.40
CA GLU X 38 -2.40 12.36 15.03
C GLU X 38 -1.85 12.91 13.71
N LEU X 39 -0.65 12.48 13.33
CA LEU X 39 -0.12 12.85 12.01
C LEU X 39 -1.08 12.36 10.94
N VAL X 40 -1.46 11.09 11.03
CA VAL X 40 -2.52 10.53 10.22
C VAL X 40 -3.80 11.36 10.29
N ALA X 41 -4.32 11.54 11.50
CA ALA X 41 -5.52 12.33 11.71
C ALA X 41 -5.42 13.69 11.07
N LEU X 42 -4.25 14.31 11.20
CA LEU X 42 -3.98 15.63 10.61
C LEU X 42 -3.95 15.61 9.08
N ILE X 43 -3.28 14.60 8.53
CA ILE X 43 -3.18 14.43 7.09
C ILE X 43 -4.57 14.18 6.46
N GLU X 44 -5.32 13.23 7.04
CA GLU X 44 -6.71 12.98 6.62
C GLU X 44 -7.52 14.26 6.63
N ARG X 45 -7.45 15.00 7.75
CA ARG X 45 -8.24 16.21 7.95
C ARG X 45 -7.95 17.25 6.88
N GLU X 46 -6.68 17.46 6.56
CA GLU X 46 -6.24 18.47 5.59
C GLU X 46 -6.57 18.06 4.14
N ALA X 47 -6.27 16.82 3.80
CA ALA X 47 -6.63 16.28 2.49
C ALA X 47 -8.11 16.56 2.22
N ALA X 48 -8.93 16.30 3.24
CA ALA X 48 -10.38 16.47 3.15
C ALA X 48 -10.77 17.91 2.80
N GLU X 49 -10.11 18.88 3.45
CA GLU X 49 -10.37 20.29 3.20
C GLU X 49 -9.86 20.74 1.84
N LEU X 50 -8.94 19.98 1.27
CA LEU X 50 -8.40 20.33 -0.04
C LEU X 50 -9.17 19.63 -1.16
N GLY X 51 -10.03 18.71 -0.76
CA GLY X 51 -10.83 17.96 -1.70
C GLY X 51 -10.11 16.71 -2.16
N LEU X 52 -9.41 16.07 -1.24
CA LEU X 52 -8.61 14.89 -1.57
C LEU X 52 -8.92 13.87 -0.51
N LYS X 53 -8.71 12.60 -0.82
CA LYS X 53 -8.83 11.54 0.15
C LYS X 53 -7.43 11.02 0.28
N ALA X 54 -7.00 10.82 1.51
CA ALA X 54 -5.64 10.44 1.74
C ALA X 54 -5.63 9.16 2.53
N VAL X 55 -5.02 8.14 1.97
CA VAL X 55 -4.71 6.93 2.72
C VAL X 55 -3.33 7.14 3.29
N VAL X 56 -3.21 7.12 4.62
CA VAL X 56 -1.91 7.23 5.29
C VAL X 56 -1.46 5.89 5.82
N ARG X 57 -0.23 5.51 5.51
CA ARG X 57 0.22 4.15 5.78
C ARG X 57 1.71 4.08 6.06
N GLN X 58 2.06 3.39 7.13
CA GLN X 58 3.41 3.40 7.60
C GLN X 58 3.86 1.98 7.78
N SER X 59 5.12 1.71 7.46
CA SER X 59 5.67 0.39 7.67
C SER X 59 7.19 0.45 7.77
N ASP X 60 7.78 -0.52 8.46
CA ASP X 60 9.23 -0.59 8.62
C ASP X 60 9.89 -1.64 7.74
N SER X 61 9.14 -2.20 6.77
CA SER X 61 9.63 -3.29 5.94
C SER X 61 9.67 -2.89 4.49
N GLU X 62 10.83 -3.04 3.84
CA GLU X 62 10.99 -2.66 2.42
C GLU X 62 9.98 -3.31 1.47
N ALA X 63 9.64 -4.58 1.70
CA ALA X 63 8.72 -5.30 0.85
C ALA X 63 7.28 -4.76 0.95
N GLN X 64 6.83 -4.42 2.16
CA GLN X 64 5.53 -3.76 2.33
C GLN X 64 5.43 -2.42 1.59
N LEU X 65 6.45 -1.59 1.75
CA LEU X 65 6.49 -0.31 1.07
C LEU X 65 6.57 -0.47 -0.45
N LEU X 66 7.26 -1.52 -0.91
CA LEU X 66 7.33 -1.80 -2.34
C LEU X 66 5.97 -2.14 -2.88
N ASP X 67 5.29 -3.02 -2.16
CA ASP X 67 3.94 -3.40 -2.47
C ASP X 67 3.02 -2.20 -2.59
N TRP X 68 2.92 -1.38 -1.54
CA TRP X 68 2.12 -0.13 -1.60
C TRP X 68 2.44 0.75 -2.79
N ILE X 69 3.73 0.99 -3.05
CA ILE X 69 4.14 1.64 -4.29
C ILE X 69 3.51 0.96 -5.54
N HIS X 70 3.62 -0.37 -5.61
CA HIS X 70 3.12 -1.09 -6.79
C HIS X 70 1.69 -0.79 -7.11
N GLN X 71 0.84 -0.84 -6.09
CA GLN X 71 -0.57 -0.56 -6.27
C GLN X 71 -0.84 0.88 -6.64
N ALA X 72 -0.14 1.81 -6.00
CA ALA X 72 -0.19 3.22 -6.41
C ALA X 72 0.14 3.43 -7.89
N ALA X 73 1.06 2.60 -8.40
CA ALA X 73 1.45 2.65 -9.82
C ALA X 73 0.31 2.19 -10.75
N ASP X 74 -0.31 1.08 -10.38
CA ASP X 74 -1.38 0.50 -11.15
C ASP X 74 -2.62 1.37 -11.03
N ALA X 75 -2.96 1.75 -9.81
CA ALA X 75 -4.12 2.57 -9.57
C ALA X 75 -3.96 3.94 -10.25
N ALA X 76 -2.70 4.29 -10.55
CA ALA X 76 -2.30 5.65 -10.94
C ALA X 76 -2.71 6.72 -9.92
N GLU X 77 -2.53 6.42 -8.64
CA GLU X 77 -2.76 7.40 -7.59
C GLU X 77 -1.48 8.17 -7.30
N PRO X 78 -1.60 9.47 -6.99
CA PRO X 78 -0.47 10.23 -6.47
C PRO X 78 0.09 9.56 -5.22
N VAL X 79 1.40 9.73 -5.00
CA VAL X 79 2.07 9.26 -3.78
C VAL X 79 2.83 10.40 -3.13
N ILE X 80 2.82 10.45 -1.80
CA ILE X 80 3.67 11.33 -1.04
C ILE X 80 4.55 10.38 -0.25
N LEU X 81 5.86 10.40 -0.47
CA LEU X 81 6.73 9.39 0.12
C LEU X 81 7.75 9.92 1.08
N ASN X 82 7.77 9.33 2.28
CA ASN X 82 8.83 9.59 3.25
C ASN X 82 9.53 8.31 3.62
N ALA X 83 10.54 7.96 2.84
CA ALA X 83 11.12 6.61 2.90
C ALA X 83 12.05 6.31 4.07
N GLY X 84 12.25 7.29 4.95
CA GLY X 84 13.15 7.10 6.07
C GLY X 84 14.60 6.93 5.62
N GLY X 85 15.31 5.99 6.27
CA GLY X 85 16.66 5.64 5.88
C GLY X 85 16.79 5.07 4.47
N LEU X 86 15.72 4.50 3.94
CA LEU X 86 15.86 3.74 2.70
C LEU X 86 16.21 4.64 1.51
N THR X 87 15.88 5.91 1.69
CA THR X 87 16.11 6.99 0.73
C THR X 87 17.53 7.07 0.26
N HIS X 88 18.43 6.70 1.18
CA HIS X 88 19.88 6.85 1.04
C HIS X 88 20.52 5.56 0.59
N THR X 89 19.74 4.47 0.56
CA THR X 89 20.31 3.13 0.40
C THR X 89 19.70 2.22 -0.71
N SER X 90 18.38 2.27 -0.84
CA SER X 90 17.59 1.28 -1.60
C SER X 90 17.37 1.59 -3.09
N VAL X 91 17.92 0.73 -3.95
CA VAL X 91 17.73 0.91 -5.39
C VAL X 91 16.40 0.31 -5.81
N ALA X 92 16.01 -0.75 -5.11
CA ALA X 92 14.75 -1.42 -5.37
C ALA X 92 13.60 -0.43 -5.17
N LEU X 93 13.54 0.18 -4.00
CA LEU X 93 12.51 1.17 -3.76
C LEU X 93 12.55 2.30 -4.80
N ARG X 94 13.73 2.64 -5.30
CA ARG X 94 13.85 3.62 -6.37
C ARG X 94 13.15 3.18 -7.65
N ASP X 95 13.44 1.96 -8.10
CA ASP X 95 12.90 1.44 -9.37
C ASP X 95 11.38 1.34 -9.35
N ALA X 96 10.82 0.99 -8.18
CA ALA X 96 9.37 0.90 -7.98
C ALA X 96 8.75 2.27 -8.08
N CYS X 97 9.36 3.26 -7.45
CA CYS X 97 8.89 4.60 -7.60
C CYS X 97 9.04 5.06 -9.04
N ALA X 98 10.11 4.63 -9.71
CA ALA X 98 10.29 5.02 -11.09
C ALA X 98 9.14 4.61 -12.01
N GLU X 99 8.39 3.56 -11.68
CA GLU X 99 7.26 3.17 -12.55
C GLU X 99 5.99 3.98 -12.35
N LEU X 100 5.91 4.76 -11.27
CA LEU X 100 4.75 5.61 -10.96
C LEU X 100 4.47 6.61 -12.06
N SER X 101 3.19 6.83 -12.36
CA SER X 101 2.84 7.80 -13.40
C SER X 101 2.31 9.12 -12.83
N ALA X 102 1.36 9.04 -11.90
CA ALA X 102 0.87 10.23 -11.19
C ALA X 102 2.03 10.93 -10.45
N PRO X 103 1.87 12.19 -10.02
CA PRO X 103 3.04 12.79 -9.37
C PRO X 103 3.55 11.98 -8.17
N LEU X 104 4.82 12.12 -7.83
CA LEU X 104 5.37 11.54 -6.61
C LEU X 104 6.22 12.59 -5.88
N ILE X 105 6.01 12.72 -4.59
CA ILE X 105 6.60 13.80 -3.82
C ILE X 105 7.32 13.32 -2.56
N GLU X 106 8.65 13.47 -2.56
CA GLU X 106 9.47 13.06 -1.44
C GLU X 106 9.36 14.07 -0.32
N VAL X 107 9.23 13.58 0.90
CA VAL X 107 9.11 14.45 2.06
C VAL X 107 10.10 14.02 3.12
N HIS X 108 10.65 15.01 3.83
CA HIS X 108 11.46 14.75 5.01
C HIS X 108 11.13 15.80 6.04
N ILE X 109 10.71 15.37 7.23
CA ILE X 109 10.43 16.30 8.35
C ILE X 109 11.64 17.16 8.68
N SER X 110 12.81 16.52 8.79
CA SER X 110 14.09 17.17 9.09
C SER X 110 14.78 17.69 7.82
N ASN X 111 15.70 18.62 8.01
CA ASN X 111 16.53 19.13 6.93
C ASN X 111 17.77 18.26 6.85
N VAL X 112 17.67 17.27 5.97
CA VAL X 112 18.71 16.30 5.69
C VAL X 112 20.07 16.93 5.38
N HIS X 113 20.06 18.20 4.97
CA HIS X 113 21.30 18.89 4.56
C HIS X 113 22.10 19.52 5.70
N ALA X 114 21.52 19.57 6.91
CA ALA X 114 22.23 20.01 8.12
C ALA X 114 22.56 18.82 9.06
N ARG X 115 22.81 17.66 8.47
CA ARG X 115 23.01 16.48 9.26
C ARG X 115 24.17 15.71 8.66
N GLU X 116 24.43 14.50 9.17
CA GLU X 116 25.51 13.66 8.66
C GLU X 116 25.66 13.77 7.12
N GLU X 117 26.89 13.86 6.64
CA GLU X 117 27.12 13.98 5.21
C GLU X 117 26.22 13.05 4.35
N PHE X 118 26.18 11.76 4.65
CA PHE X 118 25.52 10.75 3.80
C PHE X 118 24.00 10.85 3.59
N ARG X 119 23.31 11.71 4.33
CA ARG X 119 21.89 11.95 4.10
C ARG X 119 21.61 12.92 2.97
N ARG X 120 22.68 13.51 2.42
CA ARG X 120 22.48 14.51 1.38
C ARG X 120 22.46 13.90 -0.02
N HIS X 121 22.53 12.57 -0.10
CA HIS X 121 22.22 11.86 -1.33
C HIS X 121 20.97 11.04 -1.20
N SER X 122 20.11 11.09 -2.20
CA SER X 122 18.85 10.34 -2.19
C SER X 122 18.65 9.72 -3.56
N TYR X 123 18.33 8.41 -3.58
CA TYR X 123 18.11 7.71 -4.83
C TYR X 123 16.75 8.05 -5.41
N LEU X 124 15.94 8.77 -4.64
CA LEU X 124 14.55 9.01 -5.00
C LEU X 124 14.32 10.38 -5.62
N SER X 125 15.05 11.38 -5.12
CA SER X 125 14.90 12.74 -5.62
C SER X 125 14.89 12.75 -7.14
N PRO X 126 15.90 12.14 -7.78
CA PRO X 126 16.02 12.29 -9.22
C PRO X 126 14.87 11.70 -9.98
N ILE X 127 14.13 10.78 -9.35
CA ILE X 127 12.99 10.18 -10.04
C ILE X 127 11.67 10.76 -9.57
N ALA X 128 11.69 11.50 -8.45
CA ALA X 128 10.51 12.23 -7.94
C ALA X 128 10.11 13.43 -8.79
N THR X 129 8.86 13.88 -8.65
CA THR X 129 8.38 15.15 -9.25
C THR X 129 9.02 16.30 -8.50
N GLY X 130 9.13 16.13 -7.18
CA GLY X 130 9.62 17.17 -6.32
C GLY X 130 9.84 16.71 -4.91
N VAL X 131 10.62 17.49 -4.18
CA VAL X 131 11.01 17.16 -2.83
C VAL X 131 10.73 18.34 -1.90
N ILE X 132 10.36 18.02 -0.66
CA ILE X 132 10.13 18.99 0.41
C ILE X 132 10.88 18.51 1.67
N VAL X 133 11.68 19.40 2.26
CA VAL X 133 12.67 19.01 3.28
C VAL X 133 12.65 20.01 4.48
N GLY X 134 12.81 19.47 5.68
CA GLY X 134 12.89 20.28 6.92
C GLY X 134 11.88 21.40 7.08
N LEU X 135 10.67 21.21 6.58
CA LEU X 135 9.59 22.15 6.86
C LEU X 135 8.68 21.54 7.90
N GLY X 136 9.17 20.49 8.53
CA GLY X 136 8.50 19.83 9.64
C GLY X 136 7.41 18.90 9.14
N ILE X 137 6.43 18.69 10.02
CA ILE X 137 5.25 17.87 9.71
C ILE X 137 4.41 18.50 8.60
N GLN X 138 4.57 19.81 8.43
CA GLN X 138 3.79 20.51 7.45
C GLN X 138 4.22 20.17 6.01
N GLY X 139 5.45 19.66 5.86
CA GLY X 139 5.90 19.14 4.56
C GLY X 139 4.76 18.41 3.88
N TYR X 140 4.10 17.54 4.64
CA TYR X 140 2.99 16.70 4.13
C TYR X 140 1.79 17.48 3.61
N LEU X 141 1.39 18.48 4.37
CA LEU X 141 0.21 19.27 4.03
C LEU X 141 0.47 20.11 2.81
N LEU X 142 1.67 20.67 2.73
CA LEU X 142 2.05 21.47 1.59
C LEU X 142 2.13 20.56 0.37
N ALA X 143 2.62 19.34 0.57
CA ALA X 143 2.64 18.39 -0.51
C ALA X 143 1.21 18.18 -0.98
N LEU X 144 0.30 17.82 -0.07
CA LEU X 144 -1.15 17.76 -0.38
C LEU X 144 -1.62 18.97 -1.15
N ARG X 145 -1.21 20.16 -0.73
CA ARG X 145 -1.65 21.37 -1.42
C ARG X 145 -1.11 21.45 -2.85
N TYR X 146 0.09 20.94 -3.08
CA TYR X 146 0.61 20.92 -4.43
C TYR X 146 -0.25 20.03 -5.29
N LEU X 147 -0.74 18.94 -4.71
CA LEU X 147 -1.52 17.94 -5.45
C LEU X 147 -2.91 18.41 -5.80
N ALA X 148 -3.47 19.25 -4.92
CA ALA X 148 -4.73 19.92 -5.12
C ALA X 148 -4.86 20.69 -6.43
N GLU X 149 -4.12 20.25 -7.46
CA GLU X 149 -4.45 20.45 -8.88
C GLU X 149 -4.53 19.07 -9.59
N HIS X 150 -3.39 18.57 -10.10
CA HIS X 150 -2.29 19.43 -10.56
C HIS X 150 -2.04 19.09 -12.00
OAA 1R2 Y . -53.24 -28.20 -12.19
CAN 1R2 Y . -52.81 -27.03 -12.04
OAC 1R2 Y . -51.85 -26.62 -12.72
CAR 1R2 Y . -53.43 -26.16 -11.15
CAK 1R2 Y . -54.82 -26.16 -11.07
CAJ 1R2 Y . -52.69 -25.28 -10.35
CAO 1R2 Y . -53.36 -24.42 -9.46
OAD 1R2 Y . -52.63 -23.56 -8.67
CAI 1R2 Y . -54.77 -24.45 -9.38
CAQ 1R2 Y . -55.51 -25.33 -10.19
OAM 1R2 Y . -56.89 -25.40 -10.17
CAP 1R2 Y . -57.44 -24.72 -11.25
CAL 1R2 Y . -58.09 -25.39 -12.31
CAS 1R2 Y . -58.62 -24.64 -13.38
NAT 1R2 Y . -59.24 -25.22 -14.39
OAE 1R2 Y . -59.70 -26.47 -14.26
OAB 1R2 Y . -59.46 -24.44 -15.63
CAH 1R2 Y . -58.51 -23.25 -13.40
CAF 1R2 Y . -57.87 -22.59 -12.37
CAG 1R2 Y . -57.35 -23.33 -11.31
OAA 1R2 Z . -20.98 -26.08 21.12
CAN 1R2 Z . -20.92 -25.27 22.09
OAC 1R2 Z . -19.84 -25.18 22.76
CAR 1R2 Z . -22.04 -24.50 22.47
CAK 1R2 Z . -22.30 -24.30 23.84
CAJ 1R2 Z . -22.91 -23.93 21.53
CAO 1R2 Z . -24.03 -23.19 21.96
OAD 1R2 Z . -24.90 -22.63 21.06
CAI 1R2 Z . -24.29 -23.01 23.35
CAQ 1R2 Z . -23.42 -23.56 24.31
OAM 1R2 Z . -23.67 -23.40 25.69
CAP 1R2 Z . -24.19 -24.61 26.13
CAL 1R2 Z . -23.40 -25.58 26.77
CAS 1R2 Z . -23.99 -26.81 27.13
NAT 1R2 Z . -23.28 -27.74 27.75
OAE 1R2 Z . -23.90 -29.03 28.05
OAB 1R2 Z . -21.95 -27.46 28.07
CAH 1R2 Z . -25.32 -27.08 26.87
CAF 1R2 Z . -26.09 -26.13 26.22
CAG 1R2 Z . -25.52 -24.92 25.86
OAA 1R2 AA . -25.35 1.13 21.45
CAN 1R2 AA . -25.30 0.66 22.60
OAC 1R2 AA . -25.73 -0.50 22.84
CAR 1R2 AA . -24.76 1.38 23.66
CAK 1R2 AA . -24.12 0.63 24.64
CAJ 1R2 AA . -24.87 2.78 23.76
CAO 1R2 AA . -24.32 3.44 24.86
OAD 1R2 AA . -24.40 4.80 25.00
CAI 1R2 AA . -23.67 2.66 25.84
CAQ 1R2 AA . -23.57 1.27 25.74
OAM 1R2 AA . -22.93 0.51 26.68
CAP 1R2 AA . -21.60 0.56 26.38
CAL 1R2 AA . -20.72 1.33 27.13
CAS 1R2 AA . -19.38 1.38 26.78
NAT 1R2 AA . -18.50 2.10 27.48
OAE 1R2 AA . -19.00 3.25 28.36
OAB 1R2 AA . -17.10 1.81 27.30
CAH 1R2 AA . -18.91 0.66 25.69
CAF 1R2 AA . -19.78 -0.10 24.93
CAG 1R2 AA . -21.12 -0.15 25.28
OAA 1R2 BA . -27.72 -7.41 -20.20
CAN 1R2 BA . -26.76 -8.25 -20.19
OAC 1R2 BA . -25.66 -8.06 -20.80
CAR 1R2 BA . -26.96 -9.45 -19.54
CAK 1R2 BA . -26.38 -10.58 -20.06
CAJ 1R2 BA . -27.74 -9.53 -18.39
CAO 1R2 BA . -27.93 -10.74 -17.76
OAD 1R2 BA . -28.71 -10.75 -16.63
CAI 1R2 BA . -27.34 -11.90 -18.30
CAQ 1R2 BA . -26.56 -11.82 -19.46
OAM 1R2 BA . -25.95 -12.90 -20.07
CAP 1R2 BA . -26.75 -13.43 -21.06
CAL 1R2 BA . -26.48 -13.25 -22.42
CAS 1R2 BA . -27.35 -13.83 -23.37
NAT 1R2 BA . -27.11 -13.65 -24.68
OAE 1R2 BA . -28.21 -13.94 -25.73
OAB 1R2 BA . -25.84 -13.18 -25.04
CAH 1R2 BA . -28.48 -14.57 -23.01
CAF 1R2 BA . -28.76 -14.75 -21.66
CAG 1R2 BA . -27.90 -14.19 -20.71
OAA 1R2 CA . -46.55 -14.58 32.50
CAN 1R2 CA . -46.60 -13.74 31.57
OAC 1R2 CA . -47.65 -13.59 30.91
CAR 1R2 CA . -45.53 -12.93 31.28
CAK 1R2 CA . -44.87 -12.26 32.31
CAJ 1R2 CA . -45.13 -12.77 29.95
CAO 1R2 CA . -44.04 -11.93 29.65
OAD 1R2 CA . -43.66 -11.78 28.34
CAI 1R2 CA . -43.37 -11.26 30.70
CAQ 1R2 CA . -43.78 -11.42 32.04
OAM 1R2 CA . -43.15 -10.77 33.08
CAP 1R2 CA . -43.87 -9.72 33.63
CAL 1R2 CA . -44.54 -9.81 34.86
CAS 1R2 CA . -45.25 -8.69 35.36
NAT 1R2 CA . -45.92 -8.71 36.53
OAE 1R2 CA . -46.72 -7.58 36.92
OAB 1R2 CA . -45.85 -9.87 37.34
CAH 1R2 CA . -45.29 -7.50 34.63
CAF 1R2 CA . -44.63 -7.40 33.41
CAG 1R2 CA . -43.93 -8.51 32.93
OAA 1R2 DA . -10.74 -16.52 4.36
CAN 1R2 DA . -10.67 -17.10 3.24
OAC 1R2 DA . -9.77 -17.99 3.06
CAR 1R2 DA . -11.51 -16.72 2.17
CAK 1R2 DA . -11.09 -16.85 0.84
CAJ 1R2 DA . -12.79 -16.19 2.42
CAO 1R2 DA . -13.62 -15.81 1.35
OAD 1R2 DA . -14.85 -15.31 1.61
CAI 1R2 DA . -13.18 -15.95 0.03
CAQ 1R2 DA . -11.91 -16.48 -0.25
OAM 1R2 DA . -11.46 -16.60 -1.56
CAP 1R2 DA . -10.49 -15.64 -1.76
CAL 1R2 DA . -9.11 -15.87 -1.50
CAS 1R2 DA . -8.14 -14.85 -1.71
NAT 1R2 DA . -6.81 -15.02 -1.48
OAE 1R2 DA . -5.79 -13.85 -1.90
OAB 1R2 DA . -6.26 -16.29 -0.86
CAH 1R2 DA . -8.59 -13.60 -2.16
CAF 1R2 DA . -9.93 -13.37 -2.42
CAG 1R2 DA . -10.88 -14.38 -2.22
OAA 1R2 EA . -33.14 -35.11 -6.78
CAN 1R2 EA . -32.11 -34.91 -7.49
OAC 1R2 EA . -31.94 -35.48 -8.59
CAR 1R2 EA . -31.09 -34.06 -7.02
CAK 1R2 EA . -29.78 -34.38 -7.36
CAJ 1R2 EA . -31.35 -32.92 -6.25
CAO 1R2 EA . -30.29 -32.09 -5.82
OAD 1R2 EA . -30.57 -30.98 -5.05
CAI 1R2 EA . -28.97 -32.44 -6.16
CAQ 1R2 EA . -28.71 -33.58 -6.95
OAM 1R2 EA . -27.43 -33.97 -7.31
CAP 1R2 EA . -26.85 -34.97 -6.51
CAL 1R2 EA . -26.75 -36.33 -6.87
CAS 1R2 EA . -26.11 -37.25 -6.00
NAT 1R2 EA . -25.98 -38.55 -6.26
OAE 1R2 EA . -25.74 -38.95 -7.48
OAB 1R2 EA . -26.08 -39.60 -5.03
CAH 1R2 EA . -25.59 -36.83 -4.78
CAF 1R2 EA . -25.68 -35.50 -4.42
CAG 1R2 EA . -26.30 -34.59 -5.29
OAA 1R2 FA . -43.01 14.25 16.79
CAN 1R2 FA . -42.79 15.01 15.82
OAC 1R2 FA . -42.17 16.11 15.99
CAR 1R2 FA . -43.23 14.63 14.55
CAK 1R2 FA . -43.94 15.51 13.74
CAJ 1R2 FA . -42.99 13.33 14.09
CAO 1R2 FA . -43.43 12.92 12.82
OAD 1R2 FA . -43.17 11.63 12.41
CAI 1R2 FA . -44.15 13.83 12.01
CAQ 1R2 FA . -44.41 15.14 12.47
OAM 1R2 FA . -45.09 16.04 11.69
CAP 1R2 FA . -46.32 16.41 12.18
CAL 1R2 FA . -46.52 17.58 12.94
CAS 1R2 FA . -47.81 17.89 13.41
NAT 1R2 FA . -48.08 18.99 14.14
OAE 1R2 FA . -47.04 19.71 14.70
OAB 1R2 FA . -49.41 19.40 14.31
CAH 1R2 FA . -48.89 17.06 13.12
CAF 1R2 FA . -48.70 15.89 12.36
CAG 1R2 FA . -47.41 15.59 11.90
OAA 1R2 GA . -24.47 9.51 -8.03
CAN 1R2 GA . -25.08 10.60 -7.95
OAC 1R2 GA . -24.88 11.47 -8.81
CAR 1R2 GA . -25.97 10.87 -6.88
CAK 1R2 GA . -26.31 12.19 -6.54
CAJ 1R2 GA . -26.54 9.81 -6.15
CAO 1R2 GA . -27.44 10.06 -5.09
OAD 1R2 GA . -27.97 9.00 -4.40
CAI 1R2 GA . -27.76 11.40 -4.76
CAQ 1R2 GA . -27.20 12.47 -5.48
OAM 1R2 GA . -27.53 13.80 -5.16
CAP 1R2 GA . -26.54 14.51 -4.51
CAL 1R2 GA . -25.64 15.35 -5.17
CAS 1R2 GA . -24.65 16.03 -4.42
NAT 1R2 GA . -23.75 16.86 -4.97
OAE 1R2 GA . -22.47 17.26 -4.14
OAB 1R2 GA . -23.94 17.34 -6.30
CAH 1R2 GA . -24.57 15.84 -3.04
CAF 1R2 GA . -25.46 14.99 -2.38
CAG 1R2 GA . -26.44 14.34 -3.12
OAA 1R2 HA . -55.11 7.11 -10.19
CAN 1R2 HA . -54.37 6.09 -10.16
OAC 1R2 HA . -54.84 4.96 -10.41
CAR 1R2 HA . -53.02 6.24 -9.91
CAK 1R2 HA . -52.42 7.42 -10.35
CAJ 1R2 HA . -52.23 5.25 -9.26
CAO 1R2 HA . -50.86 5.48 -9.06
OAD 1R2 HA . -50.09 4.52 -8.42
CAI 1R2 HA . -50.28 6.69 -9.51
CAQ 1R2 HA . -51.06 7.66 -10.16
OAM 1R2 HA . -50.53 8.86 -10.62
CAP 1R2 HA . -50.42 8.87 -12.01
CAL 1R2 HA . -51.31 9.55 -12.85
CAS 1R2 HA . -51.15 9.52 -14.26
NAT 1R2 HA . -51.96 10.19 -15.08
OAE 1R2 HA . -51.99 9.86 -16.48
OAB 1R2 HA . -52.74 11.25 -14.58
CAH 1R2 HA . -50.10 8.81 -14.82
CAF 1R2 HA . -49.22 8.11 -13.99
CAG 1R2 HA . -49.38 8.14 -12.61
OAA 1R2 IA . -54.19 -30.87 18.08
CAN 1R2 IA . -53.10 -30.73 17.46
OAC 1R2 IA . -52.01 -30.88 18.06
CAR 1R2 IA . -53.07 -30.45 16.10
CAK 1R2 IA . -53.97 -31.06 15.24
CAJ 1R2 IA . -52.15 -29.53 15.58
CAO 1R2 IA . -52.13 -29.26 14.21
OAD 1R2 IA . -51.20 -28.35 13.74
CAI 1R2 IA . -53.05 -29.90 13.35
CAQ 1R2 IA . -53.99 -30.81 13.88
OAM 1R2 IA . -54.91 -31.48 13.09
CAP 1R2 IA . -54.66 -32.88 13.03
CAL 1R2 IA . -55.19 -33.83 13.93
CAS 1R2 IA . -54.87 -35.21 13.80
NAT 1R2 IA . -55.34 -36.13 14.63
OAE 1R2 IA . -55.66 -35.77 15.99
OAB 1R2 IA . -55.42 -37.51 14.20
CAH 1R2 IA . -54.03 -35.64 12.77
CAF 1R2 IA . -53.50 -34.72 11.88
CAG 1R2 IA . -53.81 -33.37 12.02
OAA 1R2 JA . -60.96 -7.74 6.18
CAN 1R2 JA . -61.73 -8.68 6.42
OAC 1R2 JA . -61.27 -9.78 6.78
CAR 1R2 JA . -63.09 -8.53 6.29
CAK 1R2 JA . -63.88 -9.62 6.65
CAJ 1R2 JA . -63.60 -7.32 5.82
CAO 1R2 JA . -64.97 -7.18 5.70
OAD 1R2 JA . -65.46 -5.99 5.25
CAI 1R2 JA . -65.80 -8.28 6.04
CAQ 1R2 JA . -65.25 -9.51 6.53
OAM 1R2 JA . -66.01 -10.61 6.88
CAP 1R2 JA . -66.53 -10.49 8.14
CAL 1R2 JA . -67.80 -9.94 8.35
CAS 1R2 JA . -68.33 -9.81 9.64
NAT 1R2 JA . -69.56 -9.28 9.81
OAE 1R2 JA . -70.52 -9.29 8.62
OAB 1R2 JA . -69.99 -8.67 11.17
CAH 1R2 JA . -67.58 -10.24 10.74
CAF 1R2 JA . -66.32 -10.78 10.54
CAG 1R2 JA . -65.80 -10.91 9.24
OAA 1R2 KA . 62.65 -3.40 1.33
CAN 1R2 KA . 61.43 -3.30 1.11
OAC 1R2 KA . 60.98 -3.57 -0.02
CAR 1R2 KA . 60.54 -2.90 2.12
CAK 1R2 KA . 60.88 -2.98 3.49
CAJ 1R2 KA . 59.28 -2.40 1.76
CAO 1R2 KA . 58.37 -2.00 2.74
OAD 1R2 KA . 57.16 -1.54 2.35
CAI 1R2 KA . 58.71 -2.09 4.11
CAQ 1R2 KA . 59.97 -2.57 4.49
OAM 1R2 KA . 60.33 -2.67 5.84
CAP 1R2 KA . 60.19 -3.96 6.29
CAL 1R2 KA . 61.27 -4.85 6.44
CAS 1R2 KA . 61.09 -6.17 6.89
NAT 1R2 KA . 62.10 -7.06 7.06
OAE 1R2 KA . 63.45 -6.72 6.60
OAB 1R2 KA . 61.82 -8.35 7.73
CAH 1R2 KA . 59.79 -6.60 7.20
CAF 1R2 KA . 58.71 -5.75 7.06
CAG 1R2 KA . 58.91 -4.45 6.61
OAA 1R2 LA . 57.55 26.55 5.92
CAN 1R2 LA . 58.17 25.81 6.73
OAC 1R2 LA . 58.82 26.31 7.70
CAR 1R2 LA . 58.17 24.44 6.54
CAK 1R2 LA . 59.22 23.71 7.09
CAJ 1R2 LA . 57.16 23.79 5.81
CAO 1R2 LA . 57.18 22.40 5.63
OAD 1R2 LA . 56.18 21.82 4.90
CAI 1R2 LA . 58.25 21.68 6.19
CAQ 1R2 LA . 59.28 22.33 6.93
OAM 1R2 LA . 60.37 21.67 7.50
CAP 1R2 LA . 61.53 21.85 6.77
CAL 1R2 LA . 62.53 22.77 7.13
CAS 1R2 LA . 63.69 22.92 6.35
NAT 1R2 LA . 64.70 23.78 6.62
OAE 1R2 LA . 65.00 24.18 7.96
OAB 1R2 LA . 65.45 24.29 5.56
CAH 1R2 LA . 63.83 22.13 5.19
CAF 1R2 LA . 62.83 21.23 4.83
CAG 1R2 LA . 61.70 21.09 5.61
OAA 1R2 MA . 35.37 14.78 -32.92
CAN 1R2 MA . 36.29 13.98 -33.23
OAC 1R2 MA . 37.06 14.19 -34.21
CAR 1R2 MA . 36.41 12.81 -32.51
CAK 1R2 MA . 36.63 11.64 -33.24
CAJ 1R2 MA . 36.33 12.79 -31.12
CAO 1R2 MA . 36.46 11.57 -30.45
OAD 1R2 MA . 36.39 11.52 -29.09
CAI 1R2 MA . 36.68 10.38 -31.19
CAQ 1R2 MA . 36.76 10.41 -32.60
OAM 1R2 MA . 36.95 9.25 -33.34
CAP 1R2 MA . 35.77 8.95 -34.00
CAL 1R2 MA . 35.62 9.17 -35.38
CAS 1R2 MA . 34.41 8.87 -36.04
NAT 1R2 MA . 34.28 9.07 -37.35
OAE 1R2 MA . 34.73 10.23 -37.96
OAB 1R2 MA . 33.69 8.11 -38.09
CAH 1R2 MA . 33.33 8.33 -35.32
CAF 1R2 MA . 33.46 8.11 -33.95
CAG 1R2 MA . 34.66 8.43 -33.30
OAA 1R2 NA . 62.73 5.74 -20.19
CAN 1R2 NA . 61.77 6.20 -19.51
OAC 1R2 NA . 61.94 6.51 -18.31
CAR 1R2 NA . 60.54 6.44 -20.08
CAK 1R2 NA . 60.45 6.36 -21.47
CAJ 1R2 NA . 59.43 6.77 -19.30
CAO 1R2 NA . 58.22 7.02 -19.94
OAD 1R2 NA . 57.14 7.34 -19.16
CAI 1R2 NA . 58.13 6.94 -21.35
CAQ 1R2 NA . 59.26 6.61 -22.13
OAM 1R2 NA . 59.26 6.51 -23.50
CAP 1R2 NA . 59.75 7.64 -24.18
CAL 1R2 NA . 61.10 7.79 -24.61
CAS 1R2 NA . 61.52 8.96 -25.29
NAT 1R2 NA . 62.78 9.17 -25.73
OAE 1R2 NA . 63.80 8.38 -25.31
OAB 1R2 NA . 63.05 10.29 -26.60
CAH 1R2 NA . 60.59 9.98 -25.54
CAF 1R2 NA . 59.27 9.85 -25.14
CAG 1R2 NA . 58.87 8.70 -24.47
OAA 1R2 OA . 38.27 -13.28 -21.75
CAN 1R2 OA . 38.83 -12.95 -20.68
OAC 1R2 OA . 38.46 -13.49 -19.61
CAR 1R2 OA . 39.88 -12.00 -20.64
CAK 1R2 OA . 41.09 -12.21 -21.34
CAJ 1R2 OA . 39.75 -10.84 -19.87
CAO 1R2 OA . 40.80 -9.92 -19.83
OAD 1R2 OA . 40.64 -8.79 -19.07
CAI 1R2 OA . 41.98 -10.14 -20.55
CAQ 1R2 OA . 42.16 -11.30 -21.30
OAM 1R2 OA . 43.34 -11.50 -22.02
CAP 1R2 OA . 44.05 -12.72 -21.93
CAL 1R2 OA . 45.26 -12.79 -21.22
CAS 1R2 OA . 45.99 -13.99 -21.13
NAT 1R2 OA . 47.15 -14.03 -20.43
OAE 1R2 OA . 47.34 -13.10 -19.26
OAB 1R2 OA . 48.20 -14.95 -20.83
CAH 1R2 OA . 45.52 -15.16 -21.77
CAF 1R2 OA . 44.32 -15.10 -22.49
CAG 1R2 OA . 43.61 -13.90 -22.57
OAA 1R2 PA . 37.74 35.72 7.72
CAN 1R2 PA . 37.18 34.61 7.79
OAC 1R2 PA . 37.42 33.81 8.74
CAR 1R2 PA . 36.26 34.23 6.81
CAK 1R2 PA . 35.32 35.16 6.34
CAJ 1R2 PA . 36.27 32.92 6.34
CAO 1R2 PA . 35.36 32.52 5.36
OAD 1R2 PA . 35.46 31.22 4.94
CAI 1R2 PA . 34.41 33.47 4.86
CAQ 1R2 PA . 34.37 34.81 5.35
OAM 1R2 PA . 33.45 35.80 4.91
CAP 1R2 PA . 32.52 36.10 5.86
CAL 1R2 PA . 32.51 37.25 6.67
CAS 1R2 PA . 31.48 37.42 7.63
NAT 1R2 PA . 31.41 38.47 8.43
OAE 1R2 PA . 32.29 39.52 8.24
OAB 1R2 PA . 30.32 38.49 9.59
CAH 1R2 PA . 30.47 36.48 7.80
CAF 1R2 PA . 30.48 35.35 7.02
CAG 1R2 PA . 31.49 35.18 6.06
OAA 1R2 QA . 43.03 32.30 -22.12
CAN 1R2 QA . 42.16 33.11 -21.68
OAC 1R2 QA . 41.58 33.90 -22.47
CAR 1R2 QA . 41.87 33.14 -20.30
CAK 1R2 QA . 41.65 34.37 -19.66
CAJ 1R2 QA . 41.79 31.96 -19.54
CAO 1R2 QA . 41.51 32.02 -18.16
OAD 1R2 QA . 41.44 30.86 -17.43
CAI 1R2 QA . 41.29 33.28 -17.55
CAQ 1R2 QA . 41.38 34.46 -18.29
OAM 1R2 QA . 41.15 35.70 -17.72
CAP 1R2 QA . 42.26 36.50 -17.53
CAL 1R2 QA . 42.79 37.30 -18.56
CAS 1R2 QA . 43.93 38.09 -18.32
NAT 1R2 QA . 44.44 38.87 -19.29
OAE 1R2 QA . 43.54 39.47 -20.23
OAB 1R2 QA . 45.94 39.09 -19.37
CAH 1R2 QA . 44.52 38.11 -17.05
CAF 1R2 QA . 43.99 37.32 -16.04
CAG 1R2 QA . 42.87 36.52 -16.28
OAA 1R2 RA . 14.75 27.67 -10.06
CAN 1R2 RA . 15.43 26.71 -10.51
OAC 1R2 RA . 14.90 25.59 -10.68
CAR 1R2 RA . 16.75 26.91 -10.91
CAK 1R2 RA . 17.09 28.13 -11.51
CAJ 1R2 RA . 17.75 25.93 -10.76
CAO 1R2 RA . 19.07 26.16 -11.21
OAD 1R2 RA . 20.00 25.17 -11.05
CAI 1R2 RA . 19.38 27.40 -11.82
CAQ 1R2 RA . 18.39 28.39 -11.97
OAM 1R2 RA . 18.65 29.63 -12.57
CAP 1R2 RA . 17.62 29.96 -13.45
CAL 1R2 RA . 17.71 29.84 -14.84
CAS 1R2 RA . 16.62 30.18 -15.67
NAT 1R2 RA . 16.67 30.13 -16.99
OAE 1R2 RA . 17.94 29.46 -17.74
OAB 1R2 RA . 15.46 30.86 -17.78
CAH 1R2 RA . 15.43 30.66 -15.13
CAF 1R2 RA . 15.32 30.77 -13.74
CAG 1R2 RA . 16.40 30.42 -12.92
OAA 1R2 SA . 32.02 -11.24 11.42
CAN 1R2 SA . 30.78 -11.04 11.38
OAC 1R2 SA . 30.08 -11.20 12.41
CAR 1R2 SA . 30.16 -10.65 10.19
CAK 1R2 SA . 29.08 -11.37 9.69
CAJ 1R2 SA . 30.61 -9.52 9.49
CAO 1R2 SA . 29.97 -9.15 8.31
OAD 1R2 SA . 30.41 -8.06 7.63
CAI 1R2 SA . 28.89 -9.88 7.81
CAQ 1R2 SA . 28.42 -11.00 8.49
OAM 1R2 SA . 27.34 -11.72 7.99
CAP 1R2 SA . 27.34 -13.03 8.42
CAL 1R2 SA . 27.88 -14.09 7.66
CAS 1R2 SA . 27.86 -15.40 8.19
NAT 1R2 SA . 28.34 -16.46 7.54
OAE 1R2 SA . 28.70 -17.76 8.44
OAB 1R2 SA . 28.49 -16.38 6.06
CAH 1R2 SA . 27.31 -15.66 9.43
CAF 1R2 SA . 26.78 -14.61 10.17
CAG 1R2 SA . 26.79 -13.31 9.67
OAA 1R2 TA . 13.55 13.93 8.21
CAN 1R2 TA . 13.13 12.84 7.78
OAC 1R2 TA . 11.98 12.80 7.29
CAR 1R2 TA . 13.92 11.69 7.84
CAK 1R2 TA . 13.44 10.55 8.51
CAJ 1R2 TA . 15.18 11.65 7.23
CAO 1R2 TA . 15.96 10.50 7.30
OAD 1R2 TA . 17.18 10.50 6.70
CAI 1R2 TA . 15.47 9.35 7.97
CAQ 1R2 TA . 14.20 9.37 8.59
OAM 1R2 TA . 13.67 8.28 9.25
CAP 1R2 TA . 13.70 8.36 10.61
CAL 1R2 TA . 12.59 8.73 11.38
CAS 1R2 TA . 12.73 8.80 12.78
NAT 1R2 TA . 11.74 9.14 13.64
OAE 1R2 TA . 10.55 9.28 13.24
OAB 1R2 TA . 12.03 9.32 14.94
CAH 1R2 TA . 13.96 8.48 13.37
CAF 1R2 TA . 15.04 8.12 12.60
CAG 1R2 TA . 14.90 8.06 11.22
#